data_2D3B
#
_entry.id   2D3B
#
_cell.length_a   95.881
_cell.length_b   190.943
_cell.length_c   117.904
_cell.angle_alpha   90.00
_cell.angle_beta   101.23
_cell.angle_gamma   90.00
#
_symmetry.space_group_name_H-M   'P 1 21 1'
#
loop_
_entity.id
_entity.type
_entity.pdbx_description
1 polymer 'glutamine synthetase'
2 non-polymer 'MANGANESE (II) ION'
3 non-polymer 'PHOSPHOAMINOPHOSPHONIC ACID-ADENYLATE ESTER'
4 non-polymer '(2S)-2-AMINO-4-(METHYLSULFONIMIDOYL)BUTANOIC ACID'
5 water water
#
_entity_poly.entity_id   1
_entity_poly.type   'polypeptide(L)'
_entity_poly.pdbx_seq_one_letter_code
;MACLTDLVNLNLSDTTEKIIAEYIWIGGSGMDLRSKARTLPGPVTDPSKLPKWNYDGSSTGQAPGEDSEVILYPQAIFKD
PFRRGNNILVMCDCYTPAGEPIPTNKRYSAAKIFSSPEVAAEEPWYGIEQEYTLLQKDTNWPLGWPIGGFPGPQGPYYCG
IGAEKSFGRDIVDAHYKACLYAGINISGINGEVMPGQWEFQVGPSVGISSGDQVWVARYILERITEIAGVVVTFDPKPIP
GDWNGAGAHTNYSTESMRKEGGYEVIKAAIEKLKLRHKEHIAAYGEGNERRLTGRHETADINTFSWGVANRGASVRVGRE
TEQNGKGYFEDRRPASNMDPYVVTSMIAETTIVWKP
;
_entity_poly.pdbx_strand_id   A,B,C,D,E,F,G,H,I,J
#
loop_
_chem_comp.id
_chem_comp.type
_chem_comp.name
_chem_comp.formula
ANP non-polymer 'PHOSPHOAMINOPHOSPHONIC ACID-ADENYLATE ESTER' 'C10 H17 N6 O12 P3'
MN non-polymer 'MANGANESE (II) ION' 'Mn 2'
#
# COMPACT_ATOMS: atom_id res chain seq x y z
N CYS A 3 16.20 18.49 -13.38
CA CYS A 3 16.87 17.93 -12.15
C CYS A 3 18.05 16.95 -12.38
N LEU A 4 17.84 15.64 -12.16
CA LEU A 4 18.98 14.68 -12.08
C LEU A 4 19.56 14.10 -13.38
N THR A 5 18.72 13.81 -14.35
CA THR A 5 19.21 13.32 -15.64
C THR A 5 19.70 14.48 -16.54
N ASP A 6 19.42 15.71 -16.13
CA ASP A 6 19.95 16.88 -16.82
C ASP A 6 21.44 17.04 -16.58
N LEU A 7 21.88 16.58 -15.44
CA LEU A 7 23.27 16.67 -15.04
C LEU A 7 24.05 15.49 -15.56
N VAL A 8 23.46 14.30 -15.47
CA VAL A 8 24.10 13.08 -15.97
C VAL A 8 24.37 13.23 -17.47
N ASN A 9 23.49 13.96 -18.16
CA ASN A 9 23.58 14.08 -19.60
C ASN A 9 24.16 15.39 -20.13
N LEU A 10 24.78 16.17 -19.24
CA LEU A 10 25.42 17.44 -19.62
C LEU A 10 26.43 17.25 -20.73
N ASN A 11 26.41 18.16 -21.69
CA ASN A 11 27.42 18.16 -22.73
C ASN A 11 28.67 18.96 -22.30
N LEU A 12 29.79 18.25 -22.13
CA LEU A 12 31.00 18.90 -21.65
C LEU A 12 31.75 19.61 -22.77
N SER A 13 31.50 19.16 -24.01
CA SER A 13 32.09 19.72 -25.22
C SER A 13 31.91 21.23 -25.33
N ASP A 14 30.79 21.74 -24.81
CA ASP A 14 30.52 23.18 -24.82
C ASP A 14 31.41 23.94 -23.84
N THR A 15 32.04 23.24 -22.89
CA THR A 15 32.68 23.92 -21.76
C THR A 15 34.18 23.70 -21.63
N THR A 16 34.67 22.47 -21.75
CA THR A 16 36.11 22.25 -21.93
C THR A 16 36.45 21.14 -22.93
N GLU A 17 37.75 20.93 -23.08
CA GLU A 17 38.28 19.89 -23.95
C GLU A 17 38.44 18.58 -23.20
N LYS A 18 38.48 18.67 -21.87
CA LYS A 18 38.73 17.51 -21.02
C LYS A 18 37.82 16.30 -21.31
N ILE A 19 38.32 15.13 -20.93
CA ILE A 19 37.71 13.86 -21.26
C ILE A 19 37.61 12.99 -20.04
N ILE A 20 36.56 12.16 -20.00
CA ILE A 20 36.48 11.15 -18.95
C ILE A 20 36.78 9.76 -19.51
N ALA A 21 37.80 9.14 -18.93
CA ALA A 21 38.15 7.76 -19.25
C ALA A 21 37.78 6.83 -18.10
N GLU A 22 36.99 5.81 -18.45
CA GLU A 22 36.52 4.82 -17.50
C GLU A 22 37.34 3.54 -17.68
N TYR A 23 38.30 3.32 -16.79
CA TYR A 23 39.19 2.18 -16.85
C TYR A 23 38.53 0.91 -16.34
N ILE A 24 38.41 -0.09 -17.21
CA ILE A 24 37.70 -1.30 -16.85
C ILE A 24 38.70 -2.41 -16.67
N TRP A 25 38.59 -3.18 -15.58
CA TRP A 25 39.35 -4.43 -15.47
C TRP A 25 38.60 -5.59 -14.87
N ILE A 26 39.26 -6.76 -14.91
CA ILE A 26 38.72 -7.99 -14.34
C ILE A 26 39.37 -8.24 -12.99
N GLY A 27 38.56 -8.63 -12.01
CA GLY A 27 39.01 -8.70 -10.63
C GLY A 27 39.32 -10.10 -10.20
N GLY A 28 39.51 -10.23 -8.88
CA GLY A 28 40.00 -11.44 -8.20
C GLY A 28 39.33 -12.77 -8.49
N SER A 29 38.01 -12.76 -8.66
CA SER A 29 37.30 -14.00 -8.99
C SER A 29 37.52 -14.45 -10.44
N GLY A 30 37.95 -13.52 -11.30
CA GLY A 30 38.13 -13.81 -12.73
C GLY A 30 36.80 -13.71 -13.50
N MET A 31 35.75 -13.32 -12.76
CA MET A 31 34.39 -13.21 -13.29
C MET A 31 33.69 -11.91 -12.86
N ASP A 32 34.41 -11.03 -12.17
CA ASP A 32 33.81 -9.83 -11.66
C ASP A 32 34.43 -8.61 -12.30
N LEU A 33 33.68 -7.86 -13.08
CA LEU A 33 34.22 -6.62 -13.65
C LEU A 33 34.27 -5.46 -12.65
N ARG A 34 35.33 -4.67 -12.76
CA ARG A 34 35.47 -3.48 -11.95
C ARG A 34 35.89 -2.28 -12.81
N SER A 35 35.50 -1.09 -12.42
CA SER A 35 35.92 0.10 -13.12
C SER A 35 36.08 1.30 -12.17
N LYS A 36 36.92 2.25 -12.59
CA LYS A 36 36.89 3.64 -12.05
C LYS A 36 37.25 4.64 -13.14
N ALA A 37 37.06 5.92 -12.86
CA ALA A 37 37.22 6.95 -13.91
C ALA A 37 38.17 8.10 -13.58
N ARG A 38 38.94 8.53 -14.60
CA ARG A 38 39.84 9.66 -14.48
C ARG A 38 39.61 10.70 -15.56
N THR A 39 39.98 11.94 -15.25
CA THR A 39 39.93 13.03 -16.21
C THR A 39 41.24 13.04 -17.01
N LEU A 40 41.12 13.09 -18.33
CA LEU A 40 42.29 13.23 -19.20
C LEU A 40 42.21 14.56 -19.95
N PRO A 41 43.39 15.15 -20.28
CA PRO A 41 43.39 16.56 -20.73
C PRO A 41 42.71 16.81 -22.10
N GLY A 42 42.72 15.81 -22.99
CA GLY A 42 42.03 15.94 -24.26
C GLY A 42 41.67 14.57 -24.79
N PRO A 43 40.97 14.52 -25.95
CA PRO A 43 40.52 13.23 -26.55
C PRO A 43 41.69 12.28 -26.81
N VAL A 44 41.43 10.98 -26.89
CA VAL A 44 42.50 10.04 -27.28
C VAL A 44 41.90 8.92 -28.14
N THR A 45 42.63 8.49 -29.17
CA THR A 45 42.16 7.38 -30.01
C THR A 45 43.11 6.20 -30.04
N ASP A 46 44.33 6.43 -29.59
CA ASP A 46 45.28 5.36 -29.55
C ASP A 46 45.55 4.86 -28.11
N PRO A 47 45.22 3.59 -27.84
CA PRO A 47 45.46 2.91 -26.54
C PRO A 47 46.81 3.17 -25.87
N SER A 48 47.87 3.26 -26.68
CA SER A 48 49.25 3.42 -26.16
C SER A 48 49.64 4.88 -25.89
N LYS A 49 48.69 5.79 -26.09
CA LYS A 49 48.91 7.18 -25.71
C LYS A 49 48.13 7.56 -24.45
N LEU A 50 47.48 6.55 -23.85
CA LEU A 50 46.84 6.67 -22.53
C LEU A 50 47.83 6.30 -21.45
N PRO A 51 47.83 7.07 -20.33
CA PRO A 51 48.65 6.71 -19.17
C PRO A 51 48.28 5.33 -18.59
N LYS A 52 49.27 4.61 -18.08
CA LYS A 52 48.99 3.44 -17.27
C LYS A 52 48.51 3.95 -15.91
N TRP A 53 47.78 3.11 -15.17
CA TRP A 53 47.18 3.53 -13.90
C TRP A 53 47.30 2.37 -12.90
N ASN A 54 46.89 2.62 -11.67
CA ASN A 54 46.86 1.59 -10.64
C ASN A 54 45.49 1.58 -9.93
N TYR A 55 45.24 0.52 -9.19
CA TYR A 55 44.10 0.46 -8.28
C TYR A 55 44.47 -0.21 -6.95
N ASP A 56 43.50 -0.32 -6.05
CA ASP A 56 43.73 -1.01 -4.80
C ASP A 56 43.52 -2.51 -4.98
N GLY A 57 44.60 -3.24 -5.22
CA GLY A 57 44.51 -4.66 -5.41
C GLY A 57 44.04 -5.42 -4.18
N SER A 58 44.18 -4.80 -3.01
CA SER A 58 43.76 -5.44 -1.77
C SER A 58 42.22 -5.50 -1.61
N SER A 59 41.50 -4.63 -2.32
CA SER A 59 40.03 -4.58 -2.25
C SER A 59 39.31 -5.39 -3.35
N THR A 60 40.09 -6.13 -4.16
CA THR A 60 39.56 -6.91 -5.28
C THR A 60 40.13 -8.30 -5.21
N GLY A 61 40.78 -8.56 -4.07
CA GLY A 61 41.42 -9.85 -3.80
C GLY A 61 42.49 -10.21 -4.83
N GLN A 62 43.40 -9.28 -5.08
CA GLN A 62 44.45 -9.48 -6.08
C GLN A 62 45.85 -9.15 -5.55
N ALA A 63 45.91 -8.50 -4.38
CA ALA A 63 47.17 -8.14 -3.69
C ALA A 63 46.94 -7.94 -2.19
N PRO A 64 47.97 -8.23 -1.34
CA PRO A 64 47.92 -7.90 0.10
C PRO A 64 47.86 -6.39 0.35
N GLY A 65 47.49 -6.01 1.58
CA GLY A 65 47.33 -4.62 1.97
C GLY A 65 48.62 -3.84 2.02
N GLU A 66 49.71 -4.50 2.46
CA GLU A 66 51.07 -3.90 2.59
C GLU A 66 51.80 -3.73 1.26
N ASP A 67 51.44 -4.51 0.25
CA ASP A 67 51.90 -4.32 -1.11
C ASP A 67 50.66 -4.33 -1.99
N SER A 68 49.99 -3.19 -2.03
CA SER A 68 48.62 -3.14 -2.49
C SER A 68 48.47 -2.81 -3.98
N GLU A 69 49.49 -2.17 -4.56
CA GLU A 69 49.32 -1.59 -5.90
C GLU A 69 49.31 -2.66 -7.00
N VAL A 70 48.31 -2.56 -7.90
CA VAL A 70 48.26 -3.33 -9.15
C VAL A 70 48.11 -2.35 -10.30
N ILE A 71 48.76 -2.68 -11.42
CA ILE A 71 48.91 -1.71 -12.51
C ILE A 71 47.98 -2.04 -13.68
N LEU A 72 47.43 -0.98 -14.26
CA LEU A 72 46.47 -1.09 -15.37
C LEU A 72 47.05 -0.68 -16.72
N TYR A 73 47.03 -1.62 -17.65
CA TYR A 73 47.56 -1.37 -18.98
C TYR A 73 46.39 -1.17 -19.94
N PRO A 74 46.26 0.06 -20.49
CA PRO A 74 45.23 0.34 -21.50
C PRO A 74 45.44 -0.51 -22.76
N GLN A 75 44.46 -1.33 -23.11
CA GLN A 75 44.56 -2.19 -24.29
C GLN A 75 43.61 -1.84 -25.43
N ALA A 76 42.37 -1.49 -25.09
CA ALA A 76 41.34 -1.10 -26.08
C ALA A 76 40.50 0.11 -25.66
N ILE A 77 40.15 0.92 -26.66
CA ILE A 77 39.34 2.12 -26.44
C ILE A 77 38.00 1.98 -27.16
N PHE A 78 36.92 2.30 -26.45
CA PHE A 78 35.58 2.37 -27.04
C PHE A 78 34.93 3.64 -26.55
N LYS A 79 33.96 4.13 -27.31
CA LYS A 79 33.19 5.29 -26.85
C LYS A 79 32.23 4.92 -25.72
N ASP A 80 32.17 5.76 -24.68
CA ASP A 80 31.30 5.54 -23.53
C ASP A 80 29.87 5.94 -23.89
N PRO A 81 28.95 4.95 -23.95
CA PRO A 81 27.56 5.19 -24.30
C PRO A 81 26.77 5.79 -23.13
N PHE A 82 27.33 5.75 -21.94
CA PHE A 82 26.66 6.36 -20.79
C PHE A 82 27.03 7.80 -20.70
N ARG A 83 28.33 8.11 -20.60
CA ARG A 83 28.80 9.51 -20.51
C ARG A 83 28.74 10.31 -21.82
N ARG A 84 28.73 9.57 -22.95
CA ARG A 84 28.61 10.17 -24.29
C ARG A 84 29.63 11.30 -24.60
N GLY A 85 29.34 12.16 -25.58
CA GLY A 85 30.37 13.06 -26.09
C GLY A 85 31.69 12.36 -26.42
N ASN A 86 32.82 12.92 -25.97
CA ASN A 86 34.14 12.35 -26.31
C ASN A 86 34.71 11.41 -25.28
N ASN A 87 33.93 11.08 -24.26
CA ASN A 87 34.38 10.22 -23.16
C ASN A 87 34.47 8.77 -23.54
N ILE A 88 35.38 8.06 -22.90
CA ILE A 88 35.75 6.71 -23.36
C ILE A 88 35.73 5.62 -22.29
N LEU A 89 35.50 4.39 -22.73
CA LEU A 89 35.71 3.19 -21.91
C LEU A 89 37.04 2.60 -22.33
N VAL A 90 37.84 2.18 -21.36
CA VAL A 90 39.17 1.65 -21.66
C VAL A 90 39.32 0.26 -21.07
N MET A 91 39.46 -0.75 -21.93
CA MET A 91 39.59 -2.12 -21.46
C MET A 91 41.03 -2.40 -20.98
N CYS A 92 41.19 -3.06 -19.83
CA CYS A 92 42.54 -3.14 -19.26
C CYS A 92 43.10 -4.52 -18.90
N ASP A 93 44.40 -4.50 -18.65
CA ASP A 93 45.19 -5.67 -18.44
C ASP A 93 45.82 -5.51 -17.07
N CYS A 94 46.07 -6.60 -16.37
CA CYS A 94 46.55 -6.46 -14.99
C CYS A 94 47.96 -6.97 -14.64
N TYR A 95 48.78 -6.07 -14.09
CA TYR A 95 50.21 -6.34 -13.86
C TYR A 95 50.70 -5.92 -12.47
N THR A 96 51.71 -6.63 -11.95
CA THR A 96 52.38 -6.22 -10.71
C THR A 96 53.26 -5.03 -11.07
N PRO A 97 53.72 -4.27 -10.05
CA PRO A 97 54.56 -3.10 -10.37
C PRO A 97 55.88 -3.50 -11.02
N ALA A 98 56.29 -4.76 -10.81
CA ALA A 98 57.46 -5.38 -11.47
C ALA A 98 57.25 -5.69 -12.95
N GLY A 99 56.01 -5.56 -13.44
CA GLY A 99 55.64 -5.86 -14.85
C GLY A 99 55.20 -7.29 -15.15
N GLU A 100 55.01 -8.09 -14.10
CA GLU A 100 54.49 -9.45 -14.24
C GLU A 100 52.98 -9.43 -14.41
N PRO A 101 52.43 -10.24 -15.35
CA PRO A 101 50.99 -10.40 -15.34
C PRO A 101 50.52 -11.25 -14.14
N ILE A 102 49.60 -10.67 -13.34
CA ILE A 102 49.03 -11.36 -12.16
C ILE A 102 48.25 -12.61 -12.56
N PRO A 103 48.12 -13.59 -11.64
CA PRO A 103 47.55 -14.90 -11.99
C PRO A 103 46.23 -14.82 -12.73
N THR A 104 45.43 -13.78 -12.45
CA THR A 104 44.08 -13.63 -13.01
C THR A 104 44.01 -12.90 -14.33
N ASN A 105 45.17 -12.55 -14.87
CA ASN A 105 45.24 -11.91 -16.17
C ASN A 105 45.40 -12.97 -17.26
N LYS A 106 44.26 -13.35 -17.83
CA LYS A 106 44.24 -14.39 -18.86
C LYS A 106 44.48 -13.83 -20.26
N ARG A 107 44.51 -12.50 -20.37
CA ARG A 107 44.68 -11.83 -21.65
C ARG A 107 46.10 -11.93 -22.10
N TYR A 108 47.04 -11.86 -21.17
CA TYR A 108 48.47 -11.96 -21.49
C TYR A 108 48.77 -13.24 -22.25
N SER A 109 48.42 -14.38 -21.66
CA SER A 109 48.67 -15.68 -22.29
C SER A 109 48.01 -15.75 -23.65
N ALA A 110 46.77 -15.26 -23.73
CA ALA A 110 45.99 -15.29 -24.96
C ALA A 110 46.60 -14.41 -26.02
N ALA A 111 47.19 -13.29 -25.57
CA ALA A 111 47.81 -12.34 -26.48
C ALA A 111 49.00 -13.01 -27.18
N LYS A 112 49.82 -13.67 -26.36
CA LYS A 112 50.96 -14.43 -26.84
C LYS A 112 50.58 -15.39 -27.97
N ILE A 113 49.47 -16.10 -27.79
CA ILE A 113 49.03 -17.10 -28.77
C ILE A 113 48.58 -16.49 -30.08
N PHE A 114 47.97 -15.32 -30.01
CA PHE A 114 47.49 -14.64 -31.22
C PHE A 114 48.59 -13.77 -31.85
N SER A 115 49.67 -13.55 -31.10
CA SER A 115 50.86 -12.91 -31.63
C SER A 115 51.68 -13.88 -32.50
N SER A 116 52.03 -15.02 -31.89
CA SER A 116 52.61 -16.21 -32.55
C SER A 116 52.22 -16.35 -34.05
N PRO A 117 53.24 -16.42 -34.94
CA PRO A 117 53.06 -16.07 -36.37
C PRO A 117 52.25 -17.05 -37.21
N GLU A 118 52.28 -18.35 -36.88
CA GLU A 118 51.49 -19.36 -37.62
C GLU A 118 50.00 -19.35 -37.25
N VAL A 119 49.67 -18.69 -36.14
CA VAL A 119 48.30 -18.42 -35.75
C VAL A 119 47.83 -17.15 -36.43
N ALA A 120 48.53 -16.04 -36.20
CA ALA A 120 48.19 -14.75 -36.84
C ALA A 120 47.98 -14.84 -38.35
N ALA A 121 48.77 -15.70 -38.99
CA ALA A 121 48.67 -15.96 -40.44
C ALA A 121 47.40 -16.70 -40.83
N GLU A 122 46.97 -17.66 -39.99
CA GLU A 122 45.72 -18.37 -40.19
C GLU A 122 44.50 -17.47 -39.92
N GLU A 123 44.78 -16.31 -39.31
CA GLU A 123 43.81 -15.22 -39.06
C GLU A 123 42.46 -15.71 -38.53
N PRO A 124 42.41 -16.07 -37.22
CA PRO A 124 41.21 -16.69 -36.69
C PRO A 124 40.12 -15.67 -36.38
N TRP A 125 38.90 -16.15 -36.55
CA TRP A 125 37.69 -15.36 -36.44
C TRP A 125 36.78 -15.99 -35.41
N TYR A 126 36.36 -15.20 -34.44
CA TYR A 126 35.37 -15.70 -33.50
C TYR A 126 34.12 -14.86 -33.53
N GLY A 127 32.99 -15.56 -33.57
CA GLY A 127 31.72 -14.95 -33.22
C GLY A 127 31.25 -15.70 -31.99
N ILE A 128 31.03 -14.96 -30.89
CA ILE A 128 30.60 -15.62 -29.64
C ILE A 128 29.17 -15.20 -29.19
N GLU A 129 28.35 -16.19 -28.84
CA GLU A 129 26.95 -15.91 -28.51
C GLU A 129 26.79 -15.97 -27.04
N GLN A 130 26.77 -14.78 -26.43
CA GLN A 130 26.53 -14.60 -24.98
C GLN A 130 25.06 -14.80 -24.59
N GLU A 131 24.72 -15.83 -23.82
CA GLU A 131 23.38 -15.90 -23.24
C GLU A 131 23.52 -15.36 -21.82
N TYR A 132 22.40 -14.96 -21.21
CA TYR A 132 22.40 -14.49 -19.82
C TYR A 132 20.96 -14.45 -19.37
N THR A 133 20.74 -14.35 -18.07
CA THR A 133 19.39 -14.39 -17.51
C THR A 133 19.20 -13.15 -16.62
N LEU A 134 18.05 -12.51 -16.73
CA LEU A 134 17.77 -11.33 -15.93
C LEU A 134 17.01 -11.66 -14.66
N LEU A 135 17.39 -11.04 -13.55
CA LEU A 135 16.79 -11.41 -12.25
C LEU A 135 16.29 -10.21 -11.49
N GLN A 136 15.24 -10.41 -10.70
CA GLN A 136 14.74 -9.38 -9.80
C GLN A 136 15.74 -9.16 -8.67
N LYS A 137 15.99 -7.90 -8.34
CA LYS A 137 16.95 -7.53 -7.28
C LYS A 137 16.41 -8.05 -5.94
N ASP A 138 17.30 -8.63 -5.12
CA ASP A 138 16.93 -9.03 -3.74
C ASP A 138 16.28 -10.43 -3.61
N THR A 139 15.21 -10.67 -4.38
CA THR A 139 14.56 -11.99 -4.39
C THR A 139 15.35 -12.99 -5.22
N ASN A 140 16.10 -12.47 -6.20
CA ASN A 140 16.98 -13.25 -7.06
C ASN A 140 16.26 -14.29 -7.90
N TRP A 141 15.02 -13.97 -8.25
CA TRP A 141 14.16 -14.84 -9.06
C TRP A 141 14.04 -14.19 -10.41
N PRO A 142 14.03 -15.00 -11.50
CA PRO A 142 14.04 -14.53 -12.89
C PRO A 142 13.01 -13.43 -13.18
N LEU A 143 13.41 -12.44 -13.99
CA LEU A 143 12.56 -11.31 -14.36
C LEU A 143 11.29 -11.79 -14.99
N GLY A 144 10.16 -11.26 -14.53
CA GLY A 144 8.88 -11.65 -15.13
C GLY A 144 8.26 -12.92 -14.62
N TRP A 145 8.98 -13.62 -13.73
CA TRP A 145 8.46 -14.75 -13.01
C TRP A 145 7.79 -14.28 -11.73
N PRO A 146 6.69 -14.93 -11.35
CA PRO A 146 6.04 -14.60 -10.08
C PRO A 146 6.84 -15.16 -8.94
N ILE A 147 6.81 -14.49 -7.80
CA ILE A 147 7.72 -14.87 -6.72
C ILE A 147 7.24 -16.16 -6.11
N GLY A 148 8.17 -17.11 -5.97
CA GLY A 148 7.90 -18.49 -5.50
C GLY A 148 6.92 -19.24 -6.39
N GLY A 149 7.14 -19.13 -7.70
CA GLY A 149 6.26 -19.73 -8.69
C GLY A 149 6.88 -19.61 -10.05
N PHE A 150 6.22 -20.17 -11.03
CA PHE A 150 6.81 -20.25 -12.34
C PHE A 150 5.85 -19.69 -13.38
N PRO A 151 6.40 -19.28 -14.53
CA PRO A 151 5.53 -18.98 -15.65
C PRO A 151 5.12 -20.22 -16.40
N GLY A 152 4.34 -20.04 -17.45
CA GLY A 152 3.99 -21.16 -18.31
C GLY A 152 5.22 -21.92 -18.73
N PRO A 153 5.06 -23.16 -19.18
CA PRO A 153 6.25 -23.92 -19.51
C PRO A 153 6.87 -23.35 -20.78
N GLN A 154 8.16 -23.60 -20.96
CA GLN A 154 8.92 -23.19 -22.14
C GLN A 154 8.25 -23.46 -23.45
N GLY A 155 8.54 -22.60 -24.44
CA GLY A 155 7.90 -22.75 -25.73
C GLY A 155 7.47 -21.48 -26.46
N PRO A 156 6.61 -20.63 -25.84
CA PRO A 156 6.32 -19.34 -26.47
C PRO A 156 7.40 -18.26 -26.37
N TYR A 157 8.47 -18.50 -25.60
CA TYR A 157 9.38 -17.43 -25.15
C TYR A 157 10.48 -17.08 -26.14
N TYR A 158 11.10 -18.10 -26.71
CA TYR A 158 12.15 -17.96 -27.73
C TYR A 158 11.72 -17.00 -28.85
N CYS A 159 12.40 -15.86 -28.94
CA CYS A 159 12.16 -14.87 -30.01
C CYS A 159 10.76 -14.32 -30.03
N GLY A 160 10.08 -14.40 -28.89
CA GLY A 160 8.68 -14.02 -28.81
C GLY A 160 8.49 -12.53 -28.70
N ILE A 161 7.22 -12.14 -28.70
CA ILE A 161 6.83 -10.77 -28.48
C ILE A 161 5.57 -10.73 -27.67
N GLY A 162 5.41 -9.65 -26.89
CA GLY A 162 4.22 -9.39 -26.08
C GLY A 162 4.50 -9.35 -24.59
N ALA A 163 3.64 -8.67 -23.85
CA ALA A 163 3.88 -8.45 -22.43
C ALA A 163 3.96 -9.73 -21.61
N GLU A 164 3.29 -10.78 -22.04
CA GLU A 164 3.29 -12.02 -21.28
C GLU A 164 4.42 -12.96 -21.66
N LYS A 165 5.12 -12.65 -22.75
CA LYS A 165 6.17 -13.56 -23.26
C LYS A 165 7.61 -13.00 -23.15
N SER A 166 7.76 -11.67 -23.10
CA SER A 166 9.02 -11.06 -23.42
C SER A 166 9.44 -10.10 -22.35
N PHE A 167 10.28 -10.59 -21.45
CA PHE A 167 10.65 -9.80 -20.28
C PHE A 167 11.98 -9.02 -20.35
N GLY A 168 11.87 -7.69 -20.31
CA GLY A 168 13.03 -6.78 -20.28
C GLY A 168 13.69 -6.46 -21.63
N ARG A 169 12.90 -6.41 -22.70
CA ARG A 169 13.40 -6.06 -24.02
C ARG A 169 14.08 -4.71 -23.91
N ASP A 170 13.51 -3.85 -23.07
CA ASP A 170 14.11 -2.59 -22.72
C ASP A 170 15.61 -2.64 -22.60
N ILE A 171 16.06 -3.50 -21.70
CA ILE A 171 17.48 -3.68 -21.41
C ILE A 171 18.25 -4.14 -22.65
N VAL A 172 17.74 -5.18 -23.28
CA VAL A 172 18.36 -5.78 -24.44
C VAL A 172 18.53 -4.79 -25.57
N ASP A 173 17.43 -4.17 -26.03
CA ASP A 173 17.48 -3.15 -27.12
C ASP A 173 18.43 -2.00 -26.82
N ALA A 174 18.39 -1.48 -25.59
CA ALA A 174 19.33 -0.47 -25.12
C ALA A 174 20.80 -0.92 -25.26
N HIS A 175 21.11 -2.09 -24.75
CA HIS A 175 22.45 -2.66 -24.87
C HIS A 175 22.92 -2.75 -26.32
N TYR A 176 22.06 -3.21 -27.20
CA TYR A 176 22.37 -3.33 -28.61
C TYR A 176 22.90 -2.01 -29.12
N LYS A 177 22.13 -0.94 -28.97
CA LYS A 177 22.53 0.37 -29.50
C LYS A 177 23.79 0.88 -28.80
N ALA A 178 23.81 0.80 -27.48
CA ALA A 178 24.98 1.17 -26.70
C ALA A 178 26.24 0.56 -27.31
N CYS A 179 26.24 -0.77 -27.49
CA CYS A 179 27.40 -1.50 -28.00
C CYS A 179 27.82 -0.98 -29.35
N LEU A 180 26.86 -0.87 -30.27
CA LEU A 180 27.12 -0.33 -31.60
C LEU A 180 27.76 1.04 -31.57
N TYR A 181 27.22 1.91 -30.72
CA TYR A 181 27.71 3.28 -30.57
C TYR A 181 29.15 3.25 -30.06
N ALA A 182 29.38 2.40 -29.04
CA ALA A 182 30.70 2.19 -28.42
C ALA A 182 31.72 1.72 -29.44
N GLY A 183 31.26 0.99 -30.45
CA GLY A 183 32.14 0.45 -31.45
C GLY A 183 32.40 -1.04 -31.29
N ILE A 184 31.66 -1.72 -30.41
CA ILE A 184 31.75 -3.18 -30.25
C ILE A 184 31.16 -3.81 -31.48
N ASN A 185 31.84 -4.77 -32.08
CA ASN A 185 31.22 -5.43 -33.22
C ASN A 185 30.13 -6.41 -32.77
N ILE A 186 28.93 -5.89 -32.57
CA ILE A 186 27.83 -6.71 -32.10
C ILE A 186 27.08 -7.10 -33.35
N SER A 187 26.71 -8.36 -33.48
CA SER A 187 26.17 -8.84 -34.75
C SER A 187 24.66 -9.09 -34.73
N GLY A 188 24.07 -9.12 -33.55
CA GLY A 188 22.68 -9.49 -33.40
C GLY A 188 22.30 -9.86 -31.98
N ILE A 189 20.99 -9.95 -31.75
CA ILE A 189 20.40 -10.27 -30.46
C ILE A 189 19.26 -11.26 -30.68
N ASN A 190 18.74 -11.86 -29.61
CA ASN A 190 17.48 -12.61 -29.68
C ASN A 190 16.93 -13.01 -28.32
N GLY A 191 15.62 -13.13 -28.20
CA GLY A 191 15.05 -13.68 -26.96
C GLY A 191 15.33 -15.16 -26.81
N GLU A 192 15.72 -15.59 -25.64
CA GLU A 192 16.04 -17.00 -25.55
C GLU A 192 14.88 -17.86 -25.07
N VAL A 193 15.11 -19.18 -25.00
CA VAL A 193 14.08 -20.19 -24.73
C VAL A 193 13.43 -20.09 -23.37
N MET A 194 14.22 -19.84 -22.35
CA MET A 194 13.74 -19.67 -20.99
C MET A 194 13.30 -18.23 -20.74
N PRO A 195 12.06 -18.05 -20.25
CA PRO A 195 11.49 -16.73 -20.04
C PRO A 195 12.36 -15.91 -19.12
N GLY A 196 12.78 -14.73 -19.59
CA GLY A 196 13.75 -13.94 -18.87
C GLY A 196 15.19 -14.07 -19.34
N GLN A 197 15.43 -14.90 -20.36
CA GLN A 197 16.77 -15.20 -20.83
C GLN A 197 16.96 -14.60 -22.19
N TRP A 198 18.16 -14.11 -22.45
CA TRP A 198 18.45 -13.35 -23.66
C TRP A 198 19.82 -13.62 -24.21
N GLU A 199 20.09 -13.12 -25.41
CA GLU A 199 21.32 -13.40 -26.12
C GLU A 199 21.78 -12.18 -26.88
N PHE A 200 23.10 -12.06 -27.04
CA PHE A 200 23.70 -11.18 -28.03
C PHE A 200 24.95 -11.82 -28.58
N GLN A 201 25.26 -11.56 -29.84
CA GLN A 201 26.44 -12.13 -30.45
C GLN A 201 27.42 -11.04 -30.79
N VAL A 202 28.65 -11.17 -30.29
CA VAL A 202 29.75 -10.32 -30.76
C VAL A 202 30.37 -10.92 -32.04
N GLY A 203 29.98 -10.26 -33.14
CA GLY A 203 30.13 -10.68 -34.56
C GLY A 203 31.57 -10.97 -34.94
N PRO A 204 31.81 -11.49 -36.16
CA PRO A 204 33.11 -12.10 -36.41
C PRO A 204 34.23 -11.12 -36.02
N SER A 205 34.97 -11.45 -34.96
CA SER A 205 36.11 -10.63 -34.48
C SER A 205 37.41 -11.44 -34.38
N VAL A 206 38.52 -10.76 -34.70
CA VAL A 206 39.80 -11.47 -34.94
C VAL A 206 40.68 -11.55 -33.69
N GLY A 207 41.03 -12.78 -33.32
CA GLY A 207 41.99 -13.00 -32.24
C GLY A 207 41.72 -12.30 -30.91
N ILE A 208 42.72 -11.61 -30.37
CA ILE A 208 42.55 -11.00 -29.07
C ILE A 208 41.33 -10.08 -28.97
N SER A 209 41.05 -9.27 -30.00
CA SER A 209 39.95 -8.30 -29.95
C SER A 209 38.58 -8.94 -29.66
N SER A 210 38.42 -10.23 -29.95
CA SER A 210 37.18 -10.94 -29.55
C SER A 210 37.02 -10.91 -28.02
N GLY A 211 37.97 -11.48 -27.30
CA GLY A 211 37.95 -11.43 -25.84
C GLY A 211 37.72 -10.03 -25.30
N ASP A 212 38.38 -9.06 -25.93
CA ASP A 212 38.33 -7.68 -25.49
C ASP A 212 36.92 -7.11 -25.60
N GLN A 213 36.29 -7.38 -26.75
CA GLN A 213 34.95 -6.88 -27.00
C GLN A 213 33.94 -7.56 -26.11
N VAL A 214 33.97 -8.88 -26.03
CA VAL A 214 33.03 -9.61 -25.19
C VAL A 214 33.04 -9.14 -23.74
N TRP A 215 34.21 -8.89 -23.15
CA TRP A 215 34.26 -8.32 -21.79
C TRP A 215 33.60 -6.94 -21.66
N VAL A 216 33.98 -6.02 -22.55
CA VAL A 216 33.39 -4.69 -22.55
C VAL A 216 31.89 -4.75 -22.87
N ALA A 217 31.49 -5.71 -23.70
CA ALA A 217 30.07 -5.92 -23.95
C ALA A 217 29.41 -6.24 -22.62
N ARG A 218 29.97 -7.20 -21.88
CA ARG A 218 29.42 -7.61 -20.57
C ARG A 218 29.37 -6.47 -19.56
N TYR A 219 30.36 -5.60 -19.66
CA TYR A 219 30.44 -4.47 -18.80
C TYR A 219 29.26 -3.57 -19.11
N ILE A 220 29.03 -3.32 -20.40
CA ILE A 220 27.92 -2.48 -20.81
C ILE A 220 26.56 -3.07 -20.43
N LEU A 221 26.42 -4.40 -20.58
CA LEU A 221 25.20 -5.10 -20.17
C LEU A 221 24.87 -4.87 -18.70
N GLU A 222 25.81 -5.18 -17.82
CA GLU A 222 25.59 -5.04 -16.40
C GLU A 222 25.35 -3.59 -15.96
N ARG A 223 26.07 -2.64 -16.57
CA ARG A 223 25.89 -1.21 -16.27
C ARG A 223 24.49 -0.76 -16.64
N ILE A 224 23.96 -1.36 -17.69
CA ILE A 224 22.59 -1.12 -18.11
C ILE A 224 21.59 -1.72 -17.11
N THR A 225 21.73 -3.00 -16.76
CA THR A 225 20.85 -3.59 -15.74
C THR A 225 20.91 -2.78 -14.44
N GLU A 226 22.11 -2.35 -14.03
CA GLU A 226 22.25 -1.45 -12.88
C GLU A 226 21.24 -0.32 -12.92
N ILE A 227 21.10 0.29 -14.10
CA ILE A 227 20.20 1.42 -14.29
C ILE A 227 18.76 0.99 -14.08
N ALA A 228 18.43 -0.19 -14.59
CA ALA A 228 17.08 -0.70 -14.54
C ALA A 228 16.73 -1.28 -13.18
N GLY A 229 17.69 -1.40 -12.27
CA GLY A 229 17.42 -2.05 -10.98
C GLY A 229 17.11 -3.54 -11.16
N VAL A 230 17.91 -4.19 -11.99
CA VAL A 230 17.76 -5.58 -12.29
C VAL A 230 19.13 -6.28 -12.11
N VAL A 231 19.14 -7.57 -11.80
CA VAL A 231 20.40 -8.27 -11.69
C VAL A 231 20.62 -9.20 -12.87
N VAL A 232 21.85 -9.32 -13.36
CA VAL A 232 22.27 -10.35 -14.35
C VAL A 232 23.01 -11.52 -13.71
N THR A 233 22.82 -12.73 -14.22
CA THR A 233 23.79 -13.78 -13.92
C THR A 233 24.27 -14.38 -15.19
N PHE A 234 25.56 -14.75 -15.15
CA PHE A 234 26.11 -15.52 -16.23
C PHE A 234 26.19 -16.98 -15.83
N ASP A 235 25.51 -17.32 -14.73
CA ASP A 235 25.43 -18.70 -14.26
C ASP A 235 24.80 -19.66 -15.27
N PRO A 236 25.52 -20.73 -15.63
CA PRO A 236 25.18 -21.65 -16.72
C PRO A 236 23.84 -22.30 -16.59
N LYS A 237 23.33 -22.46 -15.38
CA LYS A 237 22.02 -23.07 -15.18
C LYS A 237 21.44 -22.48 -13.92
N PRO A 238 20.76 -21.33 -14.06
CA PRO A 238 20.37 -20.52 -12.91
C PRO A 238 19.15 -21.09 -12.19
N ILE A 239 18.24 -21.74 -12.92
CA ILE A 239 17.09 -22.35 -12.32
C ILE A 239 17.22 -23.82 -12.63
N PRO A 240 17.11 -24.68 -11.59
CA PRO A 240 17.11 -26.14 -11.80
C PRO A 240 15.82 -26.65 -12.44
N GLY A 241 15.87 -27.81 -13.06
CA GLY A 241 14.65 -28.43 -13.56
C GLY A 241 14.46 -28.25 -15.04
N ASP A 242 13.21 -28.09 -15.45
CA ASP A 242 12.83 -28.05 -16.87
C ASP A 242 12.90 -26.62 -17.47
N TRP A 243 14.09 -26.05 -17.41
CA TRP A 243 14.39 -24.71 -17.96
C TRP A 243 15.83 -24.69 -18.53
N ASN A 244 15.99 -24.06 -19.69
CA ASN A 244 17.29 -23.98 -20.35
C ASN A 244 18.37 -23.34 -19.52
N GLY A 245 19.60 -23.83 -19.71
CA GLY A 245 20.76 -23.22 -19.11
C GLY A 245 21.25 -22.21 -20.12
N ALA A 246 22.37 -21.57 -19.79
CA ALA A 246 22.94 -20.49 -20.61
C ALA A 246 24.38 -20.81 -20.96
N GLY A 247 24.62 -20.79 -22.26
CA GLY A 247 25.95 -21.02 -22.82
C GLY A 247 26.54 -19.81 -23.53
N ALA A 248 27.85 -19.90 -23.79
CA ALA A 248 28.57 -18.89 -24.57
C ALA A 248 29.10 -19.51 -25.85
N HIS A 249 28.20 -19.98 -26.71
CA HIS A 249 28.61 -20.71 -27.90
C HIS A 249 29.68 -19.91 -28.61
N THR A 250 30.78 -20.58 -28.95
CA THR A 250 31.82 -19.96 -29.74
C THR A 250 31.80 -20.49 -31.16
N ASN A 251 31.60 -19.58 -32.12
CA ASN A 251 31.75 -19.93 -33.53
C ASN A 251 33.15 -19.54 -33.95
N TYR A 252 33.73 -20.29 -34.89
CA TYR A 252 35.16 -20.21 -35.19
C TYR A 252 35.47 -20.54 -36.61
N SER A 253 36.42 -19.83 -37.19
CA SER A 253 36.93 -20.15 -38.53
C SER A 253 38.36 -19.61 -38.71
N THR A 254 39.14 -20.28 -39.57
CA THR A 254 40.47 -19.79 -39.99
C THR A 254 40.50 -19.44 -41.47
N GLU A 255 41.50 -18.66 -41.90
CA GLU A 255 41.68 -18.34 -43.31
C GLU A 255 41.37 -19.53 -44.24
N SER A 256 42.01 -20.67 -43.96
CA SER A 256 41.85 -21.88 -44.77
C SER A 256 40.44 -22.51 -44.71
N MET A 257 39.71 -22.27 -43.63
CA MET A 257 38.39 -22.85 -43.45
C MET A 257 37.30 -22.17 -44.24
N ARG A 258 37.46 -20.87 -44.50
CA ARG A 258 36.48 -20.08 -45.25
C ARG A 258 36.81 -19.96 -46.74
N LYS A 259 37.99 -20.45 -47.13
CA LYS A 259 38.42 -20.59 -48.53
C LYS A 259 37.92 -21.91 -49.11
N GLU A 260 38.21 -22.18 -50.39
CA GLU A 260 37.70 -23.36 -51.07
C GLU A 260 38.12 -24.65 -50.38
N GLY A 261 37.18 -25.61 -50.29
CA GLY A 261 37.38 -26.88 -49.59
C GLY A 261 37.89 -26.72 -48.15
N GLY A 262 37.32 -25.75 -47.43
CA GLY A 262 37.59 -25.55 -46.00
C GLY A 262 36.89 -26.57 -45.13
N TYR A 263 35.84 -27.21 -45.68
CA TYR A 263 35.04 -28.18 -44.95
C TYR A 263 35.86 -29.40 -44.54
N GLU A 264 36.95 -29.63 -45.25
CA GLU A 264 37.87 -30.69 -44.86
C GLU A 264 38.71 -30.28 -43.68
N VAL A 265 39.09 -29.00 -43.64
CA VAL A 265 39.89 -28.42 -42.52
C VAL A 265 39.06 -28.32 -41.25
N ILE A 266 37.76 -28.10 -41.44
CA ILE A 266 36.79 -28.10 -40.36
C ILE A 266 36.71 -29.48 -39.68
N LYS A 267 36.43 -30.53 -40.46
CA LYS A 267 36.40 -31.89 -39.91
C LYS A 267 37.70 -32.22 -39.18
N ALA A 268 38.81 -31.80 -39.77
CA ALA A 268 40.16 -32.01 -39.21
C ALA A 268 40.31 -31.36 -37.84
N ALA A 269 39.78 -30.13 -37.73
CA ALA A 269 39.81 -29.36 -36.50
C ALA A 269 38.91 -29.98 -35.43
N ILE A 270 37.69 -30.32 -35.82
CA ILE A 270 36.75 -31.00 -34.94
C ILE A 270 37.39 -32.27 -34.37
N GLU A 271 38.08 -33.00 -35.23
CA GLU A 271 38.77 -34.22 -34.85
C GLU A 271 39.76 -34.00 -33.70
N LYS A 272 40.57 -32.94 -33.83
CA LYS A 272 41.54 -32.53 -32.77
C LYS A 272 40.84 -32.13 -31.47
N LEU A 273 39.73 -31.41 -31.59
CA LEU A 273 38.92 -30.97 -30.47
C LEU A 273 38.35 -32.12 -29.66
N LYS A 274 37.98 -33.21 -30.34
CA LYS A 274 37.44 -34.40 -29.67
C LYS A 274 38.48 -34.97 -28.72
N LEU A 275 39.73 -34.98 -29.17
CA LEU A 275 40.80 -35.58 -28.40
C LEU A 275 41.06 -34.79 -27.13
N ARG A 276 40.82 -33.48 -27.18
CA ARG A 276 41.11 -32.61 -26.04
C ARG A 276 39.85 -32.10 -25.34
N HIS A 277 38.72 -32.77 -25.60
CA HIS A 277 37.47 -32.47 -24.93
C HIS A 277 37.65 -32.44 -23.43
N LYS A 278 38.26 -33.47 -22.85
CA LYS A 278 38.51 -33.51 -21.41
C LYS A 278 39.07 -32.19 -20.85
N GLU A 279 40.15 -31.69 -21.44
CA GLU A 279 40.88 -30.53 -20.91
C GLU A 279 40.30 -29.19 -21.33
N HIS A 280 39.43 -29.22 -22.32
CA HIS A 280 38.68 -28.03 -22.71
C HIS A 280 37.54 -27.81 -21.74
N ILE A 281 36.74 -28.84 -21.48
CA ILE A 281 35.69 -28.81 -20.46
C ILE A 281 36.17 -28.19 -19.15
N ALA A 282 37.39 -28.52 -18.76
CA ALA A 282 38.04 -27.99 -17.55
C ALA A 282 38.23 -26.47 -17.51
N ALA A 283 38.26 -25.85 -18.68
CA ALA A 283 38.40 -24.40 -18.72
C ALA A 283 37.15 -23.69 -19.25
N TYR A 284 36.17 -24.49 -19.68
CA TYR A 284 34.95 -23.94 -20.26
C TYR A 284 33.94 -23.36 -19.25
N GLY A 285 34.42 -22.97 -18.07
CA GLY A 285 33.60 -22.27 -17.07
C GLY A 285 33.05 -23.22 -16.03
N GLU A 286 33.05 -22.74 -14.79
CA GLU A 286 32.65 -23.58 -13.67
C GLU A 286 31.14 -23.61 -13.46
N GLY A 287 30.65 -24.73 -12.97
CA GLY A 287 29.22 -24.93 -12.83
C GLY A 287 28.64 -25.65 -14.03
N ASN A 288 29.46 -25.86 -15.06
CA ASN A 288 28.98 -26.42 -16.33
C ASN A 288 28.31 -27.81 -16.25
N GLU A 289 28.67 -28.59 -15.24
CA GLU A 289 28.08 -29.91 -15.00
C GLU A 289 26.57 -29.85 -14.88
N ARG A 290 26.07 -28.71 -14.37
CA ARG A 290 24.64 -28.47 -14.13
C ARG A 290 23.91 -28.12 -15.41
N ARG A 291 24.64 -27.57 -16.40
CA ARG A 291 24.08 -27.21 -17.71
C ARG A 291 24.09 -28.35 -18.68
N LEU A 292 25.28 -28.88 -18.96
CA LEU A 292 25.48 -29.90 -20.03
C LEU A 292 24.97 -31.25 -19.59
N THR A 293 23.74 -31.54 -19.95
CA THR A 293 23.10 -32.71 -19.44
C THR A 293 22.63 -33.57 -20.58
N GLY A 294 22.74 -33.06 -21.80
CA GLY A 294 22.23 -33.77 -22.98
C GLY A 294 20.80 -33.40 -23.34
N ARG A 295 20.05 -32.90 -22.34
CA ARG A 295 18.76 -32.25 -22.56
C ARG A 295 18.91 -30.73 -22.71
N HIS A 296 17.86 -30.07 -23.20
CA HIS A 296 17.81 -28.60 -23.29
C HIS A 296 18.79 -28.02 -24.30
N GLU A 297 18.97 -28.73 -25.43
CA GLU A 297 19.86 -28.28 -26.49
C GLU A 297 21.32 -28.15 -26.02
N THR A 298 21.76 -29.16 -25.25
CA THR A 298 23.16 -29.31 -24.86
C THR A 298 23.59 -30.75 -25.09
N ALA A 299 24.90 -30.98 -25.14
CA ALA A 299 25.39 -32.33 -25.22
C ALA A 299 25.92 -32.69 -23.84
N ASP A 300 25.79 -33.96 -23.46
CA ASP A 300 26.29 -34.47 -22.16
C ASP A 300 27.77 -34.11 -21.96
N ILE A 301 28.16 -33.70 -20.74
CA ILE A 301 29.54 -33.27 -20.43
C ILE A 301 30.58 -34.34 -20.77
N ASN A 302 30.18 -35.60 -20.59
CA ASN A 302 31.09 -36.75 -20.69
C ASN A 302 31.32 -37.29 -22.08
N THR A 303 30.32 -37.18 -22.96
CA THR A 303 30.54 -37.52 -24.37
C THR A 303 30.93 -36.30 -25.18
N PHE A 304 31.67 -36.53 -26.26
CA PHE A 304 31.84 -35.51 -27.30
C PHE A 304 31.06 -35.97 -28.53
N SER A 305 30.36 -35.05 -29.20
CA SER A 305 29.69 -35.36 -30.46
C SER A 305 29.65 -34.17 -31.39
N TRP A 306 29.31 -34.43 -32.66
CA TRP A 306 29.08 -33.34 -33.61
C TRP A 306 28.12 -33.78 -34.74
N GLY A 307 27.21 -32.89 -35.13
CA GLY A 307 26.28 -33.14 -36.22
C GLY A 307 26.18 -31.96 -37.16
N VAL A 308 25.26 -32.02 -38.11
CA VAL A 308 25.10 -30.90 -39.01
C VAL A 308 24.10 -29.86 -38.48
N ALA A 309 22.81 -30.13 -38.51
CA ALA A 309 21.88 -29.16 -37.95
C ALA A 309 21.58 -29.48 -36.49
N ASN A 310 22.48 -30.20 -35.84
CA ASN A 310 22.20 -30.81 -34.54
C ASN A 310 22.52 -29.97 -33.30
N ARG A 311 21.47 -29.51 -32.62
CA ARG A 311 21.61 -28.74 -31.40
C ARG A 311 21.79 -29.61 -30.15
N GLY A 312 21.53 -30.91 -30.28
CA GLY A 312 21.92 -31.86 -29.23
C GLY A 312 23.42 -32.23 -29.18
N ALA A 313 24.21 -31.71 -30.12
CA ALA A 313 25.63 -32.08 -30.27
C ALA A 313 26.58 -31.17 -29.51
N SER A 314 27.85 -31.59 -29.38
CA SER A 314 28.91 -30.79 -28.71
C SER A 314 29.46 -29.72 -29.63
N VAL A 315 29.52 -30.05 -30.91
CA VAL A 315 29.86 -29.07 -31.94
C VAL A 315 28.79 -29.19 -33.02
N ARG A 316 28.46 -28.07 -33.66
CA ARG A 316 27.49 -28.05 -34.73
C ARG A 316 28.06 -27.31 -35.94
N VAL A 317 27.80 -27.84 -37.13
CA VAL A 317 28.23 -27.18 -38.37
C VAL A 317 27.00 -26.86 -39.16
N GLY A 318 26.72 -25.57 -39.34
CA GLY A 318 25.54 -25.12 -40.09
C GLY A 318 25.22 -25.82 -41.43
N ARG A 319 23.92 -25.94 -41.74
CA ARG A 319 23.43 -26.42 -43.04
C ARG A 319 24.14 -25.70 -44.19
N GLU A 320 24.20 -24.37 -44.04
CA GLU A 320 24.77 -23.43 -45.00
C GLU A 320 26.27 -23.64 -45.29
N THR A 321 27.08 -23.80 -44.25
CA THR A 321 28.52 -23.99 -44.48
C THR A 321 28.85 -25.41 -44.91
N GLU A 322 27.91 -26.34 -44.76
CA GLU A 322 28.11 -27.71 -45.25
C GLU A 322 27.94 -27.78 -46.77
N GLN A 323 26.81 -27.22 -47.18
CA GLN A 323 26.39 -27.14 -48.57
C GLN A 323 27.35 -26.25 -49.37
N ASN A 324 28.06 -25.34 -48.71
CA ASN A 324 28.99 -24.45 -49.40
C ASN A 324 30.42 -24.93 -49.44
N GLY A 325 30.66 -26.08 -48.79
CA GLY A 325 32.01 -26.64 -48.63
C GLY A 325 33.01 -25.73 -47.92
N LYS A 326 32.53 -24.60 -47.40
CA LYS A 326 33.36 -23.65 -46.67
C LYS A 326 32.52 -22.87 -45.64
N GLY A 327 33.07 -22.66 -44.43
CA GLY A 327 32.40 -21.82 -43.44
C GLY A 327 33.05 -21.76 -42.08
N TYR A 328 32.25 -21.97 -41.04
CA TYR A 328 32.70 -21.99 -39.65
C TYR A 328 31.98 -23.12 -38.91
N PHE A 329 32.46 -23.46 -37.74
CA PHE A 329 31.69 -24.33 -36.87
C PHE A 329 31.43 -23.69 -35.49
N GLU A 330 30.52 -24.31 -34.73
CA GLU A 330 30.04 -23.76 -33.47
C GLU A 330 30.37 -24.74 -32.35
N ASP A 331 31.24 -24.32 -31.44
CA ASP A 331 31.51 -25.10 -30.23
C ASP A 331 30.51 -24.71 -29.19
N ARG A 332 29.58 -25.63 -28.88
CA ARG A 332 28.44 -25.32 -27.99
C ARG A 332 28.72 -25.57 -26.52
N ARG A 333 29.94 -26.03 -26.23
CA ARG A 333 30.32 -26.47 -24.88
C ARG A 333 30.57 -25.36 -23.86
N PRO A 334 31.16 -24.21 -24.26
CA PRO A 334 31.46 -23.21 -23.22
C PRO A 334 30.21 -22.68 -22.52
N ALA A 335 30.24 -22.61 -21.20
CA ALA A 335 29.15 -21.98 -20.43
C ALA A 335 29.18 -20.43 -20.46
N SER A 336 28.05 -19.83 -20.12
CA SER A 336 27.86 -18.41 -20.22
C SER A 336 28.87 -17.61 -19.42
N ASN A 337 29.48 -18.22 -18.41
CA ASN A 337 30.49 -17.55 -17.52
C ASN A 337 31.94 -17.84 -17.92
N MET A 338 32.08 -18.41 -19.12
CA MET A 338 33.34 -18.57 -19.82
C MET A 338 34.17 -17.27 -19.88
N ASP A 339 35.48 -17.39 -19.70
CA ASP A 339 36.37 -16.28 -19.98
C ASP A 339 36.71 -16.34 -21.47
N PRO A 340 36.33 -15.31 -22.24
CA PRO A 340 36.57 -15.40 -23.68
C PRO A 340 38.04 -15.44 -24.04
N TYR A 341 38.91 -14.77 -23.26
CA TYR A 341 40.36 -14.88 -23.45
C TYR A 341 40.84 -16.34 -23.45
N VAL A 342 40.46 -17.09 -22.42
CA VAL A 342 40.82 -18.50 -22.26
C VAL A 342 40.26 -19.35 -23.38
N VAL A 343 38.96 -19.28 -23.60
CA VAL A 343 38.29 -20.15 -24.57
C VAL A 343 38.71 -19.81 -26.00
N THR A 344 38.83 -18.52 -26.27
CA THR A 344 39.14 -18.04 -27.60
C THR A 344 40.55 -18.47 -28.05
N SER A 345 41.55 -18.39 -27.18
CA SER A 345 42.90 -18.76 -27.56
C SER A 345 43.09 -20.27 -27.55
N MET A 346 42.53 -20.94 -26.55
CA MET A 346 42.65 -22.38 -26.40
C MET A 346 42.01 -23.17 -27.57
N ILE A 347 41.08 -22.54 -28.31
CA ILE A 347 40.53 -23.14 -29.53
C ILE A 347 41.52 -22.95 -30.67
N ALA A 348 42.18 -21.80 -30.72
CA ALA A 348 43.20 -21.55 -31.71
C ALA A 348 44.41 -22.43 -31.46
N GLU A 349 44.64 -22.74 -30.19
CA GLU A 349 45.77 -23.55 -29.81
C GLU A 349 45.57 -25.02 -30.12
N THR A 350 44.45 -25.60 -29.68
CA THR A 350 44.15 -27.00 -29.97
C THR A 350 43.88 -27.22 -31.45
N THR A 351 43.75 -26.15 -32.21
CA THR A 351 43.33 -26.24 -33.63
C THR A 351 44.46 -26.01 -34.65
N ILE A 352 45.39 -25.13 -34.31
CA ILE A 352 46.53 -24.84 -35.16
C ILE A 352 47.84 -25.46 -34.65
N VAL A 353 48.33 -24.98 -33.50
CA VAL A 353 49.65 -25.34 -32.97
C VAL A 353 49.85 -26.84 -32.63
N TRP A 354 48.98 -27.40 -31.79
CA TRP A 354 49.10 -28.78 -31.28
C TRP A 354 48.85 -29.86 -32.36
N LYS A 355 49.58 -30.98 -32.27
CA LYS A 355 49.40 -32.18 -33.15
C LYS A 355 49.33 -33.53 -32.43
N CYS B 3 19.00 8.48 -18.80
CA CYS B 3 19.17 7.02 -18.45
C CYS B 3 18.74 6.03 -19.56
N LEU B 4 17.61 5.33 -19.40
CA LEU B 4 17.28 4.15 -20.24
C LEU B 4 16.66 4.38 -21.62
N THR B 5 15.77 5.35 -21.74
CA THR B 5 15.23 5.68 -23.03
C THR B 5 16.17 6.54 -23.84
N ASP B 6 17.25 6.98 -23.22
CA ASP B 6 18.28 7.71 -23.93
C ASP B 6 19.09 6.81 -24.83
N LEU B 7 19.20 5.55 -24.39
CA LEU B 7 19.98 4.54 -25.09
C LEU B 7 19.15 3.83 -26.15
N VAL B 8 17.90 3.54 -25.81
CA VAL B 8 16.97 2.93 -26.77
C VAL B 8 16.77 3.83 -27.99
N ASN B 9 16.84 5.15 -27.78
CA ASN B 9 16.62 6.11 -28.84
C ASN B 9 17.84 6.80 -29.41
N LEU B 10 19.01 6.21 -29.20
CA LEU B 10 20.27 6.70 -29.78
C LEU B 10 20.20 6.74 -31.28
N ASN B 11 20.73 7.81 -31.84
CA ASN B 11 20.85 7.91 -33.29
C ASN B 11 22.17 7.30 -33.75
N LEU B 12 22.10 6.18 -34.46
CA LEU B 12 23.30 5.50 -34.89
C LEU B 12 23.89 6.13 -36.14
N SER B 13 23.05 6.84 -36.89
CA SER B 13 23.45 7.59 -38.10
C SER B 13 24.65 8.53 -37.90
N ASP B 14 24.79 9.08 -36.68
CA ASP B 14 25.91 9.95 -36.30
C ASP B 14 27.21 9.20 -36.12
N THR B 15 27.13 7.87 -36.00
CA THR B 15 28.28 7.07 -35.61
C THR B 15 28.76 6.03 -36.62
N THR B 16 27.88 5.18 -37.16
CA THR B 16 28.25 4.34 -38.33
C THR B 16 27.16 4.28 -39.40
N GLU B 17 27.47 3.55 -40.46
CA GLU B 17 26.54 3.34 -41.55
C GLU B 17 25.68 2.11 -41.26
N LYS B 18 26.14 1.25 -40.36
CA LYS B 18 25.50 -0.04 -40.04
C LYS B 18 24.00 0.06 -39.74
N ILE B 19 23.31 -1.04 -39.97
CA ILE B 19 21.88 -1.10 -39.91
C ILE B 19 21.42 -2.27 -39.07
N ILE B 20 20.28 -2.09 -38.39
CA ILE B 20 19.64 -3.21 -37.70
C ILE B 20 18.41 -3.73 -38.47
N ALA B 21 18.46 -5.00 -38.86
CA ALA B 21 17.33 -5.66 -39.47
C ALA B 21 16.71 -6.68 -38.52
N GLU B 22 15.40 -6.51 -38.30
CA GLU B 22 14.58 -7.34 -37.43
C GLU B 22 13.78 -8.30 -38.32
N TYR B 23 14.22 -9.54 -38.36
CA TYR B 23 13.59 -10.57 -39.21
C TYR B 23 12.39 -11.16 -38.53
N ILE B 24 11.22 -10.92 -39.10
CA ILE B 24 9.97 -11.39 -38.52
C ILE B 24 9.50 -12.66 -39.20
N TRP B 25 9.08 -13.67 -38.42
CA TRP B 25 8.36 -14.81 -39.02
C TRP B 25 7.14 -15.32 -38.22
N ILE B 26 6.41 -16.24 -38.85
CA ILE B 26 5.30 -16.91 -38.19
C ILE B 26 5.69 -18.30 -37.71
N GLY B 27 5.30 -18.62 -36.48
CA GLY B 27 5.79 -19.80 -35.78
C GLY B 27 4.91 -21.01 -35.89
N GLY B 28 5.21 -22.02 -35.08
CA GLY B 28 4.60 -23.35 -35.21
C GLY B 28 3.10 -23.44 -35.07
N SER B 29 2.50 -22.57 -34.25
CA SER B 29 1.05 -22.55 -34.08
C SER B 29 0.33 -21.90 -35.27
N GLY B 30 1.06 -21.17 -36.09
CA GLY B 30 0.47 -20.48 -37.26
C GLY B 30 -0.18 -19.17 -36.84
N MET B 31 -0.06 -18.84 -35.56
CA MET B 31 -0.69 -17.66 -35.00
C MET B 31 0.26 -16.89 -34.06
N ASP B 32 1.49 -17.37 -33.93
CA ASP B 32 2.49 -16.76 -33.04
C ASP B 32 3.64 -16.08 -33.81
N LEU B 33 3.75 -14.77 -33.69
CA LEU B 33 4.82 -14.08 -34.36
C LEU B 33 6.11 -14.16 -33.57
N ARG B 34 7.21 -14.35 -34.30
CA ARG B 34 8.58 -14.41 -33.72
C ARG B 34 9.55 -13.53 -34.50
N SER B 35 10.51 -12.93 -33.78
CA SER B 35 11.55 -12.13 -34.43
C SER B 35 12.90 -12.19 -33.70
N LYS B 36 13.95 -11.91 -34.45
CA LYS B 36 15.27 -11.62 -33.91
C LYS B 36 15.96 -10.63 -34.87
N ALA B 37 17.05 -10.04 -34.41
CA ALA B 37 17.73 -8.97 -35.15
C ALA B 37 19.20 -9.26 -35.50
N ARG B 38 19.61 -8.80 -36.68
CA ARG B 38 21.02 -8.83 -37.08
C ARG B 38 21.52 -7.45 -37.55
N THR B 39 22.84 -7.26 -37.50
CA THR B 39 23.48 -6.05 -38.00
C THR B 39 23.85 -6.30 -39.45
N LEU B 40 23.49 -5.34 -40.30
CA LEU B 40 23.84 -5.37 -41.72
C LEU B 40 24.76 -4.21 -42.03
N PRO B 41 25.64 -4.37 -43.04
CA PRO B 41 26.73 -3.40 -43.18
C PRO B 41 26.28 -1.99 -43.65
N GLY B 42 25.15 -1.92 -44.38
CA GLY B 42 24.62 -0.62 -44.80
C GLY B 42 23.15 -0.75 -45.07
N PRO B 43 22.49 0.38 -45.43
CA PRO B 43 21.03 0.41 -45.67
C PRO B 43 20.64 -0.56 -46.80
N VAL B 44 19.39 -1.04 -46.80
CA VAL B 44 18.89 -1.86 -47.91
C VAL B 44 17.43 -1.51 -48.21
N THR B 45 17.08 -1.46 -49.50
CA THR B 45 15.69 -1.17 -49.90
C THR B 45 15.08 -2.29 -50.71
N ASP B 46 15.92 -3.16 -51.24
CA ASP B 46 15.38 -4.25 -52.01
C ASP B 46 15.45 -5.59 -51.27
N PRO B 47 14.30 -6.20 -51.00
CA PRO B 47 14.17 -7.50 -50.33
C PRO B 47 15.15 -8.58 -50.80
N SER B 48 15.44 -8.61 -52.09
CA SER B 48 16.28 -9.65 -52.65
C SER B 48 17.78 -9.33 -52.54
N LYS B 49 18.10 -8.22 -51.91
CA LYS B 49 19.50 -7.92 -51.65
C LYS B 49 19.86 -8.13 -50.16
N LEU B 50 18.92 -8.66 -49.39
CA LEU B 50 19.15 -9.06 -48.00
C LEU B 50 19.53 -10.52 -47.98
N PRO B 51 20.47 -10.87 -47.11
CA PRO B 51 20.83 -12.28 -46.92
C PRO B 51 19.66 -13.11 -46.40
N LYS B 52 19.58 -14.36 -46.82
CA LYS B 52 18.70 -15.30 -46.16
C LYS B 52 19.33 -15.64 -44.82
N TRP B 53 18.53 -16.12 -43.88
CA TRP B 53 18.98 -16.40 -42.52
C TRP B 53 18.35 -17.70 -42.04
N ASN B 54 18.69 -18.12 -40.82
CA ASN B 54 18.08 -19.29 -40.22
C ASN B 54 17.63 -18.98 -38.78
N TYR B 55 16.84 -19.88 -38.19
CA TYR B 55 16.56 -19.85 -36.74
C TYR B 55 16.47 -21.24 -36.16
N ASP B 56 16.22 -21.33 -34.86
CA ASP B 56 16.13 -22.63 -34.22
C ASP B 56 14.71 -23.11 -34.36
N GLY B 57 14.44 -23.92 -35.36
CA GLY B 57 13.10 -24.45 -35.56
C GLY B 57 12.61 -25.33 -34.42
N SER B 58 13.54 -25.88 -33.65
CA SER B 58 13.19 -26.76 -32.53
C SER B 58 12.58 -26.01 -31.34
N SER B 59 12.77 -24.71 -31.27
CA SER B 59 12.19 -23.87 -30.20
C SER B 59 10.87 -23.12 -30.57
N THR B 60 10.35 -23.37 -31.77
CA THR B 60 9.13 -22.75 -32.24
C THR B 60 8.19 -23.84 -32.72
N GLY B 61 8.54 -25.08 -32.41
CA GLY B 61 7.78 -26.25 -32.87
C GLY B 61 7.65 -26.37 -34.39
N GLN B 62 8.77 -26.24 -35.10
CA GLN B 62 8.77 -26.31 -36.54
C GLN B 62 9.82 -27.29 -37.13
N ALA B 63 10.71 -27.81 -36.27
CA ALA B 63 11.69 -28.83 -36.63
C ALA B 63 12.16 -29.58 -35.37
N PRO B 64 12.64 -30.85 -35.54
CA PRO B 64 13.32 -31.59 -34.47
C PRO B 64 14.67 -31.00 -34.06
N GLY B 65 15.17 -31.37 -32.88
CA GLY B 65 16.44 -30.87 -32.38
C GLY B 65 17.64 -31.30 -33.22
N GLU B 66 17.61 -32.52 -33.73
CA GLU B 66 18.75 -33.08 -34.44
C GLU B 66 18.84 -32.56 -35.85
N ASP B 67 17.75 -32.03 -36.38
CA ASP B 67 17.72 -31.34 -37.67
C ASP B 67 16.95 -30.05 -37.44
N SER B 68 17.63 -29.10 -36.83
CA SER B 68 16.96 -27.96 -36.22
C SER B 68 16.81 -26.73 -37.10
N GLU B 69 17.62 -26.61 -38.14
CA GLU B 69 17.67 -25.37 -38.93
C GLU B 69 16.46 -25.13 -39.85
N VAL B 70 15.87 -23.95 -39.72
CA VAL B 70 14.83 -23.51 -40.65
C VAL B 70 15.27 -22.20 -41.26
N ILE B 71 14.98 -22.03 -42.55
CA ILE B 71 15.55 -20.92 -43.32
C ILE B 71 14.55 -19.79 -43.54
N LEU B 72 15.03 -18.56 -43.44
CA LEU B 72 14.21 -17.36 -43.58
C LEU B 72 14.44 -16.59 -44.87
N TYR B 73 13.41 -16.49 -45.70
CA TYR B 73 13.50 -15.76 -46.93
C TYR B 73 12.93 -14.38 -46.68
N PRO B 74 13.73 -13.33 -46.85
CA PRO B 74 13.25 -11.94 -46.79
C PRO B 74 12.26 -11.64 -47.90
N GLN B 75 11.06 -11.17 -47.54
CA GLN B 75 10.03 -10.92 -48.57
C GLN B 75 9.55 -9.48 -48.68
N ALA B 76 9.44 -8.80 -47.56
CA ALA B 76 9.06 -7.39 -47.56
C ALA B 76 9.89 -6.58 -46.58
N ILE B 77 10.17 -5.33 -46.90
CA ILE B 77 10.94 -4.47 -46.02
C ILE B 77 10.08 -3.32 -45.58
N PHE B 78 10.11 -3.01 -44.28
CA PHE B 78 9.43 -1.81 -43.73
C PHE B 78 10.37 -1.11 -42.78
N LYS B 79 10.17 0.18 -42.56
CA LYS B 79 11.01 0.93 -41.64
C LYS B 79 10.64 0.56 -40.21
N ASP B 80 11.63 0.33 -39.35
CA ASP B 80 11.37 -0.02 -37.96
C ASP B 80 10.99 1.22 -37.13
N PRO B 81 9.74 1.30 -36.65
CA PRO B 81 9.29 2.45 -35.93
C PRO B 81 9.80 2.45 -34.50
N PHE B 82 10.34 1.32 -34.06
CA PHE B 82 10.89 1.27 -32.71
C PHE B 82 12.33 1.75 -32.70
N ARG B 83 13.17 1.13 -33.53
CA ARG B 83 14.60 1.48 -33.57
C ARG B 83 14.89 2.74 -34.38
N ARG B 84 13.95 3.13 -35.25
CA ARG B 84 14.03 4.34 -36.08
C ARG B 84 15.32 4.49 -36.86
N GLY B 85 15.64 5.71 -37.31
CA GLY B 85 16.72 5.90 -38.28
C GLY B 85 16.58 4.98 -39.49
N ASN B 86 17.69 4.37 -39.92
CA ASN B 86 17.66 3.51 -41.13
C ASN B 86 17.38 2.05 -40.91
N ASN B 87 17.04 1.68 -39.67
CA ASN B 87 16.74 0.29 -39.30
C ASN B 87 15.38 -0.22 -39.82
N ILE B 88 15.33 -1.51 -40.06
CA ILE B 88 14.24 -2.09 -40.82
C ILE B 88 13.62 -3.32 -40.15
N LEU B 89 12.34 -3.53 -40.44
CA LEU B 89 11.64 -4.78 -40.16
C LEU B 89 11.60 -5.53 -41.46
N VAL B 90 11.79 -6.84 -41.39
CA VAL B 90 11.78 -7.67 -42.58
C VAL B 90 10.84 -8.81 -42.39
N MET B 91 9.80 -8.84 -43.21
CA MET B 91 8.81 -9.92 -43.15
C MET B 91 9.30 -11.17 -43.87
N CYS B 92 9.14 -12.33 -43.23
CA CYS B 92 9.76 -13.53 -43.76
C CYS B 92 8.88 -14.72 -44.05
N ASP B 93 9.51 -15.65 -44.77
CA ASP B 93 8.89 -16.83 -45.33
C ASP B 93 9.65 -18.03 -44.77
N CYS B 94 9.01 -19.17 -44.57
CA CYS B 94 9.75 -20.27 -43.92
C CYS B 94 10.02 -21.56 -44.72
N TYR B 95 11.30 -21.95 -44.82
CA TYR B 95 11.71 -23.05 -45.69
C TYR B 95 12.65 -24.04 -45.01
N THR B 96 12.60 -25.31 -45.44
CA THR B 96 13.60 -26.31 -45.02
C THR B 96 14.91 -26.00 -45.77
N PRO B 97 16.04 -26.56 -45.28
CA PRO B 97 17.31 -26.26 -45.93
C PRO B 97 17.33 -26.80 -47.35
N ALA B 98 16.47 -27.79 -47.63
CA ALA B 98 16.26 -28.33 -48.98
C ALA B 98 15.47 -27.39 -49.92
N GLY B 99 14.90 -26.31 -49.38
CA GLY B 99 14.15 -25.36 -50.18
C GLY B 99 12.66 -25.65 -50.27
N GLU B 100 12.17 -26.58 -49.48
CA GLU B 100 10.73 -26.82 -49.35
C GLU B 100 10.05 -25.80 -48.41
N PRO B 101 8.86 -25.29 -48.76
CA PRO B 101 8.12 -24.56 -47.74
C PRO B 101 7.56 -25.50 -46.66
N ILE B 102 7.83 -25.18 -45.39
CA ILE B 102 7.34 -25.96 -44.24
C ILE B 102 5.82 -25.86 -44.09
N PRO B 103 5.18 -26.88 -43.50
CA PRO B 103 3.72 -26.94 -43.47
C PRO B 103 3.02 -25.67 -43.02
N THR B 104 3.67 -24.90 -42.14
CA THR B 104 3.08 -23.66 -41.60
C THR B 104 3.31 -22.40 -42.43
N ASN B 105 3.94 -22.56 -43.58
CA ASN B 105 4.16 -21.43 -44.49
C ASN B 105 3.00 -21.31 -45.50
N LYS B 106 2.01 -20.51 -45.14
CA LYS B 106 0.85 -20.34 -45.98
C LYS B 106 1.05 -19.28 -47.05
N ARG B 107 2.19 -18.59 -47.02
CA ARG B 107 2.47 -17.51 -47.96
C ARG B 107 2.88 -18.06 -49.29
N TYR B 108 3.61 -19.17 -49.28
CA TYR B 108 4.00 -19.87 -50.50
C TYR B 108 2.81 -20.17 -51.39
N SER B 109 1.86 -20.94 -50.88
CA SER B 109 0.64 -21.28 -51.64
C SER B 109 -0.11 -20.04 -52.11
N ALA B 110 -0.20 -19.04 -51.24
CA ALA B 110 -0.91 -17.82 -51.57
C ALA B 110 -0.16 -17.05 -52.67
N ALA B 111 1.17 -17.10 -52.63
CA ALA B 111 1.99 -16.40 -53.60
C ALA B 111 1.73 -16.97 -54.97
N LYS B 112 1.70 -18.30 -55.06
CA LYS B 112 1.40 -19.02 -56.31
C LYS B 112 0.09 -18.55 -56.96
N ILE B 113 -0.95 -18.36 -56.14
CA ILE B 113 -2.26 -17.95 -56.62
C ILE B 113 -2.26 -16.52 -57.15
N PHE B 114 -1.50 -15.65 -56.53
CA PHE B 114 -1.46 -14.26 -56.96
C PHE B 114 -0.45 -14.05 -58.08
N SER B 115 0.40 -15.04 -58.30
CA SER B 115 1.31 -15.09 -59.45
C SER B 115 0.58 -15.47 -60.75
N SER B 116 -0.11 -16.62 -60.69
CA SER B 116 -1.09 -17.11 -61.65
C SER B 116 -1.77 -15.98 -62.47
N PRO B 117 -1.66 -16.01 -63.82
CA PRO B 117 -1.81 -14.83 -64.65
C PRO B 117 -3.23 -14.30 -64.80
N GLU B 118 -4.23 -15.17 -64.71
CA GLU B 118 -5.63 -14.72 -64.79
C GLU B 118 -6.16 -14.14 -63.49
N VAL B 119 -5.41 -14.35 -62.40
CA VAL B 119 -5.65 -13.65 -61.15
C VAL B 119 -4.93 -12.30 -61.18
N ALA B 120 -3.61 -12.30 -61.40
CA ALA B 120 -2.84 -11.07 -61.46
C ALA B 120 -3.45 -10.00 -62.36
N ALA B 121 -4.07 -10.45 -63.45
CA ALA B 121 -4.68 -9.59 -64.45
C ALA B 121 -5.96 -8.96 -63.91
N GLU B 122 -6.72 -9.73 -63.13
CA GLU B 122 -7.91 -9.20 -62.44
C GLU B 122 -7.56 -8.22 -61.32
N GLU B 123 -6.31 -8.25 -60.89
CA GLU B 123 -5.71 -7.30 -59.95
C GLU B 123 -6.59 -7.14 -58.71
N PRO B 124 -6.57 -8.14 -57.81
CA PRO B 124 -7.44 -8.10 -56.67
C PRO B 124 -6.94 -7.15 -55.59
N TRP B 125 -7.90 -6.57 -54.89
CA TRP B 125 -7.66 -5.57 -53.88
C TRP B 125 -8.29 -5.99 -52.58
N TYR B 126 -7.50 -6.01 -51.51
CA TYR B 126 -8.09 -6.26 -50.20
C TYR B 126 -7.88 -5.12 -49.23
N GLY B 127 -8.95 -4.77 -48.53
CA GLY B 127 -8.85 -3.98 -47.32
C GLY B 127 -9.39 -4.86 -46.23
N ILE B 128 -8.58 -5.13 -45.21
CA ILE B 128 -8.99 -6.03 -44.13
C ILE B 128 -9.05 -5.27 -42.79
N GLU B 129 -10.11 -5.50 -42.03
CA GLU B 129 -10.38 -4.74 -40.82
C GLU B 129 -10.09 -5.62 -39.67
N GLN B 130 -8.95 -5.39 -39.02
CA GLN B 130 -8.49 -6.18 -37.88
C GLN B 130 -9.12 -5.66 -36.57
N GLU B 131 -9.88 -6.51 -35.89
CA GLU B 131 -10.40 -6.15 -34.58
C GLU B 131 -9.55 -6.92 -33.61
N TYR B 132 -9.43 -6.43 -32.39
CA TYR B 132 -8.65 -7.11 -31.38
C TYR B 132 -9.11 -6.58 -30.05
N THR B 133 -8.82 -7.31 -28.98
CA THR B 133 -9.15 -6.90 -27.62
C THR B 133 -7.89 -6.75 -26.72
N LEU B 134 -7.90 -5.74 -25.88
CA LEU B 134 -6.78 -5.48 -25.01
C LEU B 134 -7.03 -6.05 -23.60
N LEU B 135 -6.03 -6.66 -23.00
CA LEU B 135 -6.22 -7.32 -21.72
C LEU B 135 -5.13 -6.96 -20.73
N GLN B 136 -5.51 -6.95 -19.45
CA GLN B 136 -4.61 -6.71 -18.33
C GLN B 136 -3.72 -7.91 -18.20
N LYS B 137 -2.43 -7.67 -17.99
CA LYS B 137 -1.44 -8.75 -17.89
C LYS B 137 -1.76 -9.54 -16.63
N ASP B 138 -1.58 -10.85 -16.72
CA ASP B 138 -1.71 -11.73 -15.54
C ASP B 138 -3.16 -12.12 -15.20
N THR B 139 -4.04 -11.11 -15.02
CA THR B 139 -5.44 -11.39 -14.71
C THR B 139 -6.19 -11.77 -15.98
N ASN B 140 -5.69 -11.33 -17.13
CA ASN B 140 -6.25 -11.64 -18.45
C ASN B 140 -7.69 -11.23 -18.67
N TRP B 141 -8.07 -10.16 -17.98
CA TRP B 141 -9.40 -9.56 -18.02
C TRP B 141 -9.29 -8.25 -18.82
N PRO B 142 -10.27 -7.94 -19.68
CA PRO B 142 -10.22 -6.82 -20.61
C PRO B 142 -9.77 -5.49 -19.97
N LEU B 143 -8.98 -4.71 -20.72
CA LEU B 143 -8.49 -3.44 -20.24
C LEU B 143 -9.62 -2.52 -19.80
N GLY B 144 -9.50 -1.89 -18.63
CA GLY B 144 -10.54 -0.96 -18.21
C GLY B 144 -11.73 -1.59 -17.52
N TRP B 145 -11.80 -2.90 -17.57
CA TRP B 145 -12.80 -3.63 -16.81
C TRP B 145 -12.30 -3.84 -15.39
N PRO B 146 -13.20 -3.76 -14.41
CA PRO B 146 -12.83 -4.04 -13.03
C PRO B 146 -12.70 -5.51 -12.84
N ILE B 147 -11.82 -5.94 -11.93
CA ILE B 147 -11.47 -7.36 -11.83
C ILE B 147 -12.64 -8.09 -11.21
N GLY B 148 -13.01 -9.20 -11.88
CA GLY B 148 -14.18 -10.03 -11.55
C GLY B 148 -15.46 -9.25 -11.60
N GLY B 149 -15.63 -8.47 -12.64
CA GLY B 149 -16.77 -7.60 -12.77
C GLY B 149 -16.83 -7.06 -14.17
N PHE B 150 -17.85 -6.28 -14.46
CA PHE B 150 -18.03 -5.81 -15.81
C PHE B 150 -18.26 -4.32 -15.82
N PRO B 151 -17.98 -3.69 -16.93
CA PRO B 151 -18.39 -2.32 -17.03
C PRO B 151 -19.87 -2.20 -17.39
N GLY B 152 -20.36 -0.98 -17.54
CA GLY B 152 -21.70 -0.76 -18.07
C GLY B 152 -21.93 -1.48 -19.38
N PRO B 153 -23.20 -1.76 -19.70
CA PRO B 153 -23.46 -2.61 -20.85
C PRO B 153 -23.05 -1.87 -22.10
N GLN B 154 -22.84 -2.61 -23.17
CA GLN B 154 -22.44 -2.09 -24.46
C GLN B 154 -23.34 -0.97 -24.96
N GLY B 155 -22.75 -0.02 -25.69
CA GLY B 155 -23.54 1.10 -26.18
C GLY B 155 -22.76 2.40 -26.32
N PRO B 156 -22.20 2.89 -25.21
CA PRO B 156 -21.40 4.11 -25.30
C PRO B 156 -19.98 3.94 -25.82
N TYR B 157 -19.56 2.71 -26.12
CA TYR B 157 -18.14 2.40 -26.32
C TYR B 157 -17.64 2.59 -27.72
N TYR B 158 -18.44 2.15 -28.69
CA TYR B 158 -18.13 2.27 -30.12
C TYR B 158 -17.77 3.70 -30.53
N CYS B 159 -16.57 3.90 -31.02
CA CYS B 159 -16.10 5.23 -31.43
C CYS B 159 -16.13 6.33 -30.36
N GLY B 160 -16.24 5.95 -29.09
CA GLY B 160 -16.47 6.91 -28.00
C GLY B 160 -15.24 7.68 -27.63
N ILE B 161 -15.44 8.65 -26.74
CA ILE B 161 -14.33 9.38 -26.16
C ILE B 161 -14.62 9.56 -24.68
N GLY B 162 -13.55 9.66 -23.89
CA GLY B 162 -13.65 9.94 -22.47
C GLY B 162 -13.00 8.87 -21.63
N ALA B 163 -12.60 9.19 -20.42
CA ALA B 163 -11.90 8.21 -19.59
C ALA B 163 -12.75 7.00 -19.21
N GLU B 164 -14.07 7.17 -19.16
CA GLU B 164 -14.98 6.09 -18.77
C GLU B 164 -15.40 5.23 -19.92
N LYS B 165 -15.11 5.68 -21.14
CA LYS B 165 -15.60 4.98 -22.32
C LYS B 165 -14.51 4.36 -23.19
N SER B 166 -13.27 4.81 -23.07
CA SER B 166 -12.30 4.58 -24.12
C SER B 166 -10.96 4.14 -23.58
N PHE B 167 -10.78 2.83 -23.58
CA PHE B 167 -9.60 2.25 -22.91
C PHE B 167 -8.39 1.94 -23.80
N GLY B 168 -7.30 2.67 -23.57
CA GLY B 168 -6.05 2.40 -24.27
C GLY B 168 -5.92 3.03 -25.65
N ARG B 169 -6.43 4.24 -25.82
CA ARG B 169 -6.27 4.96 -27.07
C ARG B 169 -4.79 5.13 -27.33
N ASP B 170 -4.06 5.35 -26.26
CA ASP B 170 -2.62 5.40 -26.28
C ASP B 170 -1.97 4.44 -27.25
N ILE B 171 -2.28 3.18 -27.03
CA ILE B 171 -1.77 2.08 -27.79
C ILE B 171 -2.19 2.23 -29.26
N VAL B 172 -3.49 2.43 -29.44
CA VAL B 172 -4.07 2.55 -30.75
C VAL B 172 -3.41 3.69 -31.53
N ASP B 173 -3.49 4.93 -31.04
CA ASP B 173 -2.92 6.09 -31.74
C ASP B 173 -1.45 5.88 -32.05
N ALA B 174 -0.70 5.29 -31.12
CA ALA B 174 0.71 4.96 -31.34
C ALA B 174 0.90 4.04 -32.54
N HIS B 175 0.11 2.97 -32.59
CA HIS B 175 0.20 1.96 -33.64
C HIS B 175 -0.09 2.54 -35.00
N TYR B 176 -1.10 3.39 -35.05
CA TYR B 176 -1.48 4.09 -36.28
C TYR B 176 -0.28 4.80 -36.87
N LYS B 177 0.37 5.67 -36.11
CA LYS B 177 1.54 6.41 -36.59
C LYS B 177 2.70 5.47 -36.94
N ALA B 178 2.97 4.54 -36.04
CA ALA B 178 4.01 3.52 -36.24
C ALA B 178 3.88 2.89 -37.61
N CYS B 179 2.69 2.34 -37.89
CA CYS B 179 2.37 1.70 -39.16
C CYS B 179 2.58 2.61 -40.36
N LEU B 180 2.02 3.81 -40.33
CA LEU B 180 2.25 4.78 -41.37
C LEU B 180 3.74 5.08 -41.63
N TYR B 181 4.49 5.25 -40.57
CA TYR B 181 5.92 5.53 -40.68
C TYR B 181 6.61 4.33 -41.32
N ALA B 182 6.27 3.14 -40.82
CA ALA B 182 6.84 1.90 -41.31
C ALA B 182 6.62 1.74 -42.80
N GLY B 183 5.51 2.29 -43.27
CA GLY B 183 5.08 2.16 -44.67
C GLY B 183 3.96 1.15 -44.91
N ILE B 184 3.30 0.69 -43.84
CA ILE B 184 2.12 -0.18 -43.96
C ILE B 184 1.01 0.68 -44.48
N ASN B 185 0.31 0.22 -45.52
CA ASN B 185 -0.83 0.99 -45.97
C ASN B 185 -2.01 0.85 -45.02
N ILE B 186 -2.00 1.64 -43.93
CA ILE B 186 -3.05 1.59 -42.94
C ILE B 186 -4.09 2.65 -43.29
N SER B 187 -5.37 2.31 -43.26
CA SER B 187 -6.39 3.18 -43.82
C SER B 187 -7.23 3.93 -42.81
N GLY B 188 -7.17 3.48 -41.58
CA GLY B 188 -7.98 4.07 -40.51
C GLY B 188 -8.04 3.19 -39.28
N ILE B 189 -8.59 3.76 -38.21
CA ILE B 189 -8.77 3.06 -36.93
C ILE B 189 -10.16 3.38 -36.37
N ASN B 190 -10.59 2.71 -35.30
CA ASN B 190 -11.80 3.10 -34.61
C ASN B 190 -12.01 2.32 -33.34
N GLY B 191 -12.60 2.95 -32.33
CA GLY B 191 -13.00 2.23 -31.13
C GLY B 191 -14.12 1.25 -31.45
N GLU B 192 -14.02 0.01 -30.98
CA GLU B 192 -15.10 -0.96 -31.21
C GLU B 192 -16.17 -1.10 -30.13
N VAL B 193 -17.17 -1.90 -30.41
CA VAL B 193 -18.40 -1.93 -29.63
C VAL B 193 -18.19 -2.31 -28.19
N MET B 194 -17.35 -3.34 -27.99
CA MET B 194 -17.03 -3.90 -26.69
C MET B 194 -15.91 -3.12 -26.01
N PRO B 195 -16.14 -2.65 -24.78
CA PRO B 195 -15.19 -1.77 -24.14
C PRO B 195 -13.90 -2.48 -24.05
N GLY B 196 -12.84 -1.85 -24.54
CA GLY B 196 -11.52 -2.46 -24.60
C GLY B 196 -11.17 -3.08 -25.94
N GLN B 197 -12.08 -2.97 -26.89
CA GLN B 197 -11.91 -3.55 -28.23
C GLN B 197 -11.66 -2.46 -29.28
N TRP B 198 -10.77 -2.75 -30.20
CA TRP B 198 -10.33 -1.75 -31.16
C TRP B 198 -10.14 -2.35 -32.55
N GLU B 199 -9.98 -1.47 -33.52
CA GLU B 199 -9.90 -1.83 -34.93
C GLU B 199 -8.82 -1.00 -35.63
N PHE B 200 -8.18 -1.62 -36.62
CA PHE B 200 -7.47 -0.90 -37.66
C PHE B 200 -7.72 -1.59 -38.99
N GLN B 201 -7.66 -0.84 -40.06
CA GLN B 201 -7.87 -1.42 -41.37
C GLN B 201 -6.64 -1.22 -42.17
N VAL B 202 -6.15 -2.30 -42.78
CA VAL B 202 -5.07 -2.18 -43.74
C VAL B 202 -5.64 -1.99 -45.12
N GLY B 203 -5.53 -0.72 -45.56
CA GLY B 203 -6.19 -0.09 -46.72
C GLY B 203 -5.92 -0.77 -48.03
N PRO B 204 -6.63 -0.41 -49.12
CA PRO B 204 -6.71 -1.30 -50.28
C PRO B 204 -5.32 -1.73 -50.76
N SER B 205 -4.98 -3.01 -50.59
CA SER B 205 -3.65 -3.54 -50.93
C SER B 205 -3.76 -4.76 -51.80
N VAL B 206 -2.84 -4.86 -52.76
CA VAL B 206 -2.98 -5.81 -53.89
C VAL B 206 -2.29 -7.15 -53.65
N GLY B 207 -3.09 -8.21 -53.75
CA GLY B 207 -2.57 -9.56 -53.67
C GLY B 207 -1.71 -9.90 -52.46
N ILE B 208 -0.54 -10.47 -52.71
CA ILE B 208 0.26 -10.99 -51.62
C ILE B 208 0.53 -9.91 -50.57
N SER B 209 0.80 -8.68 -51.00
CA SER B 209 1.19 -7.63 -50.08
C SER B 209 0.17 -7.32 -48.99
N SER B 210 -1.09 -7.68 -49.22
CA SER B 210 -2.08 -7.56 -48.15
C SER B 210 -1.72 -8.46 -46.97
N GLY B 211 -1.62 -9.76 -47.20
CA GLY B 211 -1.20 -10.66 -46.14
C GLY B 211 0.09 -10.21 -45.45
N ASP B 212 1.06 -9.73 -46.24
CA ASP B 212 2.36 -9.29 -45.70
C ASP B 212 2.17 -8.12 -44.77
N GLN B 213 1.43 -7.10 -45.21
CA GLN B 213 1.18 -5.94 -44.38
C GLN B 213 0.45 -6.27 -43.09
N VAL B 214 -0.68 -6.97 -43.21
CA VAL B 214 -1.47 -7.39 -42.04
C VAL B 214 -0.68 -8.14 -40.94
N TRP B 215 0.24 -9.02 -41.32
CA TRP B 215 1.09 -9.65 -40.32
C TRP B 215 2.06 -8.65 -39.67
N VAL B 216 2.68 -7.79 -40.47
CA VAL B 216 3.61 -6.85 -39.91
C VAL B 216 2.88 -5.82 -39.05
N ALA B 217 1.63 -5.53 -39.43
CA ALA B 217 0.80 -4.63 -38.65
C ALA B 217 0.54 -5.25 -37.31
N ARG B 218 0.26 -6.54 -37.28
CA ARG B 218 0.05 -7.29 -36.03
C ARG B 218 1.28 -7.35 -35.16
N TYR B 219 2.41 -7.46 -35.82
CA TYR B 219 3.66 -7.50 -35.12
C TYR B 219 3.87 -6.16 -34.39
N ILE B 220 3.66 -5.07 -35.10
CA ILE B 220 3.81 -3.74 -34.51
C ILE B 220 2.82 -3.55 -33.36
N LEU B 221 1.63 -4.09 -33.49
CA LEU B 221 0.60 -3.89 -32.48
C LEU B 221 1.11 -4.50 -31.18
N GLU B 222 1.48 -5.78 -31.27
CA GLU B 222 1.81 -6.53 -30.09
C GLU B 222 3.07 -6.00 -29.44
N ARG B 223 4.03 -5.55 -30.26
CA ARG B 223 5.27 -4.92 -29.75
C ARG B 223 4.95 -3.65 -28.97
N ILE B 224 3.90 -2.96 -29.40
CA ILE B 224 3.48 -1.75 -28.72
C ILE B 224 2.82 -2.10 -27.39
N THR B 225 1.89 -3.06 -27.41
CA THR B 225 1.29 -3.54 -26.15
C THR B 225 2.37 -4.00 -25.17
N GLU B 226 3.33 -4.80 -25.64
CA GLU B 226 4.49 -5.18 -24.85
C GLU B 226 5.05 -3.96 -24.09
N ILE B 227 5.20 -2.83 -24.77
CA ILE B 227 5.75 -1.64 -24.13
C ILE B 227 4.84 -1.18 -23.03
N ALA B 228 3.54 -1.24 -23.29
CA ALA B 228 2.54 -0.74 -22.37
C ALA B 228 2.26 -1.69 -21.18
N GLY B 229 2.81 -2.89 -21.21
CA GLY B 229 2.48 -3.90 -20.19
C GLY B 229 1.04 -4.41 -20.26
N VAL B 230 0.57 -4.66 -21.48
CA VAL B 230 -0.80 -5.00 -21.77
C VAL B 230 -0.76 -6.19 -22.72
N VAL B 231 -1.77 -7.03 -22.66
CA VAL B 231 -1.83 -8.22 -23.53
C VAL B 231 -2.88 -8.01 -24.62
N VAL B 232 -2.60 -8.45 -25.86
CA VAL B 232 -3.58 -8.53 -26.96
C VAL B 232 -4.12 -9.95 -27.13
N THR B 233 -5.41 -10.12 -27.47
CA THR B 233 -5.85 -11.40 -28.09
C THR B 233 -6.48 -11.13 -29.40
N PHE B 234 -6.24 -12.07 -30.31
CA PHE B 234 -6.99 -12.11 -31.55
C PHE B 234 -8.12 -13.16 -31.47
N ASP B 235 -8.41 -13.60 -30.25
CA ASP B 235 -9.45 -14.58 -30.03
C ASP B 235 -10.80 -14.02 -30.41
N PRO B 236 -11.50 -14.70 -31.29
CA PRO B 236 -12.75 -14.27 -31.91
C PRO B 236 -13.88 -13.88 -30.95
N LYS B 237 -13.92 -14.47 -29.77
CA LYS B 237 -14.92 -14.12 -28.78
C LYS B 237 -14.27 -14.32 -27.40
N PRO B 238 -13.62 -13.26 -26.88
CA PRO B 238 -12.79 -13.39 -25.73
C PRO B 238 -13.57 -13.45 -24.43
N ILE B 239 -14.70 -12.75 -24.37
CA ILE B 239 -15.55 -12.83 -23.21
C ILE B 239 -16.88 -13.39 -23.68
N PRO B 240 -17.40 -14.43 -22.99
CA PRO B 240 -18.69 -15.03 -23.33
C PRO B 240 -19.81 -14.13 -22.91
N GLY B 241 -21.00 -14.34 -23.49
CA GLY B 241 -22.20 -13.60 -23.08
C GLY B 241 -22.53 -12.42 -23.97
N ASP B 242 -23.02 -11.35 -23.36
CA ASP B 242 -23.53 -10.18 -24.08
C ASP B 242 -22.44 -9.12 -24.38
N TRP B 243 -21.41 -9.56 -25.10
CA TRP B 243 -20.31 -8.70 -25.53
C TRP B 243 -19.85 -9.13 -26.91
N ASN B 244 -19.51 -8.17 -27.76
CA ASN B 244 -19.10 -8.45 -29.13
C ASN B 244 -17.89 -9.31 -29.27
N GLY B 245 -17.85 -10.08 -30.33
CA GLY B 245 -16.69 -10.84 -30.66
C GLY B 245 -15.85 -10.00 -31.57
N ALA B 246 -14.75 -10.58 -32.06
CA ALA B 246 -13.84 -9.88 -32.94
C ALA B 246 -13.60 -10.61 -34.23
N GLY B 247 -13.83 -9.90 -35.32
CA GLY B 247 -13.58 -10.43 -36.63
C GLY B 247 -12.51 -9.72 -37.42
N ALA B 248 -12.13 -10.35 -38.53
CA ALA B 248 -11.22 -9.76 -39.50
C ALA B 248 -11.92 -9.56 -40.86
N HIS B 249 -12.92 -8.68 -40.89
CA HIS B 249 -13.71 -8.50 -42.09
C HIS B 249 -12.76 -8.27 -43.23
N THR B 250 -12.92 -9.03 -44.30
CA THR B 250 -12.18 -8.80 -45.53
C THR B 250 -13.02 -8.13 -46.61
N ASN B 251 -12.63 -6.93 -47.03
CA ASN B 251 -13.27 -6.25 -48.14
C ASN B 251 -12.48 -6.57 -49.38
N TYR B 252 -13.17 -6.72 -50.51
CA TYR B 252 -12.59 -7.28 -51.73
C TYR B 252 -13.11 -6.64 -53.01
N SER B 253 -12.26 -6.46 -54.01
CA SER B 253 -12.69 -6.02 -55.33
C SER B 253 -11.70 -6.47 -56.40
N THR B 254 -12.18 -6.68 -57.64
CA THR B 254 -11.33 -6.99 -58.81
C THR B 254 -11.46 -5.89 -59.84
N GLU B 255 -10.49 -5.81 -60.75
CA GLU B 255 -10.50 -4.84 -61.86
C GLU B 255 -11.91 -4.64 -62.43
N SER B 256 -12.55 -5.75 -62.79
CA SER B 256 -13.88 -5.71 -63.38
C SER B 256 -14.97 -5.25 -62.41
N MET B 257 -14.73 -5.41 -61.11
CA MET B 257 -15.73 -5.05 -60.12
C MET B 257 -15.82 -3.55 -59.87
N ARG B 258 -14.71 -2.84 -60.08
CA ARG B 258 -14.66 -1.39 -59.80
C ARG B 258 -14.84 -0.54 -61.04
N LYS B 259 -14.85 -1.19 -62.20
CA LYS B 259 -15.22 -0.59 -63.48
C LYS B 259 -16.76 -0.58 -63.70
N GLU B 260 -17.23 -0.04 -64.82
CA GLU B 260 -18.66 0.09 -65.07
C GLU B 260 -19.39 -1.22 -64.99
N GLY B 261 -20.57 -1.21 -64.35
CA GLY B 261 -21.37 -2.41 -64.17
C GLY B 261 -20.59 -3.55 -63.54
N GLY B 262 -19.85 -3.24 -62.48
CA GLY B 262 -19.17 -4.24 -61.67
C GLY B 262 -20.11 -4.90 -60.68
N TYR B 263 -21.22 -4.25 -60.38
CA TYR B 263 -22.19 -4.75 -59.42
C TYR B 263 -22.79 -6.08 -59.85
N GLU B 264 -22.72 -6.38 -61.15
CA GLU B 264 -23.17 -7.68 -61.63
C GLU B 264 -22.14 -8.75 -61.33
N VAL B 265 -20.86 -8.36 -61.43
CA VAL B 265 -19.71 -9.25 -61.13
C VAL B 265 -19.61 -9.52 -59.63
N ILE B 266 -20.02 -8.52 -58.84
CA ILE B 266 -20.15 -8.66 -57.40
C ILE B 266 -21.17 -9.75 -57.04
N LYS B 267 -22.40 -9.61 -57.52
CA LYS B 267 -23.43 -10.61 -57.23
C LYS B 267 -22.98 -11.99 -57.66
N ALA B 268 -22.35 -12.04 -58.83
CA ALA B 268 -21.80 -13.28 -59.39
C ALA B 268 -20.78 -13.91 -58.45
N ALA B 269 -19.94 -13.08 -57.85
CA ALA B 269 -18.92 -13.53 -56.93
C ALA B 269 -19.53 -14.06 -55.65
N ILE B 270 -20.39 -13.25 -55.04
CA ILE B 270 -21.11 -13.63 -53.85
C ILE B 270 -21.77 -15.00 -54.05
N GLU B 271 -22.38 -15.19 -55.21
CA GLU B 271 -23.05 -16.44 -55.55
C GLU B 271 -22.10 -17.62 -55.44
N LYS B 272 -20.88 -17.47 -55.98
CA LYS B 272 -19.85 -18.52 -55.88
C LYS B 272 -19.46 -18.81 -54.43
N LEU B 273 -19.36 -17.72 -53.65
CA LEU B 273 -18.99 -17.80 -52.25
C LEU B 273 -19.99 -18.58 -51.43
N LYS B 274 -21.27 -18.43 -51.76
CA LYS B 274 -22.34 -19.14 -51.09
C LYS B 274 -22.16 -20.65 -51.23
N LEU B 275 -21.68 -21.07 -52.39
CA LEU B 275 -21.55 -22.48 -52.65
C LEU B 275 -20.42 -23.09 -51.83
N ARG B 276 -19.42 -22.28 -51.53
CA ARG B 276 -18.22 -22.77 -50.84
C ARG B 276 -18.12 -22.29 -49.39
N HIS B 277 -19.24 -21.79 -48.87
CA HIS B 277 -19.31 -21.34 -47.51
C HIS B 277 -18.75 -22.41 -46.63
N LYS B 278 -19.22 -23.63 -46.80
CA LYS B 278 -18.78 -24.71 -45.93
C LYS B 278 -17.26 -24.76 -45.76
N GLU B 279 -16.54 -24.75 -46.88
CA GLU B 279 -15.08 -24.97 -46.87
C GLU B 279 -14.27 -23.70 -46.62
N HIS B 280 -14.92 -22.54 -46.74
CA HIS B 280 -14.33 -21.28 -46.31
C HIS B 280 -14.36 -21.13 -44.77
N ILE B 281 -15.51 -21.36 -44.16
CA ILE B 281 -15.63 -21.41 -42.69
C ILE B 281 -14.51 -22.26 -42.05
N ALA B 282 -14.17 -23.37 -42.70
CA ALA B 282 -13.14 -24.26 -42.20
C ALA B 282 -11.74 -23.61 -42.09
N ALA B 283 -11.47 -22.58 -42.89
CA ALA B 283 -10.16 -21.93 -42.90
C ALA B 283 -10.23 -20.52 -42.34
N TYR B 284 -11.44 -20.08 -42.00
CA TYR B 284 -11.66 -18.72 -41.52
C TYR B 284 -11.30 -18.50 -40.04
N GLY B 285 -10.49 -19.40 -39.49
CA GLY B 285 -9.94 -19.23 -38.14
C GLY B 285 -10.68 -20.04 -37.12
N GLU B 286 -9.92 -20.58 -36.17
CA GLU B 286 -10.49 -21.48 -35.19
C GLU B 286 -11.08 -20.74 -34.01
N GLY B 287 -12.14 -21.32 -33.44
CA GLY B 287 -12.88 -20.72 -32.35
C GLY B 287 -14.08 -19.99 -32.90
N ASN B 288 -14.18 -19.91 -34.22
CA ASN B 288 -15.20 -19.08 -34.84
C ASN B 288 -16.63 -19.42 -34.45
N GLU B 289 -16.87 -20.65 -34.04
CA GLU B 289 -18.20 -21.09 -33.64
C GLU B 289 -18.73 -20.27 -32.48
N ARG B 290 -17.82 -19.73 -31.68
CA ARG B 290 -18.20 -18.99 -30.49
C ARG B 290 -18.59 -17.56 -30.85
N ARG B 291 -18.14 -17.10 -32.00
CA ARG B 291 -18.38 -15.73 -32.43
C ARG B 291 -19.61 -15.61 -33.27
N LEU B 292 -19.64 -16.34 -34.39
CA LEU B 292 -20.72 -16.29 -35.39
C LEU B 292 -22.00 -16.96 -34.90
N THR B 293 -22.85 -16.16 -34.26
CA THR B 293 -24.00 -16.69 -33.59
C THR B 293 -25.26 -16.05 -34.15
N GLY B 294 -25.10 -15.10 -35.04
CA GLY B 294 -26.25 -14.44 -35.59
C GLY B 294 -26.59 -13.19 -34.80
N ARG B 295 -26.23 -13.17 -33.51
CA ARG B 295 -26.27 -11.96 -32.70
C ARG B 295 -24.93 -11.17 -32.75
N HIS B 296 -24.96 -9.93 -32.29
CA HIS B 296 -23.74 -9.12 -32.17
C HIS B 296 -23.11 -8.77 -33.49
N GLU B 297 -23.94 -8.45 -34.48
CA GLU B 297 -23.49 -8.06 -35.80
C GLU B 297 -22.68 -9.15 -36.50
N THR B 298 -23.13 -10.38 -36.37
CA THR B 298 -22.55 -11.51 -37.10
C THR B 298 -23.66 -12.34 -37.71
N ALA B 299 -23.31 -13.15 -38.71
CA ALA B 299 -24.29 -14.08 -39.23
C ALA B 299 -24.02 -15.47 -38.70
N ASP B 300 -25.06 -16.24 -38.42
CA ASP B 300 -24.94 -17.64 -37.92
C ASP B 300 -23.97 -18.44 -38.79
N ILE B 301 -23.09 -19.24 -38.16
CA ILE B 301 -22.03 -20.03 -38.87
C ILE B 301 -22.63 -20.94 -39.92
N ASN B 302 -23.82 -21.46 -39.61
CA ASN B 302 -24.49 -22.43 -40.43
C ASN B 302 -25.24 -21.88 -41.61
N THR B 303 -25.72 -20.64 -41.53
CA THR B 303 -26.33 -20.05 -42.69
C THR B 303 -25.39 -19.18 -43.46
N PHE B 304 -25.60 -19.02 -44.75
CA PHE B 304 -24.95 -17.98 -45.53
C PHE B 304 -25.98 -16.96 -45.95
N SER B 305 -25.65 -15.68 -45.82
CA SER B 305 -26.52 -14.59 -46.23
C SER B 305 -25.78 -13.37 -46.76
N TRP B 306 -26.48 -12.48 -47.45
CA TRP B 306 -25.90 -11.21 -47.84
C TRP B 306 -26.99 -10.17 -48.01
N GLY B 307 -26.68 -8.92 -47.70
CA GLY B 307 -27.65 -7.83 -47.73
C GLY B 307 -27.00 -6.55 -48.18
N VAL B 308 -27.73 -5.43 -48.17
CA VAL B 308 -27.08 -4.21 -48.58
C VAL B 308 -26.46 -3.49 -47.39
N ALA B 309 -27.22 -2.88 -46.50
CA ALA B 309 -26.57 -2.24 -45.38
C ALA B 309 -26.59 -3.16 -44.17
N ASN B 310 -26.62 -4.46 -44.42
CA ASN B 310 -26.94 -5.42 -43.37
C ASN B 310 -25.75 -5.97 -42.65
N ARG B 311 -25.60 -5.59 -41.40
CA ARG B 311 -24.52 -6.09 -40.56
C ARG B 311 -24.86 -7.44 -39.92
N GLY B 312 -26.11 -7.85 -40.00
CA GLY B 312 -26.49 -9.21 -39.60
C GLY B 312 -26.14 -10.30 -40.61
N ALA B 313 -25.60 -9.91 -41.76
CA ALA B 313 -25.38 -10.82 -42.89
C ALA B 313 -23.97 -11.40 -42.93
N SER B 314 -23.78 -12.38 -43.80
CA SER B 314 -22.48 -13.02 -43.97
C SER B 314 -21.60 -12.21 -44.89
N VAL B 315 -22.21 -11.58 -45.87
CA VAL B 315 -21.51 -10.66 -46.75
C VAL B 315 -22.36 -9.41 -46.78
N ARG B 316 -21.72 -8.24 -46.93
CA ARG B 316 -22.41 -6.99 -46.94
C ARG B 316 -21.87 -6.18 -48.08
N VAL B 317 -22.75 -5.46 -48.77
CA VAL B 317 -22.37 -4.61 -49.87
C VAL B 317 -22.81 -3.19 -49.56
N GLY B 318 -21.85 -2.28 -49.38
CA GLY B 318 -22.14 -0.89 -48.98
C GLY B 318 -23.21 -0.18 -49.79
N ARG B 319 -23.96 0.71 -49.12
CA ARG B 319 -24.96 1.56 -49.79
C ARG B 319 -24.37 2.25 -50.97
N GLU B 320 -23.17 2.80 -50.75
CA GLU B 320 -22.39 3.57 -51.73
C GLU B 320 -22.03 2.78 -53.01
N THR B 321 -21.53 1.56 -52.86
CA THR B 321 -21.17 0.79 -54.06
C THR B 321 -22.39 0.19 -54.77
N GLU B 322 -23.55 0.16 -54.11
CA GLU B 322 -24.80 -0.31 -54.75
C GLU B 322 -25.31 0.77 -55.66
N GLN B 323 -25.44 1.96 -55.08
CA GLN B 323 -25.90 3.16 -55.76
C GLN B 323 -24.96 3.59 -56.90
N ASN B 324 -23.70 3.16 -56.87
CA ASN B 324 -22.76 3.50 -57.93
C ASN B 324 -22.57 2.42 -58.99
N GLY B 325 -23.25 1.29 -58.81
CA GLY B 325 -23.18 0.15 -59.73
C GLY B 325 -21.80 -0.48 -59.83
N LYS B 326 -20.87 0.02 -59.00
CA LYS B 326 -19.46 -0.43 -58.93
C LYS B 326 -18.82 -0.24 -57.55
N GLY B 327 -18.07 -1.23 -57.07
CA GLY B 327 -17.36 -1.09 -55.79
C GLY B 327 -16.64 -2.31 -55.26
N TYR B 328 -16.88 -2.62 -54.00
CA TYR B 328 -16.33 -3.80 -53.35
C TYR B 328 -17.39 -4.40 -52.45
N PHE B 329 -17.17 -5.64 -52.00
CA PHE B 329 -18.01 -6.23 -50.95
C PHE B 329 -17.20 -6.66 -49.71
N GLU B 330 -17.89 -6.92 -48.61
CA GLU B 330 -17.25 -7.15 -47.33
C GLU B 330 -17.62 -8.55 -46.85
N ASP B 331 -16.65 -9.47 -46.80
CA ASP B 331 -16.91 -10.79 -46.26
C ASP B 331 -16.71 -10.68 -44.76
N ARG B 332 -17.78 -10.74 -43.99
CA ARG B 332 -17.70 -10.54 -42.53
C ARG B 332 -17.42 -11.81 -41.74
N ARG B 333 -17.21 -12.92 -42.43
CA ARG B 333 -17.11 -14.21 -41.79
C ARG B 333 -15.75 -14.48 -41.08
N PRO B 334 -14.62 -14.02 -41.64
CA PRO B 334 -13.34 -14.38 -41.05
C PRO B 334 -13.17 -13.86 -39.64
N ALA B 335 -12.69 -14.71 -38.75
CA ALA B 335 -12.43 -14.31 -37.37
C ALA B 335 -11.15 -13.53 -37.23
N SER B 336 -11.04 -12.81 -36.13
CA SER B 336 -9.88 -11.96 -35.90
C SER B 336 -8.52 -12.66 -36.00
N ASN B 337 -8.50 -13.98 -35.75
CA ASN B 337 -7.30 -14.83 -35.75
C ASN B 337 -7.08 -15.59 -37.07
N MET B 338 -7.75 -15.08 -38.10
CA MET B 338 -7.57 -15.45 -39.49
C MET B 338 -6.16 -15.25 -39.97
N ASP B 339 -5.68 -16.17 -40.78
CA ASP B 339 -4.41 -15.96 -41.47
C ASP B 339 -4.73 -15.21 -42.73
N PRO B 340 -4.25 -13.97 -42.89
CA PRO B 340 -4.60 -13.23 -44.08
C PRO B 340 -4.08 -13.86 -45.36
N TYR B 341 -2.95 -14.57 -45.33
CA TYR B 341 -2.49 -15.32 -46.51
C TYR B 341 -3.54 -16.31 -47.01
N VAL B 342 -4.05 -17.13 -46.08
CA VAL B 342 -5.06 -18.12 -46.39
C VAL B 342 -6.34 -17.47 -46.89
N VAL B 343 -6.95 -16.59 -46.10
CA VAL B 343 -8.24 -15.95 -46.45
C VAL B 343 -8.16 -15.10 -47.73
N THR B 344 -7.09 -14.35 -47.84
CA THR B 344 -6.92 -13.45 -48.93
C THR B 344 -6.82 -14.21 -50.25
N SER B 345 -6.07 -15.31 -50.31
CA SER B 345 -5.92 -15.97 -51.58
C SER B 345 -7.13 -16.82 -51.88
N MET B 346 -7.68 -17.48 -50.86
CA MET B 346 -8.82 -18.39 -51.04
C MET B 346 -10.11 -17.67 -51.52
N ILE B 347 -10.18 -16.36 -51.31
CA ILE B 347 -11.29 -15.55 -51.85
C ILE B 347 -11.03 -15.32 -53.32
N ALA B 348 -9.78 -15.04 -53.69
CA ALA B 348 -9.41 -14.84 -55.08
C ALA B 348 -9.58 -16.13 -55.83
N GLU B 349 -9.44 -17.24 -55.13
CA GLU B 349 -9.48 -18.53 -55.77
C GLU B 349 -10.92 -18.91 -56.02
N THR B 350 -11.77 -18.81 -55.00
CA THR B 350 -13.19 -19.18 -55.12
C THR B 350 -13.94 -18.16 -55.99
N THR B 351 -13.29 -17.06 -56.31
CA THR B 351 -13.93 -15.97 -57.04
C THR B 351 -13.54 -15.85 -58.50
N ILE B 352 -12.30 -16.19 -58.84
CA ILE B 352 -11.81 -16.13 -60.21
C ILE B 352 -11.62 -17.53 -60.82
N VAL B 353 -10.70 -18.33 -60.29
CA VAL B 353 -10.30 -19.61 -60.91
C VAL B 353 -11.40 -20.69 -60.97
N TRP B 354 -12.00 -21.02 -59.84
CA TRP B 354 -13.00 -22.09 -59.72
C TRP B 354 -14.33 -21.78 -60.45
N LYS B 355 -14.98 -22.83 -60.99
CA LYS B 355 -16.34 -22.74 -61.60
C LYS B 355 -17.34 -23.85 -61.19
N CYS C 3 10.05 5.47 -25.54
CA CYS C 3 8.97 4.43 -25.60
C CYS C 3 7.64 4.91 -26.19
N LEU C 4 6.60 5.13 -25.36
CA LEU C 4 5.21 5.25 -25.88
C LEU C 4 4.75 6.61 -26.41
N THR C 5 5.16 7.69 -25.76
CA THR C 5 4.85 9.02 -26.25
C THR C 5 5.76 9.44 -27.41
N ASP C 6 6.82 8.67 -27.65
CA ASP C 6 7.70 8.87 -28.79
C ASP C 6 7.01 8.52 -30.09
N LEU C 7 6.07 7.58 -30.00
CA LEU C 7 5.34 7.08 -31.15
C LEU C 7 4.09 7.91 -31.39
N VAL C 8 3.42 8.28 -30.32
CA VAL C 8 2.22 9.10 -30.41
C VAL C 8 2.56 10.45 -31.02
N ASN C 9 3.79 10.90 -30.81
CA ASN C 9 4.19 12.21 -31.27
C ASN C 9 5.12 12.20 -32.47
N LEU C 10 5.18 11.09 -33.19
CA LEU C 10 5.98 10.98 -34.41
C LEU C 10 5.60 12.03 -35.43
N ASN C 11 6.61 12.62 -36.06
CA ASN C 11 6.35 13.55 -37.16
C ASN C 11 6.26 12.80 -38.48
N LEU C 12 5.06 12.75 -39.05
CA LEU C 12 4.86 11.99 -40.28
C LEU C 12 5.35 12.78 -41.50
N SER C 13 5.43 14.11 -41.33
CA SER C 13 5.85 15.04 -42.39
C SER C 13 7.21 14.67 -43.00
N ASP C 14 8.05 14.05 -42.18
CA ASP C 14 9.38 13.62 -42.60
C ASP C 14 9.33 12.38 -43.47
N THR C 15 8.19 11.69 -43.46
CA THR C 15 8.13 10.37 -44.11
C THR C 15 7.16 10.21 -45.29
N THR C 16 5.90 10.65 -45.17
CA THR C 16 5.01 10.81 -46.36
C THR C 16 4.20 12.11 -46.35
N GLU C 17 3.38 12.24 -47.39
CA GLU C 17 2.48 13.37 -47.54
C GLU C 17 1.14 13.09 -46.86
N LYS C 18 0.87 11.82 -46.60
CA LYS C 18 -0.42 11.36 -46.05
C LYS C 18 -0.89 12.07 -44.77
N ILE C 19 -2.21 12.08 -44.60
CA ILE C 19 -2.89 12.85 -43.58
C ILE C 19 -3.89 12.00 -42.80
N ILE C 20 -4.03 12.28 -41.52
CA ILE C 20 -5.04 11.63 -40.74
C ILE C 20 -6.20 12.60 -40.45
N ALA C 21 -7.38 12.19 -40.92
CA ALA C 21 -8.59 12.90 -40.66
C ALA C 21 -9.44 12.15 -39.65
N GLU C 22 -9.81 12.85 -38.57
CA GLU C 22 -10.61 12.34 -37.48
C GLU C 22 -12.04 12.87 -37.61
N TYR C 23 -12.93 12.05 -38.14
CA TYR C 23 -14.28 12.47 -38.41
C TYR C 23 -15.12 12.44 -37.15
N ILE C 24 -15.61 13.59 -36.72
CA ILE C 24 -16.39 13.69 -35.49
C ILE C 24 -17.86 13.76 -35.78
N TRP C 25 -18.69 13.04 -35.05
CA TRP C 25 -20.13 13.30 -35.08
C TRP C 25 -20.87 13.24 -33.73
N ILE C 26 -22.17 13.52 -33.78
CA ILE C 26 -23.04 13.41 -32.63
C ILE C 26 -23.93 12.20 -32.75
N GLY C 27 -24.05 11.46 -31.66
CA GLY C 27 -24.68 10.16 -31.67
C GLY C 27 -26.12 10.16 -31.22
N GLY C 28 -26.66 8.96 -31.05
CA GLY C 28 -28.08 8.76 -30.80
C GLY C 28 -28.72 9.46 -29.63
N SER C 29 -27.97 9.70 -28.56
CA SER C 29 -28.50 10.41 -27.41
C SER C 29 -28.61 11.91 -27.68
N GLY C 30 -27.88 12.40 -28.68
CA GLY C 30 -27.83 13.82 -29.04
C GLY C 30 -26.91 14.60 -28.13
N MET C 31 -26.25 13.88 -27.23
CA MET C 31 -25.34 14.47 -26.27
C MET C 31 -24.02 13.68 -26.15
N ASP C 32 -23.86 12.67 -27.00
CA ASP C 32 -22.66 11.84 -27.01
C ASP C 32 -21.80 11.99 -28.25
N LEU C 33 -20.60 12.51 -28.12
CA LEU C 33 -19.72 12.63 -29.27
C LEU C 33 -19.04 11.31 -29.61
N ARG C 34 -18.91 11.06 -30.90
CA ARG C 34 -18.23 9.86 -31.42
C ARG C 34 -17.23 10.25 -32.53
N SER C 35 -16.11 9.51 -32.65
CA SER C 35 -15.18 9.78 -33.75
C SER C 35 -14.45 8.54 -34.21
N LYS C 36 -13.98 8.58 -35.44
CA LYS C 36 -13.06 7.59 -35.99
C LYS C 36 -12.20 8.26 -37.06
N ALA C 37 -11.14 7.60 -37.47
CA ALA C 37 -10.11 8.22 -38.30
C ALA C 37 -9.75 7.45 -39.56
N ARG C 38 -9.46 8.21 -40.62
CA ARG C 38 -9.06 7.65 -41.91
C ARG C 38 -7.86 8.35 -42.46
N THR C 39 -7.13 7.64 -43.31
CA THR C 39 -5.95 8.19 -43.96
C THR C 39 -6.34 8.80 -45.29
N LEU C 40 -5.94 10.04 -45.50
CA LEU C 40 -6.23 10.76 -46.73
C LEU C 40 -4.93 11.05 -47.45
N PRO C 41 -4.94 11.11 -48.82
CA PRO C 41 -3.68 11.07 -49.57
C PRO C 41 -2.78 12.31 -49.45
N GLY C 42 -3.36 13.47 -49.11
CA GLY C 42 -2.59 14.69 -48.88
C GLY C 42 -3.42 15.66 -48.05
N PRO C 43 -2.85 16.84 -47.72
CA PRO C 43 -3.52 17.83 -46.85
C PRO C 43 -4.83 18.28 -47.48
N VAL C 44 -5.76 18.78 -46.67
CA VAL C 44 -7.00 19.39 -47.20
C VAL C 44 -7.40 20.61 -46.37
N THR C 45 -7.84 21.71 -47.02
CA THR C 45 -8.31 22.90 -46.31
C THR C 45 -9.75 23.20 -46.57
N ASP C 46 -10.29 22.65 -47.65
CA ASP C 46 -11.69 22.90 -47.96
C ASP C 46 -12.59 21.70 -47.62
N PRO C 47 -13.55 21.88 -46.68
CA PRO C 47 -14.52 20.89 -46.26
C PRO C 47 -15.15 20.11 -47.43
N SER C 48 -15.40 20.77 -48.55
CA SER C 48 -16.14 20.13 -49.66
C SER C 48 -15.22 19.36 -50.58
N LYS C 49 -13.95 19.32 -50.22
CA LYS C 49 -13.02 18.50 -50.97
C LYS C 49 -12.65 17.19 -50.22
N LEU C 50 -13.27 17.00 -49.05
CA LEU C 50 -13.14 15.76 -48.26
C LEU C 50 -14.23 14.80 -48.67
N PRO C 51 -13.90 13.50 -48.81
CA PRO C 51 -14.90 12.49 -49.11
C PRO C 51 -15.94 12.40 -48.03
N LYS C 52 -17.17 12.05 -48.40
CA LYS C 52 -18.18 11.73 -47.43
C LYS C 52 -17.87 10.32 -46.97
N TRP C 53 -18.36 9.93 -45.81
CA TRP C 53 -18.00 8.66 -45.21
C TRP C 53 -19.27 8.11 -44.55
N ASN C 54 -19.18 6.88 -44.02
CA ASN C 54 -20.24 6.22 -43.24
C ASN C 54 -19.75 5.67 -41.91
N TYR C 55 -20.67 5.33 -41.03
CA TYR C 55 -20.36 4.59 -39.81
C TYR C 55 -21.43 3.57 -39.49
N ASP C 56 -21.28 2.85 -38.38
CA ASP C 56 -22.26 1.83 -38.02
C ASP C 56 -23.30 2.45 -37.17
N GLY C 57 -24.38 2.86 -37.80
CA GLY C 57 -25.46 3.50 -37.12
C GLY C 57 -26.09 2.62 -36.08
N SER C 58 -25.94 1.30 -36.23
CA SER C 58 -26.57 0.37 -35.29
C SER C 58 -25.88 0.32 -33.91
N SER C 59 -24.67 0.85 -33.82
CA SER C 59 -23.91 0.85 -32.59
C SER C 59 -23.91 2.19 -31.87
N THR C 60 -24.65 3.15 -32.41
CA THR C 60 -24.81 4.48 -31.81
C THR C 60 -26.29 4.81 -31.58
N GLY C 61 -27.13 3.80 -31.76
CA GLY C 61 -28.57 3.94 -31.67
C GLY C 61 -29.15 4.96 -32.63
N GLN C 62 -28.79 4.85 -33.90
CA GLN C 62 -29.25 5.77 -34.94
C GLN C 62 -29.77 5.07 -36.18
N ALA C 63 -29.63 3.72 -36.24
CA ALA C 63 -30.18 2.88 -37.33
C ALA C 63 -30.28 1.42 -36.89
N PRO C 64 -31.20 0.65 -37.48
CA PRO C 64 -31.25 -0.79 -37.27
C PRO C 64 -30.05 -1.57 -37.86
N GLY C 65 -29.88 -2.81 -37.43
CA GLY C 65 -28.77 -3.63 -37.89
C GLY C 65 -28.82 -3.96 -39.36
N GLU C 66 -30.03 -4.25 -39.85
CA GLU C 66 -30.27 -4.67 -41.25
C GLU C 66 -30.19 -3.53 -42.24
N ASP C 67 -30.30 -2.30 -41.77
CA ASP C 67 -30.07 -1.14 -42.59
C ASP C 67 -29.20 -0.24 -41.73
N SER C 68 -27.92 -0.56 -41.65
CA SER C 68 -27.07 0.01 -40.64
C SER C 68 -26.32 1.28 -41.04
N GLU C 69 -26.16 1.54 -42.32
CA GLU C 69 -25.31 2.65 -42.76
C GLU C 69 -25.90 4.04 -42.52
N VAL C 70 -25.09 4.93 -41.94
CA VAL C 70 -25.42 6.35 -41.78
C VAL C 70 -24.27 7.16 -42.36
N ILE C 71 -24.58 8.25 -43.05
CA ILE C 71 -23.60 8.95 -43.87
C ILE C 71 -23.09 10.24 -43.22
N LEU C 72 -21.79 10.49 -43.38
CA LEU C 72 -21.12 11.60 -42.74
C LEU C 72 -20.73 12.69 -43.72
N TYR C 73 -21.28 13.90 -43.52
CA TYR C 73 -21.00 15.03 -44.38
C TYR C 73 -20.01 15.91 -43.68
N PRO C 74 -18.81 16.06 -44.24
CA PRO C 74 -17.80 16.96 -43.68
C PRO C 74 -18.29 18.38 -43.72
N GLN C 75 -18.31 19.07 -42.58
CA GLN C 75 -18.76 20.46 -42.54
C GLN C 75 -17.71 21.50 -42.15
N ALA C 76 -16.87 21.18 -41.19
CA ALA C 76 -15.83 22.12 -40.81
C ALA C 76 -14.51 21.40 -40.59
N ILE C 77 -13.39 22.08 -40.84
CA ILE C 77 -12.10 21.48 -40.66
C ILE C 77 -11.34 22.28 -39.64
N PHE C 78 -10.71 21.59 -38.68
CA PHE C 78 -9.81 22.20 -37.69
C PHE C 78 -8.54 21.38 -37.62
N LYS C 79 -7.47 21.98 -37.12
CA LYS C 79 -6.21 21.24 -36.95
C LYS C 79 -6.30 20.32 -35.74
N ASP C 80 -5.81 19.09 -35.84
CA ASP C 80 -5.82 18.14 -34.71
C ASP C 80 -4.68 18.46 -33.74
N PRO C 81 -5.04 18.90 -32.52
CA PRO C 81 -4.03 19.24 -31.55
C PRO C 81 -3.36 18.01 -30.92
N PHE C 82 -3.99 16.85 -31.06
CA PHE C 82 -3.43 15.64 -30.50
C PHE C 82 -2.42 15.05 -31.47
N ARG C 83 -2.84 14.83 -32.72
CA ARG C 83 -1.97 14.21 -33.72
C ARG C 83 -0.98 15.16 -34.33
N ARG C 84 -1.31 16.45 -34.25
CA ARG C 84 -0.46 17.53 -34.76
C ARG C 84 -0.01 17.39 -36.23
N GLY C 85 1.06 18.09 -36.62
CA GLY C 85 1.42 18.19 -38.03
C GLY C 85 0.24 18.62 -38.89
N ASN C 86 0.07 17.96 -40.04
CA ASN C 86 -1.00 18.36 -40.95
C ASN C 86 -2.31 17.66 -40.74
N ASN C 87 -2.42 16.89 -39.67
CA ASN C 87 -3.63 16.12 -39.39
C ASN C 87 -4.81 16.95 -38.91
N ILE C 88 -6.03 16.49 -39.18
CA ILE C 88 -7.19 17.34 -38.99
C ILE C 88 -8.32 16.68 -38.23
N LEU C 89 -9.14 17.51 -37.59
CA LEU C 89 -10.42 17.10 -37.06
C LEU C 89 -11.43 17.61 -38.04
N VAL C 90 -12.46 16.82 -38.30
CA VAL C 90 -13.52 17.17 -39.23
C VAL C 90 -14.89 17.06 -38.59
N MET C 91 -15.56 18.18 -38.36
CA MET C 91 -16.87 18.13 -37.77
C MET C 91 -17.95 17.68 -38.77
N CYS C 92 -18.88 16.83 -38.35
CA CYS C 92 -19.77 16.23 -39.31
C CYS C 92 -21.26 16.31 -39.03
N ASP C 93 -22.01 15.92 -40.03
CA ASP C 93 -23.44 16.07 -40.13
C ASP C 93 -23.98 14.69 -40.42
N CYS C 94 -25.21 14.37 -40.00
CA CYS C 94 -25.64 12.98 -40.17
C CYS C 94 -26.85 12.70 -41.06
N TYR C 95 -26.66 11.86 -42.09
CA TYR C 95 -27.67 11.64 -43.14
C TYR C 95 -27.95 10.18 -43.44
N THR C 96 -29.19 9.84 -43.80
CA THR C 96 -29.52 8.49 -44.33
C THR C 96 -28.91 8.37 -45.72
N PRO C 97 -28.78 7.13 -46.23
CA PRO C 97 -28.19 6.97 -47.55
C PRO C 97 -29.03 7.64 -48.65
N ALA C 98 -30.31 7.83 -48.35
CA ALA C 98 -31.23 8.58 -49.21
C ALA C 98 -31.00 10.09 -49.18
N GLY C 99 -30.14 10.58 -48.28
CA GLY C 99 -29.87 12.01 -48.19
C GLY C 99 -30.78 12.79 -47.25
N GLU C 100 -31.57 12.09 -46.47
CA GLU C 100 -32.37 12.72 -45.43
C GLU C 100 -31.53 12.98 -44.19
N PRO C 101 -31.65 14.15 -43.55
CA PRO C 101 -31.01 14.26 -42.24
C PRO C 101 -31.76 13.47 -41.18
N ILE C 102 -31.03 12.63 -40.44
CA ILE C 102 -31.61 11.79 -39.37
C ILE C 102 -32.10 12.61 -38.17
N PRO C 103 -33.12 12.09 -37.45
CA PRO C 103 -33.81 12.88 -36.42
C PRO C 103 -32.89 13.65 -35.49
N THR C 104 -31.70 13.10 -35.25
CA THR C 104 -30.75 13.65 -34.26
C THR C 104 -29.79 14.69 -34.84
N ASN C 105 -29.95 14.97 -36.13
CA ASN C 105 -29.13 15.98 -36.78
C ASN C 105 -29.79 17.34 -36.66
N LYS C 106 -29.40 18.09 -35.62
CA LYS C 106 -29.98 19.40 -35.36
C LYS C 106 -29.27 20.50 -36.09
N ARG C 107 -28.22 20.15 -36.83
CA ARG C 107 -27.46 21.13 -37.58
C ARG C 107 -28.15 21.51 -38.88
N TYR C 108 -28.75 20.52 -39.54
CA TYR C 108 -29.51 20.77 -40.75
C TYR C 108 -30.53 21.89 -40.55
N SER C 109 -31.46 21.72 -39.62
CA SER C 109 -32.49 22.73 -39.34
C SER C 109 -31.89 24.10 -39.03
N ALA C 110 -30.83 24.10 -38.23
CA ALA C 110 -30.20 25.34 -37.81
C ALA C 110 -29.47 26.00 -38.98
N ALA C 111 -28.97 25.17 -39.89
CA ALA C 111 -28.27 25.69 -41.07
C ALA C 111 -29.27 26.45 -41.93
N LYS C 112 -30.45 25.86 -42.13
CA LYS C 112 -31.53 26.46 -42.90
C LYS C 112 -31.87 27.87 -42.38
N ILE C 113 -31.96 28.03 -41.07
CA ILE C 113 -32.28 29.32 -40.45
C ILE C 113 -31.17 30.39 -40.64
N PHE C 114 -29.92 29.97 -40.61
CA PHE C 114 -28.82 30.90 -40.81
C PHE C 114 -28.52 31.12 -42.30
N SER C 115 -29.12 30.30 -43.16
CA SER C 115 -29.04 30.52 -44.59
C SER C 115 -30.04 31.59 -45.01
N SER C 116 -31.31 31.38 -44.61
CA SER C 116 -32.43 32.32 -44.74
C SER C 116 -31.96 33.81 -44.69
N PRO C 117 -32.30 34.61 -45.76
CA PRO C 117 -31.59 35.86 -46.08
C PRO C 117 -31.79 37.00 -45.10
N GLU C 118 -32.96 37.08 -44.46
CA GLU C 118 -33.18 38.16 -43.49
C GLU C 118 -32.47 37.94 -42.15
N VAL C 119 -32.05 36.70 -41.93
CA VAL C 119 -31.23 36.36 -40.77
C VAL C 119 -29.79 36.63 -41.12
N ALA C 120 -29.32 36.03 -42.24
CA ALA C 120 -27.93 36.19 -42.70
C ALA C 120 -27.52 37.67 -42.77
N ALA C 121 -28.46 38.49 -43.20
CA ALA C 121 -28.29 39.93 -43.32
C ALA C 121 -28.11 40.61 -41.97
N GLU C 122 -28.88 40.15 -40.97
CA GLU C 122 -28.75 40.64 -39.59
C GLU C 122 -27.42 40.22 -38.94
N GLU C 123 -26.79 39.23 -39.57
CA GLU C 123 -25.47 38.71 -39.23
C GLU C 123 -25.31 38.48 -37.70
N PRO C 124 -25.91 37.36 -37.18
CA PRO C 124 -25.93 37.14 -35.74
C PRO C 124 -24.60 36.62 -35.22
N TRP C 125 -24.33 36.99 -33.97
CA TRP C 125 -23.08 36.72 -33.32
C TRP C 125 -23.35 36.05 -32.01
N TYR C 126 -22.76 34.88 -31.79
CA TYR C 126 -22.88 34.25 -30.49
C TYR C 126 -21.55 34.10 -29.81
N GLY C 127 -21.54 34.42 -28.52
CA GLY C 127 -20.47 34.01 -27.63
C GLY C 127 -21.11 33.12 -26.58
N ILE C 128 -20.68 31.86 -26.53
CA ILE C 128 -21.30 30.93 -25.58
C ILE C 128 -20.31 30.49 -24.51
N GLU C 129 -20.77 30.47 -23.25
CA GLU C 129 -19.93 30.17 -22.09
C GLU C 129 -20.28 28.80 -21.61
N GLN C 130 -19.42 27.84 -21.93
CA GLN C 130 -19.57 26.45 -21.50
C GLN C 130 -19.03 26.29 -20.10
N GLU C 131 -19.89 25.90 -19.17
CA GLU C 131 -19.42 25.47 -17.85
C GLU C 131 -19.45 23.94 -17.86
N TYR C 132 -18.65 23.29 -17.02
CA TYR C 132 -18.63 21.84 -16.94
C TYR C 132 -18.01 21.50 -15.61
N THR C 133 -18.18 20.27 -15.15
CA THR C 133 -17.59 19.85 -13.86
C THR C 133 -16.70 18.63 -14.08
N LEU C 134 -15.55 18.59 -13.39
CA LEU C 134 -14.63 17.48 -13.50
C LEU C 134 -14.84 16.45 -12.41
N LEU C 135 -14.75 15.17 -12.74
CA LEU C 135 -15.07 14.11 -11.81
C LEU C 135 -14.01 13.03 -11.78
N GLN C 136 -13.82 12.41 -10.61
CA GLN C 136 -12.91 11.28 -10.47
C GLN C 136 -13.52 10.08 -11.19
N LYS C 137 -12.68 9.32 -11.90
CA LYS C 137 -13.14 8.13 -12.62
C LYS C 137 -13.61 7.08 -11.61
N ASP C 138 -14.75 6.44 -11.91
CA ASP C 138 -15.25 5.28 -11.14
C ASP C 138 -16.10 5.70 -9.94
N THR C 139 -15.56 6.53 -9.06
CA THR C 139 -16.33 7.00 -7.88
C THR C 139 -17.32 8.06 -8.29
N ASN C 140 -17.02 8.77 -9.37
CA ASN C 140 -17.88 9.81 -9.95
C ASN C 140 -18.16 11.01 -9.05
N TRP C 141 -17.18 11.31 -8.22
CA TRP C 141 -17.24 12.41 -7.27
C TRP C 141 -16.31 13.50 -7.81
N PRO C 142 -16.72 14.78 -7.66
CA PRO C 142 -16.01 15.91 -8.21
C PRO C 142 -14.51 15.89 -7.94
N LEU C 143 -13.73 16.43 -8.87
CA LEU C 143 -12.27 16.42 -8.75
C LEU C 143 -11.80 17.25 -7.58
N GLY C 144 -10.89 16.71 -6.76
CA GLY C 144 -10.36 17.45 -5.60
C GLY C 144 -11.25 17.45 -4.37
N TRP C 145 -12.43 16.83 -4.47
CA TRP C 145 -13.26 16.51 -3.33
C TRP C 145 -12.81 15.20 -2.67
N PRO C 146 -12.86 15.12 -1.35
CA PRO C 146 -12.58 13.84 -0.71
C PRO C 146 -13.77 12.92 -0.86
N ILE C 147 -13.52 11.61 -0.87
CA ILE C 147 -14.59 10.67 -1.20
C ILE C 147 -15.55 10.55 -0.05
N GLY C 148 -16.84 10.63 -0.38
CA GLY C 148 -17.94 10.67 0.60
C GLY C 148 -17.83 11.83 1.56
N GLY C 149 -17.56 13.00 1.02
CA GLY C 149 -17.26 14.19 1.83
C GLY C 149 -17.13 15.40 0.94
N PHE C 150 -17.01 16.57 1.53
CA PHE C 150 -17.10 17.81 0.77
C PHE C 150 -15.89 18.64 1.08
N PRO C 151 -15.52 19.56 0.19
CA PRO C 151 -14.53 20.56 0.58
C PRO C 151 -15.18 21.70 1.34
N GLY C 152 -14.37 22.68 1.70
CA GLY C 152 -14.89 23.88 2.33
C GLY C 152 -16.03 24.48 1.52
N PRO C 153 -16.88 25.33 2.15
CA PRO C 153 -18.05 25.82 1.41
C PRO C 153 -17.59 26.77 0.35
N GLN C 154 -18.45 26.93 -0.67
CA GLN C 154 -18.21 27.84 -1.80
C GLN C 154 -17.75 29.22 -1.38
N GLY C 155 -16.91 29.84 -2.21
CA GLY C 155 -16.38 31.14 -1.85
C GLY C 155 -14.98 31.41 -2.36
N PRO C 156 -13.98 30.62 -1.90
CA PRO C 156 -12.59 30.81 -2.40
C PRO C 156 -12.27 30.27 -3.81
N TYR C 157 -13.22 29.55 -4.43
CA TYR C 157 -12.95 28.73 -5.60
C TYR C 157 -13.01 29.45 -6.93
N TYR C 158 -14.04 30.28 -7.13
CA TYR C 158 -14.19 31.15 -8.31
C TYR C 158 -12.92 31.92 -8.66
N CYS C 159 -12.32 31.59 -9.81
CA CYS C 159 -11.09 32.24 -10.32
C CYS C 159 -9.90 32.13 -9.36
N GLY C 160 -9.93 31.15 -8.46
CA GLY C 160 -8.93 31.05 -7.42
C GLY C 160 -7.65 30.47 -7.94
N ILE C 161 -6.66 30.44 -7.05
CA ILE C 161 -5.36 29.84 -7.33
C ILE C 161 -4.87 29.17 -6.06
N GLY C 162 -4.07 28.11 -6.24
CA GLY C 162 -3.49 27.37 -5.12
C GLY C 162 -3.93 25.92 -5.09
N ALA C 163 -3.13 25.05 -4.45
CA ALA C 163 -3.44 23.62 -4.45
C ALA C 163 -4.73 23.26 -3.70
N GLU C 164 -5.14 24.11 -2.75
CA GLU C 164 -6.36 23.83 -2.01
C GLU C 164 -7.61 24.37 -2.65
N LYS C 165 -7.44 25.24 -3.64
CA LYS C 165 -8.57 25.92 -4.25
C LYS C 165 -8.86 25.50 -5.70
N SER C 166 -7.88 25.00 -6.41
CA SER C 166 -7.95 25.00 -7.86
C SER C 166 -7.63 23.66 -8.45
N PHE C 167 -8.68 22.90 -8.76
CA PHE C 167 -8.49 21.51 -9.18
C PHE C 167 -8.55 21.27 -10.68
N GLY C 168 -7.44 20.81 -11.24
CA GLY C 168 -7.35 20.43 -12.64
C GLY C 168 -7.14 21.55 -13.64
N ARG C 169 -6.34 22.57 -13.24
CA ARG C 169 -5.97 23.68 -14.14
C ARG C 169 -5.20 23.13 -15.32
N ASP C 170 -4.36 22.14 -15.05
CA ASP C 170 -3.80 21.31 -16.09
C ASP C 170 -4.68 21.10 -17.30
N ILE C 171 -5.82 20.48 -17.05
CA ILE C 171 -6.75 20.13 -18.08
C ILE C 171 -7.21 21.40 -18.79
N VAL C 172 -7.62 22.37 -18.00
CA VAL C 172 -8.13 23.63 -18.54
C VAL C 172 -7.13 24.34 -19.44
N ASP C 173 -5.95 24.70 -18.90
CA ASP C 173 -4.89 25.36 -19.65
C ASP C 173 -4.52 24.63 -20.93
N ALA C 174 -4.46 23.31 -20.87
CA ALA C 174 -4.22 22.49 -22.05
C ALA C 174 -5.30 22.69 -23.11
N HIS C 175 -6.54 22.68 -22.70
CA HIS C 175 -7.64 22.78 -23.61
C HIS C 175 -7.66 24.13 -24.28
N TYR C 176 -7.40 25.17 -23.52
CA TYR C 176 -7.26 26.50 -24.07
C TYR C 176 -6.30 26.48 -25.25
N LYS C 177 -5.05 26.10 -25.04
CA LYS C 177 -4.07 26.08 -26.14
C LYS C 177 -4.51 25.19 -27.31
N ALA C 178 -4.93 23.97 -27.00
CA ALA C 178 -5.43 23.02 -27.99
C ALA C 178 -6.43 23.70 -28.91
N CYS C 179 -7.50 24.23 -28.34
CA CYS C 179 -8.53 24.92 -29.11
C CYS C 179 -7.99 26.03 -30.02
N LEU C 180 -7.15 26.91 -29.47
CA LEU C 180 -6.49 27.96 -30.21
C LEU C 180 -5.69 27.43 -31.36
N TYR C 181 -4.89 26.40 -31.10
CA TYR C 181 -4.11 25.78 -32.16
C TYR C 181 -5.02 25.19 -33.25
N ALA C 182 -6.05 24.49 -32.80
CA ALA C 182 -7.05 23.93 -33.69
C ALA C 182 -7.67 24.95 -34.64
N GLY C 183 -7.78 26.19 -34.16
CA GLY C 183 -8.47 27.26 -34.87
C GLY C 183 -9.88 27.54 -34.36
N ILE C 184 -10.22 27.04 -33.17
CA ILE C 184 -11.52 27.34 -32.55
C ILE C 184 -11.39 28.76 -32.02
N ASN C 185 -12.38 29.60 -32.30
CA ASN C 185 -12.35 30.92 -31.70
C ASN C 185 -12.71 30.85 -30.21
N ILE C 186 -11.71 30.58 -29.38
CA ILE C 186 -11.94 30.50 -27.94
C ILE C 186 -11.57 31.81 -27.32
N SER C 187 -12.42 32.36 -26.48
CA SER C 187 -12.26 33.74 -26.10
C SER C 187 -11.70 33.95 -24.70
N GLY C 188 -11.78 32.90 -23.90
CA GLY C 188 -11.32 32.98 -22.52
C GLY C 188 -11.80 31.79 -21.70
N ILE C 189 -11.19 31.68 -20.51
CA ILE C 189 -11.46 30.59 -19.57
C ILE C 189 -11.62 31.20 -18.19
N ASN C 190 -12.11 30.45 -17.22
CA ASN C 190 -12.09 30.86 -15.80
C ASN C 190 -12.52 29.73 -14.83
N GLY C 191 -11.89 29.69 -13.64
CA GLY C 191 -12.33 28.81 -12.55
C GLY C 191 -13.74 29.16 -12.14
N GLU C 192 -14.64 28.18 -12.02
CA GLU C 192 -16.01 28.49 -11.58
C GLU C 192 -16.23 28.44 -10.07
N VAL C 193 -17.47 28.71 -9.66
CA VAL C 193 -17.80 28.92 -8.25
C VAL C 193 -17.67 27.65 -7.40
N MET C 194 -18.13 26.54 -7.98
CA MET C 194 -18.07 25.23 -7.35
C MET C 194 -16.72 24.54 -7.56
N PRO C 195 -16.05 24.13 -6.48
CA PRO C 195 -14.70 23.59 -6.61
C PRO C 195 -14.77 22.42 -7.55
N GLY C 196 -13.89 22.42 -8.55
CA GLY C 196 -13.91 21.40 -9.60
C GLY C 196 -14.71 21.73 -10.86
N GLN C 197 -15.28 22.93 -10.89
CA GLN C 197 -16.07 23.42 -12.01
C GLN C 197 -15.31 24.51 -12.76
N TRP C 198 -15.44 24.48 -14.07
CA TRP C 198 -14.66 25.37 -14.93
C TRP C 198 -15.48 25.89 -16.11
N GLU C 199 -14.91 26.85 -16.83
CA GLU C 199 -15.59 27.51 -17.91
C GLU C 199 -14.64 27.79 -19.04
N PHE C 200 -15.16 27.75 -20.27
CA PHE C 200 -14.50 28.38 -21.41
C PHE C 200 -15.59 29.04 -22.24
N GLN C 201 -15.23 30.13 -22.93
CA GLN C 201 -16.17 30.80 -23.83
C GLN C 201 -15.69 30.70 -25.27
N VAL C 202 -16.57 30.23 -26.15
CA VAL C 202 -16.27 30.28 -27.58
C VAL C 202 -16.76 31.62 -28.14
N GLY C 203 -15.74 32.49 -28.33
CA GLY C 203 -15.82 33.95 -28.58
C GLY C 203 -16.66 34.30 -29.78
N PRO C 204 -16.91 35.60 -30.00
CA PRO C 204 -18.02 35.95 -30.92
C PRO C 204 -17.92 35.20 -32.28
N SER C 205 -18.85 34.30 -32.55
CA SER C 205 -18.83 33.51 -33.78
C SER C 205 -20.18 33.57 -34.47
N VAL C 206 -20.15 33.55 -35.80
CA VAL C 206 -21.34 33.92 -36.59
C VAL C 206 -22.16 32.72 -37.04
N GLY C 207 -23.42 32.70 -36.64
CA GLY C 207 -24.36 31.69 -37.15
C GLY C 207 -23.96 30.25 -36.94
N ILE C 208 -24.04 29.46 -38.00
CA ILE C 208 -23.78 28.05 -37.86
C ILE C 208 -22.45 27.77 -37.17
N SER C 209 -21.39 28.45 -37.57
CA SER C 209 -20.04 28.14 -37.05
C SER C 209 -19.95 28.19 -35.52
N SER C 210 -20.87 28.87 -34.86
CA SER C 210 -20.87 28.83 -33.41
C SER C 210 -21.15 27.40 -32.94
N GLY C 211 -22.30 26.83 -33.31
CA GLY C 211 -22.64 25.43 -33.00
C GLY C 211 -21.52 24.45 -33.35
N ASP C 212 -20.93 24.62 -34.53
CA ASP C 212 -19.83 23.79 -34.96
C ASP C 212 -18.65 23.89 -34.02
N GLN C 213 -18.26 25.10 -33.65
CA GLN C 213 -17.09 25.29 -32.80
C GLN C 213 -17.30 24.74 -31.40
N VAL C 214 -18.46 25.02 -30.82
CA VAL C 214 -18.76 24.56 -29.48
C VAL C 214 -18.73 23.04 -29.38
N TRP C 215 -19.32 22.31 -30.33
CA TRP C 215 -19.18 20.85 -30.35
C TRP C 215 -17.73 20.37 -30.43
N VAL C 216 -16.94 20.90 -31.36
CA VAL C 216 -15.53 20.52 -31.48
C VAL C 216 -14.71 20.90 -30.27
N ALA C 217 -15.10 21.97 -29.58
CA ALA C 217 -14.42 22.37 -28.38
C ALA C 217 -14.71 21.33 -27.31
N ARG C 218 -15.96 20.90 -27.21
CA ARG C 218 -16.34 19.86 -26.28
C ARG C 218 -15.66 18.53 -26.55
N TYR C 219 -15.46 18.23 -27.83
CA TYR C 219 -14.77 17.04 -28.23
C TYR C 219 -13.36 17.08 -27.67
N ILE C 220 -12.68 18.19 -27.91
CA ILE C 220 -11.32 18.40 -27.46
C ILE C 220 -11.18 18.39 -25.91
N LEU C 221 -12.16 18.95 -25.22
CA LEU C 221 -12.18 18.90 -23.76
C LEU C 221 -12.20 17.47 -23.29
N GLU C 222 -13.15 16.69 -23.77
CA GLU C 222 -13.32 15.33 -23.32
C GLU C 222 -12.13 14.45 -23.67
N ARG C 223 -11.57 14.64 -24.86
CA ARG C 223 -10.38 13.91 -25.26
C ARG C 223 -9.23 14.21 -24.34
N ILE C 224 -9.20 15.44 -23.81
CA ILE C 224 -8.12 15.82 -22.92
C ILE C 224 -8.33 15.15 -21.58
N THR C 225 -9.57 15.19 -21.06
CA THR C 225 -9.88 14.50 -19.80
C THR C 225 -9.54 13.01 -19.92
N GLU C 226 -9.92 12.39 -21.04
CA GLU C 226 -9.53 11.04 -21.30
C GLU C 226 -8.05 10.80 -20.99
N ILE C 227 -7.19 11.73 -21.42
CA ILE C 227 -5.75 11.60 -21.20
C ILE C 227 -5.39 11.66 -19.73
N ALA C 228 -6.09 12.52 -19.03
CA ALA C 228 -5.84 12.71 -17.61
C ALA C 228 -6.48 11.64 -16.74
N GLY C 229 -7.34 10.81 -17.30
CA GLY C 229 -8.05 9.81 -16.53
C GLY C 229 -9.05 10.43 -15.56
N VAL C 230 -9.81 11.38 -16.09
CA VAL C 230 -10.75 12.15 -15.34
C VAL C 230 -12.05 12.15 -16.15
N VAL C 231 -13.20 12.24 -15.52
CA VAL C 231 -14.47 12.28 -16.27
C VAL C 231 -15.06 13.70 -16.29
N VAL C 232 -15.68 14.12 -17.41
CA VAL C 232 -16.45 15.38 -17.49
C VAL C 232 -17.95 15.14 -17.44
N THR C 233 -18.71 16.00 -16.77
CA THR C 233 -20.17 16.02 -17.03
C THR C 233 -20.58 17.35 -17.47
N PHE C 234 -21.57 17.34 -18.36
CA PHE C 234 -22.24 18.56 -18.74
C PHE C 234 -23.58 18.61 -18.03
N ASP C 235 -23.74 17.77 -17.02
CA ASP C 235 -24.97 17.77 -16.26
C ASP C 235 -25.17 19.08 -15.51
N PRO C 236 -26.33 19.70 -15.71
CA PRO C 236 -26.64 21.04 -15.26
C PRO C 236 -26.55 21.25 -13.77
N LYS C 237 -26.73 20.20 -12.98
CA LYS C 237 -26.60 20.30 -11.53
C LYS C 237 -26.12 18.98 -11.01
N PRO C 238 -24.78 18.80 -10.95
CA PRO C 238 -24.21 17.48 -10.76
C PRO C 238 -24.23 17.04 -9.29
N ILE C 239 -24.05 17.98 -8.39
CA ILE C 239 -24.13 17.70 -6.96
C ILE C 239 -25.28 18.48 -6.39
N PRO C 240 -26.20 17.80 -5.71
CA PRO C 240 -27.36 18.48 -5.11
C PRO C 240 -26.96 19.32 -3.91
N GLY C 241 -27.84 20.24 -3.50
CA GLY C 241 -27.60 21.04 -2.31
C GLY C 241 -26.99 22.41 -2.59
N ASP C 242 -26.06 22.81 -1.71
CA ASP C 242 -25.49 24.16 -1.70
C ASP C 242 -24.21 24.24 -2.53
N TRP C 243 -24.35 23.94 -3.82
CA TRP C 243 -23.28 24.01 -4.82
C TRP C 243 -23.84 24.42 -6.17
N ASN C 244 -23.10 25.28 -6.88
CA ASN C 244 -23.53 25.78 -8.19
C ASN C 244 -23.85 24.71 -9.23
N GLY C 245 -24.86 24.98 -10.04
CA GLY C 245 -25.07 24.19 -11.22
C GLY C 245 -24.22 24.70 -12.35
N ALA C 246 -24.40 24.15 -13.54
CA ALA C 246 -23.62 24.58 -14.69
C ALA C 246 -24.54 24.90 -15.84
N GLY C 247 -24.32 26.07 -16.40
CA GLY C 247 -25.04 26.51 -17.58
C GLY C 247 -24.19 26.77 -18.81
N ALA C 248 -24.85 26.94 -19.93
CA ALA C 248 -24.18 27.34 -21.14
C ALA C 248 -24.71 28.71 -21.58
N HIS C 249 -24.44 29.75 -20.78
CA HIS C 249 -24.94 31.09 -21.09
C HIS C 249 -24.63 31.38 -22.55
N THR C 250 -25.65 31.85 -23.27
CA THR C 250 -25.46 32.33 -24.64
C THR C 250 -25.57 33.84 -24.72
N ASN C 251 -24.46 34.48 -25.10
CA ASN C 251 -24.48 35.89 -25.40
C ASN C 251 -24.76 36.08 -26.89
N TYR C 252 -25.45 37.17 -27.22
CA TYR C 252 -26.05 37.36 -28.55
C TYR C 252 -26.10 38.81 -28.98
N SER C 253 -25.85 39.04 -30.26
CA SER C 253 -26.03 40.36 -30.88
C SER C 253 -26.29 40.26 -32.42
N THR C 254 -27.04 41.24 -32.94
CA THR C 254 -27.25 41.37 -34.39
C THR C 254 -26.62 42.66 -34.87
N GLU C 255 -26.42 42.74 -36.18
CA GLU C 255 -25.90 43.95 -36.86
C GLU C 255 -26.48 45.23 -36.24
N SER C 256 -27.81 45.32 -36.24
CA SER C 256 -28.53 46.46 -35.69
C SER C 256 -28.33 46.68 -34.17
N MET C 257 -27.96 45.63 -33.45
CA MET C 257 -27.82 45.72 -31.99
C MET C 257 -26.51 46.33 -31.57
N ARG C 258 -25.47 46.17 -32.39
CA ARG C 258 -24.13 46.68 -32.06
C ARG C 258 -23.81 48.02 -32.73
N LYS C 259 -24.73 48.46 -33.59
CA LYS C 259 -24.69 49.80 -34.19
C LYS C 259 -25.41 50.81 -33.28
N GLU C 260 -25.45 52.09 -33.68
CA GLU C 260 -26.01 53.16 -32.86
C GLU C 260 -27.45 52.91 -32.44
N GLY C 261 -27.73 53.16 -31.17
CA GLY C 261 -29.05 52.89 -30.61
C GLY C 261 -29.53 51.47 -30.86
N GLY C 262 -28.63 50.51 -30.60
CA GLY C 262 -28.97 49.08 -30.60
C GLY C 262 -29.68 48.65 -29.32
N TYR C 263 -29.49 49.41 -28.25
CA TYR C 263 -30.09 49.12 -26.94
C TYR C 263 -31.62 49.09 -26.98
N GLU C 264 -32.21 49.71 -27.99
CA GLU C 264 -33.67 49.67 -28.17
C GLU C 264 -34.05 48.34 -28.81
N VAL C 265 -33.19 47.89 -29.74
CA VAL C 265 -33.40 46.63 -30.44
C VAL C 265 -33.20 45.46 -29.49
N ILE C 266 -32.29 45.66 -28.53
CA ILE C 266 -32.05 44.71 -27.43
C ILE C 266 -33.32 44.51 -26.56
N LYS C 267 -33.88 45.60 -26.04
CA LYS C 267 -35.11 45.53 -25.26
C LYS C 267 -36.22 44.87 -26.04
N ALA C 268 -36.32 45.24 -27.31
CA ALA C 268 -37.29 44.67 -28.25
C ALA C 268 -37.14 43.15 -28.37
N ALA C 269 -35.89 42.71 -28.45
CA ALA C 269 -35.55 41.30 -28.53
C ALA C 269 -35.92 40.56 -27.25
N ILE C 270 -35.45 41.08 -26.11
CA ILE C 270 -35.77 40.51 -24.79
C ILE C 270 -37.28 40.32 -24.60
N GLU C 271 -38.03 41.33 -25.06
CA GLU C 271 -39.49 41.31 -25.02
C GLU C 271 -40.08 40.08 -25.71
N LYS C 272 -39.61 39.80 -26.93
CA LYS C 272 -40.06 38.66 -27.71
C LYS C 272 -39.71 37.36 -26.98
N LEU C 273 -38.52 37.36 -26.39
CA LEU C 273 -37.99 36.21 -25.67
C LEU C 273 -38.85 35.86 -24.45
N LYS C 274 -39.32 36.89 -23.74
CA LYS C 274 -40.24 36.68 -22.62
C LYS C 274 -41.50 35.91 -23.05
N LEU C 275 -42.00 36.20 -24.24
CA LEU C 275 -43.23 35.57 -24.69
C LEU C 275 -43.04 34.10 -24.99
N ARG C 276 -41.83 33.74 -25.37
CA ARG C 276 -41.57 32.35 -25.79
C ARG C 276 -40.69 31.58 -24.82
N HIS C 277 -40.55 32.14 -23.61
CA HIS C 277 -39.82 31.51 -22.50
C HIS C 277 -40.25 30.04 -22.35
N LYS C 278 -41.56 29.80 -22.26
CA LYS C 278 -42.10 28.46 -22.10
C LYS C 278 -41.44 27.47 -23.05
N GLU C 279 -41.44 27.82 -24.35
CA GLU C 279 -41.03 26.89 -25.41
C GLU C 279 -39.52 26.87 -25.66
N HIS C 280 -38.84 27.88 -25.13
CA HIS C 280 -37.39 27.90 -25.12
C HIS C 280 -36.84 27.00 -24.00
N ILE C 281 -37.39 27.13 -22.80
CA ILE C 281 -37.06 26.24 -21.68
C ILE C 281 -37.12 24.78 -22.09
N ALA C 282 -38.12 24.43 -22.91
CA ALA C 282 -38.32 23.06 -23.44
C ALA C 282 -37.17 22.50 -24.30
N ALA C 283 -36.36 23.39 -24.89
CA ALA C 283 -35.23 22.97 -25.70
C ALA C 283 -33.89 23.34 -25.06
N TYR C 284 -33.93 24.07 -23.97
CA TYR C 284 -32.69 24.50 -23.29
C TYR C 284 -31.92 23.42 -22.51
N GLY C 285 -32.16 22.15 -22.85
CA GLY C 285 -31.43 21.02 -22.27
C GLY C 285 -32.14 20.38 -21.10
N GLU C 286 -32.07 19.05 -21.04
CA GLU C 286 -32.80 18.30 -20.01
C GLU C 286 -32.07 18.23 -18.66
N GLY C 287 -32.85 18.17 -17.59
CA GLY C 287 -32.36 18.21 -16.23
C GLY C 287 -32.39 19.62 -15.67
N ASN C 288 -32.73 20.59 -16.51
CA ASN C 288 -32.60 22.01 -16.13
C ASN C 288 -33.36 22.42 -14.86
N GLU C 289 -34.45 21.69 -14.58
CA GLU C 289 -35.29 21.93 -13.43
C GLU C 289 -34.47 21.89 -12.17
N ARG C 290 -33.43 21.06 -12.15
CA ARG C 290 -32.61 20.92 -10.96
C ARG C 290 -31.63 22.07 -10.81
N ARG C 291 -31.37 22.79 -11.91
CA ARG C 291 -30.43 23.90 -11.88
C ARG C 291 -31.08 25.24 -11.60
N LEU C 292 -32.11 25.56 -12.39
CA LEU C 292 -32.75 26.87 -12.33
C LEU C 292 -33.73 26.92 -11.15
N THR C 293 -33.23 27.44 -10.03
CA THR C 293 -34.00 27.42 -8.81
C THR C 293 -34.13 28.81 -8.27
N GLY C 294 -33.45 29.77 -8.90
CA GLY C 294 -33.48 31.15 -8.44
C GLY C 294 -32.34 31.47 -7.48
N ARG C 295 -31.81 30.43 -6.84
CA ARG C 295 -30.56 30.54 -6.09
C ARG C 295 -29.35 30.18 -6.95
N HIS C 296 -28.16 30.46 -6.44
CA HIS C 296 -26.90 30.11 -7.10
C HIS C 296 -26.71 30.77 -8.47
N GLU C 297 -27.08 32.05 -8.55
CA GLU C 297 -26.92 32.86 -9.77
C GLU C 297 -27.71 32.27 -10.97
N THR C 298 -28.93 31.87 -10.68
CA THR C 298 -29.85 31.47 -11.73
C THR C 298 -31.18 32.17 -11.48
N ALA C 299 -32.06 32.16 -12.48
CA ALA C 299 -33.44 32.59 -12.30
C ALA C 299 -34.32 31.38 -12.25
N ASP C 300 -35.37 31.41 -11.43
CA ASP C 300 -36.37 30.33 -11.34
C ASP C 300 -36.90 29.92 -12.73
N ILE C 301 -37.06 28.61 -12.99
CA ILE C 301 -37.50 28.09 -14.30
C ILE C 301 -38.82 28.68 -14.77
N ASN C 302 -39.71 28.94 -13.81
CA ASN C 302 -41.11 29.35 -14.08
C ASN C 302 -41.31 30.84 -14.36
N THR C 303 -40.50 31.69 -13.75
CA THR C 303 -40.54 33.12 -14.05
C THR C 303 -39.52 33.46 -15.12
N PHE C 304 -39.83 34.49 -15.90
CA PHE C 304 -38.87 35.14 -16.77
C PHE C 304 -38.51 36.48 -16.16
N SER C 305 -37.22 36.85 -16.16
CA SER C 305 -36.82 38.20 -15.73
C SER C 305 -35.62 38.71 -16.52
N TRP C 306 -35.27 39.99 -16.32
CA TRP C 306 -34.05 40.57 -16.87
C TRP C 306 -33.66 41.85 -16.14
N GLY C 307 -32.36 42.03 -15.93
CA GLY C 307 -31.84 43.18 -15.19
C GLY C 307 -30.59 43.68 -15.86
N VAL C 308 -29.91 44.63 -15.23
CA VAL C 308 -28.68 45.11 -15.83
C VAL C 308 -27.44 44.32 -15.34
N ALA C 309 -26.96 44.56 -14.13
CA ALA C 309 -25.82 43.76 -13.67
C ALA C 309 -26.29 42.50 -12.89
N ASN C 310 -27.53 42.07 -13.17
CA ASN C 310 -28.21 41.07 -12.34
C ASN C 310 -28.01 39.64 -12.77
N ARG C 311 -27.21 38.92 -11.99
CA ARG C 311 -26.97 37.47 -12.19
C ARG C 311 -28.10 36.58 -11.67
N GLY C 312 -29.00 37.14 -10.88
CA GLY C 312 -30.23 36.44 -10.51
C GLY C 312 -31.29 36.41 -11.59
N ALA C 313 -31.07 37.14 -12.68
CA ALA C 313 -32.06 37.27 -13.77
C ALA C 313 -31.99 36.18 -14.87
N SER C 314 -33.03 36.10 -15.70
CA SER C 314 -33.07 35.13 -16.79
C SER C 314 -32.25 35.59 -17.98
N VAL C 315 -32.25 36.90 -18.20
CA VAL C 315 -31.40 37.54 -19.18
C VAL C 315 -30.67 38.66 -18.44
N ARG C 316 -29.44 38.93 -18.84
CA ARG C 316 -28.65 40.00 -18.24
C ARG C 316 -28.08 40.87 -19.36
N VAL C 317 -27.99 42.17 -19.13
CA VAL C 317 -27.37 43.08 -20.09
C VAL C 317 -26.28 43.84 -19.40
N GLY C 318 -25.04 43.59 -19.79
CA GLY C 318 -23.85 44.21 -19.16
C GLY C 318 -23.93 45.71 -18.88
N ARG C 319 -23.34 46.12 -17.76
CA ARG C 319 -23.17 47.54 -17.43
C ARG C 319 -22.63 48.30 -18.64
N GLU C 320 -21.59 47.73 -19.25
CA GLU C 320 -20.89 48.28 -20.40
C GLU C 320 -21.74 48.53 -21.65
N THR C 321 -22.58 47.56 -22.04
CA THR C 321 -23.42 47.76 -23.24
C THR C 321 -24.66 48.62 -22.97
N GLU C 322 -24.99 48.85 -21.69
CA GLU C 322 -26.10 49.78 -21.32
C GLU C 322 -25.65 51.23 -21.50
N GLN C 323 -24.53 51.53 -20.87
CA GLN C 323 -23.88 52.82 -20.87
C GLN C 323 -23.44 53.24 -22.28
N ASN C 324 -23.27 52.29 -23.19
CA ASN C 324 -22.84 52.60 -24.57
C ASN C 324 -23.99 52.66 -25.58
N GLY C 325 -25.21 52.42 -25.10
CA GLY C 325 -26.40 52.38 -25.97
C GLY C 325 -26.35 51.33 -27.08
N LYS C 326 -25.31 50.49 -27.06
CA LYS C 326 -25.07 49.38 -28.03
C LYS C 326 -24.24 48.20 -27.45
N GLY C 327 -24.64 46.98 -27.80
CA GLY C 327 -23.89 45.81 -27.35
C GLY C 327 -24.56 44.47 -27.61
N TYR C 328 -24.54 43.60 -26.59
CA TYR C 328 -25.11 42.25 -26.64
C TYR C 328 -25.84 41.99 -25.32
N PHE C 329 -26.69 40.96 -25.30
CA PHE C 329 -27.25 40.49 -24.03
C PHE C 329 -26.95 39.00 -23.83
N GLU C 330 -27.11 38.54 -22.58
CA GLU C 330 -26.70 37.20 -22.15
C GLU C 330 -27.93 36.42 -21.70
N ASP C 331 -28.33 35.41 -22.48
CA ASP C 331 -29.40 34.50 -22.06
C ASP C 331 -28.78 33.45 -21.13
N ARG C 332 -29.11 33.53 -19.84
CA ARG C 332 -28.48 32.65 -18.84
C ARG C 332 -29.22 31.33 -18.64
N ARG C 333 -30.31 31.17 -19.37
CA ARG C 333 -31.20 30.05 -19.16
C ARG C 333 -30.63 28.69 -19.63
N PRO C 334 -29.90 28.65 -20.77
CA PRO C 334 -29.52 27.30 -21.28
C PRO C 334 -28.61 26.54 -20.34
N ALA C 335 -28.91 25.27 -20.13
CA ALA C 335 -28.05 24.41 -19.28
C ALA C 335 -26.79 23.97 -20.02
N SER C 336 -25.79 23.54 -19.25
CA SER C 336 -24.50 23.13 -19.81
C SER C 336 -24.56 22.03 -20.87
N ASN C 337 -25.63 21.23 -20.86
CA ASN C 337 -25.85 20.12 -21.82
C ASN C 337 -26.77 20.49 -23.00
N MET C 338 -26.93 21.80 -23.18
CA MET C 338 -27.56 22.43 -24.33
C MET C 338 -26.91 21.98 -25.64
N ASP C 339 -27.73 21.73 -26.65
CA ASP C 339 -27.23 21.62 -28.02
C ASP C 339 -27.07 23.01 -28.64
N PRO C 340 -25.83 23.43 -28.95
CA PRO C 340 -25.69 24.80 -29.43
C PRO C 340 -26.40 25.03 -30.76
N TYR C 341 -26.49 24.01 -31.62
CA TYR C 341 -27.30 24.14 -32.86
C TYR C 341 -28.75 24.55 -32.59
N VAL C 342 -29.39 23.90 -31.65
CA VAL C 342 -30.77 24.18 -31.28
C VAL C 342 -30.91 25.55 -30.66
N VAL C 343 -30.16 25.83 -29.60
CA VAL C 343 -30.26 27.10 -28.87
C VAL C 343 -29.87 28.32 -29.72
N THR C 344 -28.79 28.16 -30.48
CA THR C 344 -28.20 29.24 -31.28
C THR C 344 -29.16 29.68 -32.39
N SER C 345 -29.80 28.74 -33.07
CA SER C 345 -30.73 29.07 -34.14
C SER C 345 -32.08 29.55 -33.61
N MET C 346 -32.60 28.89 -32.59
CA MET C 346 -33.88 29.25 -31.96
C MET C 346 -33.90 30.65 -31.28
N ILE C 347 -32.72 31.19 -30.97
CA ILE C 347 -32.63 32.59 -30.51
C ILE C 347 -32.74 33.50 -31.72
N ALA C 348 -32.09 33.13 -32.82
CA ALA C 348 -32.16 33.94 -34.02
C ALA C 348 -33.58 33.89 -34.56
N GLU C 349 -34.26 32.79 -34.31
CA GLU C 349 -35.59 32.59 -34.85
C GLU C 349 -36.63 33.38 -34.05
N THR C 350 -36.61 33.25 -32.73
CA THR C 350 -37.53 34.00 -31.88
C THR C 350 -37.21 35.50 -31.86
N THR C 351 -36.07 35.88 -32.43
CA THR C 351 -35.60 37.26 -32.36
C THR C 351 -35.75 38.02 -33.68
N ILE C 352 -35.61 37.34 -34.79
CA ILE C 352 -35.72 37.99 -36.08
C ILE C 352 -37.02 37.60 -36.79
N VAL C 353 -37.14 36.35 -37.24
CA VAL C 353 -38.30 35.90 -38.06
C VAL C 353 -39.71 36.04 -37.45
N TRP C 354 -39.93 35.50 -36.26
CA TRP C 354 -41.24 35.47 -35.60
C TRP C 354 -41.71 36.84 -35.10
N LYS C 355 -43.04 37.06 -35.15
CA LYS C 355 -43.71 38.30 -34.63
C LYS C 355 -44.99 38.03 -33.78
N CYS D 3 5.49 21.49 -16.94
CA CYS D 3 5.26 21.97 -15.53
C CYS D 3 6.51 22.46 -14.74
N LEU D 4 7.02 21.68 -13.77
CA LEU D 4 7.97 22.22 -12.77
C LEU D 4 9.45 22.28 -13.14
N THR D 5 9.95 21.29 -13.86
CA THR D 5 11.33 21.34 -14.32
C THR D 5 11.49 22.21 -15.54
N ASP D 6 10.37 22.64 -16.12
CA ASP D 6 10.36 23.59 -17.25
C ASP D 6 10.78 24.97 -16.79
N LEU D 7 10.42 25.30 -15.55
CA LEU D 7 10.68 26.61 -14.95
C LEU D 7 12.06 26.64 -14.33
N VAL D 8 12.45 25.54 -13.68
CA VAL D 8 13.77 25.44 -13.07
C VAL D 8 14.86 25.56 -14.13
N ASN D 9 14.55 25.10 -15.33
CA ASN D 9 15.51 25.07 -16.41
C ASN D 9 15.33 26.15 -17.48
N LEU D 10 14.54 27.18 -17.19
CA LEU D 10 14.34 28.30 -18.11
C LEU D 10 15.65 28.92 -18.50
N ASN D 11 15.78 29.25 -19.78
CA ASN D 11 16.93 30.00 -20.25
C ASN D 11 16.67 31.50 -20.10
N LEU D 12 17.43 32.15 -19.21
CA LEU D 12 17.24 33.57 -18.97
C LEU D 12 17.93 34.44 -20.03
N SER D 13 18.93 33.85 -20.69
CA SER D 13 19.71 34.48 -21.78
C SER D 13 18.83 35.06 -22.88
N ASP D 14 17.70 34.41 -23.13
CA ASP D 14 16.74 34.86 -24.15
C ASP D 14 15.96 36.10 -23.73
N THR D 15 16.03 36.45 -22.44
CA THR D 15 15.12 37.47 -21.91
C THR D 15 15.80 38.67 -21.26
N THR D 16 16.79 38.46 -20.38
CA THR D 16 17.65 39.58 -19.93
C THR D 16 19.14 39.22 -19.84
N GLU D 17 19.93 40.22 -19.47
CA GLU D 17 21.35 40.07 -19.29
C GLU D 17 21.65 39.67 -17.85
N LYS D 18 20.68 39.89 -16.96
CA LYS D 18 20.84 39.66 -15.52
C LYS D 18 21.36 38.25 -15.18
N ILE D 19 22.00 38.17 -14.02
CA ILE D 19 22.72 36.98 -13.58
C ILE D 19 22.35 36.59 -12.16
N ILE D 20 22.36 35.29 -11.88
CA ILE D 20 22.15 34.86 -10.52
C ILE D 20 23.46 34.36 -9.93
N ALA D 21 23.86 35.03 -8.85
CA ALA D 21 25.01 34.61 -8.08
C ALA D 21 24.58 33.96 -6.77
N GLU D 22 25.07 32.74 -6.55
CA GLU D 22 24.81 31.96 -5.35
C GLU D 22 26.03 32.06 -4.46
N TYR D 23 25.95 32.87 -3.40
CA TYR D 23 27.08 33.06 -2.48
C TYR D 23 27.17 31.94 -1.45
N ILE D 24 28.27 31.18 -1.47
CA ILE D 24 28.42 30.05 -0.59
C ILE D 24 29.34 30.42 0.56
N TRP D 25 28.97 30.08 1.80
CA TRP D 25 29.97 30.12 2.89
C TRP D 25 29.96 28.94 3.87
N ILE D 26 30.93 28.98 4.78
CA ILE D 26 31.00 28.00 5.86
C ILE D 26 30.42 28.62 7.15
N GLY D 27 29.59 27.84 7.83
CA GLY D 27 28.88 28.30 9.01
C GLY D 27 29.49 27.91 10.33
N GLY D 28 28.75 28.20 11.39
CA GLY D 28 29.24 28.13 12.78
C GLY D 28 29.94 26.86 13.24
N SER D 29 29.49 25.69 12.78
CA SER D 29 30.12 24.43 13.19
C SER D 29 31.43 24.21 12.46
N GLY D 30 31.67 24.96 11.39
CA GLY D 30 32.90 24.85 10.59
C GLY D 30 32.86 23.65 9.65
N MET D 31 31.70 22.99 9.62
CA MET D 31 31.46 21.82 8.78
C MET D 31 30.12 21.90 8.01
N ASP D 32 29.45 23.02 8.14
CA ASP D 32 28.11 23.20 7.57
C ASP D 32 28.12 24.29 6.48
N LEU D 33 27.87 23.88 5.23
CA LEU D 33 27.78 24.86 4.15
C LEU D 33 26.45 25.54 4.12
N ARG D 34 26.49 26.83 3.81
CA ARG D 34 25.28 27.65 3.66
C ARG D 34 25.39 28.49 2.41
N SER D 35 24.25 28.77 1.81
CA SER D 35 24.21 29.65 0.64
C SER D 35 22.94 30.48 0.58
N LYS D 36 23.02 31.58 -0.15
CA LYS D 36 21.84 32.32 -0.65
C LYS D 36 22.21 33.02 -1.96
N ALA D 37 21.20 33.55 -2.65
CA ALA D 37 21.44 34.05 -3.98
C ALA D 37 20.96 35.48 -4.19
N ARG D 38 21.68 36.18 -5.06
CA ARG D 38 21.29 37.52 -5.47
C ARG D 38 21.36 37.68 -6.99
N THR D 39 20.58 38.64 -7.49
CA THR D 39 20.58 39.08 -8.89
C THR D 39 21.64 40.16 -9.14
N LEU D 40 22.49 39.92 -10.13
CA LEU D 40 23.54 40.87 -10.48
C LEU D 40 23.24 41.37 -11.89
N PRO D 41 23.66 42.63 -12.22
CA PRO D 41 23.14 43.25 -13.44
C PRO D 41 23.67 42.62 -14.74
N GLY D 42 24.86 42.03 -14.70
CA GLY D 42 25.38 41.30 -15.87
C GLY D 42 26.41 40.28 -15.45
N PRO D 43 26.98 39.53 -16.42
CA PRO D 43 27.97 38.46 -16.14
C PRO D 43 29.14 38.97 -15.38
N VAL D 44 29.85 38.11 -14.67
CA VAL D 44 31.11 38.52 -14.05
C VAL D 44 32.11 37.36 -14.05
N THR D 45 33.39 37.67 -14.29
CA THR D 45 34.44 36.63 -14.28
C THR D 45 35.52 36.89 -13.27
N ASP D 46 35.57 38.11 -12.77
CA ASP D 46 36.58 38.42 -11.79
C ASP D 46 35.99 38.57 -10.38
N PRO D 47 36.38 37.69 -9.45
CA PRO D 47 35.96 37.69 -8.05
C PRO D 47 35.93 39.09 -7.43
N SER D 48 36.92 39.93 -7.75
CA SER D 48 37.05 41.25 -7.11
C SER D 48 36.17 42.32 -7.78
N LYS D 49 35.39 41.92 -8.77
CA LYS D 49 34.42 42.83 -9.34
C LYS D 49 32.99 42.50 -8.88
N LEU D 50 32.89 41.53 -7.95
CA LEU D 50 31.64 41.19 -7.28
C LEU D 50 31.49 41.98 -6.01
N PRO D 51 30.26 42.49 -5.72
CA PRO D 51 30.01 43.18 -4.45
C PRO D 51 30.23 42.26 -3.25
N LYS D 52 30.69 42.82 -2.14
CA LYS D 52 30.69 42.10 -0.87
C LYS D 52 29.24 42.09 -0.42
N TRP D 53 28.91 41.14 0.45
CA TRP D 53 27.54 40.97 0.90
C TRP D 53 27.56 40.64 2.38
N ASN D 54 26.36 40.60 3.00
CA ASN D 54 26.20 40.17 4.39
C ASN D 54 25.17 39.01 4.55
N TYR D 55 25.17 38.40 5.72
CA TYR D 55 24.11 37.49 6.12
C TYR D 55 23.76 37.62 7.59
N ASP D 56 22.74 36.89 8.02
CA ASP D 56 22.39 36.88 9.42
C ASP D 56 23.29 35.91 10.20
N GLY D 57 24.35 36.44 10.78
CA GLY D 57 25.25 35.62 11.59
C GLY D 57 24.61 34.98 12.81
N SER D 58 23.53 35.58 13.30
CA SER D 58 22.84 35.05 14.47
C SER D 58 22.09 33.73 14.18
N SER D 59 21.79 33.44 12.90
CA SER D 59 21.10 32.22 12.52
C SER D 59 22.01 31.06 12.07
N THR D 60 23.33 31.28 12.17
CA THR D 60 24.35 30.29 11.77
C THR D 60 25.34 30.08 12.91
N GLY D 61 25.00 30.67 14.07
CA GLY D 61 25.84 30.63 15.27
C GLY D 61 27.22 31.23 15.07
N GLN D 62 27.25 32.43 14.53
CA GLN D 62 28.50 33.13 14.24
C GLN D 62 28.51 34.58 14.76
N ALA D 63 27.35 35.09 15.19
CA ALA D 63 27.22 36.43 15.81
C ALA D 63 25.95 36.50 16.66
N PRO D 64 25.93 37.36 17.72
CA PRO D 64 24.71 37.69 18.51
C PRO D 64 23.63 38.44 17.71
N GLY D 65 22.39 38.40 18.22
CA GLY D 65 21.24 38.97 17.54
C GLY D 65 21.31 40.48 17.40
N GLU D 66 21.86 41.14 18.43
CA GLU D 66 21.95 42.61 18.49
C GLU D 66 23.10 43.16 17.62
N ASP D 67 24.07 42.31 17.30
CA ASP D 67 25.14 42.67 16.37
C ASP D 67 25.24 41.49 15.40
N SER D 68 24.29 41.45 14.48
CA SER D 68 24.01 40.22 13.73
C SER D 68 24.78 40.10 12.43
N GLU D 69 25.25 41.23 11.88
CA GLU D 69 25.83 41.24 10.53
C GLU D 69 27.23 40.60 10.44
N VAL D 70 27.38 39.73 9.44
CA VAL D 70 28.67 39.13 9.09
C VAL D 70 28.86 39.33 7.61
N ILE D 71 30.10 39.59 7.22
CA ILE D 71 30.40 40.05 5.87
C ILE D 71 31.02 38.93 4.98
N LEU D 72 30.54 38.92 3.71
CA LEU D 72 30.93 37.95 2.69
C LEU D 72 31.88 38.50 1.61
N TYR D 73 33.09 37.94 1.60
CA TYR D 73 34.10 38.31 0.64
C TYR D 73 34.16 37.28 -0.49
N PRO D 74 33.76 37.69 -1.71
CA PRO D 74 33.83 36.82 -2.86
C PRO D 74 35.28 36.44 -3.12
N GLN D 75 35.59 35.14 -3.10
CA GLN D 75 36.97 34.68 -3.37
C GLN D 75 37.18 33.91 -4.66
N ALA D 76 36.21 33.06 -5.02
CA ALA D 76 36.32 32.26 -6.23
C ALA D 76 34.99 32.18 -6.97
N ILE D 77 35.04 32.15 -8.28
CA ILE D 77 33.85 32.04 -9.09
C ILE D 77 33.88 30.70 -9.83
N PHE D 78 32.71 30.04 -9.88
CA PHE D 78 32.49 28.86 -10.70
C PHE D 78 31.14 29.00 -11.37
N LYS D 79 30.95 28.29 -12.49
CA LYS D 79 29.66 28.27 -13.16
C LYS D 79 28.66 27.38 -12.41
N ASP D 80 27.44 27.86 -12.24
CA ASP D 80 26.40 27.12 -11.53
C ASP D 80 25.84 26.01 -12.42
N PRO D 81 26.08 24.73 -12.03
CA PRO D 81 25.62 23.62 -12.82
C PRO D 81 24.14 23.36 -12.64
N PHE D 82 23.55 23.96 -11.60
CA PHE D 82 22.11 23.82 -11.39
C PHE D 82 21.34 24.85 -12.20
N ARG D 83 21.62 26.13 -11.97
CA ARG D 83 20.92 27.20 -12.67
C ARG D 83 21.36 27.39 -14.12
N ARG D 84 22.58 26.89 -14.43
CA ARG D 84 23.17 26.92 -15.78
C ARG D 84 23.15 28.31 -16.46
N GLY D 85 23.27 28.36 -17.79
CA GLY D 85 23.53 29.63 -18.48
C GLY D 85 24.71 30.40 -17.87
N ASN D 86 24.52 31.69 -17.61
CA ASN D 86 25.63 32.53 -17.13
C ASN D 86 25.69 32.70 -15.64
N ASN D 87 24.85 31.96 -14.93
CA ASN D 87 24.77 32.04 -13.48
C ASN D 87 25.95 31.37 -12.78
N ILE D 88 26.26 31.86 -11.59
CA ILE D 88 27.52 31.50 -10.94
C ILE D 88 27.38 31.07 -9.48
N LEU D 89 28.30 30.24 -9.07
CA LEU D 89 28.51 29.97 -7.67
C LEU D 89 29.69 30.84 -7.25
N VAL D 90 29.60 31.43 -6.05
CA VAL D 90 30.67 32.26 -5.50
C VAL D 90 31.12 31.79 -4.13
N MET D 91 32.34 31.26 -4.05
CA MET D 91 32.87 30.77 -2.78
C MET D 91 33.27 31.95 -1.90
N CYS D 92 32.95 31.90 -0.61
CA CYS D 92 33.16 33.06 0.26
C CYS D 92 33.93 32.89 1.55
N ASP D 93 34.31 34.04 2.08
CA ASP D 93 35.18 34.21 3.20
C ASP D 93 34.40 35.02 4.25
N CYS D 94 34.66 34.79 5.52
CA CYS D 94 33.80 35.43 6.54
C CYS D 94 34.45 36.45 7.50
N TYR D 95 33.89 37.66 7.52
CA TYR D 95 34.50 38.77 8.24
C TYR D 95 33.51 39.53 9.10
N THR D 96 33.99 40.11 10.21
CA THR D 96 33.21 41.11 10.98
C THR D 96 33.13 42.43 10.20
N PRO D 97 32.14 43.30 10.54
CA PRO D 97 32.02 44.55 9.77
C PRO D 97 33.27 45.42 9.98
N ALA D 98 34.01 45.15 11.06
CA ALA D 98 35.31 45.75 11.31
C ALA D 98 36.43 45.22 10.40
N GLY D 99 36.14 44.19 9.60
CA GLY D 99 37.15 43.62 8.71
C GLY D 99 38.03 42.54 9.34
N GLU D 100 37.64 42.07 10.53
CA GLU D 100 38.32 40.94 11.16
C GLU D 100 37.79 39.61 10.60
N PRO D 101 38.70 38.63 10.34
CA PRO D 101 38.19 37.27 10.08
C PRO D 101 37.66 36.61 11.36
N ILE D 102 36.39 36.21 11.32
CA ILE D 102 35.73 35.51 12.41
C ILE D 102 36.40 34.15 12.69
N PRO D 103 36.34 33.69 13.97
CA PRO D 103 37.11 32.52 14.42
C PRO D 103 37.02 31.29 13.48
N THR D 104 35.88 31.16 12.80
CA THR D 104 35.57 30.00 11.94
C THR D 104 36.05 30.13 10.49
N ASN D 105 36.69 31.27 10.19
CA ASN D 105 37.28 31.51 8.87
C ASN D 105 38.72 30.99 8.80
N LYS D 106 38.86 29.74 8.41
CA LYS D 106 40.18 29.11 8.36
C LYS D 106 40.90 29.39 7.03
N ARG D 107 40.21 30.11 6.14
CA ARG D 107 40.76 30.44 4.84
C ARG D 107 41.76 31.59 4.96
N TYR D 108 41.44 32.57 5.80
CA TYR D 108 42.34 33.69 6.06
C TYR D 108 43.75 33.26 6.46
N SER D 109 43.87 32.49 7.55
CA SER D 109 45.16 31.94 7.99
C SER D 109 45.89 31.14 6.91
N ALA D 110 45.14 30.32 6.16
CA ALA D 110 45.72 29.48 5.13
C ALA D 110 46.14 30.31 3.94
N ALA D 111 45.44 31.41 3.69
CA ALA D 111 45.76 32.33 2.59
C ALA D 111 47.11 32.99 2.86
N LYS D 112 47.30 33.46 4.10
CA LYS D 112 48.58 33.99 4.57
C LYS D 112 49.76 33.04 4.29
N ILE D 113 49.61 31.76 4.61
CA ILE D 113 50.68 30.79 4.45
C ILE D 113 51.07 30.54 2.99
N PHE D 114 50.08 30.60 2.09
CA PHE D 114 50.31 30.38 0.65
C PHE D 114 50.68 31.70 -0.06
N SER D 115 50.55 32.83 0.64
CA SER D 115 51.03 34.12 0.16
C SER D 115 52.53 34.24 0.42
N SER D 116 52.90 34.06 1.70
CA SER D 116 54.30 33.88 2.14
C SER D 116 55.24 33.31 1.04
N PRO D 117 56.33 34.06 0.74
CA PRO D 117 57.05 33.90 -0.53
C PRO D 117 57.85 32.61 -0.69
N GLU D 118 58.39 32.07 0.41
CA GLU D 118 59.16 30.80 0.33
C GLU D 118 58.28 29.54 0.19
N VAL D 119 56.98 29.73 0.45
CA VAL D 119 55.97 28.71 0.16
C VAL D 119 55.53 28.85 -1.31
N ALA D 120 55.04 30.03 -1.67
CA ALA D 120 54.59 30.31 -3.03
C ALA D 120 55.62 29.86 -4.08
N ALA D 121 56.89 30.08 -3.77
CA ALA D 121 58.00 29.70 -4.66
C ALA D 121 58.14 28.17 -4.81
N GLU D 122 57.94 27.45 -3.71
CA GLU D 122 57.98 26.00 -3.72
C GLU D 122 56.76 25.41 -4.47
N GLU D 123 55.77 26.28 -4.70
CA GLU D 123 54.56 25.99 -5.51
C GLU D 123 53.90 24.64 -5.17
N PRO D 124 53.20 24.58 -4.02
CA PRO D 124 52.72 23.29 -3.57
C PRO D 124 51.47 22.85 -4.34
N TRP D 125 51.33 21.53 -4.43
CA TRP D 125 50.28 20.89 -5.19
C TRP D 125 49.55 19.92 -4.29
N TYR D 126 48.23 20.07 -4.23
CA TYR D 126 47.41 19.08 -3.53
C TYR D 126 46.42 18.39 -4.45
N GLY D 127 46.41 17.06 -4.36
CA GLY D 127 45.28 16.28 -4.83
C GLY D 127 44.65 15.67 -3.59
N ILE D 128 43.37 15.96 -3.35
CA ILE D 128 42.70 15.43 -2.16
C ILE D 128 41.53 14.51 -2.54
N GLU D 129 41.49 13.33 -1.92
CA GLU D 129 40.52 12.31 -2.26
C GLU D 129 39.45 12.31 -1.22
N GLN D 130 38.33 12.97 -1.53
CA GLN D 130 37.12 12.98 -0.68
C GLN D 130 36.35 11.65 -0.70
N GLU D 131 36.24 10.96 0.44
CA GLU D 131 35.32 9.82 0.53
C GLU D 131 34.08 10.37 1.23
N TYR D 132 32.96 9.70 1.07
CA TYR D 132 31.72 10.08 1.75
C TYR D 132 30.78 8.88 1.66
N THR D 133 29.76 8.86 2.53
CA THR D 133 28.78 7.78 2.56
C THR D 133 27.34 8.30 2.39
N LEU D 134 26.55 7.60 1.58
CA LEU D 134 25.21 8.06 1.23
C LEU D 134 24.22 7.39 2.15
N LEU D 135 23.25 8.13 2.64
CA LEU D 135 22.31 7.58 3.61
C LEU D 135 20.88 7.81 3.18
N GLN D 136 20.01 6.87 3.57
CA GLN D 136 18.54 7.06 3.46
C GLN D 136 18.01 8.18 4.38
N LYS D 137 17.13 9.02 3.84
CA LYS D 137 16.64 10.16 4.59
C LYS D 137 15.77 9.60 5.72
N ASP D 138 15.86 10.22 6.90
CA ASP D 138 14.99 9.84 8.05
C ASP D 138 15.49 8.61 8.85
N THR D 139 15.68 7.47 8.19
CA THR D 139 16.17 6.29 8.88
C THR D 139 17.65 6.41 9.11
N ASN D 140 18.34 7.21 8.30
CA ASN D 140 19.79 7.44 8.47
C ASN D 140 20.71 6.24 8.33
N TRP D 141 20.22 5.27 7.57
CA TRP D 141 20.88 4.01 7.30
C TRP D 141 21.43 4.09 5.86
N PRO D 142 22.65 3.56 5.65
CA PRO D 142 23.36 3.66 4.38
C PRO D 142 22.50 3.25 3.19
N LEU D 143 22.66 3.96 2.08
CA LEU D 143 21.93 3.67 0.85
C LEU D 143 22.13 2.24 0.40
N GLY D 144 21.05 1.59 -0.01
CA GLY D 144 21.13 0.22 -0.52
C GLY D 144 21.22 -0.90 0.52
N TRP D 145 21.34 -0.48 1.77
CA TRP D 145 21.26 -1.38 2.90
C TRP D 145 19.80 -1.57 3.29
N PRO D 146 19.44 -2.79 3.66
CA PRO D 146 18.11 -3.02 4.20
C PRO D 146 17.98 -2.48 5.64
N ILE D 147 16.79 -2.02 6.00
CA ILE D 147 16.63 -1.30 7.26
C ILE D 147 16.74 -2.29 8.39
N GLY D 148 17.56 -1.93 9.39
CA GLY D 148 17.89 -2.81 10.53
C GLY D 148 18.57 -4.09 10.07
N GLY D 149 19.52 -3.96 9.16
CA GLY D 149 20.15 -5.11 8.56
C GLY D 149 21.31 -4.67 7.70
N PHE D 150 22.07 -5.64 7.20
CA PHE D 150 23.29 -5.33 6.50
C PHE D 150 23.27 -6.02 5.19
N PRO D 151 24.04 -5.51 4.21
CA PRO D 151 24.26 -6.24 2.97
C PRO D 151 25.37 -7.25 3.14
N GLY D 152 25.66 -7.97 2.06
CA GLY D 152 26.77 -8.95 2.04
C GLY D 152 28.02 -8.30 2.59
N PRO D 153 28.96 -9.11 3.13
CA PRO D 153 30.18 -8.49 3.70
C PRO D 153 31.04 -7.83 2.62
N GLN D 154 31.86 -6.87 3.05
CA GLN D 154 32.72 -6.12 2.13
C GLN D 154 33.52 -7.01 1.17
N GLY D 155 33.81 -6.48 -0.01
CA GLY D 155 34.52 -7.28 -0.99
C GLY D 155 34.12 -7.07 -2.44
N PRO D 156 32.83 -7.29 -2.78
CA PRO D 156 32.39 -6.99 -4.16
C PRO D 156 32.10 -5.50 -4.52
N TYR D 157 32.21 -4.60 -3.54
CA TYR D 157 31.64 -3.28 -3.68
C TYR D 157 32.60 -2.25 -4.29
N TYR D 158 33.87 -2.33 -3.88
CA TYR D 158 34.92 -1.43 -4.38
C TYR D 158 34.98 -1.46 -5.89
N CYS D 159 34.73 -0.31 -6.50
CA CYS D 159 34.76 -0.16 -7.97
C CYS D 159 33.83 -1.14 -8.72
N GLY D 160 32.77 -1.58 -8.05
CA GLY D 160 31.92 -2.61 -8.65
C GLY D 160 30.89 -2.03 -9.59
N ILE D 161 30.18 -2.94 -10.25
CA ILE D 161 29.04 -2.57 -11.08
C ILE D 161 27.91 -3.56 -10.87
N GLY D 162 26.69 -3.07 -11.01
CA GLY D 162 25.50 -3.93 -10.94
C GLY D 162 24.56 -3.44 -9.88
N ALA D 163 23.30 -3.79 -10.00
CA ALA D 163 22.31 -3.25 -9.07
C ALA D 163 22.52 -3.74 -7.63
N GLU D 164 23.11 -4.93 -7.46
CA GLU D 164 23.29 -5.49 -6.12
C GLU D 164 24.54 -4.97 -5.47
N LYS D 165 25.42 -4.33 -6.25
CA LYS D 165 26.73 -3.94 -5.73
C LYS D 165 26.93 -2.42 -5.63
N SER D 166 26.17 -1.65 -6.38
CA SER D 166 26.58 -0.28 -6.63
C SER D 166 25.47 0.73 -6.39
N PHE D 167 25.50 1.36 -5.22
CA PHE D 167 24.36 2.17 -4.82
C PHE D 167 24.53 3.66 -5.02
N GLY D 168 23.74 4.22 -5.91
CA GLY D 168 23.79 5.67 -6.07
C GLY D 168 24.75 6.23 -7.09
N ARG D 169 25.06 5.46 -8.14
CA ARG D 169 25.94 5.92 -9.21
C ARG D 169 25.38 7.21 -9.83
N ASP D 170 24.07 7.24 -9.93
CA ASP D 170 23.36 8.39 -10.37
C ASP D 170 23.94 9.65 -9.84
N ILE D 171 24.02 9.71 -8.52
CA ILE D 171 24.47 10.89 -7.80
C ILE D 171 25.91 11.19 -8.14
N VAL D 172 26.74 10.17 -8.05
CA VAL D 172 28.18 10.26 -8.34
C VAL D 172 28.46 10.79 -9.74
N ASP D 173 27.95 10.10 -10.78
CA ASP D 173 28.16 10.49 -12.19
C ASP D 173 27.70 11.91 -12.43
N ALA D 174 26.54 12.28 -11.89
CA ALA D 174 25.98 13.64 -11.94
C ALA D 174 26.96 14.68 -11.40
N HIS D 175 27.43 14.45 -10.18
CA HIS D 175 28.38 15.32 -9.52
C HIS D 175 29.64 15.52 -10.34
N TYR D 176 30.17 14.42 -10.89
CA TYR D 176 31.36 14.45 -11.75
C TYR D 176 31.21 15.48 -12.86
N LYS D 177 30.15 15.35 -13.67
CA LYS D 177 29.93 16.28 -14.78
C LYS D 177 29.69 17.69 -14.26
N ALA D 178 28.84 17.79 -13.24
CA ALA D 178 28.55 19.07 -12.58
C ALA D 178 29.85 19.82 -12.25
N CYS D 179 30.74 19.17 -11.50
CA CYS D 179 32.03 19.74 -11.12
C CYS D 179 32.86 20.20 -12.30
N LEU D 180 33.05 19.32 -13.27
CA LEU D 180 33.74 19.68 -14.50
C LEU D 180 33.17 20.91 -15.18
N TYR D 181 31.85 20.94 -15.35
CA TYR D 181 31.16 22.07 -15.99
C TYR D 181 31.42 23.37 -15.24
N ALA D 182 31.29 23.28 -13.91
CA ALA D 182 31.49 24.38 -12.96
C ALA D 182 32.89 24.96 -13.06
N GLY D 183 33.85 24.06 -13.35
CA GLY D 183 35.26 24.42 -13.50
C GLY D 183 36.13 23.96 -12.36
N ILE D 184 35.60 23.09 -11.51
CA ILE D 184 36.37 22.46 -10.43
C ILE D 184 37.35 21.50 -11.09
N ASN D 185 38.61 21.52 -10.68
CA ASN D 185 39.51 20.58 -11.26
C ASN D 185 39.32 19.20 -10.62
N ILE D 186 38.35 18.44 -11.10
CA ILE D 186 38.07 17.13 -10.54
C ILE D 186 38.82 16.12 -11.35
N SER D 187 39.49 15.20 -10.68
CA SER D 187 40.44 14.36 -11.40
C SER D 187 39.96 12.94 -11.71
N GLY D 188 38.90 12.51 -11.00
CA GLY D 188 38.44 11.12 -11.01
C GLY D 188 37.51 10.80 -9.85
N ILE D 189 36.81 9.68 -10.01
CA ILE D 189 35.82 9.17 -9.05
C ILE D 189 36.06 7.67 -8.87
N ASN D 190 35.39 7.05 -7.90
CA ASN D 190 35.39 5.57 -7.76
C ASN D 190 34.47 5.05 -6.66
N GLY D 191 33.90 3.86 -6.90
CA GLY D 191 33.13 3.18 -5.88
C GLY D 191 34.06 2.74 -4.74
N GLU D 192 33.70 3.06 -3.50
CA GLU D 192 34.55 2.67 -2.39
C GLU D 192 34.20 1.31 -1.83
N VAL D 193 34.94 0.91 -0.78
CA VAL D 193 34.92 -0.48 -0.24
C VAL D 193 33.61 -0.87 0.43
N MET D 194 33.07 0.08 1.21
CA MET D 194 31.85 -0.11 1.95
C MET D 194 30.67 0.24 1.07
N PRO D 195 29.70 -0.70 0.95
CA PRO D 195 28.55 -0.50 0.05
C PRO D 195 27.86 0.81 0.41
N GLY D 196 27.72 1.69 -0.57
CA GLY D 196 27.13 3.00 -0.33
C GLY D 196 28.15 4.11 -0.14
N GLN D 197 29.42 3.77 -0.27
CA GLN D 197 30.49 4.74 -0.03
C GLN D 197 31.15 5.02 -1.33
N TRP D 198 31.50 6.30 -1.52
CA TRP D 198 32.04 6.80 -2.81
C TRP D 198 33.16 7.81 -2.62
N GLU D 199 33.85 8.08 -3.73
CA GLU D 199 35.03 8.92 -3.70
C GLU D 199 35.03 9.84 -4.89
N PHE D 200 35.58 11.02 -4.72
CA PHE D 200 36.04 11.84 -5.87
C PHE D 200 37.34 12.55 -5.49
N GLN D 201 38.21 12.78 -6.47
CA GLN D 201 39.45 13.47 -6.17
C GLN D 201 39.48 14.83 -6.81
N VAL D 202 39.76 15.85 -6.01
CA VAL D 202 40.04 17.16 -6.61
C VAL D 202 41.54 17.23 -6.99
N GLY D 203 41.75 17.01 -8.31
CA GLY D 203 43.06 16.85 -9.00
C GLY D 203 44.06 17.95 -8.71
N PRO D 204 45.31 17.77 -9.17
CA PRO D 204 46.41 18.60 -8.60
C PRO D 204 46.05 20.08 -8.67
N SER D 205 45.79 20.69 -7.50
CA SER D 205 45.46 22.14 -7.39
C SER D 205 46.39 22.87 -6.44
N VAL D 206 46.72 24.11 -6.79
CA VAL D 206 47.83 24.83 -6.16
C VAL D 206 47.39 25.71 -4.98
N GLY D 207 47.97 25.44 -3.81
CA GLY D 207 47.76 26.30 -2.64
C GLY D 207 46.30 26.56 -2.25
N ILE D 208 45.93 27.83 -2.12
CA ILE D 208 44.61 28.16 -1.58
C ILE D 208 43.51 27.55 -2.39
N SER D 209 43.62 27.61 -3.72
CA SER D 209 42.56 27.09 -4.62
C SER D 209 42.17 25.59 -4.38
N SER D 210 43.06 24.76 -3.80
CA SER D 210 42.66 23.41 -3.41
C SER D 210 41.53 23.44 -2.36
N GLY D 211 41.76 24.06 -1.21
CA GLY D 211 40.70 24.30 -0.23
C GLY D 211 39.43 24.86 -0.84
N ASP D 212 39.56 25.87 -1.70
CA ASP D 212 38.41 26.53 -2.33
C ASP D 212 37.59 25.57 -3.15
N GLN D 213 38.24 24.77 -3.99
CA GLN D 213 37.58 23.81 -4.86
C GLN D 213 36.94 22.70 -4.07
N VAL D 214 37.66 22.11 -3.13
CA VAL D 214 37.09 21.06 -2.30
C VAL D 214 35.79 21.47 -1.56
N TRP D 215 35.74 22.66 -0.98
CA TRP D 215 34.48 23.13 -0.40
C TRP D 215 33.36 23.18 -1.42
N VAL D 216 33.61 23.83 -2.56
CA VAL D 216 32.58 24.00 -3.61
C VAL D 216 32.19 22.65 -4.19
N ALA D 217 33.15 21.73 -4.21
CA ALA D 217 32.85 20.39 -4.65
C ALA D 217 31.83 19.78 -3.68
N ARG D 218 32.09 19.94 -2.39
CA ARG D 218 31.19 19.40 -1.35
C ARG D 218 29.80 20.04 -1.42
N TYR D 219 29.77 21.31 -1.77
CA TYR D 219 28.52 22.01 -1.87
C TYR D 219 27.74 21.41 -3.00
N ILE D 220 28.41 21.16 -4.13
CA ILE D 220 27.73 20.58 -5.27
C ILE D 220 27.27 19.15 -5.00
N LEU D 221 28.09 18.35 -4.32
CA LEU D 221 27.67 17.01 -3.92
C LEU D 221 26.33 17.03 -3.13
N GLU D 222 26.33 17.80 -2.05
CA GLU D 222 25.18 17.84 -1.17
C GLU D 222 23.95 18.39 -1.87
N ARG D 223 24.13 19.42 -2.70
CA ARG D 223 23.01 19.97 -3.48
C ARG D 223 22.39 18.90 -4.39
N ILE D 224 23.24 18.01 -4.86
CA ILE D 224 22.81 16.91 -5.70
C ILE D 224 22.04 15.89 -4.88
N THR D 225 22.61 15.46 -3.74
CA THR D 225 21.87 14.52 -2.88
C THR D 225 20.51 15.10 -2.49
N GLU D 226 20.47 16.39 -2.17
CA GLU D 226 19.22 17.08 -1.90
C GLU D 226 18.17 16.76 -2.96
N ILE D 227 18.58 16.80 -4.22
CA ILE D 227 17.65 16.56 -5.34
C ILE D 227 17.16 15.13 -5.30
N ALA D 228 18.09 14.23 -5.02
CA ALA D 228 17.80 12.82 -5.01
C ALA D 228 17.06 12.39 -3.73
N GLY D 229 16.86 13.29 -2.76
CA GLY D 229 16.26 12.92 -1.46
C GLY D 229 17.09 11.88 -0.71
N VAL D 230 18.38 12.12 -0.67
CA VAL D 230 19.34 11.25 -0.03
C VAL D 230 20.26 12.10 0.88
N VAL D 231 20.76 11.51 1.95
CA VAL D 231 21.61 12.27 2.87
C VAL D 231 23.07 11.87 2.69
N VAL D 232 23.98 12.85 2.79
CA VAL D 232 25.46 12.61 2.86
C VAL D 232 26.00 12.71 4.30
N THR D 233 27.00 11.92 4.66
CA THR D 233 27.80 12.27 5.84
C THR D 233 29.22 12.23 5.47
N PHE D 234 29.96 13.16 6.06
CA PHE D 234 31.39 13.15 5.96
C PHE D 234 31.96 12.57 7.23
N ASP D 235 31.10 11.95 8.03
CA ASP D 235 31.55 11.31 9.26
C ASP D 235 32.55 10.18 8.98
N PRO D 236 33.72 10.25 9.63
CA PRO D 236 34.87 9.38 9.37
C PRO D 236 34.61 7.88 9.54
N LYS D 237 33.68 7.52 10.41
CA LYS D 237 33.31 6.11 10.59
C LYS D 237 31.81 6.03 10.88
N PRO D 238 30.97 5.89 9.82
CA PRO D 238 29.52 6.13 10.00
C PRO D 238 28.80 4.89 10.51
N ILE D 239 29.31 3.72 10.17
CA ILE D 239 28.80 2.48 10.71
C ILE D 239 29.94 1.82 11.52
N PRO D 240 29.65 1.44 12.78
CA PRO D 240 30.64 0.73 13.57
C PRO D 240 30.81 -0.70 13.06
N GLY D 241 31.92 -1.33 13.42
CA GLY D 241 32.14 -2.74 13.16
C GLY D 241 33.02 -2.97 11.96
N ASP D 242 32.64 -3.99 11.18
CA ASP D 242 33.46 -4.49 10.06
C ASP D 242 33.10 -3.83 8.72
N TRP D 243 33.21 -2.50 8.71
CA TRP D 243 32.93 -1.66 7.54
C TRP D 243 33.96 -0.52 7.53
N ASN D 244 34.47 -0.19 6.34
CA ASN D 244 35.38 0.95 6.17
C ASN D 244 34.87 2.30 6.67
N GLY D 245 35.80 3.08 7.23
CA GLY D 245 35.55 4.51 7.50
C GLY D 245 35.86 5.30 6.25
N ALA D 246 35.76 6.61 6.39
CA ALA D 246 35.97 7.53 5.26
C ALA D 246 37.02 8.56 5.60
N GLY D 247 38.02 8.65 4.73
CA GLY D 247 39.07 9.64 4.92
C GLY D 247 39.08 10.63 3.78
N ALA D 248 39.87 11.70 3.99
CA ALA D 248 40.16 12.68 2.95
C ALA D 248 41.65 12.67 2.64
N HIS D 249 42.18 11.55 2.14
CA HIS D 249 43.61 11.43 1.86
C HIS D 249 44.09 12.66 1.13
N THR D 250 45.17 13.25 1.64
CA THR D 250 45.78 14.36 0.94
C THR D 250 47.09 13.92 0.29
N ASN D 251 47.12 14.03 -1.04
CA ASN D 251 48.36 13.89 -1.80
C ASN D 251 49.01 15.28 -1.99
N TYR D 252 50.35 15.28 -2.00
CA TYR D 252 51.11 16.52 -1.87
C TYR D 252 52.43 16.42 -2.62
N SER D 253 52.81 17.53 -3.25
CA SER D 253 54.15 17.68 -3.83
C SER D 253 54.57 19.15 -3.95
N THR D 254 55.90 19.38 -3.86
CA THR D 254 56.50 20.72 -4.10
C THR D 254 57.37 20.73 -5.35
N GLU D 255 57.60 21.93 -5.89
CA GLU D 255 58.49 22.12 -7.06
C GLU D 255 59.70 21.14 -7.03
N SER D 256 60.45 21.20 -5.93
CA SER D 256 61.64 20.38 -5.74
C SER D 256 61.35 18.89 -5.69
N MET D 257 60.11 18.51 -5.32
CA MET D 257 59.76 17.10 -5.12
C MET D 257 59.44 16.38 -6.43
N ARG D 258 58.96 17.14 -7.41
CA ARG D 258 58.60 16.59 -8.74
C ARG D 258 59.71 16.76 -9.79
N LYS D 259 60.76 17.52 -9.43
CA LYS D 259 62.01 17.63 -10.21
C LYS D 259 62.98 16.45 -9.88
N GLU D 260 64.13 16.40 -10.56
CA GLU D 260 65.08 15.30 -10.39
C GLU D 260 65.52 15.11 -8.94
N GLY D 261 65.57 13.84 -8.51
CA GLY D 261 65.91 13.51 -7.11
C GLY D 261 65.04 14.25 -6.08
N GLY D 262 63.74 14.26 -6.33
CA GLY D 262 62.77 14.79 -5.39
C GLY D 262 62.47 13.78 -4.29
N TYR D 263 62.74 12.50 -4.57
CA TYR D 263 62.49 11.42 -3.61
C TYR D 263 63.25 11.58 -2.29
N GLU D 264 64.34 12.35 -2.33
CA GLU D 264 65.08 12.62 -1.11
C GLU D 264 64.33 13.68 -0.33
N VAL D 265 63.76 14.65 -1.04
CA VAL D 265 62.99 15.76 -0.42
C VAL D 265 61.67 15.24 0.18
N ILE D 266 61.14 14.18 -0.44
CA ILE D 266 59.97 13.46 0.06
C ILE D 266 60.27 12.80 1.43
N LYS D 267 61.29 11.95 1.51
CA LYS D 267 61.69 11.32 2.77
C LYS D 267 61.93 12.36 3.85
N ALA D 268 62.60 13.45 3.46
CA ALA D 268 62.87 14.59 4.33
C ALA D 268 61.59 15.23 4.87
N ALA D 269 60.59 15.37 4.00
CA ALA D 269 59.28 15.89 4.37
C ALA D 269 58.53 14.94 5.32
N ILE D 270 58.49 13.66 4.96
CA ILE D 270 57.86 12.62 5.77
C ILE D 270 58.45 12.64 7.18
N GLU D 271 59.78 12.77 7.25
CA GLU D 271 60.51 12.83 8.52
C GLU D 271 60.01 13.97 9.44
N LYS D 272 59.82 15.15 8.87
CA LYS D 272 59.28 16.32 9.60
C LYS D 272 57.86 16.05 10.09
N LEU D 273 57.09 15.37 9.23
CA LEU D 273 55.69 15.03 9.50
C LEU D 273 55.52 14.06 10.67
N LYS D 274 56.44 13.09 10.78
CA LYS D 274 56.47 12.17 11.91
C LYS D 274 56.61 12.90 13.25
N LEU D 275 57.44 13.94 13.27
CA LEU D 275 57.65 14.69 14.50
C LEU D 275 56.39 15.44 14.97
N ARG D 276 55.57 15.88 14.02
CA ARG D 276 54.40 16.69 14.34
C ARG D 276 53.07 15.95 14.12
N HIS D 277 53.17 14.62 14.06
CA HIS D 277 52.01 13.71 13.99
C HIS D 277 50.99 14.05 15.06
N LYS D 278 51.45 14.17 16.32
CA LYS D 278 50.63 14.55 17.46
C LYS D 278 49.70 15.74 17.17
N GLU D 279 50.26 16.86 16.71
CA GLU D 279 49.52 18.13 16.52
C GLU D 279 48.78 18.19 15.20
N HIS D 280 49.18 17.34 14.27
CA HIS D 280 48.44 17.17 13.02
C HIS D 280 47.14 16.39 13.20
N ILE D 281 47.24 15.23 13.85
CA ILE D 281 46.05 14.47 14.32
C ILE D 281 44.97 15.38 14.98
N ALA D 282 45.44 16.34 15.77
CA ALA D 282 44.56 17.26 16.48
C ALA D 282 43.69 18.12 15.57
N ALA D 283 44.13 18.35 14.33
CA ALA D 283 43.41 19.19 13.38
C ALA D 283 42.84 18.39 12.22
N TYR D 284 43.18 17.11 12.16
CA TYR D 284 42.76 16.26 11.04
C TYR D 284 41.30 15.79 11.09
N GLY D 285 40.46 16.58 11.79
CA GLY D 285 39.03 16.31 11.88
C GLY D 285 38.63 15.49 13.10
N GLU D 286 37.51 15.88 13.71
CA GLU D 286 36.97 15.20 14.90
C GLU D 286 36.16 13.92 14.62
N GLY D 287 36.26 12.99 15.56
CA GLY D 287 35.72 11.64 15.41
C GLY D 287 36.76 10.66 14.90
N ASN D 288 37.92 11.18 14.48
CA ASN D 288 38.92 10.37 13.80
C ASN D 288 39.34 9.08 14.56
N GLU D 289 39.19 9.14 15.89
CA GLU D 289 39.59 8.04 16.77
C GLU D 289 38.86 6.78 16.38
N ARG D 290 37.62 6.96 15.92
CA ARG D 290 36.76 5.83 15.53
C ARG D 290 37.19 5.22 14.19
N ARG D 291 37.88 6.03 13.36
CA ARG D 291 38.32 5.56 12.04
C ARG D 291 39.68 4.87 12.05
N LEU D 292 40.70 5.61 12.54
CA LEU D 292 42.11 5.16 12.51
C LEU D 292 42.39 4.10 13.58
N THR D 293 42.25 2.86 13.17
CA THR D 293 42.30 1.78 14.12
C THR D 293 43.39 0.81 13.72
N GLY D 294 43.99 1.04 12.55
CA GLY D 294 45.02 0.14 12.05
C GLY D 294 44.45 -0.94 11.15
N ARG D 295 43.16 -1.25 11.33
CA ARG D 295 42.40 -2.11 10.37
C ARG D 295 41.71 -1.26 9.31
N HIS D 296 41.21 -1.93 8.27
CA HIS D 296 40.41 -1.26 7.23
C HIS D 296 41.22 -0.23 6.43
N GLU D 297 42.46 -0.58 6.11
CA GLU D 297 43.33 0.29 5.33
C GLU D 297 43.50 1.67 5.99
N THR D 298 43.75 1.64 7.31
CA THR D 298 44.17 2.82 8.06
C THR D 298 45.39 2.47 8.94
N ALA D 299 46.13 3.49 9.37
CA ALA D 299 47.16 3.29 10.41
C ALA D 299 46.62 3.74 11.76
N ASP D 300 47.00 3.01 12.82
CA ASP D 300 46.60 3.37 14.20
C ASP D 300 46.89 4.86 14.53
N ILE D 301 45.93 5.55 15.20
CA ILE D 301 46.03 6.99 15.52
C ILE D 301 47.34 7.33 16.26
N ASN D 302 47.76 6.39 17.11
CA ASN D 302 48.86 6.62 18.06
C ASN D 302 50.23 6.41 17.46
N THR D 303 50.34 5.49 16.50
CA THR D 303 51.60 5.31 15.79
C THR D 303 51.65 6.21 14.53
N PHE D 304 52.86 6.59 14.15
CA PHE D 304 53.11 7.11 12.81
C PHE D 304 53.92 6.06 12.04
N SER D 305 53.55 5.81 10.77
CA SER D 305 54.32 4.91 9.88
C SER D 305 54.29 5.41 8.41
N TRP D 306 55.13 4.81 7.56
CA TRP D 306 55.05 5.07 6.11
C TRP D 306 55.71 3.92 5.36
N GLY D 307 55.11 3.52 4.24
CA GLY D 307 55.64 2.43 3.42
C GLY D 307 55.56 2.79 1.96
N VAL D 308 55.84 1.83 1.08
CA VAL D 308 55.72 2.15 -0.33
C VAL D 308 54.32 1.89 -0.92
N ALA D 309 53.96 0.62 -1.16
CA ALA D 309 52.60 0.36 -1.64
C ALA D 309 51.67 0.07 -0.45
N ASN D 310 52.01 0.60 0.72
CA ASN D 310 51.35 0.20 1.96
C ASN D 310 50.16 1.08 2.37
N ARG D 311 48.95 0.49 2.22
CA ARG D 311 47.70 1.13 2.64
C ARG D 311 47.41 0.99 4.15
N GLY D 312 48.14 0.10 4.83
CA GLY D 312 48.18 0.05 6.30
C GLY D 312 49.00 1.16 6.98
N ALA D 313 49.73 1.95 6.19
CA ALA D 313 50.60 3.05 6.67
C ALA D 313 49.93 4.44 6.87
N SER D 314 50.60 5.31 7.64
CA SER D 314 50.08 6.68 7.89
C SER D 314 50.32 7.58 6.69
N VAL D 315 51.46 7.35 6.03
CA VAL D 315 51.80 8.00 4.77
C VAL D 315 52.20 6.88 3.80
N ARG D 316 51.87 7.08 2.52
CA ARG D 316 52.15 6.10 1.49
C ARG D 316 52.78 6.84 0.34
N VAL D 317 53.80 6.20 -0.26
CA VAL D 317 54.46 6.73 -1.47
C VAL D 317 54.34 5.73 -2.62
N GLY D 318 53.63 6.11 -3.67
CA GLY D 318 53.37 5.23 -4.80
C GLY D 318 54.58 4.48 -5.34
N ARG D 319 54.34 3.23 -5.78
CA ARG D 319 55.32 2.44 -6.56
C ARG D 319 55.96 3.28 -7.67
N GLU D 320 55.10 4.00 -8.39
CA GLU D 320 55.45 4.84 -9.52
C GLU D 320 56.39 6.01 -9.18
N THR D 321 56.09 6.77 -8.13
CA THR D 321 56.98 7.88 -7.81
C THR D 321 58.27 7.44 -7.14
N GLU D 322 58.30 6.19 -6.62
CA GLU D 322 59.53 5.59 -6.03
C GLU D 322 60.53 5.23 -7.13
N GLN D 323 60.02 4.45 -8.07
CA GLN D 323 60.75 4.00 -9.24
C GLN D 323 61.20 5.18 -10.15
N ASN D 324 60.53 6.33 -10.06
CA ASN D 324 60.94 7.47 -10.86
C ASN D 324 61.82 8.47 -10.13
N GLY D 325 62.11 8.20 -8.86
CA GLY D 325 62.94 9.11 -8.04
C GLY D 325 62.32 10.49 -7.84
N LYS D 326 61.09 10.67 -8.34
CA LYS D 326 60.35 11.94 -8.25
C LYS D 326 58.82 11.72 -8.27
N GLY D 327 58.09 12.48 -7.44
CA GLY D 327 56.63 12.40 -7.44
C GLY D 327 55.93 13.17 -6.34
N TYR D 328 54.99 12.48 -5.66
CA TYR D 328 54.20 13.05 -4.55
C TYR D 328 54.05 11.95 -3.50
N PHE D 329 53.62 12.32 -2.30
CA PHE D 329 53.22 11.32 -1.30
C PHE D 329 51.79 11.60 -0.81
N GLU D 330 51.20 10.57 -0.18
CA GLU D 330 49.79 10.56 0.22
C GLU D 330 49.64 10.46 1.72
N ASP D 331 49.18 11.54 2.34
CA ASP D 331 48.92 11.56 3.80
C ASP D 331 47.53 10.99 4.00
N ARG D 332 47.46 9.76 4.53
CA ARG D 332 46.19 9.03 4.68
C ARG D 332 45.45 9.33 5.98
N ARG D 333 46.05 10.19 6.80
CA ARG D 333 45.53 10.45 8.15
C ARG D 333 44.25 11.33 8.21
N PRO D 334 44.11 12.36 7.35
CA PRO D 334 42.96 13.25 7.55
C PRO D 334 41.61 12.54 7.32
N ALA D 335 40.64 12.81 8.20
CA ALA D 335 39.29 12.24 8.06
C ALA D 335 38.47 12.99 7.03
N SER D 336 37.38 12.34 6.60
CA SER D 336 36.53 12.85 5.53
C SER D 336 35.96 14.19 5.88
N ASN D 337 35.84 14.50 7.16
CA ASN D 337 35.29 15.78 7.63
C ASN D 337 36.35 16.84 7.95
N MET D 338 37.56 16.58 7.44
CA MET D 338 38.69 17.49 7.41
C MET D 338 38.29 18.85 6.75
N ASP D 339 38.77 19.96 7.32
CA ASP D 339 38.70 21.24 6.64
C ASP D 339 39.91 21.31 5.74
N PRO D 340 39.69 21.42 4.42
CA PRO D 340 40.85 21.41 3.53
C PRO D 340 41.74 22.66 3.67
N TYR D 341 41.17 23.82 4.02
CA TYR D 341 42.00 24.97 4.36
C TYR D 341 43.06 24.71 5.46
N VAL D 342 42.62 24.11 6.56
CA VAL D 342 43.47 23.78 7.68
C VAL D 342 44.55 22.75 7.28
N VAL D 343 44.12 21.59 6.80
CA VAL D 343 45.02 20.49 6.47
C VAL D 343 45.99 20.86 5.36
N THR D 344 45.47 21.57 4.36
CA THR D 344 46.25 21.90 3.18
C THR D 344 47.40 22.85 3.54
N SER D 345 47.11 23.88 4.33
CA SER D 345 48.14 24.84 4.68
C SER D 345 49.12 24.25 5.72
N MET D 346 48.58 23.56 6.73
CA MET D 346 49.40 22.96 7.79
C MET D 346 50.39 21.84 7.31
N ILE D 347 50.16 21.29 6.13
CA ILE D 347 51.13 20.37 5.52
C ILE D 347 52.23 21.19 4.86
N ALA D 348 51.86 22.30 4.23
CA ALA D 348 52.82 23.21 3.64
C ALA D 348 53.69 23.85 4.72
N GLU D 349 53.08 24.03 5.89
CA GLU D 349 53.76 24.68 7.00
C GLU D 349 54.76 23.76 7.70
N THR D 350 54.32 22.59 8.10
CA THR D 350 55.20 21.61 8.72
C THR D 350 56.26 21.10 7.74
N THR D 351 56.09 21.43 6.45
CA THR D 351 56.94 20.87 5.40
C THR D 351 57.99 21.83 4.85
N ILE D 352 57.63 23.10 4.78
CA ILE D 352 58.55 24.10 4.26
C ILE D 352 59.10 25.01 5.38
N VAL D 353 58.23 25.81 6.02
CA VAL D 353 58.65 26.84 7.00
C VAL D 353 59.36 26.30 8.27
N TRP D 354 58.70 25.42 9.02
CA TRP D 354 59.19 24.87 10.29
C TRP D 354 60.47 24.00 10.15
N LYS D 355 61.37 24.09 11.17
CA LYS D 355 62.60 23.26 11.30
C LYS D 355 62.85 22.62 12.69
N CYS E 3 1.76 13.48 -24.38
CA CYS E 3 0.38 13.65 -23.79
C CYS E 3 0.03 15.06 -23.20
N LEU E 4 0.02 15.22 -21.87
CA LEU E 4 -0.57 16.43 -21.25
C LEU E 4 0.28 17.70 -21.15
N THR E 5 1.57 17.57 -20.88
CA THR E 5 2.46 18.73 -20.87
C THR E 5 2.86 19.17 -22.27
N ASP E 6 2.57 18.33 -23.27
CA ASP E 6 2.78 18.69 -24.69
C ASP E 6 1.79 19.74 -25.13
N LEU E 7 0.60 19.72 -24.53
CA LEU E 7 -0.46 20.65 -24.85
C LEU E 7 -0.35 21.93 -24.04
N VAL E 8 -0.02 21.80 -22.77
CA VAL E 8 0.17 22.97 -21.95
C VAL E 8 1.29 23.85 -22.51
N ASN E 9 2.29 23.20 -23.12
CA ASN E 9 3.47 23.90 -23.60
C ASN E 9 3.54 24.16 -25.12
N LEU E 10 2.39 24.08 -25.77
CA LEU E 10 2.27 24.37 -27.20
C LEU E 10 2.74 25.77 -27.51
N ASN E 11 3.48 25.91 -28.60
CA ASN E 11 3.84 27.23 -29.07
C ASN E 11 2.79 27.75 -30.03
N LEU E 12 2.08 28.78 -29.60
CA LEU E 12 1.00 29.33 -30.41
C LEU E 12 1.52 30.24 -31.52
N SER E 13 2.75 30.76 -31.33
CA SER E 13 3.44 31.66 -32.29
C SER E 13 3.52 31.07 -33.70
N ASP E 14 3.64 29.75 -33.79
CA ASP E 14 3.67 29.02 -35.07
C ASP E 14 2.30 29.03 -35.77
N THR E 15 1.23 29.36 -35.04
CA THR E 15 -0.10 29.13 -35.57
C THR E 15 -0.97 30.36 -35.74
N THR E 16 -1.07 31.21 -34.70
CA THR E 16 -1.64 32.56 -34.88
C THR E 16 -0.88 33.67 -34.16
N GLU E 17 -1.39 34.88 -34.35
CA GLU E 17 -0.86 36.05 -33.70
C GLU E 17 -1.51 36.27 -32.33
N LYS E 18 -2.66 35.63 -32.11
CA LYS E 18 -3.45 35.83 -30.89
C LYS E 18 -2.65 35.65 -29.60
N ILE E 19 -3.18 36.24 -28.53
CA ILE E 19 -2.48 36.33 -27.25
C ILE E 19 -3.41 35.96 -26.11
N ILE E 20 -2.84 35.39 -25.05
CA ILE E 20 -3.59 35.13 -23.83
C ILE E 20 -3.15 36.09 -22.73
N ALA E 21 -4.13 36.86 -22.27
CA ALA E 21 -3.95 37.77 -21.16
C ALA E 21 -4.69 37.24 -19.92
N GLU E 22 -3.90 37.12 -18.83
CA GLU E 22 -4.36 36.62 -17.55
C GLU E 22 -4.50 37.79 -16.61
N TYR E 23 -5.74 38.21 -16.41
CA TYR E 23 -6.03 39.40 -15.61
C TYR E 23 -6.08 39.05 -14.16
N ILE E 24 -5.14 39.58 -13.39
CA ILE E 24 -5.05 39.26 -11.96
C ILE E 24 -5.70 40.35 -11.14
N TRP E 25 -6.54 39.99 -10.17
CA TRP E 25 -6.90 40.98 -9.13
C TRP E 25 -6.89 40.51 -7.66
N ILE E 26 -7.18 41.45 -6.76
CA ILE E 26 -7.27 41.14 -5.33
C ILE E 26 -8.73 41.11 -4.94
N GLY E 27 -9.10 40.11 -4.17
CA GLY E 27 -10.50 39.85 -3.87
C GLY E 27 -10.97 40.33 -2.52
N GLY E 28 -12.18 39.90 -2.15
CA GLY E 28 -12.94 40.41 -0.99
C GLY E 28 -12.22 40.46 0.33
N SER E 29 -11.41 39.45 0.63
CA SER E 29 -10.66 39.42 1.87
C SER E 29 -9.48 40.43 1.90
N GLY E 30 -9.02 40.87 0.73
CA GLY E 30 -7.86 41.79 0.65
C GLY E 30 -6.53 41.06 0.74
N MET E 31 -6.62 39.74 0.81
CA MET E 31 -5.48 38.83 0.90
C MET E 31 -5.59 37.60 -0.03
N ASP E 32 -6.61 37.57 -0.88
CA ASP E 32 -6.84 36.45 -1.77
C ASP E 32 -6.70 36.88 -3.22
N LEU E 33 -5.71 36.34 -3.93
CA LEU E 33 -5.56 36.64 -5.36
C LEU E 33 -6.52 35.85 -6.25
N ARG E 34 -7.02 36.49 -7.30
CA ARG E 34 -7.96 35.88 -8.27
C ARG E 34 -7.55 36.23 -9.71
N SER E 35 -7.73 35.30 -10.65
CA SER E 35 -7.40 35.57 -12.05
C SER E 35 -8.31 34.84 -13.00
N LYS E 36 -8.42 35.39 -14.20
CA LYS E 36 -9.05 34.71 -15.32
C LYS E 36 -8.42 35.23 -16.58
N ALA E 37 -8.66 34.56 -17.70
CA ALA E 37 -7.92 34.84 -18.91
C ALA E 37 -8.82 35.10 -20.12
N ARG E 38 -8.35 35.99 -20.99
CA ARG E 38 -9.02 36.27 -22.25
C ARG E 38 -8.06 36.23 -23.41
N THR E 39 -8.58 36.01 -24.61
CA THR E 39 -7.80 36.04 -25.83
C THR E 39 -7.82 37.46 -26.35
N LEU E 40 -6.64 37.96 -26.71
CA LEU E 40 -6.51 39.29 -27.31
C LEU E 40 -5.92 39.15 -28.72
N PRO E 41 -6.27 40.08 -29.66
CA PRO E 41 -5.99 39.84 -31.09
C PRO E 41 -4.51 39.87 -31.49
N GLY E 42 -3.69 40.58 -30.74
CA GLY E 42 -2.25 40.53 -30.98
C GLY E 42 -1.51 40.93 -29.71
N PRO E 43 -0.16 40.97 -29.76
CA PRO E 43 0.67 41.32 -28.57
C PRO E 43 0.34 42.69 -28.04
N VAL E 44 0.66 42.93 -26.78
CA VAL E 44 0.50 44.30 -26.22
C VAL E 44 1.61 44.60 -25.20
N THR E 45 2.14 45.84 -25.22
CA THR E 45 3.20 46.24 -24.26
C THR E 45 2.77 47.40 -23.38
N ASP E 46 1.74 48.11 -23.80
CA ASP E 46 1.29 49.24 -23.02
C ASP E 46 -0.04 48.96 -22.30
N PRO E 47 -0.01 48.98 -20.96
CA PRO E 47 -1.16 48.80 -20.09
C PRO E 47 -2.42 49.51 -20.56
N SER E 48 -2.28 50.73 -21.06
CA SER E 48 -3.44 51.55 -21.41
C SER E 48 -4.01 51.22 -22.79
N LYS E 49 -3.41 50.24 -23.45
CA LYS E 49 -3.92 49.76 -24.74
C LYS E 49 -4.63 48.39 -24.63
N LEU E 50 -4.74 47.91 -23.38
CA LEU E 50 -5.54 46.74 -23.04
C LEU E 50 -6.94 47.18 -22.69
N PRO E 51 -7.96 46.42 -23.12
CA PRO E 51 -9.35 46.68 -22.72
C PRO E 51 -9.53 46.55 -21.22
N LYS E 52 -10.46 47.34 -20.67
CA LYS E 52 -10.93 47.14 -19.31
C LYS E 52 -11.89 45.96 -19.40
N TRP E 53 -12.09 45.29 -18.26
CA TRP E 53 -12.86 44.06 -18.22
C TRP E 53 -13.68 44.09 -16.94
N ASN E 54 -14.58 43.10 -16.80
CA ASN E 54 -15.32 42.89 -15.56
C ASN E 54 -15.21 41.46 -15.03
N TYR E 55 -15.65 41.25 -13.79
CA TYR E 55 -15.82 39.90 -13.24
C TYR E 55 -17.07 39.81 -12.37
N ASP E 56 -17.30 38.63 -11.80
CA ASP E 56 -18.45 38.45 -10.93
C ASP E 56 -18.09 38.82 -9.52
N GLY E 57 -18.40 40.06 -9.15
CA GLY E 57 -18.09 40.52 -7.81
C GLY E 57 -18.83 39.80 -6.71
N SER E 58 -19.97 39.19 -7.07
CA SER E 58 -20.79 38.47 -6.10
C SER E 58 -20.16 37.15 -5.61
N SER E 59 -19.18 36.62 -6.37
CA SER E 59 -18.46 35.38 -6.06
C SER E 59 -17.07 35.61 -5.43
N THR E 60 -16.75 36.85 -5.14
CA THR E 60 -15.49 37.19 -4.51
C THR E 60 -15.77 38.05 -3.29
N GLY E 61 -17.06 38.15 -2.93
CA GLY E 61 -17.52 38.99 -1.82
C GLY E 61 -17.18 40.47 -1.97
N GLN E 62 -17.51 41.04 -3.14
CA GLN E 62 -17.17 42.44 -3.45
C GLN E 62 -18.36 43.21 -4.01
N ALA E 63 -19.44 42.50 -4.32
CA ALA E 63 -20.70 43.11 -4.76
C ALA E 63 -21.87 42.14 -4.57
N PRO E 64 -23.11 42.68 -4.41
CA PRO E 64 -24.35 41.88 -4.41
C PRO E 64 -24.65 41.20 -5.75
N GLY E 65 -25.50 40.17 -5.70
CA GLY E 65 -25.86 39.42 -6.89
C GLY E 65 -26.62 40.24 -7.92
N GLU E 66 -27.51 41.12 -7.46
CA GLU E 66 -28.37 41.91 -8.35
C GLU E 66 -27.62 43.09 -8.99
N ASP E 67 -26.47 43.45 -8.40
CA ASP E 67 -25.59 44.45 -8.98
C ASP E 67 -24.20 43.86 -8.86
N SER E 68 -23.92 42.95 -9.78
CA SER E 68 -22.80 42.04 -9.63
C SER E 68 -21.49 42.47 -10.28
N GLU E 69 -21.56 43.37 -11.27
CA GLU E 69 -20.37 43.73 -12.07
C GLU E 69 -19.35 44.59 -11.34
N VAL E 70 -18.09 44.16 -11.38
CA VAL E 70 -16.98 44.95 -10.90
C VAL E 70 -15.98 45.07 -12.06
N ILE E 71 -15.35 46.24 -12.18
CA ILE E 71 -14.54 46.53 -13.35
C ILE E 71 -13.05 46.45 -13.07
N LEU E 72 -12.33 45.98 -14.08
CA LEU E 72 -10.91 45.71 -13.98
C LEU E 72 -10.09 46.69 -14.82
N TYR E 73 -9.22 47.42 -14.17
CA TYR E 73 -8.37 48.37 -14.86
C TYR E 73 -6.96 47.78 -14.97
N PRO E 74 -6.53 47.52 -16.22
CA PRO E 74 -5.16 47.05 -16.44
C PRO E 74 -4.12 48.07 -15.96
N GLN E 75 -3.23 47.68 -15.06
CA GLN E 75 -2.22 48.62 -14.57
C GLN E 75 -0.79 48.25 -14.90
N ALA E 76 -0.44 46.97 -14.81
CA ALA E 76 0.92 46.56 -15.16
C ALA E 76 0.88 45.30 -16.03
N ILE E 77 1.88 45.16 -16.89
CA ILE E 77 1.97 44.02 -17.76
C ILE E 77 3.27 43.31 -17.44
N PHE E 78 3.19 41.99 -17.29
CA PHE E 78 4.37 41.10 -17.22
C PHE E 78 4.20 39.90 -18.17
N LYS E 79 5.33 39.31 -18.57
CA LYS E 79 5.27 38.10 -19.39
C LYS E 79 4.85 36.89 -18.54
N ASP E 80 3.87 36.12 -19.04
CA ASP E 80 3.39 34.92 -18.35
C ASP E 80 4.43 33.80 -18.41
N PRO E 81 5.00 33.41 -17.26
CA PRO E 81 6.02 32.36 -17.26
C PRO E 81 5.41 30.97 -17.42
N PHE E 82 4.09 30.86 -17.25
CA PHE E 82 3.43 29.57 -17.37
C PHE E 82 3.07 29.30 -18.78
N ARG E 83 2.33 30.22 -19.39
CA ARG E 83 1.90 30.08 -20.79
C ARG E 83 2.99 30.40 -21.82
N ARG E 84 4.02 31.13 -21.37
CA ARG E 84 5.17 31.54 -22.21
C ARG E 84 4.83 32.18 -23.59
N GLY E 85 5.78 32.15 -24.52
CA GLY E 85 5.59 32.88 -25.77
C GLY E 85 5.21 34.32 -25.50
N ASN E 86 4.24 34.83 -26.25
CA ASN E 86 3.86 36.25 -26.11
C ASN E 86 2.77 36.58 -25.07
N ASN E 87 2.41 35.57 -24.26
CA ASN E 87 1.27 35.69 -23.37
C ASN E 87 1.66 36.42 -22.10
N ILE E 88 0.68 37.09 -21.52
CA ILE E 88 0.97 38.06 -20.48
C ILE E 88 0.12 37.92 -19.23
N LEU E 89 0.70 38.36 -18.12
CA LEU E 89 -0.04 38.54 -16.90
C LEU E 89 -0.33 40.03 -16.76
N VAL E 90 -1.55 40.37 -16.36
CA VAL E 90 -1.95 41.76 -16.22
C VAL E 90 -2.44 42.07 -14.84
N MET E 91 -1.68 42.87 -14.09
CA MET E 91 -2.06 43.23 -12.74
C MET E 91 -3.20 44.25 -12.73
N CYS E 92 -4.20 44.10 -11.88
CA CYS E 92 -5.38 44.97 -11.99
C CYS E 92 -5.83 45.70 -10.73
N ASP E 93 -6.81 46.57 -10.97
CA ASP E 93 -7.28 47.55 -10.03
C ASP E 93 -8.78 47.38 -10.00
N CYS E 94 -9.45 47.66 -8.90
CA CYS E 94 -10.89 47.34 -8.86
C CYS E 94 -11.92 48.48 -8.66
N TYR E 95 -12.87 48.60 -9.59
CA TYR E 95 -13.77 49.78 -9.65
C TYR E 95 -15.21 49.39 -9.83
N THR E 96 -16.13 50.19 -9.27
CA THR E 96 -17.57 50.04 -9.56
C THR E 96 -17.82 50.51 -10.98
N PRO E 97 -18.99 50.17 -11.56
CA PRO E 97 -19.26 50.63 -12.95
C PRO E 97 -19.37 52.16 -13.04
N ALA E 98 -19.61 52.80 -11.91
CA ALA E 98 -19.60 54.24 -11.77
C ALA E 98 -18.18 54.84 -11.73
N GLY E 99 -17.15 54.01 -11.76
CA GLY E 99 -15.77 54.50 -11.68
C GLY E 99 -15.23 54.81 -10.28
N GLU E 100 -15.94 54.41 -9.24
CA GLU E 100 -15.43 54.49 -7.89
C GLU E 100 -14.49 53.33 -7.57
N PRO E 101 -13.36 53.59 -6.89
CA PRO E 101 -12.61 52.45 -6.34
C PRO E 101 -13.34 51.75 -5.17
N ILE E 102 -13.57 50.44 -5.30
CA ILE E 102 -14.19 49.65 -4.23
C ILE E 102 -13.34 49.58 -2.97
N PRO E 103 -13.98 49.46 -1.78
CA PRO E 103 -13.30 49.60 -0.49
C PRO E 103 -12.02 48.81 -0.41
N THR E 104 -11.95 47.69 -1.11
CA THR E 104 -10.81 46.78 -1.04
C THR E 104 -9.66 47.14 -1.99
N ASN E 105 -9.88 48.19 -2.79
CA ASN E 105 -8.83 48.69 -3.67
C ASN E 105 -7.84 49.67 -2.98
N LYS E 106 -6.77 49.10 -2.44
CA LYS E 106 -5.82 49.91 -1.72
C LYS E 106 -4.78 50.51 -2.65
N ARG E 107 -4.86 50.20 -3.94
CA ARG E 107 -3.88 50.73 -4.89
C ARG E 107 -4.21 52.18 -5.28
N TYR E 108 -5.51 52.47 -5.39
CA TYR E 108 -5.98 53.81 -5.70
C TYR E 108 -5.39 54.83 -4.75
N SER E 109 -5.64 54.65 -3.46
CA SER E 109 -5.11 55.54 -2.42
C SER E 109 -3.58 55.66 -2.48
N ALA E 110 -2.89 54.54 -2.70
CA ALA E 110 -1.43 54.55 -2.71
C ALA E 110 -0.90 55.20 -3.97
N ALA E 111 -1.69 55.12 -5.05
CA ALA E 111 -1.37 55.74 -6.34
C ALA E 111 -1.32 57.25 -6.18
N LYS E 112 -2.40 57.79 -5.62
CA LYS E 112 -2.49 59.19 -5.23
C LYS E 112 -1.26 59.71 -4.46
N ILE E 113 -0.80 58.97 -3.47
CA ILE E 113 0.34 59.41 -2.67
C ILE E 113 1.67 59.44 -3.45
N PHE E 114 1.85 58.50 -4.37
CA PHE E 114 3.07 58.46 -5.17
C PHE E 114 2.99 59.36 -6.41
N SER E 115 1.78 59.82 -6.71
CA SER E 115 1.55 60.85 -7.73
C SER E 115 1.93 62.25 -7.18
N SER E 116 1.31 62.62 -6.05
CA SER E 116 1.63 63.82 -5.24
C SER E 116 3.11 64.23 -5.37
N PRO E 117 3.35 65.51 -5.79
CA PRO E 117 4.64 65.93 -6.40
C PRO E 117 5.85 65.96 -5.48
N GLU E 118 5.67 66.29 -4.19
CA GLU E 118 6.80 66.33 -3.22
C GLU E 118 7.27 64.93 -2.75
N VAL E 119 6.41 63.92 -3.02
CA VAL E 119 6.76 62.50 -2.85
C VAL E 119 7.52 62.01 -4.10
N ALA E 120 6.87 62.14 -5.26
CA ALA E 120 7.46 61.75 -6.55
C ALA E 120 8.90 62.30 -6.74
N ALA E 121 9.10 63.55 -6.29
CA ALA E 121 10.38 64.24 -6.34
C ALA E 121 11.45 63.62 -5.43
N GLU E 122 11.01 63.15 -4.26
CA GLU E 122 11.88 62.45 -3.32
C GLU E 122 12.21 61.05 -3.80
N GLU E 123 11.44 60.59 -4.79
CA GLU E 123 11.66 59.32 -5.54
C GLU E 123 11.96 58.12 -4.61
N PRO E 124 10.89 57.59 -3.95
CA PRO E 124 11.12 56.58 -2.92
C PRO E 124 11.36 55.23 -3.53
N TRP E 125 12.13 54.45 -2.78
CA TRP E 125 12.64 53.16 -3.20
C TRP E 125 12.29 52.12 -2.14
N TYR E 126 11.65 51.04 -2.57
CA TYR E 126 11.40 49.94 -1.64
C TYR E 126 11.99 48.66 -2.18
N GLY E 127 12.66 47.96 -1.28
CA GLY E 127 12.96 46.56 -1.46
C GLY E 127 12.22 45.85 -0.35
N ILE E 128 11.32 44.94 -0.71
CA ILE E 128 10.53 44.24 0.31
C ILE E 128 10.88 42.74 0.38
N GLU E 129 11.09 42.22 1.60
CA GLU E 129 11.48 40.82 1.78
C GLU E 129 10.32 40.00 2.22
N GLN E 130 9.71 39.29 1.27
CA GLN E 130 8.57 38.37 1.50
C GLN E 130 9.07 37.02 2.05
N GLU E 131 8.64 36.68 3.26
CA GLU E 131 8.89 35.36 3.82
C GLU E 131 7.55 34.67 3.69
N TYR E 132 7.55 33.35 3.68
CA TYR E 132 6.32 32.57 3.54
C TYR E 132 6.67 31.16 3.98
N THR E 133 5.64 30.37 4.32
CA THR E 133 5.84 28.97 4.78
C THR E 133 5.08 28.00 3.88
N LEU E 134 5.72 26.89 3.56
CA LEU E 134 5.16 25.87 2.67
C LEU E 134 4.48 24.77 3.47
N LEU E 135 3.29 24.36 3.06
CA LEU E 135 2.53 23.38 3.83
C LEU E 135 2.08 22.17 2.98
N GLN E 136 2.01 20.99 3.59
CA GLN E 136 1.41 19.83 2.95
C GLN E 136 -0.06 20.06 2.73
N LYS E 137 -0.56 19.67 1.57
CA LYS E 137 -1.97 19.83 1.27
C LYS E 137 -2.81 18.92 2.18
N ASP E 138 -3.95 19.44 2.65
CA ASP E 138 -4.89 18.64 3.49
C ASP E 138 -4.55 18.56 5.00
N THR E 139 -3.36 18.10 5.34
CA THR E 139 -2.93 18.03 6.72
C THR E 139 -2.56 19.39 7.21
N ASN E 140 -2.13 20.25 6.30
CA ASN E 140 -1.76 21.65 6.62
C ASN E 140 -0.62 21.81 7.61
N TRP E 141 0.31 20.86 7.56
CA TRP E 141 1.47 20.83 8.41
C TRP E 141 2.66 21.14 7.51
N PRO E 142 3.64 21.94 8.01
CA PRO E 142 4.80 22.42 7.25
C PRO E 142 5.50 21.37 6.41
N LEU E 143 5.90 21.76 5.22
CA LEU E 143 6.54 20.84 4.29
C LEU E 143 7.78 20.23 4.93
N GLY E 144 7.98 18.93 4.76
CA GLY E 144 9.17 18.28 5.29
C GLY E 144 9.14 17.93 6.78
N TRP E 145 8.09 18.39 7.46
CA TRP E 145 7.83 17.99 8.85
C TRP E 145 7.04 16.69 8.86
N PRO E 146 7.35 15.82 9.81
CA PRO E 146 6.57 14.60 9.92
C PRO E 146 5.22 14.90 10.55
N ILE E 147 4.21 14.14 10.18
CA ILE E 147 2.85 14.49 10.60
C ILE E 147 2.69 14.27 12.09
N GLY E 148 2.15 15.28 12.76
CA GLY E 148 1.96 15.26 14.20
C GLY E 148 3.29 15.12 14.90
N GLY E 149 4.26 15.91 14.45
CA GLY E 149 5.61 15.84 14.99
C GLY E 149 6.43 16.95 14.41
N PHE E 150 7.66 17.06 14.87
CA PHE E 150 8.48 18.18 14.53
C PHE E 150 9.79 17.69 14.04
N PRO E 151 10.49 18.52 13.27
CA PRO E 151 11.87 18.19 12.94
C PRO E 151 12.81 18.63 14.05
N GLY E 152 14.10 18.41 13.83
CA GLY E 152 15.15 18.94 14.71
C GLY E 152 14.93 20.43 14.98
N PRO E 153 15.45 20.94 16.12
CA PRO E 153 15.16 22.32 16.48
C PRO E 153 15.90 23.23 15.54
N GLN E 154 15.40 24.46 15.43
CA GLN E 154 15.96 25.47 14.54
C GLN E 154 17.46 25.59 14.68
N GLY E 155 18.12 25.98 13.60
CA GLY E 155 19.57 26.10 13.63
C GLY E 155 20.23 25.75 12.31
N PRO E 156 20.06 24.47 11.83
CA PRO E 156 20.69 24.10 10.55
C PRO E 156 19.95 24.57 9.30
N TYR E 157 18.79 25.21 9.46
CA TYR E 157 17.84 25.37 8.34
C TYR E 157 18.10 26.60 7.50
N TYR E 158 18.34 27.71 8.19
CA TYR E 158 18.65 29.01 7.53
C TYR E 158 19.77 28.87 6.47
N CYS E 159 19.42 29.13 5.21
CA CYS E 159 20.37 29.08 4.10
C CYS E 159 21.08 27.73 3.96
N GLY E 160 20.43 26.67 4.46
CA GLY E 160 21.04 25.37 4.46
C GLY E 160 20.93 24.67 3.12
N ILE E 161 21.61 23.53 3.03
CA ILE E 161 21.55 22.63 1.89
C ILE E 161 21.54 21.18 2.36
N GLY E 162 20.85 20.34 1.59
CA GLY E 162 20.79 18.87 1.83
C GLY E 162 19.36 18.41 2.04
N ALA E 163 19.11 17.12 1.79
CA ALA E 163 17.75 16.61 1.84
C ALA E 163 17.06 16.71 3.24
N GLU E 164 17.87 16.68 4.31
CA GLU E 164 17.33 16.76 5.66
C GLU E 164 17.15 18.17 6.14
N LYS E 165 17.66 19.14 5.40
CA LYS E 165 17.64 20.51 5.88
C LYS E 165 16.78 21.42 5.02
N SER E 166 16.56 21.04 3.77
CA SER E 166 16.09 22.02 2.79
C SER E 166 14.88 21.61 1.98
N PHE E 167 13.73 22.08 2.44
CA PHE E 167 12.46 21.57 1.91
C PHE E 167 11.79 22.44 0.85
N GLY E 168 11.72 21.90 -0.38
CA GLY E 168 11.05 22.58 -1.47
C GLY E 168 11.84 23.64 -2.23
N ARG E 169 13.13 23.39 -2.42
CA ARG E 169 13.97 24.31 -3.17
C ARG E 169 13.46 24.40 -4.58
N ASP E 170 13.01 23.25 -5.09
CA ASP E 170 12.27 23.18 -6.33
C ASP E 170 11.40 24.37 -6.61
N ILE E 171 10.44 24.59 -5.71
CA ILE E 171 9.48 25.66 -5.82
C ILE E 171 10.18 26.99 -5.87
N VAL E 172 11.06 27.20 -4.91
CA VAL E 172 11.80 28.44 -4.75
C VAL E 172 12.58 28.78 -6.02
N ASP E 173 13.49 27.89 -6.43
CA ASP E 173 14.33 28.10 -7.64
C ASP E 173 13.48 28.39 -8.91
N ALA E 174 12.40 27.64 -9.06
CA ALA E 174 11.41 27.86 -10.11
C ALA E 174 10.85 29.25 -10.09
N HIS E 175 10.41 29.69 -8.92
CA HIS E 175 9.77 30.98 -8.76
C HIS E 175 10.73 32.10 -9.13
N TYR E 176 11.97 31.97 -8.65
CA TYR E 176 13.03 32.93 -8.95
C TYR E 176 13.10 33.15 -10.47
N LYS E 177 13.34 32.08 -11.24
CA LYS E 177 13.45 32.23 -12.68
C LYS E 177 12.17 32.78 -13.25
N ALA E 178 11.04 32.22 -12.81
CA ALA E 178 9.73 32.68 -13.27
C ALA E 178 9.63 34.17 -13.20
N CYS E 179 9.90 34.69 -12.01
CA CYS E 179 9.81 36.13 -11.75
C CYS E 179 10.70 36.98 -12.66
N LEU E 180 11.98 36.62 -12.71
CA LEU E 180 12.91 37.23 -13.62
C LEU E 180 12.40 37.28 -15.07
N TYR E 181 11.92 36.14 -15.57
CA TYR E 181 11.45 36.02 -16.94
C TYR E 181 10.27 36.98 -17.12
N ALA E 182 9.33 36.90 -16.19
CA ALA E 182 8.16 37.77 -16.14
C ALA E 182 8.52 39.28 -16.23
N GLY E 183 9.70 39.62 -15.70
CA GLY E 183 10.14 41.00 -15.61
C GLY E 183 9.93 41.66 -14.25
N ILE E 184 9.65 40.85 -13.23
CA ILE E 184 9.57 41.32 -11.82
C ILE E 184 11.00 41.64 -11.40
N ASN E 185 11.21 42.80 -10.81
CA ASN E 185 12.55 43.05 -10.29
C ASN E 185 12.82 42.26 -9.01
N ILE E 186 13.26 41.03 -9.17
CA ILE E 186 13.48 40.18 -8.00
C ILE E 186 14.96 40.27 -7.71
N SER E 187 15.31 40.47 -6.45
CA SER E 187 16.70 40.78 -6.13
C SER E 187 17.52 39.63 -5.51
N GLY E 188 16.83 38.58 -5.07
CA GLY E 188 17.45 37.49 -4.30
C GLY E 188 16.43 36.64 -3.56
N ILE E 189 16.90 35.46 -3.13
CA ILE E 189 16.07 34.48 -2.40
C ILE E 189 16.93 33.95 -1.27
N ASN E 190 16.31 33.27 -0.31
CA ASN E 190 17.08 32.51 0.72
C ASN E 190 16.22 31.55 1.55
N GLY E 191 16.83 30.44 1.98
CA GLY E 191 16.19 29.57 2.97
C GLY E 191 16.05 30.30 4.30
N GLU E 192 14.85 30.27 4.91
CA GLU E 192 14.69 30.92 6.21
C GLU E 192 14.99 30.04 7.42
N VAL E 193 14.84 30.60 8.62
CA VAL E 193 15.24 29.94 9.87
C VAL E 193 14.42 28.68 10.19
N MET E 194 13.10 28.77 9.96
CA MET E 194 12.19 27.69 10.26
C MET E 194 12.12 26.74 9.11
N PRO E 195 12.35 25.43 9.36
CA PRO E 195 12.42 24.44 8.29
C PRO E 195 11.11 24.48 7.52
N GLY E 196 11.18 24.65 6.20
CA GLY E 196 9.99 24.84 5.41
C GLY E 196 9.62 26.30 5.10
N GLN E 197 10.44 27.23 5.57
CA GLN E 197 10.15 28.64 5.36
C GLN E 197 11.18 29.25 4.44
N TRP E 198 10.73 30.17 3.59
CA TRP E 198 11.59 30.71 2.53
C TRP E 198 11.36 32.19 2.34
N GLU E 199 12.26 32.80 1.57
CA GLU E 199 12.24 34.24 1.36
C GLU E 199 12.54 34.60 -0.11
N PHE E 200 11.91 35.65 -0.61
CA PHE E 200 12.42 36.31 -1.79
C PHE E 200 12.32 37.79 -1.55
N GLN E 201 13.21 38.56 -2.20
CA GLN E 201 13.13 40.00 -2.14
C GLN E 201 12.83 40.65 -3.50
N VAL E 202 11.77 41.46 -3.56
CA VAL E 202 11.54 42.30 -4.71
C VAL E 202 12.38 43.58 -4.59
N GLY E 203 13.54 43.52 -5.29
CA GLY E 203 14.66 44.49 -5.32
C GLY E 203 14.23 45.93 -5.58
N PRO E 204 15.18 46.88 -5.44
CA PRO E 204 14.76 48.29 -5.24
C PRO E 204 13.77 48.76 -6.32
N SER E 205 12.51 48.95 -5.94
CA SER E 205 11.46 49.36 -6.87
C SER E 205 10.76 50.64 -6.43
N VAL E 206 10.44 51.50 -7.40
CA VAL E 206 10.00 52.87 -7.09
C VAL E 206 8.49 53.03 -6.98
N GLY E 207 8.05 53.54 -5.83
CA GLY E 207 6.64 53.90 -5.61
C GLY E 207 5.62 52.82 -5.90
N ILE E 208 4.61 53.16 -6.68
CA ILE E 208 3.54 52.22 -6.90
C ILE E 208 4.05 50.87 -7.40
N SER E 209 5.02 50.84 -8.30
CA SER E 209 5.44 49.58 -8.94
C SER E 209 5.98 48.56 -7.95
N SER E 210 6.33 49.00 -6.75
CA SER E 210 6.70 48.05 -5.71
C SER E 210 5.50 47.19 -5.34
N GLY E 211 4.44 47.81 -4.81
CA GLY E 211 3.18 47.09 -4.58
C GLY E 211 2.73 46.17 -5.72
N ASP E 212 2.78 46.68 -6.94
CA ASP E 212 2.38 45.96 -8.13
C ASP E 212 3.19 44.72 -8.33
N GLN E 213 4.51 44.85 -8.21
CA GLN E 213 5.37 43.70 -8.39
C GLN E 213 5.18 42.67 -7.30
N VAL E 214 5.13 43.11 -6.04
CA VAL E 214 4.98 42.18 -4.94
C VAL E 214 3.70 41.35 -5.03
N TRP E 215 2.58 41.95 -5.40
CA TRP E 215 1.38 41.12 -5.65
C TRP E 215 1.61 40.03 -6.73
N VAL E 216 2.08 40.46 -7.90
CA VAL E 216 2.29 39.55 -9.01
C VAL E 216 3.36 38.51 -8.65
N ALA E 217 4.30 38.86 -7.77
CA ALA E 217 5.30 37.89 -7.35
C ALA E 217 4.58 36.83 -6.55
N ARG E 218 3.64 37.27 -5.70
CA ARG E 218 2.88 36.35 -4.85
C ARG E 218 1.96 35.47 -5.65
N TYR E 219 1.40 36.04 -6.71
CA TYR E 219 0.57 35.27 -7.62
C TYR E 219 1.40 34.11 -8.23
N ILE E 220 2.58 34.44 -8.74
CA ILE E 220 3.43 33.46 -9.39
C ILE E 220 3.86 32.40 -8.39
N LEU E 221 4.13 32.81 -7.14
CA LEU E 221 4.52 31.85 -6.09
C LEU E 221 3.42 30.80 -5.90
N GLU E 222 2.20 31.26 -5.67
CA GLU E 222 1.11 30.37 -5.35
C GLU E 222 0.75 29.52 -6.51
N ARG E 223 0.82 30.08 -7.71
CA ARG E 223 0.55 29.29 -8.93
C ARG E 223 1.52 28.14 -9.09
N ILE E 224 2.73 28.33 -8.58
CA ILE E 224 3.78 27.33 -8.70
C ILE E 224 3.52 26.26 -7.66
N THR E 225 3.15 26.67 -6.44
CA THR E 225 2.86 25.68 -5.39
C THR E 225 1.66 24.84 -5.84
N GLU E 226 0.63 25.48 -6.41
CA GLU E 226 -0.46 24.78 -7.05
C GLU E 226 0.05 23.63 -7.92
N ILE E 227 1.09 23.86 -8.72
CA ILE E 227 1.63 22.82 -9.58
C ILE E 227 2.23 21.70 -8.77
N ALA E 228 2.92 22.09 -7.71
CA ALA E 228 3.60 21.13 -6.86
C ALA E 228 2.67 20.40 -5.90
N GLY E 229 1.41 20.79 -5.85
CA GLY E 229 0.49 20.19 -4.91
C GLY E 229 0.91 20.48 -3.47
N VAL E 230 1.27 21.73 -3.24
CA VAL E 230 1.71 22.21 -1.95
C VAL E 230 0.90 23.47 -1.58
N VAL E 231 0.71 23.75 -0.30
CA VAL E 231 0.02 24.98 0.07
C VAL E 231 1.01 26.04 0.63
N VAL E 232 0.77 27.32 0.30
CA VAL E 232 1.45 28.48 0.94
C VAL E 232 0.62 29.16 2.03
N THR E 233 1.25 29.63 3.10
CA THR E 233 0.62 30.65 3.91
C THR E 233 1.50 31.83 4.05
N PHE E 234 0.83 32.97 4.08
CA PHE E 234 1.46 34.22 4.43
C PHE E 234 1.13 34.58 5.87
N ASP E 235 0.61 33.60 6.62
CA ASP E 235 0.33 33.79 8.03
C ASP E 235 1.63 34.07 8.85
N PRO E 236 1.63 35.21 9.57
CA PRO E 236 2.80 35.74 10.28
C PRO E 236 3.38 34.78 11.29
N LYS E 237 2.59 33.87 11.85
CA LYS E 237 3.15 32.88 12.78
C LYS E 237 2.34 31.61 12.64
N PRO E 238 2.75 30.72 11.72
CA PRO E 238 1.93 29.60 11.32
C PRO E 238 1.99 28.44 12.33
N ILE E 239 3.14 28.28 12.97
CA ILE E 239 3.25 27.26 14.00
C ILE E 239 3.60 27.97 15.30
N PRO E 240 2.81 27.68 16.35
CA PRO E 240 3.09 28.27 17.67
C PRO E 240 4.35 27.68 18.28
N GLY E 241 4.91 28.38 19.26
CA GLY E 241 6.04 27.86 20.03
C GLY E 241 7.40 28.37 19.57
N ASP E 242 8.39 27.48 19.62
CA ASP E 242 9.79 27.82 19.36
C ASP E 242 10.17 27.68 17.90
N TRP E 243 9.42 28.39 17.05
CA TRP E 243 9.62 28.47 15.58
C TRP E 243 9.41 29.90 15.09
N ASN E 244 10.24 30.32 14.13
CA ASN E 244 10.15 31.65 13.56
C ASN E 244 8.82 31.98 12.91
N GLY E 245 8.39 33.23 13.07
CA GLY E 245 7.26 33.71 12.30
C GLY E 245 7.78 34.20 10.96
N ALA E 246 6.88 34.75 10.16
CA ALA E 246 7.24 35.30 8.87
C ALA E 246 6.83 36.77 8.77
N GLY E 247 7.78 37.59 8.37
CA GLY E 247 7.50 39.00 8.12
C GLY E 247 7.75 39.40 6.70
N ALA E 248 7.27 40.60 6.37
CA ALA E 248 7.53 41.21 5.09
C ALA E 248 8.35 42.49 5.28
N HIS E 249 9.60 42.31 5.77
CA HIS E 249 10.49 43.46 6.01
C HIS E 249 10.49 44.42 4.81
N THR E 250 10.21 45.69 5.08
CA THR E 250 10.32 46.71 4.07
C THR E 250 11.60 47.53 4.25
N ASN E 251 12.46 47.48 3.25
CA ASN E 251 13.57 48.41 3.19
C ASN E 251 13.14 49.65 2.38
N TYR E 252 13.73 50.80 2.74
CA TYR E 252 13.25 52.09 2.26
C TYR E 252 14.38 53.10 2.17
N SER E 253 14.31 53.93 1.13
CA SER E 253 15.18 55.09 0.93
C SER E 253 14.54 56.16 0.00
N THR E 254 14.87 57.42 0.28
CA THR E 254 14.52 58.57 -0.60
C THR E 254 15.77 59.17 -1.26
N GLU E 255 15.56 59.94 -2.34
CA GLU E 255 16.63 60.64 -3.03
C GLU E 255 17.67 61.20 -2.05
N SER E 256 17.18 61.99 -1.09
CA SER E 256 18.03 62.62 -0.08
C SER E 256 18.77 61.61 0.86
N MET E 257 18.20 60.43 1.05
CA MET E 257 18.78 59.44 1.97
C MET E 257 19.98 58.69 1.41
N ARG E 258 20.02 58.57 0.08
CA ARG E 258 21.11 57.86 -0.59
C ARG E 258 22.21 58.80 -1.13
N LYS E 259 21.95 60.11 -1.07
CA LYS E 259 22.95 61.15 -1.36
C LYS E 259 23.82 61.43 -0.11
N GLU E 260 24.78 62.36 -0.24
CA GLU E 260 25.70 62.66 0.86
C GLU E 260 24.99 63.11 2.14
N GLY E 261 25.46 62.58 3.28
CA GLY E 261 24.86 62.81 4.60
C GLY E 261 23.35 62.53 4.61
N GLY E 262 22.99 61.37 4.06
CA GLY E 262 21.61 60.89 4.10
C GLY E 262 21.29 60.26 5.45
N TYR E 263 22.34 59.83 6.17
CA TYR E 263 22.20 59.20 7.48
C TYR E 263 21.55 60.11 8.53
N GLU E 264 21.55 61.41 8.28
CA GLU E 264 20.82 62.31 9.18
C GLU E 264 19.36 62.30 8.83
N VAL E 265 19.06 62.20 7.53
CA VAL E 265 17.65 62.14 7.06
C VAL E 265 16.98 60.82 7.49
N ILE E 266 17.80 59.76 7.55
CA ILE E 266 17.38 58.45 8.05
C ILE E 266 16.94 58.51 9.53
N LYS E 267 17.82 59.01 10.41
CA LYS E 267 17.47 59.18 11.82
C LYS E 267 16.21 60.01 11.97
N ALA E 268 16.10 61.07 11.17
CA ALA E 268 14.94 61.98 11.12
C ALA E 268 13.66 61.26 10.75
N ALA E 269 13.77 60.38 9.75
CA ALA E 269 12.67 59.52 9.34
C ALA E 269 12.28 58.52 10.45
N ILE E 270 13.25 57.77 10.95
CA ILE E 270 13.02 56.82 12.03
C ILE E 270 12.27 57.47 13.18
N GLU E 271 12.69 58.69 13.52
CA GLU E 271 12.08 59.50 14.59
C GLU E 271 10.56 59.70 14.39
N LYS E 272 10.17 60.11 13.17
CA LYS E 272 8.77 60.26 12.79
C LYS E 272 7.99 58.93 12.92
N LEU E 273 8.67 57.85 12.52
CA LEU E 273 8.09 56.52 12.53
C LEU E 273 7.78 56.04 13.93
N LYS E 274 8.65 56.40 14.88
CA LYS E 274 8.43 56.09 16.29
C LYS E 274 7.13 56.70 16.79
N LEU E 275 6.82 57.91 16.33
CA LEU E 275 5.64 58.60 16.81
C LEU E 275 4.37 57.95 16.31
N ARG E 276 4.44 57.34 15.14
CA ARG E 276 3.23 56.78 14.56
C ARG E 276 3.21 55.25 14.55
N HIS E 277 4.13 54.66 15.33
CA HIS E 277 4.20 53.20 15.53
C HIS E 277 2.80 52.61 15.78
N LYS E 278 2.08 53.18 16.74
CA LYS E 278 0.72 52.77 17.07
C LYS E 278 -0.14 52.53 15.81
N GLU E 279 -0.20 53.52 14.93
CA GLU E 279 -1.14 53.49 13.80
C GLU E 279 -0.57 52.77 12.58
N HIS E 280 0.73 52.51 12.60
CA HIS E 280 1.38 51.69 11.58
C HIS E 280 1.15 50.20 11.86
N ILE E 281 1.43 49.77 13.08
CA ILE E 281 1.06 48.43 13.57
C ILE E 281 -0.38 48.05 13.19
N ALA E 282 -1.32 48.99 13.30
CA ALA E 282 -2.71 48.79 12.90
C ALA E 282 -2.94 48.39 11.42
N ALA E 283 -1.98 48.69 10.55
CA ALA E 283 -2.15 48.37 9.15
C ALA E 283 -1.13 47.35 8.71
N TYR E 284 -0.18 47.04 9.57
CA TYR E 284 0.91 46.14 9.18
C TYR E 284 0.53 44.65 9.07
N GLY E 285 -0.77 44.39 8.90
CA GLY E 285 -1.30 43.04 8.74
C GLY E 285 -1.85 42.39 10.00
N GLU E 286 -2.92 41.62 9.83
CA GLU E 286 -3.57 41.00 10.97
C GLU E 286 -2.95 39.68 11.41
N GLY E 287 -3.04 39.41 12.71
CA GLY E 287 -2.38 38.27 13.31
C GLY E 287 -1.00 38.64 13.87
N ASN E 288 -0.56 39.87 13.59
CA ASN E 288 0.81 40.23 13.91
C ASN E 288 1.18 40.05 15.39
N GLU E 289 0.18 40.12 16.28
CA GLU E 289 0.40 39.99 17.72
C GLU E 289 1.06 38.68 18.05
N ARG E 290 0.77 37.65 17.26
CA ARG E 290 1.34 36.33 17.48
C ARG E 290 2.80 36.23 17.04
N ARG E 291 3.23 37.15 16.17
CA ARG E 291 4.60 37.14 15.65
C ARG E 291 5.55 37.95 16.48
N LEU E 292 5.24 39.24 16.58
CA LEU E 292 6.12 40.23 17.23
C LEU E 292 6.09 40.07 18.75
N THR E 293 7.03 39.27 19.24
CA THR E 293 7.02 38.92 20.64
C THR E 293 8.32 39.37 21.30
N GLY E 294 9.23 39.92 20.51
CA GLY E 294 10.56 40.27 21.03
C GLY E 294 11.56 39.13 20.91
N ARG E 295 11.06 37.89 20.84
CA ARG E 295 11.90 36.73 20.51
C ARG E 295 11.84 36.40 19.01
N HIS E 296 12.74 35.52 18.56
CA HIS E 296 12.76 35.06 17.15
C HIS E 296 13.03 36.18 16.14
N GLU E 297 13.97 37.06 16.49
CA GLU E 297 14.39 38.16 15.61
C GLU E 297 13.22 39.06 15.25
N THR E 298 12.43 39.40 16.26
CA THR E 298 11.38 40.42 16.14
C THR E 298 11.48 41.38 17.33
N ALA E 299 10.84 42.54 17.22
CA ALA E 299 10.71 43.44 18.38
C ALA E 299 9.29 43.34 18.90
N ASP E 300 9.15 43.43 20.23
CA ASP E 300 7.82 43.41 20.87
C ASP E 300 6.83 44.41 20.21
N ILE E 301 5.56 44.00 20.01
CA ILE E 301 4.55 44.85 19.33
C ILE E 301 4.38 46.21 19.99
N ASN E 302 4.51 46.22 21.33
CA ASN E 302 4.20 47.42 22.14
C ASN E 302 5.32 48.45 22.24
N THR E 303 6.56 47.98 22.20
CA THR E 303 7.69 48.90 22.13
C THR E 303 8.10 49.19 20.67
N PHE E 304 8.66 50.39 20.46
CA PHE E 304 9.36 50.73 19.23
C PHE E 304 10.83 50.83 19.57
N SER E 305 11.69 50.26 18.73
CA SER E 305 13.15 50.39 18.90
C SER E 305 13.87 50.44 17.57
N TRP E 306 15.15 50.80 17.62
CA TRP E 306 16.03 50.72 16.44
C TRP E 306 17.50 50.60 16.86
N GLY E 307 18.26 49.80 16.13
CA GLY E 307 19.68 49.63 16.38
C GLY E 307 20.43 49.58 15.07
N VAL E 308 21.72 49.24 15.12
CA VAL E 308 22.47 49.16 13.87
C VAL E 308 22.46 47.74 13.29
N ALA E 309 23.22 46.80 13.87
CA ALA E 309 23.14 45.44 13.32
C ALA E 309 22.09 44.59 14.07
N ASN E 310 21.10 45.28 14.63
CA ASN E 310 20.19 44.65 15.58
C ASN E 310 18.89 44.10 14.96
N ARG E 311 18.82 42.76 14.92
CA ARG E 311 17.63 42.02 14.43
C ARG E 311 16.54 41.86 15.48
N GLY E 312 16.89 42.09 16.75
CA GLY E 312 15.87 42.28 17.80
C GLY E 312 15.08 43.60 17.78
N ALA E 313 15.46 44.54 16.90
CA ALA E 313 14.89 45.89 16.86
C ALA E 313 13.67 46.03 15.94
N SER E 314 12.92 47.13 16.07
CA SER E 314 11.74 47.41 15.23
C SER E 314 12.16 47.96 13.87
N VAL E 315 13.25 48.74 13.88
CA VAL E 315 13.88 49.19 12.65
C VAL E 315 15.34 48.87 12.78
N ARG E 316 15.97 48.53 11.65
CA ARG E 316 17.40 48.18 11.58
C ARG E 316 18.08 48.97 10.44
N VAL E 317 19.29 49.48 10.72
CA VAL E 317 20.04 50.20 9.72
C VAL E 317 21.36 49.48 9.52
N GLY E 318 21.54 48.87 8.34
CA GLY E 318 22.76 48.09 8.05
C GLY E 318 24.10 48.68 8.50
N ARG E 319 25.04 47.81 8.90
CA ARG E 319 26.43 48.20 9.15
C ARG E 319 27.00 49.06 8.04
N GLU E 320 26.74 48.62 6.80
CA GLU E 320 27.22 49.23 5.58
C GLU E 320 26.69 50.65 5.33
N THR E 321 25.38 50.89 5.47
CA THR E 321 24.86 52.24 5.22
C THR E 321 25.16 53.22 6.37
N GLU E 322 25.57 52.70 7.54
CA GLU E 322 26.02 53.54 8.68
C GLU E 322 27.41 54.11 8.39
N GLN E 323 28.31 53.19 8.08
CA GLN E 323 29.70 53.47 7.75
C GLN E 323 29.83 54.33 6.48
N ASN E 324 28.82 54.35 5.64
CA ASN E 324 28.87 55.15 4.42
C ASN E 324 28.15 56.47 4.52
N GLY E 325 27.55 56.74 5.69
CA GLY E 325 26.75 57.96 5.94
C GLY E 325 25.55 58.15 5.01
N LYS E 326 25.28 57.14 4.20
CA LYS E 326 24.17 57.12 3.24
C LYS E 326 23.71 55.67 2.95
N GLY E 327 22.40 55.50 2.84
CA GLY E 327 21.81 54.20 2.46
C GLY E 327 20.29 54.09 2.56
N TYR E 328 19.84 52.99 3.16
CA TYR E 328 18.41 52.72 3.41
C TYR E 328 18.24 52.17 4.84
N PHE E 329 17.00 52.11 5.32
CA PHE E 329 16.75 51.38 6.57
C PHE E 329 15.66 50.32 6.35
N GLU E 330 15.57 49.41 7.32
CA GLU E 330 14.71 48.23 7.22
C GLU E 330 13.65 48.27 8.32
N ASP E 331 12.38 48.52 7.94
CA ASP E 331 11.28 48.41 8.88
C ASP E 331 10.88 46.93 8.99
N ARG E 332 11.21 46.33 10.13
CA ARG E 332 10.98 44.89 10.32
C ARG E 332 9.59 44.50 10.84
N ARG E 333 8.75 45.52 11.02
CA ARG E 333 7.43 45.39 11.66
C ARG E 333 6.32 44.74 10.81
N PRO E 334 6.29 44.98 9.47
CA PRO E 334 5.17 44.42 8.66
C PRO E 334 5.19 42.89 8.60
N ALA E 335 4.01 42.29 8.83
CA ALA E 335 3.89 40.84 8.76
C ALA E 335 3.79 40.34 7.30
N SER E 336 4.10 39.06 7.12
CA SER E 336 4.14 38.48 5.80
C SER E 336 2.86 38.68 5.02
N ASN E 337 1.74 38.89 5.70
CA ASN E 337 0.44 39.07 5.02
C ASN E 337 0.02 40.56 4.86
N MET E 338 1.05 41.41 4.97
CA MET E 338 0.99 42.83 4.67
C MET E 338 0.53 43.11 3.25
N ASP E 339 -0.32 44.12 3.07
CA ASP E 339 -0.64 44.62 1.74
C ASP E 339 0.45 45.61 1.35
N PRO E 340 1.23 45.28 0.30
CA PRO E 340 2.34 46.20 0.00
C PRO E 340 1.87 47.60 -0.39
N TYR E 341 0.73 47.74 -1.09
CA TYR E 341 0.16 49.06 -1.38
C TYR E 341 -0.04 49.95 -0.15
N VAL E 342 -0.59 49.36 0.91
CA VAL E 342 -0.82 50.07 2.19
C VAL E 342 0.52 50.39 2.86
N VAL E 343 1.36 49.40 3.08
CA VAL E 343 2.60 49.63 3.82
C VAL E 343 3.58 50.55 3.09
N THR E 344 3.61 50.40 1.79
CA THR E 344 4.59 51.08 0.97
C THR E 344 4.25 52.56 0.92
N SER E 345 2.98 52.89 0.78
CA SER E 345 2.58 54.29 0.68
C SER E 345 2.59 54.99 2.04
N MET E 346 2.09 54.29 3.07
CA MET E 346 2.04 54.81 4.44
C MET E 346 3.43 55.11 5.10
N ILE E 347 4.48 54.45 4.61
CA ILE E 347 5.85 54.79 5.01
C ILE E 347 6.26 56.08 4.31
N ALA E 348 5.92 56.22 3.04
CA ALA E 348 6.22 57.45 2.30
C ALA E 348 5.44 58.62 2.88
N GLU E 349 4.25 58.33 3.41
CA GLU E 349 3.39 59.37 3.97
C GLU E 349 3.88 59.85 5.36
N THR E 350 4.11 58.92 6.25
CA THR E 350 4.61 59.25 7.57
C THR E 350 6.03 59.79 7.49
N THR E 351 6.67 59.67 6.32
CA THR E 351 8.08 60.02 6.19
C THR E 351 8.34 61.34 5.49
N ILE E 352 7.48 61.65 4.53
CA ILE E 352 7.62 62.88 3.76
C ILE E 352 6.54 63.90 4.15
N VAL E 353 5.28 63.61 3.83
CA VAL E 353 4.18 64.58 3.96
C VAL E 353 3.91 65.09 5.40
N TRP E 354 3.68 64.17 6.33
CA TRP E 354 3.30 64.48 7.70
C TRP E 354 4.42 65.16 8.51
N LYS E 355 4.03 66.09 9.41
CA LYS E 355 4.96 66.74 10.39
C LYS E 355 4.45 66.79 11.86
N CYS F 3 -17.01 -17.43 13.60
CA CYS F 3 -16.79 -17.90 12.19
C CYS F 3 -15.86 -19.13 12.04
N LEU F 4 -14.61 -18.97 11.59
CA LEU F 4 -13.83 -20.12 11.09
C LEU F 4 -13.08 -20.98 12.10
N THR F 5 -12.51 -20.36 13.11
CA THR F 5 -11.88 -21.11 14.18
C THR F 5 -12.89 -21.69 15.17
N ASP F 6 -14.15 -21.29 15.03
CA ASP F 6 -15.24 -21.86 15.83
C ASP F 6 -15.56 -23.26 15.38
N LEU F 7 -15.36 -23.52 14.10
CA LEU F 7 -15.66 -24.80 13.48
C LEU F 7 -14.48 -25.75 13.64
N VAL F 8 -13.27 -25.22 13.44
CA VAL F 8 -12.05 -25.99 13.58
C VAL F 8 -11.95 -26.57 14.99
N ASN F 9 -12.46 -25.81 15.95
CA ASN F 9 -12.33 -26.17 17.35
C ASN F 9 -13.59 -26.74 17.98
N LEU F 10 -14.55 -27.16 17.15
CA LEU F 10 -15.77 -27.77 17.66
C LEU F 10 -15.45 -28.97 18.54
N ASN F 11 -16.20 -29.11 19.63
CA ASN F 11 -16.11 -30.33 20.46
C ASN F 11 -17.07 -31.41 19.96
N LEU F 12 -16.51 -32.49 19.43
CA LEU F 12 -17.34 -33.53 18.89
C LEU F 12 -17.88 -34.45 19.99
N SER F 13 -17.23 -34.43 21.16
CA SER F 13 -17.61 -35.24 22.33
C SER F 13 -19.05 -35.01 22.76
N ASP F 14 -19.53 -33.79 22.55
CA ASP F 14 -20.90 -33.42 22.91
C ASP F 14 -21.91 -34.06 21.96
N THR F 15 -21.47 -34.53 20.79
CA THR F 15 -22.41 -34.90 19.72
C THR F 15 -22.40 -36.37 19.29
N THR F 16 -21.21 -36.95 19.07
CA THR F 16 -21.06 -38.42 18.92
C THR F 16 -19.81 -38.98 19.62
N GLU F 17 -19.69 -40.31 19.52
CA GLU F 17 -18.57 -41.05 20.05
C GLU F 17 -17.45 -41.15 19.02
N LYS F 18 -17.78 -40.93 17.73
CA LYS F 18 -16.82 -41.07 16.61
C LYS F 18 -15.49 -40.32 16.80
N ILE F 19 -14.47 -40.83 16.13
CA ILE F 19 -13.11 -40.35 16.30
C ILE F 19 -12.46 -40.04 14.95
N ILE F 20 -11.56 -39.06 14.98
CA ILE F 20 -10.76 -38.81 13.79
C ILE F 20 -9.32 -39.28 14.01
N ALA F 21 -8.91 -40.17 13.12
CA ALA F 21 -7.56 -40.69 13.10
C ALA F 21 -6.82 -40.17 11.86
N GLU F 22 -5.68 -39.55 12.13
CA GLU F 22 -4.81 -38.96 11.13
C GLU F 22 -3.62 -39.87 10.95
N TYR F 23 -3.64 -40.64 9.87
CA TYR F 23 -2.59 -41.61 9.57
C TYR F 23 -1.40 -40.92 8.94
N ILE F 24 -0.27 -40.91 9.63
CA ILE F 24 0.93 -40.29 9.11
C ILE F 24 1.87 -41.33 8.49
N TRP F 25 2.41 -41.05 7.31
CA TRP F 25 3.56 -41.83 6.83
C TRP F 25 4.73 -41.04 6.20
N ILE F 26 5.79 -41.78 5.87
CA ILE F 26 6.93 -41.21 5.17
C ILE F 26 6.90 -41.61 3.68
N GLY F 27 7.07 -40.61 2.82
CA GLY F 27 6.89 -40.75 1.37
C GLY F 27 8.15 -41.11 0.61
N GLY F 28 8.05 -41.02 -0.71
CA GLY F 28 9.09 -41.47 -1.66
C GLY F 28 10.51 -40.95 -1.54
N SER F 29 10.66 -39.70 -1.15
CA SER F 29 11.99 -39.11 -0.96
C SER F 29 12.64 -39.62 0.33
N GLY F 30 11.84 -40.13 1.26
CA GLY F 30 12.34 -40.60 2.55
C GLY F 30 12.51 -39.45 3.54
N MET F 31 12.11 -38.25 3.11
CA MET F 31 12.23 -37.04 3.92
C MET F 31 10.97 -36.18 3.89
N ASP F 32 9.93 -36.68 3.25
CA ASP F 32 8.68 -35.94 3.10
C ASP F 32 7.53 -36.61 3.86
N LEU F 33 7.02 -35.97 4.91
CA LEU F 33 5.88 -36.52 5.62
C LEU F 33 4.56 -36.36 4.87
N ARG F 34 3.69 -37.34 4.98
CA ARG F 34 2.36 -37.31 4.36
C ARG F 34 1.31 -37.80 5.34
N SER F 35 0.11 -37.26 5.28
CA SER F 35 -0.98 -37.75 6.14
C SER F 35 -2.33 -37.70 5.42
N LYS F 36 -3.28 -38.50 5.89
CA LYS F 36 -4.71 -38.33 5.59
C LYS F 36 -5.52 -38.81 6.78
N ALA F 37 -6.81 -38.48 6.81
CA ALA F 37 -7.63 -38.77 7.99
C ALA F 37 -8.89 -39.61 7.72
N ARG F 38 -9.20 -40.51 8.66
CA ARG F 38 -10.42 -41.29 8.58
C ARG F 38 -11.24 -41.21 9.85
N THR F 39 -12.54 -41.50 9.71
CA THR F 39 -13.46 -41.57 10.87
C THR F 39 -13.51 -43.01 11.40
N LEU F 40 -13.28 -43.15 12.71
CA LEU F 40 -13.33 -44.44 13.39
C LEU F 40 -14.47 -44.43 14.39
N PRO F 41 -15.09 -45.62 14.63
CA PRO F 41 -16.41 -45.62 15.33
C PRO F 41 -16.36 -45.23 16.83
N GLY F 42 -15.21 -45.44 17.47
CA GLY F 42 -15.02 -45.00 18.85
C GLY F 42 -13.55 -44.83 19.14
N PRO F 43 -13.19 -44.40 20.39
CA PRO F 43 -11.81 -44.13 20.79
C PRO F 43 -10.94 -45.36 20.64
N VAL F 44 -9.62 -45.21 20.48
CA VAL F 44 -8.72 -46.37 20.47
C VAL F 44 -7.40 -46.01 21.16
N THR F 45 -6.86 -46.95 21.95
CA THR F 45 -5.57 -46.74 22.65
C THR F 45 -4.51 -47.76 22.24
N ASP F 46 -4.95 -48.86 21.66
CA ASP F 46 -4.00 -49.87 21.23
C ASP F 46 -3.78 -49.91 19.71
N PRO F 47 -2.56 -49.58 19.26
CA PRO F 47 -2.15 -49.58 17.85
C PRO F 47 -2.67 -50.76 17.03
N SER F 48 -2.71 -51.94 17.62
CA SER F 48 -3.10 -53.17 16.88
C SER F 48 -4.58 -53.42 16.90
N LYS F 49 -5.34 -52.47 17.43
CA LYS F 49 -6.79 -52.50 17.31
C LYS F 49 -7.32 -51.47 16.30
N LEU F 50 -6.40 -50.76 15.64
CA LEU F 50 -6.71 -49.88 14.49
C LEU F 50 -6.61 -50.63 13.19
N PRO F 51 -7.56 -50.40 12.25
CA PRO F 51 -7.50 -51.04 10.94
C PRO F 51 -6.25 -50.62 10.17
N LYS F 52 -5.74 -51.51 9.33
CA LYS F 52 -4.69 -51.15 8.38
C LYS F 52 -5.42 -50.44 7.26
N TRP F 53 -4.67 -49.62 6.52
CA TRP F 53 -5.24 -48.74 5.50
C TRP F 53 -4.30 -48.73 4.30
N ASN F 54 -4.76 -48.11 3.19
CA ASN F 54 -3.94 -47.91 2.00
C ASN F 54 -3.92 -46.45 1.58
N TYR F 55 -2.94 -46.09 0.73
CA TYR F 55 -2.94 -44.80 0.03
C TYR F 55 -2.55 -44.96 -1.45
N ASP F 56 -2.56 -43.85 -2.19
CA ASP F 56 -2.14 -43.88 -3.57
C ASP F 56 -0.64 -43.74 -3.64
N GLY F 57 0.03 -44.88 -3.75
CA GLY F 57 1.48 -44.90 -3.84
C GLY F 57 2.00 -44.19 -5.07
N SER F 58 1.17 -44.11 -6.12
CA SER F 58 1.59 -43.48 -7.37
C SER F 58 1.77 -41.97 -7.25
N SER F 59 1.17 -41.35 -6.23
CA SER F 59 1.24 -39.90 -6.05
C SER F 59 2.26 -39.46 -5.02
N THR F 60 3.03 -40.43 -4.51
CA THR F 60 4.10 -40.19 -3.50
C THR F 60 5.44 -40.76 -3.99
N GLY F 61 5.44 -41.23 -5.24
CA GLY F 61 6.61 -41.87 -5.83
C GLY F 61 7.03 -43.15 -5.13
N GLN F 62 6.05 -44.02 -4.86
CA GLN F 62 6.30 -45.24 -4.13
C GLN F 62 5.74 -46.49 -4.83
N ALA F 63 4.93 -46.30 -5.87
CA ALA F 63 4.37 -47.40 -6.71
C ALA F 63 3.93 -46.87 -8.06
N PRO F 64 3.91 -47.72 -9.11
CA PRO F 64 3.30 -47.39 -10.40
C PRO F 64 1.79 -47.20 -10.35
N GLY F 65 1.24 -46.57 -11.38
CA GLY F 65 -0.19 -46.25 -11.45
C GLY F 65 -1.09 -47.49 -11.56
N GLU F 66 -0.62 -48.50 -12.32
CA GLU F 66 -1.37 -49.76 -12.59
C GLU F 66 -1.33 -50.72 -11.39
N ASP F 67 -0.38 -50.53 -10.49
CA ASP F 67 -0.36 -51.27 -9.24
C ASP F 67 -0.08 -50.23 -8.16
N SER F 68 -1.13 -49.48 -7.84
CA SER F 68 -0.94 -48.26 -7.10
C SER F 68 -1.01 -48.40 -5.57
N GLU F 69 -1.60 -49.49 -5.07
CA GLU F 69 -1.93 -49.55 -3.63
C GLU F 69 -0.71 -49.83 -2.77
N VAL F 70 -0.55 -49.05 -1.71
CA VAL F 70 0.49 -49.27 -0.68
C VAL F 70 -0.21 -49.34 0.68
N ILE F 71 0.27 -50.18 1.57
CA ILE F 71 -0.50 -50.47 2.78
C ILE F 71 0.11 -49.81 4.01
N LEU F 72 -0.79 -49.37 4.90
CA LEU F 72 -0.43 -48.64 6.11
C LEU F 72 -0.64 -49.43 7.41
N TYR F 73 0.47 -49.67 8.11
CA TYR F 73 0.45 -50.42 9.35
C TYR F 73 0.54 -49.45 10.51
N PRO F 74 -0.56 -49.32 11.28
CA PRO F 74 -0.53 -48.48 12.49
C PRO F 74 0.53 -48.98 13.48
N GLN F 75 1.44 -48.10 13.87
CA GLN F 75 2.48 -48.51 14.82
C GLN F 75 2.41 -47.78 16.15
N ALA F 76 2.18 -46.47 16.13
CA ALA F 76 2.10 -45.70 17.36
C ALA F 76 0.89 -44.74 17.38
N ILE F 77 0.32 -44.54 18.56
CA ILE F 77 -0.80 -43.64 18.70
C ILE F 77 -0.41 -42.46 19.59
N PHE F 78 -0.77 -41.26 19.16
CA PHE F 78 -0.63 -40.07 19.98
C PHE F 78 -1.91 -39.25 19.88
N LYS F 79 -2.14 -38.40 20.87
CA LYS F 79 -3.32 -37.53 20.82
C LYS F 79 -3.07 -36.40 19.80
N ASP F 80 -4.08 -36.11 18.97
CA ASP F 80 -3.99 -34.99 18.03
C ASP F 80 -4.14 -33.63 18.73
N PRO F 81 -3.08 -32.80 18.72
CA PRO F 81 -3.13 -31.53 19.38
C PRO F 81 -3.89 -30.50 18.56
N PHE F 82 -4.09 -30.78 17.27
CA PHE F 82 -4.83 -29.87 16.42
C PHE F 82 -6.32 -30.11 16.54
N ARG F 83 -6.77 -31.33 16.24
CA ARG F 83 -8.19 -31.66 16.34
C ARG F 83 -8.71 -31.84 17.77
N ARG F 84 -7.78 -32.07 18.72
CA ARG F 84 -8.05 -32.22 20.17
C ARG F 84 -9.17 -33.25 20.52
N GLY F 85 -9.75 -33.16 21.73
CA GLY F 85 -10.71 -34.17 22.21
C GLY F 85 -10.11 -35.56 22.12
N ASN F 86 -10.86 -36.50 21.57
CA ASN F 86 -10.39 -37.88 21.53
C ASN F 86 -9.69 -38.27 20.25
N ASN F 87 -9.44 -37.30 19.37
CA ASN F 87 -8.83 -37.57 18.06
C ASN F 87 -7.34 -37.86 18.14
N ILE F 88 -6.86 -38.63 17.18
CA ILE F 88 -5.52 -39.19 17.30
C ILE F 88 -4.68 -39.05 16.02
N LEU F 89 -3.37 -38.93 16.23
CA LEU F 89 -2.37 -39.10 15.19
C LEU F 89 -1.87 -40.52 15.28
N VAL F 90 -1.69 -41.18 14.14
CA VAL F 90 -1.23 -42.57 14.08
C VAL F 90 0.00 -42.67 13.21
N MET F 91 1.15 -42.96 13.79
CA MET F 91 2.36 -43.07 13.01
C MET F 91 2.38 -44.37 12.22
N CYS F 92 2.84 -44.34 10.97
CA CYS F 92 2.69 -45.54 10.14
C CYS F 92 3.91 -46.12 9.43
N ASP F 93 3.70 -47.33 8.93
CA ASP F 93 4.71 -48.20 8.39
C ASP F 93 4.26 -48.52 6.95
N CYS F 94 5.18 -48.73 6.02
CA CYS F 94 4.77 -48.89 4.63
C CYS F 94 5.10 -50.23 3.96
N TYR F 95 4.05 -50.89 3.43
CA TYR F 95 4.14 -52.28 2.93
C TYR F 95 3.45 -52.44 1.60
N THR F 96 3.97 -53.34 0.77
CA THR F 96 3.26 -53.80 -0.44
C THR F 96 2.06 -54.66 -0.04
N PRO F 97 1.08 -54.83 -0.96
CA PRO F 97 -0.08 -55.66 -0.60
C PRO F 97 0.31 -57.12 -0.32
N ALA F 98 1.47 -57.53 -0.82
CA ALA F 98 2.08 -58.82 -0.51
C ALA F 98 2.70 -58.90 0.91
N GLY F 99 2.77 -57.77 1.62
CA GLY F 99 3.33 -57.75 2.98
C GLY F 99 4.83 -57.49 3.05
N GLU F 100 5.42 -57.10 1.94
CA GLU F 100 6.82 -56.69 1.92
C GLU F 100 6.96 -55.24 2.39
N PRO F 101 7.96 -54.95 3.23
CA PRO F 101 8.26 -53.53 3.41
C PRO F 101 8.92 -52.93 2.15
N ILE F 102 8.31 -51.83 1.65
CA ILE F 102 8.85 -51.07 0.51
C ILE F 102 10.22 -50.43 0.81
N PRO F 103 11.01 -50.17 -0.25
CA PRO F 103 12.41 -49.75 -0.07
C PRO F 103 12.60 -48.59 0.88
N THR F 104 11.62 -47.69 0.95
CA THR F 104 11.71 -46.47 1.79
C THR F 104 11.23 -46.62 3.24
N ASN F 105 10.84 -47.84 3.62
CA ASN F 105 10.46 -48.16 4.97
C ASN F 105 11.70 -48.56 5.76
N LYS F 106 12.34 -47.60 6.41
CA LYS F 106 13.52 -47.85 7.24
C LYS F 106 13.17 -48.24 8.68
N ARG F 107 11.88 -48.27 9.00
CA ARG F 107 11.43 -48.69 10.31
C ARG F 107 11.48 -50.20 10.48
N TYR F 108 11.07 -50.94 9.45
CA TYR F 108 11.13 -52.39 9.46
C TYR F 108 12.49 -52.91 9.91
N SER F 109 13.55 -52.52 9.18
CA SER F 109 14.93 -52.92 9.48
C SER F 109 15.34 -52.52 10.89
N ALA F 110 14.98 -51.31 11.30
CA ALA F 110 15.32 -50.79 12.63
C ALA F 110 14.57 -51.53 13.71
N ALA F 111 13.34 -51.96 13.39
CA ALA F 111 12.51 -52.76 14.30
C ALA F 111 13.18 -54.08 14.63
N LYS F 112 13.59 -54.79 13.58
CA LYS F 112 14.35 -56.04 13.71
C LYS F 112 15.54 -55.92 14.66
N ILE F 113 16.32 -54.86 14.53
CA ILE F 113 17.50 -54.69 15.36
C ILE F 113 17.18 -54.46 16.86
N PHE F 114 16.11 -53.74 17.15
CA PHE F 114 15.69 -53.46 18.53
C PHE F 114 14.84 -54.61 19.13
N SER F 115 14.41 -55.53 18.27
CA SER F 115 13.76 -56.78 18.67
C SER F 115 14.81 -57.80 19.14
N SER F 116 15.76 -58.10 18.25
CA SER F 116 16.99 -58.86 18.54
C SER F 116 17.42 -58.76 20.04
N PRO F 117 17.55 -59.95 20.71
CA PRO F 117 17.52 -60.04 22.20
C PRO F 117 18.70 -59.46 22.96
N GLU F 118 19.88 -59.46 22.37
CA GLU F 118 21.09 -58.91 23.03
C GLU F 118 21.15 -57.39 22.95
N VAL F 119 20.32 -56.82 22.06
CA VAL F 119 20.13 -55.38 21.97
C VAL F 119 19.07 -55.02 22.99
N ALA F 120 17.89 -55.63 22.87
CA ALA F 120 16.77 -55.33 23.77
C ALA F 120 17.19 -55.36 25.26
N ALA F 121 18.07 -56.30 25.59
CA ALA F 121 18.56 -56.54 26.94
C ALA F 121 19.46 -55.40 27.40
N GLU F 122 20.25 -54.88 26.45
CA GLU F 122 21.11 -53.73 26.71
C GLU F 122 20.29 -52.45 26.86
N GLU F 123 19.03 -52.53 26.40
CA GLU F 123 17.99 -51.50 26.58
C GLU F 123 18.56 -50.09 26.25
N PRO F 124 18.69 -49.80 24.94
CA PRO F 124 19.32 -48.56 24.52
C PRO F 124 18.38 -47.33 24.63
N TRP F 125 19.03 -46.21 24.91
CA TRP F 125 18.33 -44.96 25.18
C TRP F 125 18.85 -43.88 24.24
N TYR F 126 17.92 -43.26 23.53
CA TYR F 126 18.28 -42.10 22.71
C TYR F 126 17.57 -40.84 23.14
N GLY F 127 18.36 -39.78 23.27
CA GLY F 127 17.85 -38.42 23.25
C GLY F 127 18.41 -37.75 22.01
N ILE F 128 17.54 -37.30 21.11
CA ILE F 128 17.99 -36.70 19.86
C ILE F 128 17.57 -35.21 19.78
N GLU F 129 18.54 -34.36 19.43
CA GLU F 129 18.33 -32.92 19.42
C GLU F 129 18.15 -32.49 17.99
N GLN F 130 16.88 -32.23 17.62
CA GLN F 130 16.48 -31.77 16.30
C GLN F 130 16.73 -30.26 16.21
N GLU F 131 17.63 -29.85 15.31
CA GLU F 131 17.73 -28.43 14.97
C GLU F 131 16.95 -28.26 13.66
N TYR F 132 16.53 -27.03 13.37
CA TYR F 132 15.81 -26.74 12.12
C TYR F 132 15.84 -25.23 11.95
N THR F 133 15.60 -24.79 10.71
CA THR F 133 15.57 -23.35 10.41
C THR F 133 14.19 -22.91 9.83
N LEU F 134 13.71 -21.76 10.27
CA LEU F 134 12.45 -21.25 9.79
C LEU F 134 12.65 -20.26 8.63
N LEU F 135 11.81 -20.37 7.61
CA LEU F 135 11.96 -19.55 6.42
C LEU F 135 10.67 -18.83 6.06
N GLN F 136 10.81 -17.64 5.46
CA GLN F 136 9.67 -16.91 4.88
C GLN F 136 9.16 -17.67 3.67
N LYS F 137 7.85 -17.80 3.55
CA LYS F 137 7.22 -18.45 2.41
C LYS F 137 7.53 -17.66 1.14
N ASP F 138 7.83 -18.37 0.06
CA ASP F 138 8.03 -17.79 -1.29
C ASP F 138 9.42 -17.23 -1.57
N THR F 139 9.89 -16.34 -0.71
CA THR F 139 11.24 -15.80 -0.82
C THR F 139 12.29 -16.82 -0.37
N ASN F 140 11.88 -17.69 0.57
CA ASN F 140 12.72 -18.78 1.11
C ASN F 140 13.97 -18.30 1.83
N TRP F 141 13.83 -17.10 2.41
CA TRP F 141 14.87 -16.46 3.19
C TRP F 141 14.51 -16.59 4.67
N PRO F 142 15.50 -16.88 5.56
CA PRO F 142 15.31 -17.13 6.98
C PRO F 142 14.40 -16.11 7.65
N LEU F 143 13.54 -16.60 8.55
CA LEU F 143 12.63 -15.76 9.29
C LEU F 143 13.37 -14.67 10.04
N GLY F 144 12.82 -13.47 10.00
CA GLY F 144 13.45 -12.36 10.73
C GLY F 144 14.64 -11.68 10.06
N TRP F 145 15.10 -12.30 8.97
CA TRP F 145 16.10 -11.71 8.07
C TRP F 145 15.44 -10.75 7.08
N PRO F 146 16.11 -9.61 6.79
CA PRO F 146 15.62 -8.72 5.74
C PRO F 146 15.93 -9.30 4.35
N ILE F 147 15.06 -9.05 3.37
CA ILE F 147 15.18 -9.72 2.08
C ILE F 147 16.38 -9.19 1.31
N GLY F 148 17.18 -10.13 0.78
CA GLY F 148 18.49 -9.85 0.13
C GLY F 148 19.48 -9.20 1.07
N GLY F 149 19.57 -9.70 2.29
CA GLY F 149 20.33 -9.03 3.32
C GLY F 149 20.42 -9.89 4.57
N PHE F 150 21.24 -9.46 5.52
CA PHE F 150 21.54 -10.30 6.65
C PHE F 150 21.29 -9.53 7.90
N PRO F 151 21.02 -10.26 8.99
CA PRO F 151 20.96 -9.56 10.27
C PRO F 151 22.36 -9.33 10.83
N GLY F 152 22.46 -8.71 12.02
CA GLY F 152 23.72 -8.68 12.75
C GLY F 152 24.43 -10.05 12.80
N PRO F 153 25.77 -10.04 12.98
CA PRO F 153 26.45 -11.33 12.94
C PRO F 153 26.09 -12.16 14.16
N GLN F 154 26.31 -13.47 14.03
CA GLN F 154 25.97 -14.43 15.07
C GLN F 154 26.50 -14.01 16.41
N GLY F 155 25.81 -14.43 17.47
CA GLY F 155 26.29 -14.11 18.82
C GLY F 155 25.23 -13.80 19.86
N PRO F 156 24.38 -12.77 19.62
CA PRO F 156 23.25 -12.49 20.55
C PRO F 156 22.01 -13.46 20.43
N TYR F 157 22.05 -14.39 19.47
CA TYR F 157 20.85 -15.15 19.06
C TYR F 157 20.59 -16.43 19.85
N TYR F 158 21.67 -17.18 20.13
CA TYR F 158 21.60 -18.40 20.93
C TYR F 158 20.90 -18.13 22.27
N CYS F 159 19.75 -18.79 22.47
CA CYS F 159 18.96 -18.66 23.70
C CYS F 159 18.62 -17.24 24.08
N GLY F 160 18.56 -16.33 23.10
CA GLY F 160 18.34 -14.91 23.38
C GLY F 160 16.87 -14.64 23.60
N ILE F 161 16.60 -13.40 23.99
CA ILE F 161 15.21 -12.93 24.10
C ILE F 161 15.12 -11.52 23.55
N GLY F 162 13.94 -11.18 23.00
CA GLY F 162 13.67 -9.82 22.50
C GLY F 162 13.30 -9.83 21.03
N ALA F 163 12.57 -8.80 20.60
CA ALA F 163 12.10 -8.72 19.21
C ALA F 163 13.22 -8.69 18.15
N GLU F 164 14.39 -8.15 18.51
CA GLU F 164 15.51 -8.10 17.57
C GLU F 164 16.38 -9.36 17.53
N LYS F 165 16.14 -10.25 18.47
CA LYS F 165 17.03 -11.42 18.64
C LYS F 165 16.33 -12.74 18.37
N SER F 166 15.02 -12.78 18.55
CA SER F 166 14.35 -14.06 18.70
C SER F 166 13.15 -14.24 17.78
N PHE F 167 13.40 -14.93 16.66
CA PHE F 167 12.39 -15.01 15.59
C PHE F 167 11.52 -16.27 15.60
N GLY F 168 10.24 -16.10 15.92
CA GLY F 168 9.27 -17.21 15.83
C GLY F 168 9.17 -18.11 17.06
N ARG F 169 9.31 -17.51 18.24
CA ARG F 169 9.14 -18.22 19.50
C ARG F 169 7.75 -18.80 19.57
N ASP F 170 6.77 -18.03 19.08
CA ASP F 170 5.42 -18.48 18.85
C ASP F 170 5.32 -19.93 18.42
N ILE F 171 5.95 -20.22 17.28
CA ILE F 171 5.97 -21.53 16.68
C ILE F 171 6.59 -22.54 17.66
N VAL F 172 7.78 -22.22 18.14
CA VAL F 172 8.48 -23.07 19.07
C VAL F 172 7.64 -23.42 20.31
N ASP F 173 7.28 -22.41 21.13
CA ASP F 173 6.48 -22.64 22.34
C ASP F 173 5.20 -23.44 22.09
N ALA F 174 4.54 -23.18 20.97
CA ALA F 174 3.33 -23.92 20.56
C ALA F 174 3.65 -25.37 20.33
N HIS F 175 4.78 -25.64 19.67
CA HIS F 175 5.18 -27.00 19.32
C HIS F 175 5.48 -27.77 20.59
N TYR F 176 6.23 -27.15 21.49
CA TYR F 176 6.53 -27.73 22.78
C TYR F 176 5.25 -28.28 23.42
N LYS F 177 4.25 -27.41 23.68
CA LYS F 177 3.01 -27.84 24.34
C LYS F 177 2.26 -28.92 23.53
N ALA F 178 2.14 -28.70 22.23
CA ALA F 178 1.50 -29.65 21.32
C ALA F 178 2.08 -31.02 21.56
N CYS F 179 3.40 -31.13 21.45
CA CYS F 179 4.12 -32.42 21.64
C CYS F 179 3.86 -33.09 22.99
N LEU F 180 4.05 -32.34 24.09
CA LEU F 180 3.70 -32.81 25.41
C LEU F 180 2.26 -33.34 25.49
N TYR F 181 1.31 -32.59 24.95
CA TYR F 181 -0.10 -32.97 24.98
C TYR F 181 -0.29 -34.29 24.21
N ALA F 182 0.32 -34.33 23.03
CA ALA F 182 0.23 -35.49 22.17
C ALA F 182 0.73 -36.75 22.86
N GLY F 183 1.69 -36.56 23.77
CA GLY F 183 2.38 -37.64 24.47
C GLY F 183 3.80 -37.94 23.98
N ILE F 184 4.36 -37.08 23.15
CA ILE F 184 5.76 -37.20 22.72
C ILE F 184 6.66 -36.92 23.92
N ASN F 185 7.64 -37.78 24.17
CA ASN F 185 8.57 -37.44 25.23
C ASN F 185 9.56 -36.33 24.77
N ILE F 186 9.09 -35.10 24.87
CA ILE F 186 9.90 -33.93 24.53
C ILE F 186 10.60 -33.44 25.79
N SER F 187 11.90 -33.19 25.70
CA SER F 187 12.66 -32.97 26.94
C SER F 187 13.01 -31.49 27.22
N GLY F 188 12.94 -30.69 26.15
CA GLY F 188 13.45 -29.32 26.15
C GLY F 188 13.53 -28.69 24.76
N ILE F 189 13.66 -27.37 24.76
CA ILE F 189 13.77 -26.54 23.55
C ILE F 189 14.86 -25.46 23.76
N ASN F 190 15.31 -24.82 22.69
CA ASN F 190 16.19 -23.67 22.85
C ASN F 190 16.41 -22.91 21.54
N GLY F 191 16.56 -21.58 21.65
CA GLY F 191 16.98 -20.78 20.51
C GLY F 191 18.38 -21.18 20.09
N GLU F 192 18.58 -21.44 18.81
CA GLU F 192 19.92 -21.75 18.33
C GLU F 192 20.79 -20.54 17.94
N VAL F 193 22.03 -20.83 17.55
CA VAL F 193 23.06 -19.80 17.26
C VAL F 193 22.75 -18.84 16.09
N MET F 194 22.26 -19.41 15.00
CA MET F 194 21.88 -18.70 13.81
C MET F 194 20.48 -18.11 13.96
N PRO F 195 20.34 -16.77 13.75
CA PRO F 195 19.05 -16.13 13.94
C PRO F 195 18.04 -16.87 13.04
N GLY F 196 16.92 -17.32 13.62
CA GLY F 196 15.90 -18.06 12.88
C GLY F 196 16.00 -19.58 13.00
N GLN F 197 16.99 -20.03 13.76
CA GLN F 197 17.22 -21.43 13.95
C GLN F 197 16.82 -21.85 15.38
N TRP F 198 16.24 -23.05 15.48
CA TRP F 198 15.68 -23.53 16.75
C TRP F 198 15.95 -25.01 16.98
N GLU F 199 15.70 -25.45 18.21
CA GLU F 199 15.97 -26.79 18.60
C GLU F 199 14.85 -27.30 19.48
N PHE F 200 14.60 -28.60 19.39
CA PHE F 200 13.89 -29.35 20.45
C PHE F 200 14.56 -30.73 20.60
N GLN F 201 14.50 -31.28 21.82
CA GLN F 201 15.05 -32.59 22.07
C GLN F 201 13.97 -33.55 22.47
N VAL F 202 13.92 -34.66 21.74
CA VAL F 202 13.05 -35.77 22.13
C VAL F 202 13.80 -36.62 23.16
N GLY F 203 13.43 -36.36 24.44
CA GLY F 203 14.06 -36.87 25.70
C GLY F 203 14.23 -38.38 25.76
N PRO F 204 14.96 -38.89 26.79
CA PRO F 204 15.50 -40.25 26.67
C PRO F 204 14.38 -41.27 26.25
N SER F 205 14.44 -41.81 25.02
CA SER F 205 13.42 -42.78 24.55
C SER F 205 14.03 -44.07 24.04
N VAL F 206 13.31 -45.18 24.24
CA VAL F 206 13.95 -46.51 24.12
C VAL F 206 13.74 -47.16 22.76
N GLY F 207 14.82 -47.54 22.11
CA GLY F 207 14.75 -48.26 20.84
C GLY F 207 13.84 -47.68 19.75
N ILE F 208 12.98 -48.50 19.16
CA ILE F 208 12.15 -48.03 18.05
C ILE F 208 11.40 -46.72 18.33
N SER F 209 10.77 -46.62 19.50
CA SER F 209 9.94 -45.46 19.89
C SER F 209 10.65 -44.10 19.79
N SER F 210 11.99 -44.10 19.79
CA SER F 210 12.73 -42.85 19.51
C SER F 210 12.48 -42.40 18.06
N GLY F 211 12.82 -43.26 17.08
CA GLY F 211 12.45 -42.94 15.69
C GLY F 211 10.97 -42.53 15.50
N ASP F 212 10.06 -43.28 16.12
CA ASP F 212 8.65 -43.01 15.98
C ASP F 212 8.28 -41.64 16.48
N GLN F 213 8.76 -41.29 17.67
CA GLN F 213 8.47 -39.98 18.26
C GLN F 213 9.06 -38.82 17.46
N VAL F 214 10.33 -38.93 17.10
CA VAL F 214 10.98 -37.88 16.31
C VAL F 214 10.27 -37.56 14.99
N TRP F 215 9.88 -38.57 14.23
CA TRP F 215 9.04 -38.30 13.06
C TRP F 215 7.77 -37.51 13.40
N VAL F 216 6.97 -38.04 14.34
CA VAL F 216 5.72 -37.41 14.72
C VAL F 216 5.99 -36.01 15.29
N ALA F 217 7.15 -35.81 15.90
CA ALA F 217 7.49 -34.49 16.43
C ALA F 217 7.64 -33.56 15.24
N ARG F 218 8.26 -34.09 14.17
CA ARG F 218 8.53 -33.32 12.96
C ARG F 218 7.25 -32.97 12.24
N TYR F 219 6.32 -33.90 12.29
CA TYR F 219 5.04 -33.73 11.64
C TYR F 219 4.33 -32.61 12.33
N ILE F 220 4.24 -32.67 13.65
CA ILE F 220 3.65 -31.58 14.41
C ILE F 220 4.36 -30.23 14.15
N LEU F 221 5.70 -30.22 14.07
CA LEU F 221 6.41 -28.95 13.81
C LEU F 221 5.92 -28.33 12.52
N GLU F 222 5.98 -29.11 11.44
CA GLU F 222 5.61 -28.61 10.12
C GLU F 222 4.15 -28.21 10.01
N ARG F 223 3.25 -29.00 10.58
CA ARG F 223 1.84 -28.61 10.65
C ARG F 223 1.61 -27.28 11.35
N ILE F 224 2.46 -26.98 12.33
CA ILE F 224 2.36 -25.74 13.05
C ILE F 224 2.88 -24.60 12.18
N THR F 225 4.01 -24.81 11.49
CA THR F 225 4.52 -23.74 10.63
C THR F 225 3.48 -23.46 9.53
N GLU F 226 2.88 -24.52 8.99
CA GLU F 226 1.79 -24.36 8.02
C GLU F 226 0.73 -23.33 8.48
N ILE F 227 0.35 -23.40 9.75
CA ILE F 227 -0.66 -22.49 10.30
C ILE F 227 -0.13 -21.09 10.29
N ALA F 228 1.17 -20.94 10.57
CA ALA F 228 1.81 -19.66 10.69
C ALA F 228 2.21 -19.08 9.33
N GLY F 229 2.01 -19.84 8.27
CA GLY F 229 2.46 -19.41 6.94
C GLY F 229 3.98 -19.20 6.85
N VAL F 230 4.72 -20.15 7.40
CA VAL F 230 6.16 -20.10 7.46
C VAL F 230 6.64 -21.47 6.94
N VAL F 231 7.84 -21.50 6.36
CA VAL F 231 8.41 -22.77 5.87
C VAL F 231 9.55 -23.28 6.76
N VAL F 232 9.63 -24.61 6.98
CA VAL F 232 10.77 -25.23 7.71
C VAL F 232 11.70 -25.90 6.74
N THR F 233 13.02 -25.84 7.01
CA THR F 233 13.95 -26.80 6.39
C THR F 233 14.72 -27.57 7.41
N PHE F 234 14.91 -28.85 7.08
CA PHE F 234 15.82 -29.69 7.81
C PHE F 234 17.15 -29.80 7.08
N ASP F 235 17.34 -28.90 6.10
CA ASP F 235 18.62 -28.79 5.39
C ASP F 235 19.81 -28.42 6.30
N PRO F 236 20.84 -29.26 6.27
CA PRO F 236 21.97 -29.21 7.19
C PRO F 236 22.72 -27.89 7.22
N LYS F 237 22.75 -27.19 6.09
CA LYS F 237 23.41 -25.88 6.02
C LYS F 237 22.64 -25.01 5.03
N PRO F 238 21.63 -24.24 5.52
CA PRO F 238 20.64 -23.62 4.64
C PRO F 238 21.16 -22.33 4.05
N ILE F 239 21.98 -21.63 4.81
CA ILE F 239 22.60 -20.41 4.31
C ILE F 239 24.09 -20.67 4.32
N PRO F 240 24.75 -20.44 3.16
CA PRO F 240 26.21 -20.56 3.07
C PRO F 240 26.91 -19.45 3.84
N GLY F 241 28.19 -19.69 4.13
CA GLY F 241 29.05 -18.69 4.78
C GLY F 241 29.15 -18.79 6.29
N ASP F 242 29.18 -17.62 6.92
CA ASP F 242 29.43 -17.51 8.36
C ASP F 242 28.13 -17.58 9.19
N TRP F 243 27.45 -18.71 9.05
CA TRP F 243 26.22 -19.02 9.79
C TRP F 243 26.16 -20.52 10.07
N ASN F 244 25.69 -20.87 11.28
CA ASN F 244 25.60 -22.25 11.70
C ASN F 244 24.75 -23.15 10.81
N GLY F 245 25.16 -24.40 10.70
CA GLY F 245 24.33 -25.38 10.03
C GLY F 245 23.47 -26.01 11.09
N ALA F 246 22.72 -27.04 10.70
CA ALA F 246 21.81 -27.68 11.63
C ALA F 246 22.04 -29.17 11.66
N GLY F 247 22.18 -29.67 12.87
CA GLY F 247 22.34 -31.10 13.06
C GLY F 247 21.24 -31.76 13.86
N ALA F 248 21.25 -33.08 13.87
CA ALA F 248 20.39 -33.86 14.73
C ALA F 248 21.25 -34.67 15.68
N HIS F 249 21.98 -33.99 16.57
CA HIS F 249 22.84 -34.67 17.57
C HIS F 249 22.08 -35.84 18.20
N THR F 250 22.70 -37.02 18.20
CA THR F 250 22.11 -38.17 18.88
C THR F 250 22.89 -38.47 20.15
N ASN F 251 22.20 -38.37 21.28
CA ASN F 251 22.75 -38.84 22.54
C ASN F 251 22.28 -40.29 22.78
N TYR F 252 23.13 -41.06 23.47
CA TYR F 252 23.03 -42.52 23.50
C TYR F 252 23.61 -43.11 24.78
N SER F 253 22.93 -44.14 25.27
CA SER F 253 23.39 -44.91 26.41
C SER F 253 22.74 -46.30 26.45
N THR F 254 23.50 -47.27 26.96
CA THR F 254 23.00 -48.63 27.22
C THR F 254 22.97 -48.93 28.71
N GLU F 255 22.21 -49.97 29.08
CA GLU F 255 22.09 -50.44 30.47
C GLU F 255 23.44 -50.40 31.21
N SER F 256 24.44 -51.05 30.62
CA SER F 256 25.79 -51.09 31.19
C SER F 256 26.52 -49.72 31.26
N MET F 257 26.13 -48.77 30.39
CA MET F 257 26.78 -47.44 30.32
C MET F 257 26.33 -46.46 31.39
N ARG F 258 25.11 -46.65 31.88
CA ARG F 258 24.57 -45.78 32.94
C ARG F 258 24.70 -46.38 34.38
N LYS F 259 25.11 -47.65 34.42
CA LYS F 259 25.48 -48.35 35.67
C LYS F 259 26.95 -48.04 36.05
N GLU F 260 27.41 -48.57 37.20
CA GLU F 260 28.76 -48.28 37.71
C GLU F 260 29.87 -48.63 36.71
N GLY F 261 30.84 -47.73 36.58
CA GLY F 261 31.93 -47.89 35.63
C GLY F 261 31.44 -48.11 34.21
N GLY F 262 30.46 -47.30 33.80
CA GLY F 262 29.97 -47.28 32.43
C GLY F 262 30.88 -46.52 31.50
N TYR F 263 31.65 -45.59 32.08
CA TYR F 263 32.58 -44.75 31.33
C TYR F 263 33.62 -45.55 30.55
N GLU F 264 33.89 -46.78 30.98
CA GLU F 264 34.79 -47.65 30.23
C GLU F 264 34.08 -48.22 29.02
N VAL F 265 32.77 -48.49 29.18
CA VAL F 265 31.94 -49.03 28.11
C VAL F 265 31.68 -47.95 27.07
N ILE F 266 31.63 -46.72 27.54
CA ILE F 266 31.52 -45.55 26.67
C ILE F 266 32.75 -45.43 25.73
N LYS F 267 33.96 -45.37 26.31
CA LYS F 267 35.21 -45.33 25.51
C LYS F 267 35.29 -46.48 24.52
N ALA F 268 34.86 -47.65 24.97
CA ALA F 268 34.82 -48.86 24.16
C ALA F 268 33.92 -48.69 22.95
N ALA F 269 32.75 -48.10 23.20
CA ALA F 269 31.76 -47.83 22.15
C ALA F 269 32.26 -46.80 21.14
N ILE F 270 32.74 -45.65 21.64
CA ILE F 270 33.37 -44.58 20.82
C ILE F 270 34.46 -45.16 19.90
N GLU F 271 35.28 -46.04 20.47
CA GLU F 271 36.32 -46.77 19.73
C GLU F 271 35.75 -47.52 18.50
N LYS F 272 34.68 -48.29 18.68
CA LYS F 272 34.02 -49.00 17.58
C LYS F 272 33.52 -48.01 16.53
N LEU F 273 32.97 -46.90 17.00
CA LEU F 273 32.37 -45.86 16.16
C LEU F 273 33.37 -45.18 15.24
N LYS F 274 34.60 -45.03 15.76
CA LYS F 274 35.72 -44.46 15.00
C LYS F 274 36.05 -45.35 13.78
N LEU F 275 35.95 -46.67 13.96
CA LEU F 275 36.26 -47.62 12.90
C LEU F 275 35.25 -47.57 11.75
N ARG F 276 34.01 -47.25 12.10
CA ARG F 276 32.91 -47.25 11.11
C ARG F 276 32.40 -45.85 10.74
N HIS F 277 33.17 -44.83 11.14
CA HIS F 277 32.89 -43.44 10.80
C HIS F 277 32.57 -43.33 9.31
N LYS F 278 33.43 -43.88 8.45
CA LYS F 278 33.20 -43.86 7.01
C LYS F 278 31.76 -44.21 6.63
N GLU F 279 31.28 -45.36 7.10
CA GLU F 279 29.99 -45.92 6.65
C GLU F 279 28.78 -45.33 7.40
N HIS F 280 29.06 -44.68 8.54
CA HIS F 280 28.05 -43.93 9.31
C HIS F 280 27.73 -42.59 8.63
N ILE F 281 28.78 -41.83 8.30
CA ILE F 281 28.65 -40.60 7.51
C ILE F 281 27.79 -40.82 6.27
N ALA F 282 27.95 -41.97 5.62
CA ALA F 282 27.17 -42.34 4.41
C ALA F 282 25.66 -42.37 4.64
N ALA F 283 25.24 -42.61 5.88
CA ALA F 283 23.81 -42.69 6.21
C ALA F 283 23.31 -41.52 7.07
N TYR F 284 24.27 -40.69 7.53
CA TYR F 284 23.94 -39.54 8.42
C TYR F 284 23.25 -38.32 7.76
N GLY F 285 22.61 -38.58 6.61
CA GLY F 285 21.87 -37.54 5.90
C GLY F 285 22.68 -36.85 4.81
N GLU F 286 22.00 -36.60 3.69
CA GLU F 286 22.63 -35.98 2.52
C GLU F 286 22.70 -34.46 2.59
N GLY F 287 23.75 -33.92 2.00
CA GLY F 287 24.06 -32.51 2.10
C GLY F 287 25.08 -32.24 3.22
N ASN F 288 25.37 -33.26 4.03
CA ASN F 288 26.20 -33.06 5.24
C ASN F 288 27.59 -32.47 5.01
N GLU F 289 28.14 -32.67 3.81
CA GLU F 289 29.46 -32.14 3.42
C GLU F 289 29.51 -30.64 3.60
N ARG F 290 28.36 -29.99 3.42
CA ARG F 290 28.25 -28.56 3.49
C ARG F 290 28.23 -28.11 4.95
N ARG F 291 27.81 -29.01 5.84
CA ARG F 291 27.71 -28.66 7.25
C ARG F 291 29.00 -28.91 8.03
N LEU F 292 29.48 -30.16 7.98
CA LEU F 292 30.63 -30.61 8.77
C LEU F 292 31.93 -30.10 8.17
N THR F 293 32.38 -28.95 8.64
CA THR F 293 33.52 -28.28 8.05
C THR F 293 34.61 -28.05 9.09
N GLY F 294 34.32 -28.43 10.34
CA GLY F 294 35.28 -28.23 11.43
C GLY F 294 35.07 -26.87 12.12
N ARG F 295 34.48 -25.91 11.40
CA ARG F 295 34.04 -24.63 12.00
C ARG F 295 32.58 -24.72 12.39
N HIS F 296 32.13 -23.74 13.18
CA HIS F 296 30.69 -23.61 13.59
C HIS F 296 30.19 -24.73 14.51
N GLU F 297 31.05 -25.13 15.45
CA GLU F 297 30.76 -26.24 16.36
C GLU F 297 30.41 -27.57 15.63
N THR F 298 31.23 -27.93 14.63
CA THR F 298 31.17 -29.24 13.96
C THR F 298 32.58 -29.78 13.82
N ALA F 299 32.69 -31.09 13.58
CA ALA F 299 33.99 -31.67 13.27
C ALA F 299 34.02 -31.90 11.77
N ASP F 300 35.20 -31.71 11.15
CA ASP F 300 35.41 -32.02 9.72
C ASP F 300 34.91 -33.44 9.34
N ILE F 301 34.23 -33.55 8.19
CA ILE F 301 33.62 -34.84 7.73
C ILE F 301 34.65 -35.98 7.65
N ASN F 302 35.87 -35.62 7.28
CA ASN F 302 36.92 -36.60 7.00
C ASN F 302 37.65 -37.13 8.24
N THR F 303 37.78 -36.32 9.26
CA THR F 303 38.38 -36.81 10.48
C THR F 303 37.30 -37.27 11.44
N PHE F 304 37.66 -38.20 12.32
CA PHE F 304 36.84 -38.55 13.48
C PHE F 304 37.61 -38.08 14.70
N SER F 305 36.90 -37.51 15.67
CA SER F 305 37.50 -37.11 16.96
C SER F 305 36.51 -37.23 18.10
N TRP F 306 37.00 -37.06 19.32
CA TRP F 306 36.15 -36.99 20.51
C TRP F 306 36.88 -36.31 21.67
N GLY F 307 36.16 -35.50 22.43
CA GLY F 307 36.71 -34.76 23.58
C GLY F 307 35.72 -34.77 24.72
N VAL F 308 36.04 -34.05 25.79
CA VAL F 308 35.10 -34.02 26.90
C VAL F 308 34.08 -32.89 26.77
N ALA F 309 34.49 -31.65 27.04
CA ALA F 309 33.56 -30.53 26.84
C ALA F 309 33.60 -29.97 25.41
N ASN F 310 34.07 -30.80 24.46
CA ASN F 310 34.48 -30.31 23.14
C ASN F 310 33.40 -30.37 22.05
N ARG F 311 32.89 -29.17 21.70
CA ARG F 311 31.89 -28.99 20.64
C ARG F 311 32.50 -28.99 19.22
N GLY F 312 33.83 -28.81 19.14
CA GLY F 312 34.57 -29.02 17.87
C GLY F 312 34.76 -30.49 17.46
N ALA F 313 34.39 -31.40 18.35
CA ALA F 313 34.60 -32.85 18.17
C ALA F 313 33.46 -33.56 17.40
N SER F 314 33.72 -34.80 16.94
CA SER F 314 32.73 -35.69 16.26
C SER F 314 31.80 -36.36 17.29
N VAL F 315 32.39 -36.73 18.44
CA VAL F 315 31.65 -37.22 19.60
C VAL F 315 32.05 -36.41 20.83
N ARG F 316 31.10 -36.13 21.72
CA ARG F 316 31.33 -35.36 22.92
C ARG F 316 30.75 -36.11 24.09
N VAL F 317 31.51 -36.12 25.19
CA VAL F 317 31.07 -36.73 26.45
C VAL F 317 31.02 -35.66 27.54
N GLY F 318 29.82 -35.34 27.99
CA GLY F 318 29.61 -34.32 29.02
C GLY F 318 30.59 -34.35 30.20
N ARG F 319 30.93 -33.15 30.69
CA ARG F 319 31.67 -32.95 31.94
C ARG F 319 31.07 -33.79 33.07
N GLU F 320 29.75 -33.72 33.18
CA GLU F 320 28.95 -34.43 34.19
C GLU F 320 29.03 -36.00 34.15
N THR F 321 28.90 -36.60 32.96
CA THR F 321 29.01 -38.07 32.90
C THR F 321 30.46 -38.57 32.96
N GLU F 322 31.44 -37.69 32.77
CA GLU F 322 32.85 -38.04 32.97
C GLU F 322 33.19 -38.17 34.47
N GLN F 323 32.86 -37.09 35.17
CA GLN F 323 33.01 -36.94 36.62
C GLN F 323 32.21 -38.00 37.42
N ASN F 324 31.13 -38.52 36.82
CA ASN F 324 30.33 -39.53 37.49
C ASN F 324 30.67 -40.97 37.10
N GLY F 325 31.63 -41.12 36.19
CA GLY F 325 32.06 -42.45 35.70
C GLY F 325 30.94 -43.26 35.05
N LYS F 326 29.80 -42.60 34.84
CA LYS F 326 28.63 -43.20 34.18
C LYS F 326 27.73 -42.12 33.50
N GLY F 327 27.21 -42.46 32.31
CA GLY F 327 26.32 -41.54 31.62
C GLY F 327 25.96 -41.92 30.19
N TYR F 328 26.06 -40.94 29.28
CA TYR F 328 25.75 -41.09 27.85
C TYR F 328 26.80 -40.31 27.06
N PHE F 329 26.83 -40.53 25.75
CA PHE F 329 27.66 -39.69 24.90
C PHE F 329 26.81 -39.17 23.74
N GLU F 330 27.32 -38.13 23.08
CA GLU F 330 26.62 -37.36 22.07
C GLU F 330 27.36 -37.49 20.73
N ASP F 331 26.75 -38.21 19.78
CA ASP F 331 27.24 -38.25 18.41
C ASP F 331 26.73 -37.01 17.67
N ARG F 332 27.65 -36.07 17.40
CA ARG F 332 27.29 -34.79 16.78
C ARG F 332 27.24 -34.82 15.25
N ARG F 333 27.57 -35.97 14.68
CA ARG F 333 27.72 -36.10 13.25
C ARG F 333 26.43 -36.06 12.44
N PRO F 334 25.31 -36.66 12.94
CA PRO F 334 24.09 -36.70 12.07
C PRO F 334 23.52 -35.30 11.71
N ALA F 335 23.20 -35.07 10.43
CA ALA F 335 22.62 -33.80 10.00
C ALA F 335 21.15 -33.76 10.40
N SER F 336 20.62 -32.54 10.45
CA SER F 336 19.22 -32.31 10.80
C SER F 336 18.18 -33.07 9.95
N ASN F 337 18.54 -33.48 8.73
CA ASN F 337 17.66 -34.29 7.84
C ASN F 337 17.89 -35.82 7.89
N MET F 338 18.62 -36.24 8.93
CA MET F 338 18.80 -37.61 9.35
C MET F 338 17.46 -38.37 9.52
N ASP F 339 17.43 -39.62 9.06
CA ASP F 339 16.30 -40.50 9.39
C ASP F 339 16.58 -41.10 10.75
N PRO F 340 15.75 -40.80 11.76
CA PRO F 340 16.09 -41.32 13.10
C PRO F 340 16.06 -42.83 13.16
N TYR F 341 15.17 -43.48 12.39
CA TYR F 341 15.18 -44.94 12.29
C TYR F 341 16.55 -45.52 11.94
N VAL F 342 17.15 -44.95 10.88
CA VAL F 342 18.47 -45.38 10.36
C VAL F 342 19.59 -45.11 11.36
N VAL F 343 19.73 -43.85 11.78
CA VAL F 343 20.77 -43.48 12.72
C VAL F 343 20.64 -44.17 14.07
N THR F 344 19.41 -44.27 14.55
CA THR F 344 19.14 -44.82 15.88
C THR F 344 19.51 -46.32 15.97
N SER F 345 19.15 -47.09 14.95
CA SER F 345 19.42 -48.51 14.96
C SER F 345 20.90 -48.80 14.64
N MET F 346 21.43 -48.09 13.65
CA MET F 346 22.84 -48.22 13.23
C MET F 346 23.86 -47.82 14.31
N ILE F 347 23.47 -47.02 15.30
CA ILE F 347 24.35 -46.79 16.47
C ILE F 347 24.30 -48.01 17.40
N ALA F 348 23.11 -48.61 17.55
CA ALA F 348 22.96 -49.78 18.42
C ALA F 348 23.62 -50.98 17.77
N GLU F 349 23.71 -50.95 16.45
CA GLU F 349 24.29 -52.05 15.70
C GLU F 349 25.82 -52.02 15.72
N THR F 350 26.41 -50.87 15.38
CA THR F 350 27.87 -50.68 15.47
C THR F 350 28.38 -50.70 16.91
N THR F 351 27.48 -50.63 17.88
CA THR F 351 27.84 -50.52 19.29
C THR F 351 27.71 -51.82 20.11
N ILE F 352 26.73 -52.65 19.74
CA ILE F 352 26.50 -53.88 20.46
C ILE F 352 26.89 -55.09 19.59
N VAL F 353 26.16 -55.34 18.51
CA VAL F 353 26.29 -56.57 17.70
C VAL F 353 27.67 -56.79 17.04
N TRP F 354 28.14 -55.80 16.29
CA TRP F 354 29.39 -55.85 15.51
C TRP F 354 30.66 -55.86 16.38
N LYS F 355 31.68 -56.62 15.94
CA LYS F 355 33.05 -56.70 16.56
C LYS F 355 34.25 -56.65 15.59
N CYS G 3 -6.56 -21.79 16.15
CA CYS G 3 -5.20 -21.94 15.55
C CYS G 3 -3.99 -21.75 16.52
N LEU G 4 -3.24 -20.63 16.43
CA LEU G 4 -1.90 -20.58 17.06
C LEU G 4 -1.84 -20.26 18.56
N THR G 5 -2.67 -19.33 19.02
CA THR G 5 -2.68 -19.02 20.44
C THR G 5 -3.43 -20.10 21.25
N ASP G 6 -4.11 -20.99 20.53
CA ASP G 6 -4.81 -22.10 21.17
C ASP G 6 -3.81 -23.10 21.67
N LEU G 7 -2.68 -23.20 20.97
CA LEU G 7 -1.63 -24.15 21.31
C LEU G 7 -0.69 -23.59 22.37
N VAL G 8 -0.34 -22.31 22.22
CA VAL G 8 0.52 -21.64 23.18
C VAL G 8 -0.13 -21.65 24.56
N ASN G 9 -1.45 -21.60 24.59
CA ASN G 9 -2.18 -21.53 25.86
C ASN G 9 -2.83 -22.81 26.34
N LEU G 10 -2.41 -23.95 25.78
CA LEU G 10 -2.90 -25.27 26.21
C LEU G 10 -2.68 -25.50 27.68
N ASN G 11 -3.70 -26.06 28.34
CA ASN G 11 -3.54 -26.45 29.71
C ASN G 11 -3.01 -27.88 29.78
N LEU G 12 -1.78 -28.01 30.27
CA LEU G 12 -1.13 -29.30 30.37
C LEU G 12 -1.60 -30.11 31.59
N SER G 13 -2.11 -29.41 32.60
CA SER G 13 -2.64 -30.00 33.83
C SER G 13 -3.69 -31.07 33.57
N ASP G 14 -4.45 -30.93 32.49
CA ASP G 14 -5.49 -31.89 32.11
C ASP G 14 -4.89 -33.18 31.54
N THR G 15 -3.60 -33.16 31.21
CA THR G 15 -3.04 -34.25 30.44
C THR G 15 -1.86 -35.00 31.08
N THR G 16 -0.86 -34.28 31.59
CA THR G 16 0.15 -34.89 32.49
C THR G 16 0.51 -34.06 33.70
N GLU G 17 1.41 -34.63 34.50
CA GLU G 17 1.94 -33.99 35.70
C GLU G 17 3.19 -33.18 35.37
N LYS G 18 3.78 -33.46 34.20
CA LYS G 18 5.03 -32.84 33.77
C LYS G 18 5.01 -31.30 33.77
N ILE G 19 6.20 -30.73 33.87
CA ILE G 19 6.38 -29.32 34.11
C ILE G 19 7.41 -28.79 33.15
N ILE G 20 7.26 -27.53 32.78
CA ILE G 20 8.28 -26.84 32.01
C ILE G 20 9.01 -25.81 32.86
N ALA G 21 10.31 -25.99 32.95
CA ALA G 21 11.15 -25.07 33.65
C ALA G 21 12.01 -24.32 32.65
N GLU G 22 11.97 -22.99 32.78
CA GLU G 22 12.71 -22.09 31.93
C GLU G 22 13.88 -21.53 32.70
N TYR G 23 15.06 -22.03 32.41
CA TYR G 23 16.27 -21.63 33.11
C TYR G 23 16.87 -20.34 32.57
N ILE G 24 16.88 -19.30 33.40
CA ILE G 24 17.33 -18.00 32.96
C ILE G 24 18.72 -17.75 33.49
N TRP G 25 19.64 -17.27 32.63
CA TRP G 25 20.91 -16.72 33.14
C TRP G 25 21.35 -15.43 32.50
N ILE G 26 22.44 -14.89 33.03
CA ILE G 26 23.07 -13.72 32.46
C ILE G 26 24.28 -14.16 31.63
N GLY G 27 24.42 -13.60 30.43
CA GLY G 27 25.50 -13.98 29.51
C GLY G 27 26.77 -13.12 29.50
N GLY G 28 27.65 -13.44 28.55
CA GLY G 28 28.97 -12.81 28.40
C GLY G 28 29.14 -11.30 28.58
N SER G 29 28.21 -10.50 28.06
CA SER G 29 28.32 -9.07 28.19
C SER G 29 27.95 -8.62 29.59
N GLY G 30 27.28 -9.48 30.37
CA GLY G 30 26.84 -9.12 31.75
C GLY G 30 25.58 -8.25 31.79
N MET G 31 25.01 -8.02 30.60
CA MET G 31 23.83 -7.19 30.39
C MET G 31 22.85 -7.86 29.43
N ASP G 32 23.16 -9.10 29.01
CA ASP G 32 22.29 -9.86 28.10
C ASP G 32 21.65 -11.11 28.75
N LEU G 33 20.32 -11.11 28.88
CA LEU G 33 19.63 -12.30 29.42
C LEU G 33 19.51 -13.42 28.40
N ARG G 34 19.65 -14.65 28.86
CA ARG G 34 19.50 -15.85 28.02
C ARG G 34 18.71 -16.88 28.76
N SER G 35 17.95 -17.69 28.03
CA SER G 35 17.16 -18.74 28.66
C SER G 35 17.00 -19.94 27.75
N LYS G 36 16.79 -21.11 28.36
CA LYS G 36 16.26 -22.28 27.66
C LYS G 36 15.36 -23.09 28.59
N ALA G 37 14.64 -24.05 28.05
CA ALA G 37 13.63 -24.77 28.82
C ALA G 37 13.77 -26.30 28.81
N ARG G 38 13.49 -26.92 29.96
CA ARG G 38 13.50 -28.38 30.06
C ARG G 38 12.22 -28.89 30.69
N THR G 39 11.89 -30.15 30.38
CA THR G 39 10.77 -30.83 31.02
C THR G 39 11.20 -31.51 32.34
N LEU G 40 10.46 -31.22 33.41
CA LEU G 40 10.70 -31.82 34.71
C LEU G 40 9.52 -32.73 35.08
N PRO G 41 9.76 -33.83 35.84
CA PRO G 41 8.73 -34.86 35.97
C PRO G 41 7.51 -34.44 36.78
N GLY G 42 7.66 -33.46 37.67
CA GLY G 42 6.53 -32.95 38.42
C GLY G 42 6.85 -31.57 38.95
N PRO G 43 5.87 -30.94 39.64
CA PRO G 43 6.01 -29.56 40.17
C PRO G 43 7.18 -29.47 41.12
N VAL G 44 7.74 -28.28 41.29
CA VAL G 44 8.81 -28.07 42.28
C VAL G 44 8.67 -26.69 42.91
N THR G 45 8.88 -26.60 44.22
CA THR G 45 8.82 -25.29 44.91
C THR G 45 10.13 -24.89 45.58
N ASP G 46 11.01 -25.86 45.77
CA ASP G 46 12.26 -25.57 46.39
C ASP G 46 13.40 -25.58 45.37
N PRO G 47 14.10 -24.41 45.22
CA PRO G 47 15.28 -24.23 44.36
C PRO G 47 16.33 -25.35 44.41
N SER G 48 16.59 -25.86 45.60
CA SER G 48 17.60 -26.92 45.78
C SER G 48 17.10 -28.34 45.46
N LYS G 49 15.86 -28.45 44.99
CA LYS G 49 15.37 -29.74 44.54
C LYS G 49 15.24 -29.78 43.01
N LEU G 50 15.74 -28.72 42.36
CA LEU G 50 15.88 -28.69 40.91
C LEU G 50 17.26 -29.16 40.50
N PRO G 51 17.37 -29.96 39.41
CA PRO G 51 18.67 -30.37 38.89
C PRO G 51 19.51 -29.18 38.43
N LYS G 52 20.82 -29.27 38.60
CA LYS G 52 21.70 -28.32 37.97
C LYS G 52 21.74 -28.68 36.50
N TRP G 53 22.14 -27.73 35.67
CA TRP G 53 22.13 -27.92 34.22
C TRP G 53 23.35 -27.23 33.64
N ASN G 54 23.53 -27.37 32.31
CA ASN G 54 24.62 -26.71 31.57
C ASN G 54 24.05 -26.01 30.32
N TYR G 55 24.87 -25.14 29.73
CA TYR G 55 24.62 -24.56 28.41
C TYR G 55 25.92 -24.43 27.58
N ASP G 56 25.79 -23.94 26.36
CA ASP G 56 26.96 -23.80 25.51
C ASP G 56 27.58 -22.47 25.80
N GLY G 57 28.61 -22.50 26.64
CA GLY G 57 29.32 -21.29 27.02
C GLY G 57 29.99 -20.60 25.84
N SER G 58 30.26 -21.39 24.79
CA SER G 58 30.96 -20.87 23.61
C SER G 58 30.08 -19.95 22.75
N SER G 59 28.76 -20.06 22.89
CA SER G 59 27.79 -19.23 22.13
C SER G 59 27.23 -18.00 22.88
N THR G 60 27.80 -17.73 24.05
CA THR G 60 27.40 -16.61 24.91
C THR G 60 28.64 -15.85 25.36
N GLY G 61 29.77 -16.19 24.72
CA GLY G 61 31.08 -15.60 25.04
C GLY G 61 31.48 -15.73 26.50
N GLN G 62 31.44 -16.98 26.99
CA GLN G 62 31.75 -17.27 28.39
C GLN G 62 32.68 -18.47 28.54
N ALA G 63 32.93 -19.18 27.45
CA ALA G 63 33.88 -20.31 27.42
C ALA G 63 34.35 -20.60 26.00
N PRO G 64 35.60 -21.12 25.82
CA PRO G 64 36.05 -21.65 24.51
C PRO G 64 35.24 -22.86 23.99
N GLY G 65 35.40 -23.15 22.71
CA GLY G 65 34.68 -24.22 22.05
C GLY G 65 35.09 -25.59 22.55
N GLU G 66 36.39 -25.76 22.81
CA GLU G 66 36.97 -27.07 23.20
C GLU G 66 36.69 -27.40 24.67
N ASP G 67 36.39 -26.36 25.45
CA ASP G 67 35.97 -26.54 26.84
C ASP G 67 34.72 -25.66 27.00
N SER G 68 33.62 -26.17 26.45
CA SER G 68 32.41 -25.35 26.22
C SER G 68 31.41 -25.27 27.38
N GLU G 69 31.42 -26.29 28.26
CA GLU G 69 30.37 -26.44 29.30
C GLU G 69 30.44 -25.41 30.44
N VAL G 70 29.31 -24.71 30.66
CA VAL G 70 29.13 -23.86 31.84
C VAL G 70 27.88 -24.36 32.59
N ILE G 71 27.96 -24.28 33.91
CA ILE G 71 26.97 -24.96 34.74
C ILE G 71 25.99 -24.00 35.41
N LEU G 72 24.74 -24.44 35.46
CA LEU G 72 23.67 -23.58 35.93
C LEU G 72 23.16 -24.01 37.30
N TYR G 73 23.30 -23.08 38.26
CA TYR G 73 22.81 -23.31 39.62
C TYR G 73 21.46 -22.65 39.84
N PRO G 74 20.37 -23.47 40.01
CA PRO G 74 19.05 -22.91 40.32
C PRO G 74 19.04 -22.15 41.64
N GLN G 75 18.69 -20.86 41.57
CA GLN G 75 18.69 -20.02 42.77
C GLN G 75 17.31 -19.54 43.22
N ALA G 76 16.48 -19.13 42.28
CA ALA G 76 15.13 -18.70 42.63
C ALA G 76 14.09 -19.28 41.68
N ILE G 77 12.90 -19.56 42.21
CA ILE G 77 11.80 -20.06 41.43
C ILE G 77 10.65 -19.04 41.42
N PHE G 78 10.09 -18.80 40.23
CA PHE G 78 8.90 -17.95 40.04
C PHE G 78 7.97 -18.65 39.06
N LYS G 79 6.68 -18.34 39.15
CA LYS G 79 5.71 -18.94 38.23
C LYS G 79 5.87 -18.31 36.85
N ASP G 80 5.84 -19.13 35.80
CA ASP G 80 5.93 -18.63 34.41
C ASP G 80 4.60 -18.02 33.98
N PRO G 81 4.57 -16.68 33.77
CA PRO G 81 3.33 -15.99 33.36
C PRO G 81 3.03 -16.21 31.87
N PHE G 82 4.00 -16.70 31.11
CA PHE G 82 3.76 -17.00 29.71
C PHE G 82 3.16 -18.40 29.56
N ARG G 83 3.87 -19.40 30.05
CA ARG G 83 3.40 -20.79 29.89
C ARG G 83 2.29 -21.16 30.87
N ARG G 84 2.15 -20.36 31.93
CA ARG G 84 1.11 -20.53 32.99
C ARG G 84 0.97 -21.97 33.53
N GLY G 85 -0.18 -22.30 34.14
CA GLY G 85 -0.29 -23.52 34.94
C GLY G 85 0.84 -23.68 35.97
N ASN G 86 1.41 -24.88 36.06
CA ASN G 86 2.48 -25.15 37.05
C ASN G 86 3.91 -24.93 36.59
N ASN G 87 4.07 -24.34 35.40
CA ASN G 87 5.38 -24.09 34.79
C ASN G 87 6.08 -22.91 35.43
N ILE G 88 7.41 -22.97 35.41
CA ILE G 88 8.22 -22.09 36.24
C ILE G 88 9.34 -21.39 35.48
N LEU G 89 9.71 -20.22 35.99
CA LEU G 89 10.96 -19.56 35.60
C LEU G 89 11.95 -19.81 36.73
N VAL G 90 13.20 -20.09 36.38
CA VAL G 90 14.26 -20.39 37.36
C VAL G 90 15.48 -19.50 37.15
N MET G 91 15.69 -18.58 38.09
CA MET G 91 16.81 -17.67 37.96
C MET G 91 18.10 -18.40 38.29
N CYS G 92 19.14 -18.19 37.49
CA CYS G 92 20.37 -18.99 37.65
C CYS G 92 21.68 -18.28 37.85
N ASP G 93 22.65 -19.09 38.25
CA ASP G 93 23.96 -18.67 38.68
C ASP G 93 24.97 -19.41 37.76
N CYS G 94 26.11 -18.78 37.49
CA CYS G 94 27.01 -19.37 36.51
C CYS G 94 28.38 -19.86 36.98
N TYR G 95 28.66 -21.16 36.77
CA TYR G 95 29.85 -21.85 37.34
C TYR G 95 30.59 -22.70 36.32
N THR G 96 31.93 -22.77 36.46
CA THR G 96 32.74 -23.73 35.70
C THR G 96 32.46 -25.15 36.22
N PRO G 97 32.81 -26.18 35.42
CA PRO G 97 32.54 -27.55 35.87
C PRO G 97 33.32 -27.86 37.15
N ALA G 98 34.38 -27.09 37.38
CA ALA G 98 35.20 -27.19 38.58
C ALA G 98 34.52 -26.56 39.80
N GLY G 99 33.41 -25.86 39.57
CA GLY G 99 32.67 -25.23 40.67
C GLY G 99 33.09 -23.81 40.99
N GLU G 100 33.91 -23.23 40.13
CA GLU G 100 34.28 -21.82 40.21
C GLU G 100 33.19 -20.90 39.63
N PRO G 101 32.84 -19.81 40.34
CA PRO G 101 32.01 -18.86 39.63
C PRO G 101 32.81 -18.15 38.53
N ILE G 102 32.30 -18.20 37.30
CA ILE G 102 32.86 -17.45 36.14
C ILE G 102 32.85 -15.92 36.32
N PRO G 103 33.80 -15.21 35.68
CA PRO G 103 34.03 -13.77 35.93
C PRO G 103 32.75 -12.91 35.89
N THR G 104 31.79 -13.33 35.05
CA THR G 104 30.53 -12.58 34.86
C THR G 104 29.41 -12.91 35.85
N ASN G 105 29.70 -13.81 36.79
CA ASN G 105 28.76 -14.13 37.87
C ASN G 105 28.96 -13.18 39.07
N LYS G 106 28.20 -12.08 39.05
CA LYS G 106 28.25 -11.08 40.12
C LYS G 106 27.34 -11.44 41.31
N ARG G 107 26.62 -12.54 41.21
CA ARG G 107 25.73 -12.96 42.27
C ARG G 107 26.48 -13.63 43.40
N TYR G 108 27.48 -14.43 43.02
CA TYR G 108 28.33 -15.09 44.00
C TYR G 108 28.90 -14.11 45.02
N SER G 109 29.65 -13.12 44.55
CA SER G 109 30.25 -12.10 45.43
C SER G 109 29.22 -11.38 46.29
N ALA G 110 28.08 -11.04 45.67
CA ALA G 110 26.97 -10.35 46.37
C ALA G 110 26.32 -11.27 47.39
N ALA G 111 26.26 -12.57 47.10
CA ALA G 111 25.69 -13.57 48.02
C ALA G 111 26.51 -13.62 49.29
N LYS G 112 27.84 -13.67 49.11
CA LYS G 112 28.80 -13.63 50.21
C LYS G 112 28.56 -12.44 51.14
N ILE G 113 28.36 -11.25 50.58
CA ILE G 113 28.19 -10.08 51.41
C ILE G 113 26.91 -10.10 52.24
N PHE G 114 25.85 -10.68 51.68
CA PHE G 114 24.54 -10.74 52.35
C PHE G 114 24.41 -11.95 53.26
N SER G 115 25.39 -12.86 53.16
CA SER G 115 25.52 -13.98 54.09
C SER G 115 26.23 -13.54 55.39
N SER G 116 27.41 -12.92 55.21
CA SER G 116 28.17 -12.21 56.26
C SER G 116 27.25 -11.64 57.36
N PRO G 117 27.52 -12.05 58.63
CA PRO G 117 26.53 -11.96 59.72
C PRO G 117 26.15 -10.56 60.22
N GLU G 118 27.09 -9.61 60.19
CA GLU G 118 26.80 -8.21 60.61
C GLU G 118 25.99 -7.42 59.57
N VAL G 119 25.94 -7.96 58.35
CA VAL G 119 25.09 -7.44 57.27
C VAL G 119 23.69 -8.03 57.45
N ALA G 120 23.62 -9.37 57.43
CA ALA G 120 22.35 -10.09 57.57
C ALA G 120 21.51 -9.61 58.77
N ALA G 121 22.20 -9.28 59.86
CA ALA G 121 21.57 -8.80 61.09
C ALA G 121 20.98 -7.39 60.95
N GLU G 122 21.66 -6.55 60.17
CA GLU G 122 21.18 -5.20 59.87
C GLU G 122 19.99 -5.25 58.89
N GLU G 123 19.83 -6.42 58.24
CA GLU G 123 18.68 -6.79 57.38
C GLU G 123 18.32 -5.71 56.35
N PRO G 124 19.14 -5.62 55.28
CA PRO G 124 18.99 -4.50 54.36
C PRO G 124 17.82 -4.67 53.41
N TRP G 125 17.27 -3.53 53.01
CA TRP G 125 16.08 -3.49 52.22
C TRP G 125 16.34 -2.62 51.01
N TYR G 126 16.07 -3.18 49.83
CA TYR G 126 16.13 -2.36 48.61
C TYR G 126 14.82 -2.30 47.90
N GLY G 127 14.47 -1.08 47.53
CA GLY G 127 13.47 -0.88 46.48
C GLY G 127 14.16 -0.20 45.29
N ILE G 128 14.13 -0.85 44.12
CA ILE G 128 14.87 -0.30 42.99
C ILE G 128 13.91 0.09 41.85
N GLU G 129 14.12 1.27 41.28
CA GLU G 129 13.22 1.82 40.27
C GLU G 129 13.88 1.72 38.95
N GLN G 130 13.47 0.72 38.19
CA GLN G 130 13.93 0.45 36.82
C GLN G 130 13.23 1.35 35.82
N GLU G 131 13.98 2.25 35.18
CA GLU G 131 13.41 3.02 34.08
C GLU G 131 13.88 2.28 32.85
N TYR G 132 13.20 2.47 31.71
CA TYR G 132 13.64 1.88 30.43
C TYR G 132 12.93 2.62 29.33
N THR G 133 13.40 2.47 28.10
CA THR G 133 12.78 3.14 26.96
C THR G 133 12.39 2.13 25.88
N LEU G 134 11.23 2.32 25.27
CA LEU G 134 10.71 1.40 24.25
C LEU G 134 11.03 1.92 22.86
N LEU G 135 11.45 1.03 21.97
CA LEU G 135 11.86 1.46 20.64
C LEU G 135 11.18 0.67 19.55
N GLN G 136 10.99 1.28 18.38
CA GLN G 136 10.48 0.59 17.19
C GLN G 136 11.53 -0.36 16.69
N LYS G 137 11.12 -1.54 16.28
CA LYS G 137 12.08 -2.55 15.76
C LYS G 137 12.67 -2.06 14.43
N ASP G 138 13.97 -2.29 14.25
CA ASP G 138 14.65 -1.95 12.98
C ASP G 138 15.10 -0.48 12.82
N THR G 139 14.17 0.47 12.98
CA THR G 139 14.53 1.90 12.91
C THR G 139 15.19 2.34 14.20
N ASN G 140 14.93 1.63 15.30
CA ASN G 140 15.51 1.93 16.63
C ASN G 140 15.25 3.33 17.18
N TRP G 141 14.10 3.87 16.82
CA TRP G 141 13.65 5.17 17.25
C TRP G 141 12.53 4.93 18.26
N PRO G 142 12.47 5.75 19.35
CA PRO G 142 11.54 5.62 20.45
C PRO G 142 10.08 5.39 20.02
N LEU G 143 9.37 4.52 20.74
CA LEU G 143 7.99 4.20 20.42
C LEU G 143 7.14 5.46 20.42
N GLY G 144 6.30 5.59 19.41
CA GLY G 144 5.38 6.73 19.36
C GLY G 144 5.96 8.02 18.83
N TRP G 145 7.27 7.99 18.54
CA TRP G 145 7.94 9.09 17.86
C TRP G 145 7.81 8.88 16.37
N PRO G 146 7.67 9.97 15.61
CA PRO G 146 7.67 9.85 14.16
C PRO G 146 9.10 9.66 13.65
N ILE G 147 9.28 8.92 12.57
CA ILE G 147 10.63 8.54 12.13
C ILE G 147 11.36 9.74 11.58
N GLY G 148 12.59 9.94 12.05
CA GLY G 148 13.42 11.13 11.78
C GLY G 148 12.78 12.42 12.25
N GLY G 149 12.23 12.42 13.45
CA GLY G 149 11.49 13.56 13.95
C GLY G 149 11.17 13.37 15.42
N PHE G 150 10.60 14.38 16.04
CA PHE G 150 10.41 14.33 17.45
C PHE G 150 8.99 14.62 17.77
N PRO G 151 8.50 14.15 18.94
CA PRO G 151 7.20 14.60 19.40
C PRO G 151 7.33 15.95 20.06
N GLY G 152 6.20 16.49 20.50
CA GLY G 152 6.18 17.68 21.34
C GLY G 152 7.26 17.60 22.43
N PRO G 153 7.68 18.77 22.93
CA PRO G 153 8.71 18.74 23.96
C PRO G 153 8.17 18.15 25.25
N GLN G 154 9.09 17.66 26.09
CA GLN G 154 8.75 17.05 27.36
C GLN G 154 7.83 17.90 28.19
N GLY G 155 7.01 17.24 28.99
CA GLY G 155 6.08 17.98 29.83
C GLY G 155 4.74 17.32 30.07
N PRO G 156 3.98 17.04 28.97
CA PRO G 156 2.73 16.29 29.15
C PRO G 156 2.87 14.77 29.36
N TYR G 157 4.07 14.22 29.27
CA TYR G 157 4.21 12.79 29.17
C TYR G 157 4.27 12.00 30.48
N TYR G 158 4.99 12.55 31.47
CA TYR G 158 5.11 11.97 32.82
C TYR G 158 3.73 11.67 33.41
N CYS G 159 3.49 10.38 33.68
CA CYS G 159 2.22 9.91 34.25
C CYS G 159 0.98 10.35 33.47
N GLY G 160 1.15 10.63 32.17
CA GLY G 160 0.07 11.10 31.35
C GLY G 160 -0.88 9.99 30.93
N ILE G 161 -1.96 10.42 30.29
CA ILE G 161 -2.93 9.53 29.67
C ILE G 161 -3.40 10.13 28.35
N GLY G 162 -3.72 9.25 27.41
CA GLY G 162 -4.20 9.64 26.10
C GLY G 162 -3.35 9.11 24.95
N ALA G 163 -3.94 9.01 23.77
CA ALA G 163 -3.24 8.40 22.66
C ALA G 163 -2.05 9.21 22.18
N GLU G 164 -2.09 10.53 22.43
CA GLU G 164 -0.99 11.40 22.01
C GLU G 164 0.12 11.50 23.02
N LYS G 165 -0.13 11.05 24.24
CA LYS G 165 0.81 11.24 25.33
C LYS G 165 1.46 9.95 25.84
N SER G 166 0.81 8.80 25.61
CA SER G 166 1.13 7.60 26.37
C SER G 166 1.38 6.39 25.49
N PHE G 167 2.65 6.12 25.23
CA PHE G 167 3.00 5.06 24.27
C PHE G 167 3.36 3.72 24.92
N GLY G 168 2.54 2.71 24.61
CA GLY G 168 2.81 1.32 24.98
C GLY G 168 2.40 0.92 26.38
N ARG G 169 1.29 1.48 26.87
CA ARG G 169 0.77 1.14 28.19
C ARG G 169 0.46 -0.35 28.21
N ASP G 170 0.03 -0.84 27.06
CA ASP G 170 -0.14 -2.26 26.83
C ASP G 170 0.92 -3.12 27.48
N ILE G 171 2.16 -2.85 27.08
CA ILE G 171 3.33 -3.58 27.53
C ILE G 171 3.49 -3.42 29.03
N VAL G 172 3.51 -2.19 29.50
CA VAL G 172 3.64 -1.90 30.90
C VAL G 172 2.62 -2.63 31.76
N ASP G 173 1.32 -2.42 31.49
CA ASP G 173 0.23 -3.01 32.32
C ASP G 173 0.32 -4.55 32.32
N ALA G 174 0.67 -5.13 31.17
CA ALA G 174 0.88 -6.56 31.04
C ALA G 174 1.99 -7.04 31.96
N HIS G 175 3.12 -6.36 31.94
CA HIS G 175 4.30 -6.71 32.73
C HIS G 175 4.00 -6.64 34.22
N TYR G 176 3.31 -5.58 34.63
CA TYR G 176 2.89 -5.43 36.00
C TYR G 176 2.19 -6.71 36.47
N LYS G 177 1.11 -7.11 35.81
CA LYS G 177 0.36 -8.32 36.22
C LYS G 177 1.25 -9.55 36.17
N ALA G 178 1.96 -9.73 35.06
CA ALA G 178 2.88 -10.83 34.85
C ALA G 178 3.77 -10.99 36.08
N CYS G 179 4.46 -9.91 36.45
CA CYS G 179 5.36 -9.92 37.61
C CYS G 179 4.67 -10.32 38.91
N LEU G 180 3.53 -9.71 39.20
CA LEU G 180 2.73 -10.08 40.34
C LEU G 180 2.34 -11.57 40.39
N TYR G 181 1.92 -12.11 39.25
CA TYR G 181 1.51 -13.50 39.16
C TYR G 181 2.71 -14.37 39.39
N ALA G 182 3.84 -14.03 38.73
CA ALA G 182 5.13 -14.75 38.88
C ALA G 182 5.62 -14.84 40.32
N GLY G 183 5.28 -13.82 41.12
CA GLY G 183 5.65 -13.71 42.53
C GLY G 183 6.72 -12.67 42.79
N ILE G 184 7.07 -11.87 41.78
CA ILE G 184 8.04 -10.77 41.93
C ILE G 184 7.40 -9.72 42.83
N ASN G 185 8.13 -9.23 43.83
CA ASN G 185 7.52 -8.19 44.64
C ASN G 185 7.60 -6.85 43.94
N ILE G 186 6.62 -6.60 43.08
CA ILE G 186 6.65 -5.38 42.25
C ILE G 186 5.81 -4.37 42.96
N SER G 187 6.31 -3.16 43.13
CA SER G 187 5.62 -2.24 44.03
C SER G 187 4.73 -1.17 43.37
N GLY G 188 4.94 -0.96 42.07
CA GLY G 188 4.28 0.09 41.32
C GLY G 188 4.93 0.31 39.97
N ILE G 189 4.26 1.11 39.16
CA ILE G 189 4.71 1.49 37.82
C ILE G 189 4.44 2.98 37.64
N ASN G 190 4.96 3.57 36.55
CA ASN G 190 4.57 4.94 36.14
C ASN G 190 5.14 5.34 34.78
N GLY G 191 4.39 6.15 34.05
CA GLY G 191 4.88 6.76 32.83
C GLY G 191 5.98 7.76 33.14
N GLU G 192 7.11 7.66 32.46
CA GLU G 192 8.21 8.59 32.74
C GLU G 192 8.19 9.87 31.90
N VAL G 193 9.14 10.78 32.16
CA VAL G 193 9.14 12.13 31.59
C VAL G 193 9.30 12.19 30.07
N MET G 194 10.14 11.32 29.55
CA MET G 194 10.39 11.25 28.13
C MET G 194 9.37 10.33 27.45
N PRO G 195 8.73 10.85 26.40
CA PRO G 195 7.70 10.08 25.75
C PRO G 195 8.29 8.76 25.26
N GLY G 196 7.67 7.65 25.67
CA GLY G 196 8.15 6.31 25.33
C GLY G 196 8.91 5.66 26.47
N GLN G 197 9.06 6.40 27.57
CA GLN G 197 9.88 5.92 28.66
C GLN G 197 9.00 5.51 29.82
N TRP G 198 9.38 4.44 30.50
CA TRP G 198 8.53 3.90 31.57
C TRP G 198 9.34 3.42 32.78
N GLU G 199 8.62 3.12 33.86
CA GLU G 199 9.23 2.73 35.11
C GLU G 199 8.45 1.60 35.77
N PHE G 200 9.15 0.75 36.50
CA PHE G 200 8.53 -0.12 37.49
C PHE G 200 9.48 -0.19 38.68
N GLN G 201 8.91 -0.36 39.88
CA GLN G 201 9.71 -0.52 41.07
C GLN G 201 9.55 -1.92 41.67
N VAL G 202 10.69 -2.58 41.87
CA VAL G 202 10.69 -3.82 42.63
C VAL G 202 10.80 -3.51 44.12
N GLY G 203 9.61 -3.64 44.76
CA GLY G 203 9.28 -3.17 46.12
C GLY G 203 10.21 -3.72 47.18
N PRO G 204 10.07 -3.24 48.45
CA PRO G 204 11.16 -3.43 49.42
C PRO G 204 11.54 -4.92 49.47
N SER G 205 12.72 -5.27 48.94
CA SER G 205 13.19 -6.67 48.95
C SER G 205 14.55 -6.83 49.67
N VAL G 206 14.72 -7.97 50.34
CA VAL G 206 15.87 -8.15 51.27
C VAL G 206 17.10 -8.83 50.64
N GLY G 207 18.21 -8.09 50.68
CA GLY G 207 19.50 -8.63 50.28
C GLY G 207 19.56 -9.25 48.91
N ILE G 208 20.03 -10.49 48.81
CA ILE G 208 20.22 -11.11 47.50
C ILE G 208 18.94 -11.12 46.65
N SER G 209 17.79 -11.47 47.26
CA SER G 209 16.52 -11.55 46.52
C SER G 209 16.13 -10.30 45.71
N SER G 210 16.67 -9.12 46.07
CA SER G 210 16.45 -7.91 45.29
C SER G 210 17.07 -8.11 43.92
N GLY G 211 18.39 -8.33 43.87
CA GLY G 211 19.06 -8.62 42.60
C GLY G 211 18.34 -9.67 41.76
N ASP G 212 17.92 -10.75 42.41
CA ASP G 212 17.28 -11.88 41.75
C ASP G 212 15.96 -11.49 41.11
N GLN G 213 15.15 -10.75 41.85
CA GLN G 213 13.89 -10.29 41.34
C GLN G 213 14.07 -9.32 40.19
N VAL G 214 14.89 -8.29 40.37
CA VAL G 214 15.10 -7.31 39.32
C VAL G 214 15.56 -7.93 38.00
N TRP G 215 16.43 -8.92 38.03
CA TRP G 215 16.79 -9.61 36.78
C TRP G 215 15.60 -10.32 36.15
N VAL G 216 14.88 -11.10 36.95
CA VAL G 216 13.72 -11.82 36.44
C VAL G 216 12.62 -10.85 35.96
N ALA G 217 12.49 -9.72 36.64
CA ALA G 217 11.58 -8.68 36.17
C ALA G 217 12.00 -8.20 34.76
N ARG G 218 13.29 -7.92 34.56
CA ARG G 218 13.81 -7.52 33.24
C ARG G 218 13.59 -8.59 32.21
N TYR G 219 13.73 -9.84 32.62
CA TYR G 219 13.51 -10.95 31.73
C TYR G 219 12.08 -10.90 31.22
N ILE G 220 11.14 -10.80 32.16
CA ILE G 220 9.70 -10.70 31.85
C ILE G 220 9.35 -9.50 30.97
N LEU G 221 9.93 -8.32 31.25
CA LEU G 221 9.76 -7.12 30.41
C LEU G 221 10.12 -7.36 28.94
N GLU G 222 11.35 -7.81 28.71
CA GLU G 222 11.82 -8.04 27.37
C GLU G 222 11.04 -9.13 26.63
N ARG G 223 10.65 -10.20 27.34
CA ARG G 223 9.86 -11.27 26.72
C ARG G 223 8.51 -10.73 26.28
N ILE G 224 8.02 -9.74 27.01
CA ILE G 224 6.76 -9.13 26.68
C ILE G 224 6.96 -8.24 25.45
N THR G 225 7.98 -7.37 25.46
CA THR G 225 8.25 -6.57 24.28
C THR G 225 8.42 -7.46 23.03
N GLU G 226 9.20 -8.53 23.14
CA GLU G 226 9.28 -9.53 22.08
C GLU G 226 7.92 -9.88 21.45
N ILE G 227 6.91 -10.03 22.29
CA ILE G 227 5.55 -10.37 21.81
C ILE G 227 4.96 -9.25 21.01
N ALA G 228 5.17 -8.03 21.49
CA ALA G 228 4.65 -6.81 20.87
C ALA G 228 5.43 -6.38 19.65
N GLY G 229 6.55 -7.05 19.35
CA GLY G 229 7.40 -6.60 18.26
C GLY G 229 8.00 -5.21 18.51
N VAL G 230 8.49 -5.03 19.73
CA VAL G 230 9.06 -3.78 20.16
C VAL G 230 10.43 -4.03 20.83
N VAL G 231 11.34 -3.07 20.80
CA VAL G 231 12.63 -3.26 21.43
C VAL G 231 12.73 -2.40 22.69
N VAL G 232 13.33 -2.96 23.74
CA VAL G 232 13.73 -2.23 24.98
C VAL G 232 15.20 -1.85 24.97
N THR G 233 15.56 -0.68 25.49
CA THR G 233 16.97 -0.50 25.90
C THR G 233 16.99 -0.05 27.30
N PHE G 234 18.03 -0.53 28.00
CA PHE G 234 18.38 -0.04 29.34
C PHE G 234 19.51 0.97 29.25
N ASP G 235 19.78 1.45 28.03
CA ASP G 235 20.75 2.52 27.82
C ASP G 235 20.42 3.84 28.57
N PRO G 236 21.34 4.33 29.42
CA PRO G 236 21.11 5.40 30.37
C PRO G 236 20.68 6.69 29.71
N LYS G 237 21.05 6.91 28.45
CA LYS G 237 20.64 8.14 27.71
C LYS G 237 20.54 7.81 26.22
N PRO G 238 19.35 7.33 25.78
CA PRO G 238 19.19 6.69 24.47
C PRO G 238 19.08 7.75 23.37
N ILE G 239 18.48 8.89 23.68
CA ILE G 239 18.39 9.95 22.72
C ILE G 239 19.13 11.12 23.29
N PRO G 240 20.08 11.67 22.50
CA PRO G 240 20.82 12.84 22.94
C PRO G 240 19.95 14.11 22.96
N GLY G 241 20.39 15.13 23.70
CA GLY G 241 19.71 16.42 23.69
C GLY G 241 18.81 16.68 24.88
N ASP G 242 17.68 17.32 24.59
CA ASP G 242 16.74 17.74 25.62
C ASP G 242 15.65 16.67 25.88
N TRP G 243 16.11 15.50 26.31
CA TRP G 243 15.26 14.38 26.67
C TRP G 243 15.88 13.61 27.83
N ASN G 244 15.05 13.19 28.79
CA ASN G 244 15.51 12.47 29.98
C ASN G 244 16.29 11.22 29.66
N GLY G 245 17.25 10.96 30.53
CA GLY G 245 17.92 9.66 30.52
C GLY G 245 17.15 8.70 31.42
N ALA G 246 17.69 7.50 31.59
CA ALA G 246 17.05 6.48 32.40
C ALA G 246 18.01 6.00 33.46
N GLY G 247 17.55 6.03 34.69
CA GLY G 247 18.31 5.50 35.82
C GLY G 247 17.65 4.32 36.51
N ALA G 248 18.41 3.65 37.36
CA ALA G 248 17.89 2.61 38.22
C ALA G 248 18.07 3.03 39.67
N HIS G 249 17.38 4.13 40.06
CA HIS G 249 17.42 4.64 41.45
C HIS G 249 17.30 3.49 42.44
N THR G 250 18.27 3.39 43.34
CA THR G 250 18.18 2.44 44.44
C THR G 250 17.83 3.10 45.76
N ASN G 251 16.69 2.70 46.30
CA ASN G 251 16.29 3.12 47.62
C ASN G 251 16.77 2.02 48.58
N TYR G 252 17.13 2.47 49.79
CA TYR G 252 17.84 1.62 50.73
C TYR G 252 17.50 1.93 52.19
N SER G 253 17.43 0.89 53.01
CA SER G 253 17.30 1.03 54.47
C SER G 253 17.82 -0.21 55.23
N THR G 254 18.31 0.03 56.45
CA THR G 254 18.71 -1.04 57.38
C THR G 254 17.85 -1.03 58.62
N GLU G 255 17.84 -2.17 59.33
CA GLU G 255 17.12 -2.32 60.60
C GLU G 255 17.14 -1.04 61.45
N SER G 256 18.35 -0.58 61.75
CA SER G 256 18.54 0.63 62.53
C SER G 256 18.02 1.93 61.88
N MET G 257 17.89 1.94 60.56
CA MET G 257 17.45 3.15 59.85
C MET G 257 15.96 3.37 59.87
N ARG G 258 15.20 2.28 59.98
CA ARG G 258 13.73 2.38 60.00
C ARG G 258 13.15 2.35 61.41
N LYS G 259 14.02 2.11 62.42
CA LYS G 259 13.68 2.23 63.86
C LYS G 259 13.85 3.69 64.35
N GLU G 260 13.57 3.93 65.63
CA GLU G 260 13.61 5.30 66.17
C GLU G 260 14.96 5.97 66.00
N GLY G 261 14.91 7.25 65.63
CA GLY G 261 16.12 8.01 65.28
C GLY G 261 17.04 7.29 64.30
N GLY G 262 16.45 6.80 63.20
CA GLY G 262 17.23 6.21 62.10
C GLY G 262 17.83 7.28 61.22
N TYR G 263 17.24 8.48 61.26
CA TYR G 263 17.67 9.63 60.43
C TYR G 263 19.09 10.09 60.71
N GLU G 264 19.61 9.76 61.87
CA GLU G 264 21.03 9.99 62.16
C GLU G 264 21.90 8.92 61.45
N VAL G 265 21.42 7.68 61.43
CA VAL G 265 22.14 6.58 60.78
C VAL G 265 22.14 6.77 59.28
N ILE G 266 21.09 7.42 58.79
CA ILE G 266 20.97 7.79 57.38
C ILE G 266 22.04 8.80 56.97
N LYS G 267 22.12 9.94 57.67
CA LYS G 267 23.15 10.95 57.40
C LYS G 267 24.54 10.30 57.49
N ALA G 268 24.72 9.44 58.50
CA ALA G 268 25.97 8.71 58.69
C ALA G 268 26.35 7.89 57.45
N ALA G 269 25.35 7.20 56.90
CA ALA G 269 25.52 6.35 55.70
C ALA G 269 25.84 7.21 54.49
N ILE G 270 25.06 8.27 54.28
CA ILE G 270 25.26 9.22 53.18
C ILE G 270 26.68 9.73 53.22
N GLU G 271 27.17 9.98 54.43
CA GLU G 271 28.53 10.49 54.64
C GLU G 271 29.59 9.53 54.07
N LYS G 272 29.47 8.25 54.40
CA LYS G 272 30.38 7.23 53.91
C LYS G 272 30.30 7.12 52.39
N LEU G 273 29.09 7.27 51.85
CA LEU G 273 28.83 7.17 50.41
C LEU G 273 29.51 8.29 49.60
N LYS G 274 29.55 9.49 50.17
CA LYS G 274 30.23 10.63 49.56
C LYS G 274 31.72 10.34 49.37
N LEU G 275 32.32 9.68 50.35
CA LEU G 275 33.76 9.32 50.31
C LEU G 275 34.10 8.30 49.20
N ARG G 276 33.16 7.42 48.91
CA ARG G 276 33.41 6.38 47.91
C ARG G 276 32.63 6.59 46.59
N HIS G 277 32.13 7.82 46.40
CA HIS G 277 31.43 8.22 45.19
C HIS G 277 32.23 7.84 43.96
N LYS G 278 33.52 8.19 43.96
CA LYS G 278 34.44 7.83 42.86
C LYS G 278 34.31 6.36 42.41
N GLU G 279 34.48 5.44 43.37
CA GLU G 279 34.53 4.01 43.07
C GLU G 279 33.16 3.37 42.90
N HIS G 280 32.11 4.09 43.36
CA HIS G 280 30.74 3.68 43.12
C HIS G 280 30.30 3.99 41.67
N ILE G 281 30.53 5.22 41.25
CA ILE G 281 30.32 5.63 39.85
C ILE G 281 30.95 4.62 38.87
N ALA G 282 32.13 4.10 39.21
CA ALA G 282 32.83 3.14 38.37
C ALA G 282 32.07 1.83 38.15
N ALA G 283 31.15 1.49 39.05
CA ALA G 283 30.36 0.28 38.91
C ALA G 283 28.87 0.51 38.61
N TYR G 284 28.44 1.77 38.66
CA TYR G 284 27.04 2.13 38.49
C TYR G 284 26.51 2.07 37.04
N GLY G 285 27.23 1.32 36.20
CA GLY G 285 26.79 1.07 34.82
C GLY G 285 27.47 1.96 33.80
N GLU G 286 27.83 1.37 32.67
CA GLU G 286 28.59 2.09 31.62
C GLU G 286 27.73 2.95 30.71
N GLY G 287 28.32 4.05 30.23
CA GLY G 287 27.58 5.05 29.47
C GLY G 287 27.00 6.13 30.37
N ASN G 288 27.13 5.95 31.69
CA ASN G 288 26.54 6.89 32.66
C ASN G 288 26.91 8.38 32.47
N GLU G 289 28.10 8.63 31.90
CA GLU G 289 28.61 9.98 31.65
C GLU G 289 27.64 10.77 30.79
N ARG G 290 26.93 10.08 29.90
CA ARG G 290 25.98 10.73 29.00
C ARG G 290 24.68 11.10 29.71
N ARG G 291 24.38 10.40 30.82
CA ARG G 291 23.15 10.68 31.59
C ARG G 291 23.33 11.77 32.68
N LEU G 292 24.30 11.53 33.59
CA LEU G 292 24.48 12.37 34.76
C LEU G 292 25.16 13.66 34.36
N THR G 293 24.35 14.66 34.05
CA THR G 293 24.88 15.91 33.56
C THR G 293 24.52 17.05 34.48
N GLY G 294 23.71 16.77 35.51
CA GLY G 294 23.18 17.82 36.39
C GLY G 294 21.82 18.39 35.95
N ARG G 295 21.53 18.31 34.65
CA ARG G 295 20.21 18.62 34.10
C ARG G 295 19.38 17.35 34.02
N HIS G 296 18.06 17.51 33.79
CA HIS G 296 17.14 16.38 33.61
C HIS G 296 16.98 15.51 34.86
N GLU G 297 16.93 16.19 36.03
CA GLU G 297 16.74 15.51 37.31
C GLU G 297 17.86 14.48 37.59
N THR G 298 19.10 14.90 37.33
CA THR G 298 20.28 14.12 37.69
C THR G 298 21.27 15.06 38.37
N ALA G 299 22.21 14.47 39.09
CA ALA G 299 23.35 15.23 39.59
C ALA G 299 24.57 14.98 38.69
N ASP G 300 25.37 16.04 38.46
CA ASP G 300 26.65 15.92 37.73
C ASP G 300 27.52 14.74 38.21
N ILE G 301 28.12 13.99 37.27
CA ILE G 301 28.91 12.76 37.61
C ILE G 301 30.05 13.08 38.60
N ASN G 302 30.61 14.28 38.47
CA ASN G 302 31.84 14.66 39.21
C ASN G 302 31.62 15.16 40.63
N THR G 303 30.50 15.84 40.87
CA THR G 303 30.14 16.24 42.22
C THR G 303 29.29 15.15 42.89
N PHE G 304 29.40 15.07 44.22
CA PHE G 304 28.43 14.36 45.04
C PHE G 304 27.60 15.39 45.83
N SER G 305 26.29 15.21 45.85
CA SER G 305 25.37 16.05 46.65
C SER G 305 24.23 15.23 47.28
N TRP G 306 23.51 15.85 48.21
CA TRP G 306 22.26 15.28 48.75
C TRP G 306 21.38 16.39 49.33
N GLY G 307 20.09 16.26 49.08
CA GLY G 307 19.08 17.20 49.59
C GLY G 307 17.83 16.49 50.12
N VAL G 308 16.81 17.26 50.50
CA VAL G 308 15.61 16.62 51.00
C VAL G 308 14.63 16.27 49.87
N ALA G 309 13.89 17.24 49.34
CA ALA G 309 13.01 16.92 48.21
C ALA G 309 13.70 17.13 46.84
N ASN G 310 15.03 17.02 46.84
CA ASN G 310 15.83 17.46 45.71
C ASN G 310 16.18 16.35 44.72
N ARG G 311 15.54 16.43 43.55
CA ARG G 311 15.78 15.55 42.42
C ARG G 311 17.03 15.94 41.60
N GLY G 312 17.52 17.16 41.82
CA GLY G 312 18.83 17.61 41.32
C GLY G 312 20.06 17.03 42.04
N ALA G 313 19.81 16.33 43.16
CA ALA G 313 20.86 15.74 44.03
C ALA G 313 21.31 14.30 43.67
N SER G 314 22.47 13.90 44.21
CA SER G 314 23.01 12.56 43.98
C SER G 314 22.30 11.53 44.85
N VAL G 315 21.95 11.96 46.06
CA VAL G 315 21.12 11.17 46.96
C VAL G 315 19.98 12.08 47.42
N ARG G 316 18.78 11.50 47.61
CA ARG G 316 17.61 12.25 48.03
C ARG G 316 16.98 11.52 49.19
N VAL G 317 16.54 12.29 50.17
CA VAL G 317 15.82 11.75 51.32
C VAL G 317 14.41 12.33 51.40
N GLY G 318 13.39 11.49 51.12
CA GLY G 318 11.96 11.90 51.12
C GLY G 318 11.54 12.87 52.23
N ARG G 319 10.66 13.81 51.89
CA ARG G 319 10.02 14.69 52.86
C ARG G 319 9.48 13.91 54.06
N GLU G 320 8.84 12.77 53.73
CA GLU G 320 8.19 11.86 54.68
C GLU G 320 9.15 11.20 55.69
N THR G 321 10.26 10.67 55.21
CA THR G 321 11.20 10.01 56.13
C THR G 321 12.02 11.02 56.95
N GLU G 322 12.06 12.28 56.53
CA GLU G 322 12.73 13.35 57.28
C GLU G 322 11.90 13.75 58.50
N GLN G 323 10.65 14.07 58.20
CA GLN G 323 9.65 14.47 59.18
C GLN G 323 9.37 13.35 60.21
N ASN G 324 9.61 12.09 59.84
CA ASN G 324 9.38 10.96 60.73
C ASN G 324 10.61 10.50 61.51
N GLY G 325 11.74 11.17 61.28
CA GLY G 325 13.02 10.80 61.89
C GLY G 325 13.49 9.37 61.61
N LYS G 326 12.79 8.68 60.71
CA LYS G 326 13.10 7.31 60.31
C LYS G 326 12.59 7.03 58.87
N GLY G 327 13.38 6.29 58.10
CA GLY G 327 12.96 5.86 56.77
C GLY G 327 14.01 5.18 55.92
N TYR G 328 14.13 5.68 54.68
CA TYR G 328 15.09 5.19 53.70
C TYR G 328 15.62 6.40 52.92
N PHE G 329 16.71 6.21 52.18
CA PHE G 329 17.14 7.23 51.21
C PHE G 329 17.28 6.62 49.80
N GLU G 330 17.38 7.51 48.82
CA GLU G 330 17.37 7.12 47.42
C GLU G 330 18.71 7.47 46.78
N ASP G 331 19.49 6.48 46.36
CA ASP G 331 20.68 6.74 45.58
C ASP G 331 20.26 6.86 44.10
N ARG G 332 20.32 8.07 43.56
CA ARG G 332 19.86 8.36 42.19
C ARG G 332 20.91 8.16 41.11
N ARG G 333 22.11 7.78 41.55
CA ARG G 333 23.28 7.67 40.68
C ARG G 333 23.28 6.47 39.71
N PRO G 334 22.84 5.26 40.14
CA PRO G 334 22.96 4.10 39.22
C PRO G 334 22.17 4.28 37.92
N ALA G 335 22.79 3.93 36.80
CA ALA G 335 22.10 4.00 35.51
C ALA G 335 21.18 2.77 35.29
N SER G 336 20.24 2.91 34.37
CA SER G 336 19.25 1.90 34.11
C SER G 336 19.85 0.54 33.76
N ASN G 337 21.10 0.51 33.27
CA ASN G 337 21.79 -0.77 32.87
C ASN G 337 22.75 -1.34 33.97
N MET G 338 22.58 -0.77 35.18
CA MET G 338 23.16 -1.24 36.42
C MET G 338 22.92 -2.74 36.63
N ASP G 339 23.93 -3.44 37.10
CA ASP G 339 23.70 -4.79 37.60
C ASP G 339 23.24 -4.68 39.05
N PRO G 340 22.01 -5.15 39.35
CA PRO G 340 21.51 -5.00 40.73
C PRO G 340 22.33 -5.76 41.78
N TYR G 341 22.84 -6.96 41.44
CA TYR G 341 23.79 -7.66 42.29
C TYR G 341 24.96 -6.80 42.74
N VAL G 342 25.63 -6.16 41.79
CA VAL G 342 26.77 -5.28 42.08
C VAL G 342 26.37 -4.06 42.91
N VAL G 343 25.40 -3.29 42.44
CA VAL G 343 24.97 -2.07 43.13
C VAL G 343 24.36 -2.33 44.49
N THR G 344 23.58 -3.41 44.56
CA THR G 344 22.84 -3.74 45.78
C THR G 344 23.80 -4.14 46.94
N SER G 345 24.79 -4.97 46.65
CA SER G 345 25.72 -5.41 47.68
C SER G 345 26.73 -4.31 48.03
N MET G 346 27.26 -3.64 47.02
CA MET G 346 28.21 -2.54 47.21
C MET G 346 27.65 -1.32 48.00
N ILE G 347 26.33 -1.16 48.07
CA ILE G 347 25.76 -0.15 48.97
C ILE G 347 25.80 -0.69 50.41
N ALA G 348 25.49 -1.98 50.56
CA ALA G 348 25.51 -2.60 51.87
C ALA G 348 26.94 -2.65 52.40
N GLU G 349 27.90 -2.74 51.47
CA GLU G 349 29.30 -2.88 51.84
C GLU G 349 29.89 -1.54 52.27
N THR G 350 29.71 -0.51 51.44
CA THR G 350 30.16 0.84 51.76
C THR G 350 29.39 1.44 52.96
N THR G 351 28.31 0.79 53.35
CA THR G 351 27.41 1.33 54.39
C THR G 351 27.51 0.70 55.79
N ILE G 352 27.80 -0.60 55.83
CA ILE G 352 27.94 -1.35 57.08
C ILE G 352 29.41 -1.73 57.35
N VAL G 353 30.01 -2.58 56.50
CA VAL G 353 31.35 -3.16 56.75
C VAL G 353 32.52 -2.14 56.83
N TRP G 354 32.71 -1.38 55.76
CA TRP G 354 33.82 -0.45 55.62
C TRP G 354 33.73 0.73 56.61
N LYS G 355 34.92 1.22 57.04
CA LYS G 355 35.08 2.43 57.92
C LYS G 355 36.22 3.38 57.50
N CYS H 3 -1.33 -14.53 23.79
CA CYS H 3 -0.22 -13.52 23.86
C CYS H 3 -0.50 -12.28 24.75
N LEU H 4 -0.76 -11.09 24.16
CA LEU H 4 -0.66 -9.82 24.92
C LEU H 4 -1.87 -9.41 25.79
N THR H 5 -3.08 -9.66 25.31
CA THR H 5 -4.28 -9.38 26.10
C THR H 5 -4.58 -10.48 27.13
N ASP H 6 -3.84 -11.58 27.04
CA ASP H 6 -3.91 -12.64 28.04
C ASP H 6 -3.28 -12.21 29.35
N LEU H 7 -2.23 -11.39 29.25
CA LEU H 7 -1.47 -10.92 30.39
C LEU H 7 -2.13 -9.67 31.01
N VAL H 8 -2.62 -8.78 30.15
CA VAL H 8 -3.31 -7.58 30.59
C VAL H 8 -4.53 -7.99 31.41
N ASN H 9 -5.15 -9.10 31.04
CA ASN H 9 -6.38 -9.54 31.68
C ASN H 9 -6.24 -10.70 32.68
N LEU H 10 -5.00 -10.96 33.13
CA LEU H 10 -4.74 -11.96 34.18
C LEU H 10 -5.58 -11.72 35.42
N ASN H 11 -6.14 -12.80 35.96
CA ASN H 11 -6.81 -12.70 37.25
C ASN H 11 -5.82 -12.90 38.40
N LEU H 12 -5.61 -11.83 39.17
CA LEU H 12 -4.63 -11.90 40.24
C LEU H 12 -5.20 -12.54 41.49
N SER H 13 -6.54 -12.60 41.55
CA SER H 13 -7.26 -13.20 42.69
C SER H 13 -6.91 -14.67 42.92
N ASP H 14 -6.55 -15.36 41.84
CA ASP H 14 -6.14 -16.77 41.91
C ASP H 14 -4.75 -16.93 42.56
N THR H 15 -3.98 -15.85 42.66
CA THR H 15 -2.57 -15.97 42.99
C THR H 15 -2.14 -15.24 44.25
N THR H 16 -2.54 -13.97 44.42
CA THR H 16 -2.36 -13.31 45.74
C THR H 16 -3.54 -12.44 46.13
N GLU H 17 -3.44 -11.88 47.32
CA GLU H 17 -4.41 -10.96 47.88
C GLU H 17 -4.10 -9.51 47.48
N LYS H 18 -2.87 -9.28 47.00
CA LYS H 18 -2.40 -7.94 46.67
C LYS H 18 -3.31 -7.21 45.70
N ILE H 19 -3.22 -5.89 45.71
CA ILE H 19 -4.13 -5.02 44.98
C ILE H 19 -3.35 -3.95 44.26
N ILE H 20 -3.86 -3.54 43.10
CA ILE H 20 -3.27 -2.40 42.39
C ILE H 20 -4.16 -1.16 42.50
N ALA H 21 -3.58 -0.11 43.08
CA ALA H 21 -4.25 1.18 43.20
C ALA H 21 -3.65 2.19 42.24
N GLU H 22 -4.50 2.76 41.40
CA GLU H 22 -4.11 3.76 40.42
C GLU H 22 -4.50 5.14 40.95
N TYR H 23 -3.51 5.88 41.42
CA TYR H 23 -3.76 7.18 41.98
C TYR H 23 -3.88 8.22 40.90
N ILE H 24 -5.04 8.87 40.82
CA ILE H 24 -5.31 9.86 39.78
C ILE H 24 -5.20 11.26 40.37
N TRP H 25 -4.52 12.18 39.70
CA TRP H 25 -4.67 13.60 40.05
C TRP H 25 -4.75 14.56 38.86
N ILE H 26 -5.02 15.83 39.17
CA ILE H 26 -5.06 16.89 38.15
C ILE H 26 -3.73 17.65 38.20
N GLY H 27 -3.16 17.89 37.02
CA GLY H 27 -1.84 18.50 36.93
C GLY H 27 -1.80 20.00 36.75
N GLY H 28 -0.63 20.53 36.43
CA GLY H 28 -0.34 21.96 36.41
C GLY H 28 -1.21 22.87 35.59
N SER H 29 -1.72 22.37 34.46
CA SER H 29 -2.62 23.18 33.62
C SER H 29 -4.03 23.24 34.19
N GLY H 30 -4.36 22.36 35.12
CA GLY H 30 -5.70 22.33 35.73
C GLY H 30 -6.70 21.61 34.85
N MET H 31 -6.21 21.09 33.74
CA MET H 31 -7.03 20.42 32.73
C MET H 31 -6.39 19.11 32.23
N ASP H 32 -5.27 18.77 32.83
CA ASP H 32 -4.54 17.56 32.46
C ASP H 32 -4.55 16.48 33.56
N LEU H 33 -5.18 15.35 33.26
CA LEU H 33 -5.17 14.26 34.23
C LEU H 33 -3.87 13.48 34.20
N ARG H 34 -3.41 13.10 35.38
CA ARG H 34 -2.23 12.25 35.52
C ARG H 34 -2.49 11.10 36.50
N SER H 35 -1.79 9.97 36.31
CA SER H 35 -1.96 8.86 37.23
C SER H 35 -0.68 8.05 37.30
N LYS H 36 -0.51 7.34 38.41
CA LYS H 36 0.46 6.23 38.51
C LYS H 36 -0.09 5.21 39.49
N ALA H 37 0.52 4.02 39.53
CA ALA H 37 -0.06 2.88 40.26
C ALA H 37 0.90 2.26 41.28
N ARG H 38 0.34 1.86 42.43
CA ARG H 38 1.11 1.16 43.46
C ARG H 38 0.43 -0.15 43.89
N THR H 39 1.24 -1.06 44.41
CA THR H 39 0.76 -2.31 44.99
C THR H 39 0.41 -2.08 46.48
N LEU H 40 -0.82 -2.48 46.82
CA LEU H 40 -1.29 -2.44 48.22
C LEU H 40 -1.52 -3.85 48.73
N PRO H 41 -1.33 -4.08 50.04
CA PRO H 41 -1.25 -5.47 50.54
C PRO H 41 -2.56 -6.25 50.45
N GLY H 42 -3.70 -5.56 50.54
CA GLY H 42 -4.99 -6.20 50.41
C GLY H 42 -6.04 -5.20 50.00
N PRO H 43 -7.30 -5.66 49.77
CA PRO H 43 -8.39 -4.79 49.30
C PRO H 43 -8.61 -3.62 50.23
N VAL H 44 -9.19 -2.54 49.72
CA VAL H 44 -9.56 -1.40 50.55
C VAL H 44 -10.85 -0.79 50.05
N THR H 45 -11.75 -0.42 50.97
CA THR H 45 -13.00 0.23 50.59
C THR H 45 -13.13 1.62 51.20
N ASP H 46 -12.35 1.91 52.23
CA ASP H 46 -12.44 3.23 52.80
C ASP H 46 -11.26 4.13 52.39
N PRO H 47 -11.53 5.25 51.70
CA PRO H 47 -10.53 6.22 51.29
C PRO H 47 -9.49 6.59 52.36
N SER H 48 -9.93 6.70 53.62
CA SER H 48 -9.04 7.12 54.68
C SER H 48 -8.19 5.99 55.24
N LYS H 49 -8.31 4.82 54.67
CA LYS H 49 -7.43 3.76 55.10
C LYS H 49 -6.35 3.49 54.05
N LEU H 50 -6.32 4.34 53.01
CA LEU H 50 -5.28 4.27 51.97
C LEU H 50 -4.16 5.20 52.38
N PRO H 51 -2.90 4.81 52.14
CA PRO H 51 -1.75 5.67 52.40
C PRO H 51 -1.77 6.90 51.54
N LYS H 52 -1.29 8.02 52.09
CA LYS H 52 -1.03 9.20 51.29
C LYS H 52 0.21 8.88 50.49
N TRP H 53 0.39 9.56 49.37
CA TRP H 53 1.52 9.30 48.48
C TRP H 53 2.09 10.64 47.95
N ASN H 54 3.18 10.56 47.19
CA ASN H 54 3.74 11.73 46.53
C ASN H 54 4.02 11.45 45.04
N TYR H 55 4.27 12.52 44.29
CA TYR H 55 4.75 12.45 42.91
C TYR H 55 5.80 13.51 42.61
N ASP H 56 6.31 13.52 41.39
CA ASP H 56 7.28 14.53 41.01
C ASP H 56 6.59 15.78 40.53
N GLY H 57 6.38 16.73 41.40
CA GLY H 57 5.71 17.97 41.03
C GLY H 57 6.44 18.79 39.97
N SER H 58 7.74 18.56 39.85
CA SER H 58 8.55 19.29 38.87
C SER H 58 8.28 18.83 37.42
N SER H 59 7.69 17.64 37.26
CA SER H 59 7.35 17.10 35.93
C SER H 59 5.88 17.31 35.45
N THR H 60 5.10 18.04 36.26
CA THR H 60 3.71 18.38 35.97
C THR H 60 3.51 19.85 36.14
N GLY H 61 4.62 20.59 36.24
CA GLY H 61 4.60 22.04 36.46
C GLY H 61 3.82 22.51 37.69
N GLN H 62 4.13 21.89 38.82
CA GLN H 62 3.44 22.18 40.07
C GLN H 62 4.41 22.43 41.25
N ALA H 63 5.70 22.20 41.00
CA ALA H 63 6.77 22.50 41.98
C ALA H 63 8.12 22.60 41.27
N PRO H 64 9.07 23.37 41.86
CA PRO H 64 10.48 23.38 41.42
C PRO H 64 11.22 22.05 41.63
N GLY H 65 12.35 21.91 40.94
CA GLY H 65 13.14 20.67 40.99
C GLY H 65 13.77 20.40 42.34
N GLU H 66 14.24 21.48 42.99
CA GLU H 66 14.95 21.36 44.28
C GLU H 66 14.00 21.12 45.46
N ASP H 67 12.72 21.45 45.28
CA ASP H 67 11.68 21.13 46.26
C ASP H 67 10.53 20.53 45.44
N SER H 68 10.74 19.27 45.04
CA SER H 68 9.92 18.65 44.00
C SER H 68 8.67 17.93 44.49
N GLU H 69 8.64 17.54 45.78
CA GLU H 69 7.58 16.67 46.30
C GLU H 69 6.20 17.35 46.47
N VAL H 70 5.18 16.72 45.87
CA VAL H 70 3.78 17.08 46.10
C VAL H 70 3.03 15.85 46.63
N ILE H 71 2.08 16.08 47.52
CA ILE H 71 1.51 14.98 48.26
C ILE H 71 0.10 14.72 47.76
N LEU H 72 -0.26 13.44 47.76
CA LEU H 72 -1.54 12.99 47.25
C LEU H 72 -2.46 12.48 48.35
N TYR H 73 -3.61 13.11 48.49
CA TYR H 73 -4.58 12.69 49.48
C TYR H 73 -5.66 11.88 48.81
N PRO H 74 -5.79 10.62 49.20
CA PRO H 74 -6.88 9.80 48.68
C PRO H 74 -8.26 10.35 49.07
N GLN H 75 -9.13 10.62 48.10
CA GLN H 75 -10.45 11.13 48.43
C GLN H 75 -11.61 10.27 48.06
N ALA H 76 -11.52 9.59 46.92
CA ALA H 76 -12.58 8.66 46.48
C ALA H 76 -12.03 7.37 45.89
N ILE H 77 -12.78 6.29 46.07
CA ILE H 77 -12.39 5.01 45.55
C ILE H 77 -13.42 4.51 44.54
N PHE H 78 -12.94 4.02 43.40
CA PHE H 78 -13.78 3.37 42.40
C PHE H 78 -13.09 2.09 41.92
N LYS H 79 -13.85 1.14 41.44
CA LYS H 79 -13.27 -0.08 40.93
C LYS H 79 -12.61 0.21 39.58
N ASP H 80 -11.41 -0.32 39.34
CA ASP H 80 -10.71 -0.11 38.08
C ASP H 80 -11.31 -1.01 37.01
N PRO H 81 -11.89 -0.42 35.96
CA PRO H 81 -12.48 -1.20 34.89
C PRO H 81 -11.43 -1.77 33.91
N PHE H 82 -10.22 -1.24 33.97
CA PHE H 82 -9.21 -1.76 33.07
C PHE H 82 -8.54 -2.97 33.71
N ARG H 83 -8.05 -2.83 34.94
CA ARG H 83 -7.32 -3.93 35.59
C ARG H 83 -8.25 -4.95 36.19
N ARG H 84 -9.50 -4.57 36.37
CA ARG H 84 -10.58 -5.44 36.93
C ARG H 84 -10.23 -6.17 38.26
N GLY H 85 -10.97 -7.22 38.60
CA GLY H 85 -10.83 -7.88 39.90
C GLY H 85 -10.98 -6.88 41.04
N ASN H 86 -10.09 -6.94 42.03
CA ASN H 86 -10.18 -6.05 43.22
C ASN H 86 -9.38 -4.79 43.16
N ASN H 87 -8.86 -4.48 41.95
CA ASN H 87 -8.05 -3.28 41.72
C ASN H 87 -8.87 -2.02 41.58
N ILE H 88 -8.27 -0.90 41.99
CA ILE H 88 -9.03 0.32 42.23
C ILE H 88 -8.43 1.56 41.55
N LEU H 89 -9.29 2.52 41.26
CA LEU H 89 -8.88 3.86 40.89
C LEU H 89 -9.11 4.70 42.12
N VAL H 90 -8.18 5.61 42.40
CA VAL H 90 -8.26 6.49 43.57
C VAL H 90 -8.14 7.95 43.16
N MET H 91 -9.20 8.74 43.39
CA MET H 91 -9.20 10.13 42.99
C MET H 91 -8.50 10.91 44.06
N CYS H 92 -7.63 11.83 43.67
CA CYS H 92 -6.75 12.54 44.64
C CYS H 92 -6.77 14.07 44.64
N ASP H 93 -6.17 14.58 45.70
CA ASP H 93 -6.22 15.96 46.07
C ASP H 93 -4.76 16.36 46.20
N CYS H 94 -4.43 17.60 45.90
CA CYS H 94 -3.00 17.94 45.90
C CYS H 94 -2.50 18.96 46.95
N TYR H 95 -1.48 18.55 47.71
CA TYR H 95 -0.97 19.35 48.84
C TYR H 95 0.54 19.48 48.85
N THR H 96 1.05 20.60 49.39
CA THR H 96 2.49 20.75 49.73
C THR H 96 2.85 19.86 50.94
N PRO H 97 4.15 19.56 51.16
CA PRO H 97 4.49 18.70 52.30
C PRO H 97 4.12 19.38 53.63
N ALA H 98 3.94 20.70 53.58
CA ALA H 98 3.46 21.49 54.69
C ALA H 98 1.96 21.36 54.98
N GLY H 99 1.25 20.68 54.09
CA GLY H 99 -0.20 20.50 54.27
C GLY H 99 -1.04 21.62 53.67
N GLU H 100 -0.43 22.49 52.87
CA GLU H 100 -1.17 23.50 52.11
C GLU H 100 -1.73 22.95 50.80
N PRO H 101 -2.98 23.28 50.44
CA PRO H 101 -3.41 22.96 49.11
C PRO H 101 -2.77 23.85 48.06
N ILE H 102 -2.13 23.21 47.07
CA ILE H 102 -1.47 23.92 45.96
C ILE H 102 -2.45 24.69 45.09
N PRO H 103 -2.01 25.81 44.46
CA PRO H 103 -2.92 26.72 43.74
C PRO H 103 -3.92 26.05 42.78
N THR H 104 -3.52 24.90 42.23
CA THR H 104 -4.32 24.17 41.24
C THR H 104 -5.31 23.16 41.85
N ASN H 105 -5.30 23.03 43.16
CA ASN H 105 -6.26 22.18 43.85
C ASN H 105 -7.56 22.95 44.12
N LYS H 106 -8.50 22.86 43.19
CA LYS H 106 -9.80 23.51 43.34
C LYS H 106 -10.79 22.71 44.19
N ARG H 107 -10.42 21.50 44.58
CA ARG H 107 -11.30 20.64 45.36
C ARG H 107 -11.37 21.10 46.78
N TYR H 108 -10.24 21.56 47.31
CA TYR H 108 -10.16 22.06 48.66
C TYR H 108 -11.22 23.12 48.92
N SER H 109 -11.17 24.19 48.16
CA SER H 109 -12.12 25.30 48.30
C SER H 109 -13.54 24.82 48.14
N ALA H 110 -13.77 23.91 47.20
CA ALA H 110 -15.10 23.40 46.92
C ALA H 110 -15.56 22.51 48.03
N ALA H 111 -14.65 21.80 48.67
CA ALA H 111 -14.99 20.93 49.77
C ALA H 111 -15.48 21.76 50.96
N LYS H 112 -14.77 22.85 51.27
CA LYS H 112 -15.19 23.81 52.29
C LYS H 112 -16.64 24.29 52.10
N ILE H 113 -17.02 24.60 50.85
CA ILE H 113 -18.35 25.13 50.56
C ILE H 113 -19.43 24.10 50.77
N PHE H 114 -19.17 22.84 50.46
CA PHE H 114 -20.15 21.78 50.64
C PHE H 114 -20.12 21.18 52.05
N SER H 115 -19.11 21.53 52.82
CA SER H 115 -19.08 21.24 54.25
C SER H 115 -19.95 22.25 55.04
N SER H 116 -19.69 23.54 54.84
CA SER H 116 -20.49 24.63 55.38
C SER H 116 -21.97 24.19 55.55
N PRO H 117 -22.49 24.29 56.77
CA PRO H 117 -23.70 23.64 57.17
C PRO H 117 -24.99 24.11 56.50
N GLU H 118 -25.10 25.37 56.09
CA GLU H 118 -26.34 25.83 55.46
C GLU H 118 -26.39 25.48 54.00
N VAL H 119 -25.26 25.02 53.46
CA VAL H 119 -25.24 24.41 52.13
C VAL H 119 -25.56 22.93 52.26
N ALA H 120 -24.84 22.20 53.11
CA ALA H 120 -25.05 20.77 53.29
C ALA H 120 -26.50 20.46 53.57
N ALA H 121 -27.17 21.33 54.32
CA ALA H 121 -28.57 21.16 54.69
C ALA H 121 -29.53 21.29 53.54
N GLU H 122 -29.21 22.21 52.62
CA GLU H 122 -29.95 22.39 51.37
C GLU H 122 -29.75 21.23 50.40
N GLU H 123 -28.75 20.40 50.70
CA GLU H 123 -28.45 19.18 49.99
C GLU H 123 -28.50 19.34 48.46
N PRO H 124 -27.45 19.96 47.86
CA PRO H 124 -27.51 20.28 46.46
C PRO H 124 -27.20 19.08 45.59
N TRP H 125 -27.81 19.05 44.42
CA TRP H 125 -27.74 17.95 43.49
C TRP H 125 -27.28 18.45 42.16
N TYR H 126 -26.26 17.83 41.60
CA TYR H 126 -25.85 18.16 40.26
C TYR H 126 -25.88 16.97 39.34
N GLY H 127 -26.42 17.22 38.16
CA GLY H 127 -26.22 16.34 37.04
C GLY H 127 -25.54 17.16 35.98
N ILE H 128 -24.36 16.70 35.55
CA ILE H 128 -23.59 17.46 34.58
C ILE H 128 -23.42 16.68 33.26
N GLU H 129 -23.65 17.35 32.14
CA GLU H 129 -23.66 16.69 30.86
C GLU H 129 -22.41 17.04 30.15
N GLN H 130 -21.48 16.10 30.11
CA GLN H 130 -20.19 16.30 29.47
C GLN H 130 -20.25 16.03 27.99
N GLU H 131 -19.99 17.05 27.18
CA GLU H 131 -19.84 16.84 25.73
C GLU H 131 -18.34 16.77 25.45
N TYR H 132 -17.95 16.12 24.36
CA TYR H 132 -16.57 16.03 23.97
C TYR H 132 -16.55 15.65 22.52
N THR H 133 -15.39 15.84 21.86
CA THR H 133 -15.22 15.56 20.43
C THR H 133 -14.09 14.58 20.27
N LEU H 134 -14.25 13.61 19.36
CA LEU H 134 -13.21 12.61 19.10
C LEU H 134 -12.36 12.99 17.88
N LEU H 135 -11.04 12.87 17.96
CA LEU H 135 -10.20 13.27 16.85
C LEU H 135 -9.28 12.18 16.42
N GLN H 136 -8.88 12.18 15.15
CA GLN H 136 -7.86 11.27 14.62
C GLN H 136 -6.50 11.63 15.17
N LYS H 137 -5.71 10.62 15.55
CA LYS H 137 -4.38 10.87 16.09
C LYS H 137 -3.49 11.48 15.02
N ASP H 138 -2.70 12.49 15.39
CA ASP H 138 -1.69 13.10 14.49
C ASP H 138 -2.24 14.20 13.54
N THR H 139 -3.28 13.88 12.78
CA THR H 139 -3.89 14.86 11.90
C THR H 139 -4.76 15.80 12.71
N ASN H 140 -5.28 15.34 13.83
CA ASN H 140 -6.09 16.17 14.74
C ASN H 140 -7.44 16.66 14.20
N TRP H 141 -7.97 15.89 13.27
CA TRP H 141 -9.21 16.19 12.59
C TRP H 141 -10.25 15.22 13.12
N PRO H 142 -11.50 15.67 13.29
CA PRO H 142 -12.60 14.90 13.89
C PRO H 142 -12.73 13.49 13.34
N LEU H 143 -13.12 12.55 14.19
CA LEU H 143 -13.26 11.15 13.83
C LEU H 143 -14.33 10.98 12.77
N GLY H 144 -14.05 10.18 11.74
CA GLY H 144 -15.01 9.96 10.66
C GLY H 144 -15.16 11.06 9.59
N TRP H 145 -14.47 12.17 9.80
CA TRP H 145 -14.35 13.23 8.82
C TRP H 145 -13.23 12.84 7.88
N PRO H 146 -13.37 13.16 6.59
CA PRO H 146 -12.28 12.96 5.65
C PRO H 146 -11.21 14.06 5.81
N ILE H 147 -9.95 13.72 5.57
CA ILE H 147 -8.86 14.65 5.88
C ILE H 147 -8.88 15.83 4.91
N GLY H 148 -8.86 17.03 5.49
CA GLY H 148 -8.93 18.29 4.74
C GLY H 148 -10.27 18.43 4.05
N GLY H 149 -11.34 18.09 4.77
CA GLY H 149 -12.65 18.08 4.16
C GLY H 149 -13.66 17.82 5.23
N PHE H 150 -14.94 17.87 4.88
CA PHE H 150 -15.99 17.85 5.86
C PHE H 150 -16.99 16.81 5.50
N PRO H 151 -17.75 16.33 6.47
CA PRO H 151 -18.85 15.45 6.11
C PRO H 151 -20.03 16.29 5.75
N GLY H 152 -21.16 15.63 5.49
CA GLY H 152 -22.43 16.29 5.22
C GLY H 152 -22.78 17.26 6.33
N PRO H 153 -23.60 18.28 6.03
CA PRO H 153 -23.86 19.29 7.01
C PRO H 153 -24.63 18.70 8.19
N GLN H 154 -24.56 19.35 9.33
CA GLN H 154 -25.22 18.90 10.51
C GLN H 154 -26.67 18.57 10.29
N GLY H 155 -27.19 17.62 11.06
CA GLY H 155 -28.58 17.25 10.92
C GLY H 155 -28.90 15.79 11.19
N PRO H 156 -28.30 14.86 10.41
CA PRO H 156 -28.56 13.45 10.64
C PRO H 156 -27.83 12.82 11.84
N TYR H 157 -26.94 13.58 12.50
CA TYR H 157 -25.90 13.04 13.41
C TYR H 157 -26.34 12.85 14.84
N TYR H 158 -27.06 13.84 15.37
CA TYR H 158 -27.64 13.81 16.72
C TYR H 158 -28.43 12.55 16.97
N CYS H 159 -27.98 11.75 17.92
CA CYS H 159 -28.63 10.48 18.27
C CYS H 159 -28.81 9.52 17.08
N GLY H 160 -27.99 9.67 16.06
CA GLY H 160 -28.18 8.86 14.87
C GLY H 160 -27.61 7.48 14.99
N ILE H 161 -27.88 6.66 13.98
CA ILE H 161 -27.31 5.33 13.88
C ILE H 161 -26.93 5.11 12.45
N GLY H 162 -25.88 4.31 12.24
CA GLY H 162 -25.42 3.89 10.91
C GLY H 162 -23.97 4.22 10.66
N ALA H 163 -23.34 3.49 9.76
CA ALA H 163 -21.91 3.70 9.56
C ALA H 163 -21.58 5.10 9.03
N GLU H 164 -22.53 5.76 8.34
CA GLU H 164 -22.25 7.06 7.77
C GLU H 164 -22.57 8.19 8.69
N LYS H 165 -23.24 7.88 9.79
CA LYS H 165 -23.72 8.92 10.70
C LYS H 165 -23.03 8.94 12.08
N SER H 166 -22.52 7.80 12.52
CA SER H 166 -22.24 7.59 13.93
C SER H 166 -20.84 7.06 14.19
N PHE H 167 -19.95 7.99 14.51
CA PHE H 167 -18.51 7.69 14.59
C PHE H 167 -17.97 7.42 16.01
N GLY H 168 -17.58 6.17 16.25
CA GLY H 168 -16.93 5.80 17.50
C GLY H 168 -17.85 5.40 18.63
N ARG H 169 -18.98 4.78 18.31
CA ARG H 169 -19.91 4.34 19.33
C ARG H 169 -19.16 3.39 20.21
N ASP H 170 -18.28 2.61 19.59
CA ASP H 170 -17.41 1.71 20.29
C ASP H 170 -16.94 2.28 21.61
N ILE H 171 -16.31 3.45 21.50
CA ILE H 171 -15.67 4.14 22.58
C ILE H 171 -16.73 4.52 23.60
N VAL H 172 -17.79 5.14 23.11
CA VAL H 172 -18.87 5.58 23.95
C VAL H 172 -19.48 4.45 24.78
N ASP H 173 -19.99 3.39 24.12
CA ASP H 173 -20.64 2.23 24.76
C ASP H 173 -19.72 1.55 25.78
N ALA H 174 -18.43 1.47 25.46
CA ALA H 174 -17.39 0.98 26.37
C ALA H 174 -17.29 1.79 27.66
N HIS H 175 -17.18 3.10 27.50
CA HIS H 175 -17.09 4.03 28.61
C HIS H 175 -18.29 3.96 29.55
N TYR H 176 -19.48 3.90 28.97
CA TYR H 176 -20.72 3.76 29.73
C TYR H 176 -20.59 2.57 30.67
N LYS H 177 -20.28 1.38 30.16
CA LYS H 177 -20.23 0.21 31.03
C LYS H 177 -19.10 0.37 32.06
N ALA H 178 -17.91 0.73 31.57
CA ALA H 178 -16.76 1.00 32.42
C ALA H 178 -17.14 1.82 33.63
N CYS H 179 -17.72 2.99 33.38
CA CYS H 179 -18.18 3.91 34.42
C CYS H 179 -19.14 3.27 35.40
N LEU H 180 -20.17 2.59 34.89
CA LEU H 180 -21.12 1.89 35.75
C LEU H 180 -20.47 0.84 36.64
N TYR H 181 -19.52 0.10 36.08
CA TYR H 181 -18.80 -0.94 36.78
C TYR H 181 -17.96 -0.33 37.86
N ALA H 182 -17.20 0.70 37.48
CA ALA H 182 -16.42 1.54 38.41
C ALA H 182 -17.20 2.08 39.64
N GLY H 183 -18.47 2.39 39.45
CA GLY H 183 -19.30 2.91 40.51
C GLY H 183 -19.65 4.36 40.30
N ILE H 184 -19.31 4.93 39.14
CA ILE H 184 -19.65 6.32 38.80
C ILE H 184 -21.12 6.40 38.51
N ASN H 185 -21.82 7.33 39.11
CA ASN H 185 -23.24 7.42 38.83
C ASN H 185 -23.44 8.07 37.48
N ILE H 186 -23.39 7.25 36.43
CA ILE H 186 -23.56 7.72 35.07
C ILE H 186 -25.02 7.55 34.69
N SER H 187 -25.65 8.58 34.17
CA SER H 187 -27.11 8.55 34.03
C SER H 187 -27.58 8.32 32.61
N GLY H 188 -26.71 8.51 31.61
CA GLY H 188 -27.07 8.33 30.22
C GLY H 188 -25.96 8.78 29.29
N ILE H 189 -26.12 8.48 28.01
CA ILE H 189 -25.21 8.91 26.95
C ILE H 189 -26.07 9.37 25.77
N ASN H 190 -25.45 9.94 24.74
CA ASN H 190 -26.13 10.24 23.47
C ASN H 190 -25.17 10.80 22.42
N GLY H 191 -25.44 10.49 21.16
CA GLY H 191 -24.71 11.11 20.06
C GLY H 191 -25.07 12.60 19.92
N GLU H 192 -24.06 13.45 19.77
CA GLU H 192 -24.36 14.88 19.69
C GLU H 192 -24.52 15.38 18.28
N VAL H 193 -24.79 16.67 18.13
CA VAL H 193 -25.16 17.27 16.87
C VAL H 193 -24.06 17.22 15.82
N MET H 194 -22.84 17.46 16.25
CA MET H 194 -21.71 17.51 15.36
C MET H 194 -21.13 16.13 15.18
N PRO H 195 -20.94 15.67 13.91
CA PRO H 195 -20.44 14.33 13.64
C PRO H 195 -19.11 14.13 14.33
N GLY H 196 -19.05 13.12 15.19
CA GLY H 196 -17.87 12.88 15.98
C GLY H 196 -17.94 13.37 17.41
N GLN H 197 -19.08 13.91 17.77
CA GLN H 197 -19.25 14.52 19.06
C GLN H 197 -20.22 13.66 19.85
N TRP H 198 -19.94 13.52 21.13
CA TRP H 198 -20.73 12.67 22.03
C TRP H 198 -20.96 13.26 23.42
N GLU H 199 -21.84 12.64 24.18
CA GLU H 199 -22.19 13.16 25.47
C GLU H 199 -22.24 12.00 26.47
N PHE H 200 -21.98 12.31 27.74
CA PHE H 200 -22.45 11.50 28.87
C PHE H 200 -22.84 12.38 30.02
N GLN H 201 -23.75 11.91 30.83
CA GLN H 201 -24.22 12.70 31.95
C GLN H 201 -23.90 11.97 33.22
N VAL H 202 -23.24 12.64 34.14
CA VAL H 202 -23.06 12.10 35.49
C VAL H 202 -24.22 12.50 36.41
N GLY H 203 -25.11 11.50 36.60
CA GLY H 203 -26.49 11.57 37.12
C GLY H 203 -26.54 12.22 38.47
N PRO H 204 -27.74 12.45 39.01
CA PRO H 204 -27.84 13.40 40.13
C PRO H 204 -26.89 13.01 41.26
N SER H 205 -25.83 13.81 41.46
CA SER H 205 -24.81 13.54 42.51
C SER H 205 -24.66 14.72 43.46
N VAL H 206 -24.43 14.44 44.75
CA VAL H 206 -24.54 15.46 45.81
C VAL H 206 -23.20 16.09 46.19
N GLY H 207 -23.15 17.41 46.07
CA GLY H 207 -21.99 18.16 46.50
C GLY H 207 -20.66 17.69 45.93
N ILE H 208 -19.67 17.54 46.79
CA ILE H 208 -18.32 17.30 46.29
C ILE H 208 -18.28 16.10 45.36
N SER H 209 -19.03 15.06 45.64
CA SER H 209 -18.89 13.85 44.87
C SER H 209 -19.19 14.05 43.40
N SER H 210 -19.90 15.13 43.07
CA SER H 210 -20.14 15.41 41.65
C SER H 210 -18.83 15.69 40.95
N GLY H 211 -18.09 16.69 41.41
CA GLY H 211 -16.78 16.98 40.84
C GLY H 211 -15.88 15.76 40.80
N ASP H 212 -15.90 14.98 41.87
CA ASP H 212 -15.06 13.79 41.95
C ASP H 212 -15.40 12.81 40.85
N GLN H 213 -16.68 12.50 40.70
CA GLN H 213 -17.09 11.56 39.69
C GLN H 213 -16.79 12.03 38.26
N VAL H 214 -17.11 13.28 37.95
CA VAL H 214 -16.83 13.84 36.63
C VAL H 214 -15.36 13.80 36.22
N TRP H 215 -14.43 14.01 37.15
CA TRP H 215 -13.04 13.88 36.78
C TRP H 215 -12.69 12.44 36.49
N VAL H 216 -13.10 11.54 37.37
CA VAL H 216 -12.82 10.14 37.18
C VAL H 216 -13.50 9.63 35.92
N ALA H 217 -14.67 10.18 35.59
CA ALA H 217 -15.35 9.82 34.36
C ALA H 217 -14.46 10.20 33.20
N ARG H 218 -13.94 11.41 33.23
CA ARG H 218 -13.03 11.90 32.18
C ARG H 218 -11.76 11.11 32.08
N TYR H 219 -11.29 10.60 33.20
CA TYR H 219 -10.10 9.82 33.21
C TYR H 219 -10.37 8.53 32.43
N ILE H 220 -11.48 7.88 32.76
CA ILE H 220 -11.86 6.65 32.10
C ILE H 220 -12.14 6.89 30.62
N LEU H 221 -12.74 8.01 30.26
CA LEU H 221 -12.95 8.32 28.85
C LEU H 221 -11.64 8.35 28.06
N GLU H 222 -10.69 9.16 28.51
CA GLU H 222 -9.43 9.31 27.80
C GLU H 222 -8.63 8.01 27.77
N ARG H 223 -8.67 7.24 28.86
CA ARG H 223 -7.96 5.98 28.93
C ARG H 223 -8.49 5.06 27.87
N ILE H 224 -9.79 5.13 27.62
CA ILE H 224 -10.41 4.30 26.60
C ILE H 224 -9.97 4.75 25.24
N THR H 225 -10.04 6.04 24.94
CA THR H 225 -9.60 6.52 23.63
C THR H 225 -8.14 6.13 23.40
N GLU H 226 -7.31 6.27 24.43
CA GLU H 226 -5.92 5.77 24.37
C GLU H 226 -5.84 4.36 23.71
N ILE H 227 -6.70 3.47 24.18
CA ILE H 227 -6.76 2.09 23.70
C ILE H 227 -7.11 2.05 22.23
N ALA H 228 -8.03 2.92 21.85
CA ALA H 228 -8.56 3.00 20.49
C ALA H 228 -7.63 3.75 19.55
N GLY H 229 -6.61 4.41 20.09
CA GLY H 229 -5.71 5.19 19.24
C GLY H 229 -6.44 6.39 18.66
N VAL H 230 -7.22 7.03 19.50
CA VAL H 230 -8.00 8.17 19.13
C VAL H 230 -7.77 9.29 20.15
N VAL H 231 -7.91 10.55 19.74
CA VAL H 231 -7.71 11.63 20.67
C VAL H 231 -9.03 12.27 21.06
N VAL H 232 -9.16 12.69 22.33
CA VAL H 232 -10.27 13.54 22.83
C VAL H 232 -9.87 15.03 22.98
N THR H 233 -10.79 15.96 22.70
CA THR H 233 -10.65 17.32 23.23
C THR H 233 -11.87 17.73 23.97
N PHE H 234 -11.65 18.48 25.03
CA PHE H 234 -12.72 19.07 25.75
C PHE H 234 -12.80 20.50 25.36
N ASP H 235 -12.14 20.86 24.26
CA ASP H 235 -12.17 22.23 23.72
C ASP H 235 -13.55 22.66 23.27
N PRO H 236 -14.03 23.81 23.78
CA PRO H 236 -15.42 24.25 23.67
C PRO H 236 -15.91 24.43 22.24
N LYS H 237 -15.02 24.67 21.30
CA LYS H 237 -15.40 24.85 19.91
C LYS H 237 -14.22 24.42 19.07
N PRO H 238 -14.16 23.13 18.70
CA PRO H 238 -12.94 22.55 18.17
C PRO H 238 -12.81 22.81 16.70
N ILE H 239 -13.93 22.86 15.99
CA ILE H 239 -13.90 23.22 14.59
C ILE H 239 -14.66 24.52 14.45
N PRO H 240 -14.05 25.53 13.78
CA PRO H 240 -14.71 26.81 13.54
C PRO H 240 -15.78 26.66 12.50
N GLY H 241 -16.76 27.56 12.51
CA GLY H 241 -17.73 27.59 11.43
C GLY H 241 -19.07 27.02 11.82
N ASP H 242 -19.75 26.38 10.87
CA ASP H 242 -21.11 25.94 11.07
C ASP H 242 -21.16 24.51 11.66
N TRP H 243 -20.58 24.38 12.86
CA TRP H 243 -20.52 23.11 13.60
C TRP H 243 -20.64 23.38 15.08
N ASN H 244 -21.39 22.56 15.80
CA ASN H 244 -21.60 22.77 17.21
C ASN H 244 -20.34 22.79 18.06
N GLY H 245 -20.39 23.59 19.12
CA GLY H 245 -19.36 23.57 20.12
C GLY H 245 -19.73 22.55 21.16
N ALA H 246 -18.93 22.45 22.22
CA ALA H 246 -19.19 21.49 23.26
C ALA H 246 -19.25 22.18 24.60
N GLY H 247 -20.35 21.95 25.33
CA GLY H 247 -20.47 22.42 26.69
C GLY H 247 -20.58 21.34 27.75
N ALA H 248 -20.47 21.78 28.99
CA ALA H 248 -20.69 20.95 30.14
C ALA H 248 -21.92 21.43 30.95
N HIS H 249 -23.10 21.41 30.33
CA HIS H 249 -24.30 21.91 30.98
C HIS H 249 -24.35 21.38 32.37
N THR H 250 -24.60 22.24 33.34
CA THR H 250 -24.82 21.80 34.70
C THR H 250 -26.28 21.93 35.12
N ASN H 251 -26.89 20.80 35.49
CA ASN H 251 -28.25 20.81 36.02
C ASN H 251 -28.13 20.84 37.51
N TYR H 252 -29.07 21.49 38.18
CA TYR H 252 -28.94 21.83 39.60
C TYR H 252 -30.28 21.87 40.32
N SER H 253 -30.30 21.40 41.56
CA SER H 253 -31.47 21.49 42.43
C SER H 253 -31.11 21.40 43.91
N THR H 254 -31.90 22.07 44.75
CA THR H 254 -31.76 22.02 46.21
C THR H 254 -32.99 21.42 46.86
N GLU H 255 -32.82 20.88 48.06
CA GLU H 255 -33.92 20.29 48.84
C GLU H 255 -35.21 21.03 48.60
N SER H 256 -35.19 22.35 48.83
CA SER H 256 -36.37 23.19 48.72
C SER H 256 -36.84 23.35 47.27
N MET H 257 -35.96 23.09 46.30
CA MET H 257 -36.33 23.23 44.89
C MET H 257 -37.09 22.03 44.35
N ARG H 258 -36.89 20.85 44.93
CA ARG H 258 -37.59 19.64 44.50
C ARG H 258 -38.82 19.26 45.33
N LYS H 259 -39.05 20.01 46.40
CA LYS H 259 -40.26 19.90 47.23
C LYS H 259 -41.36 20.80 46.67
N GLU H 260 -42.53 20.83 47.32
CA GLU H 260 -43.65 21.61 46.82
C GLU H 260 -43.35 23.08 46.66
N GLY H 261 -43.77 23.63 45.52
CA GLY H 261 -43.54 25.02 45.21
C GLY H 261 -42.07 25.39 45.22
N GLY H 262 -41.25 24.54 44.62
CA GLY H 262 -39.85 24.83 44.43
C GLY H 262 -39.59 25.73 43.23
N TYR H 263 -40.58 25.83 42.34
CA TYR H 263 -40.44 26.60 41.14
C TYR H 263 -40.28 28.07 41.46
N GLU H 264 -40.71 28.51 42.64
CA GLU H 264 -40.47 29.90 43.08
C GLU H 264 -39.03 30.09 43.52
N VAL H 265 -38.46 29.03 44.12
CA VAL H 265 -37.06 29.02 44.59
C VAL H 265 -36.12 28.98 43.39
N ILE H 266 -36.57 28.34 42.32
CA ILE H 266 -35.83 28.25 41.08
C ILE H 266 -35.68 29.61 40.44
N LYS H 267 -36.79 30.32 40.25
CA LYS H 267 -36.78 31.68 39.69
C LYS H 267 -35.92 32.58 40.52
N ALA H 268 -36.04 32.43 41.84
CA ALA H 268 -35.27 33.19 42.79
C ALA H 268 -33.79 32.97 42.57
N ALA H 269 -33.43 31.71 42.30
CA ALA H 269 -32.05 31.32 42.06
C ALA H 269 -31.53 31.84 40.75
N ILE H 270 -32.29 31.63 39.70
CA ILE H 270 -31.97 32.19 38.39
C ILE H 270 -31.69 33.69 38.47
N GLU H 271 -32.50 34.40 39.24
CA GLU H 271 -32.38 35.84 39.43
C GLU H 271 -31.02 36.22 39.99
N LYS H 272 -30.56 35.49 41.01
CA LYS H 272 -29.24 35.68 41.61
C LYS H 272 -28.12 35.39 40.61
N LEU H 273 -28.32 34.36 39.79
CA LEU H 273 -27.35 33.95 38.79
C LEU H 273 -27.15 34.97 37.72
N LYS H 274 -28.23 35.68 37.34
CA LYS H 274 -28.17 36.79 36.36
C LYS H 274 -27.22 37.90 36.83
N LEU H 275 -27.29 38.22 38.12
CA LEU H 275 -26.49 39.29 38.68
C LEU H 275 -25.00 38.96 38.63
N ARG H 276 -24.67 37.70 38.73
CA ARG H 276 -23.27 37.31 38.78
C ARG H 276 -22.80 36.59 37.52
N HIS H 277 -23.56 36.78 36.43
CA HIS H 277 -23.21 36.22 35.14
C HIS H 277 -21.78 36.59 34.80
N LYS H 278 -21.47 37.87 34.89
CA LYS H 278 -20.13 38.35 34.58
C LYS H 278 -19.05 37.46 35.19
N GLU H 279 -19.15 37.20 36.49
CA GLU H 279 -18.06 36.55 37.24
C GLU H 279 -18.10 35.04 37.18
N HIS H 280 -19.24 34.51 36.75
CA HIS H 280 -19.37 33.08 36.48
C HIS H 280 -18.75 32.72 35.14
N ILE H 281 -19.05 33.53 34.11
CA ILE H 281 -18.42 33.42 32.78
C ILE H 281 -16.89 33.35 32.89
N ALA H 282 -16.33 34.10 33.83
CA ALA H 282 -14.91 34.13 34.09
C ALA H 282 -14.31 32.81 34.58
N ALA H 283 -15.14 31.93 35.13
CA ALA H 283 -14.64 30.66 35.64
C ALA H 283 -15.21 29.49 34.86
N TYR H 284 -16.13 29.78 33.96
CA TYR H 284 -16.78 28.72 33.22
C TYR H 284 -15.95 28.09 32.10
N GLY H 285 -14.62 28.19 32.19
CA GLY H 285 -13.72 27.51 31.24
C GLY H 285 -13.21 28.41 30.14
N GLU H 286 -11.94 28.29 29.80
CA GLU H 286 -11.34 29.21 28.85
C GLU H 286 -11.59 28.80 27.41
N GLY H 287 -11.66 29.77 26.51
CA GLY H 287 -12.00 29.51 25.13
C GLY H 287 -13.49 29.68 24.87
N ASN H 288 -14.26 29.89 25.93
CA ASN H 288 -15.72 29.91 25.82
C ASN H 288 -16.26 30.97 24.87
N GLU H 289 -15.49 32.03 24.62
CA GLU H 289 -15.90 33.09 23.71
C GLU H 289 -16.15 32.56 22.31
N ARG H 290 -15.48 31.47 21.96
CA ARG H 290 -15.58 30.88 20.63
C ARG H 290 -16.81 30.01 20.52
N ARG H 291 -17.35 29.58 21.66
CA ARG H 291 -18.55 28.74 21.68
C ARG H 291 -19.84 29.50 21.81
N LEU H 292 -19.95 30.29 22.86
CA LEU H 292 -21.18 31.02 23.17
C LEU H 292 -21.38 32.22 22.23
N THR H 293 -22.07 31.97 21.13
CA THR H 293 -22.21 32.96 20.11
C THR H 293 -23.67 33.27 19.89
N GLY H 294 -24.56 32.56 20.56
CA GLY H 294 -25.99 32.77 20.36
C GLY H 294 -26.58 31.83 19.32
N ARG H 295 -25.72 31.34 18.42
CA ARG H 295 -26.06 30.29 17.45
C ARG H 295 -25.62 28.94 17.97
N HIS H 296 -26.13 27.86 17.38
CA HIS H 296 -25.73 26.48 17.72
C HIS H 296 -26.16 26.04 19.10
N GLU H 297 -27.36 26.46 19.49
CA GLU H 297 -27.96 26.11 20.77
C GLU H 297 -27.14 26.59 21.97
N THR H 298 -26.67 27.83 21.84
CA THR H 298 -26.00 28.56 22.91
C THR H 298 -26.58 29.98 23.05
N ALA H 299 -26.33 30.61 24.20
CA ALA H 299 -26.69 32.00 24.39
C ALA H 299 -25.44 32.85 24.29
N ASP H 300 -25.54 34.03 23.70
CA ASP H 300 -24.42 34.96 23.56
C ASP H 300 -23.74 35.20 24.92
N ILE H 301 -22.39 35.25 24.93
CA ILE H 301 -21.59 35.38 26.16
C ILE H 301 -21.99 36.59 26.95
N ASN H 302 -22.34 37.67 26.22
CA ASN H 302 -22.55 38.98 26.82
C ASN H 302 -23.94 39.21 27.40
N THR H 303 -24.97 38.55 26.86
CA THR H 303 -26.29 38.63 27.45
C THR H 303 -26.53 37.45 28.39
N PHE H 304 -27.39 37.64 29.38
CA PHE H 304 -27.92 36.54 30.16
C PHE H 304 -29.39 36.38 29.82
N SER H 305 -29.85 35.15 29.63
CA SER H 305 -31.28 34.88 29.39
C SER H 305 -31.74 33.55 29.98
N TRP H 306 -33.05 33.36 30.06
CA TRP H 306 -33.61 32.06 30.46
C TRP H 306 -35.04 31.92 29.94
N GLY H 307 -35.38 30.70 29.56
CA GLY H 307 -36.71 30.38 29.03
C GLY H 307 -37.17 29.02 29.51
N VAL H 308 -38.26 28.50 28.95
CA VAL H 308 -38.71 27.20 29.37
C VAL H 308 -38.15 26.09 28.52
N ALA H 309 -38.59 25.91 27.28
CA ALA H 309 -37.98 24.83 26.50
C ALA H 309 -36.85 25.34 25.63
N ASN H 310 -36.26 26.46 26.04
CA ASN H 310 -35.40 27.24 25.16
C ASN H 310 -33.93 26.90 25.22
N ARG H 311 -33.43 26.26 24.17
CA ARG H 311 -32.02 25.91 24.05
C ARG H 311 -31.15 27.05 23.56
N GLY H 312 -31.78 28.12 23.11
CA GLY H 312 -31.05 29.35 22.80
C GLY H 312 -30.73 30.20 24.03
N ALA H 313 -31.21 29.78 25.20
CA ALA H 313 -31.10 30.56 26.43
C ALA H 313 -29.83 30.24 27.25
N SER H 314 -29.52 31.08 28.26
CA SER H 314 -28.38 30.84 29.14
C SER H 314 -28.70 29.82 30.21
N VAL H 315 -29.94 29.82 30.66
CA VAL H 315 -30.42 28.82 31.59
C VAL H 315 -31.72 28.37 31.01
N ARG H 316 -32.02 27.08 31.18
CA ARG H 316 -33.26 26.47 30.69
C ARG H 316 -33.94 25.68 31.80
N VAL H 317 -35.26 25.77 31.87
CA VAL H 317 -36.04 25.02 32.84
C VAL H 317 -36.96 24.10 32.10
N GLY H 318 -36.76 22.80 32.23
CA GLY H 318 -37.60 21.82 31.50
C GLY H 318 -39.12 21.98 31.55
N ARG H 319 -39.79 21.61 30.46
CA ARG H 319 -41.24 21.63 30.41
C ARG H 319 -41.83 20.92 31.61
N GLU H 320 -41.19 19.80 31.93
CA GLU H 320 -41.63 18.88 32.99
C GLU H 320 -41.56 19.49 34.40
N THR H 321 -40.48 20.16 34.73
CA THR H 321 -40.38 20.72 36.07
C THR H 321 -41.18 22.01 36.18
N GLU H 322 -41.58 22.60 35.04
CA GLU H 322 -42.45 23.79 35.05
C GLU H 322 -43.86 23.39 35.39
N GLN H 323 -44.35 22.42 34.65
CA GLN H 323 -45.66 21.85 34.82
C GLN H 323 -45.84 21.15 36.18
N ASN H 324 -44.76 20.75 36.83
CA ASN H 324 -44.87 20.12 38.15
C ASN H 324 -44.65 21.05 39.33
N GLY H 325 -44.35 22.31 39.04
CA GLY H 325 -44.05 23.31 40.07
C GLY H 325 -42.85 22.97 40.92
N LYS H 326 -42.10 21.93 40.54
CA LYS H 326 -40.91 21.50 41.26
C LYS H 326 -39.94 20.77 40.34
N GLY H 327 -38.65 21.01 40.51
CA GLY H 327 -37.67 20.32 39.66
C GLY H 327 -36.24 20.79 39.79
N TYR H 328 -35.58 20.95 38.66
CA TYR H 328 -34.22 21.44 38.58
C TYR H 328 -34.13 22.42 37.41
N PHE H 329 -33.04 23.17 37.31
CA PHE H 329 -32.76 23.98 36.11
C PHE H 329 -31.37 23.67 35.51
N GLU H 330 -31.13 24.11 34.28
CA GLU H 330 -29.96 23.70 33.54
C GLU H 330 -29.16 24.93 33.19
N ASP H 331 -27.98 25.09 33.79
CA ASP H 331 -27.10 26.19 33.41
C ASP H 331 -26.31 25.76 32.17
N ARG H 332 -26.60 26.35 31.01
CA ARG H 332 -25.99 25.92 29.75
C ARG H 332 -24.71 26.63 29.42
N ARG H 333 -24.25 27.46 30.34
CA ARG H 333 -23.12 28.32 30.06
C ARG H 333 -21.75 27.66 30.13
N PRO H 334 -21.54 26.71 31.05
CA PRO H 334 -20.19 26.16 31.22
C PRO H 334 -19.67 25.38 30.02
N ALA H 335 -18.43 25.63 29.64
CA ALA H 335 -17.84 24.94 28.51
C ALA H 335 -17.36 23.55 28.89
N SER H 336 -17.14 22.71 27.89
CA SER H 336 -16.78 21.33 28.09
C SER H 336 -15.56 21.17 28.94
N ASN H 337 -14.67 22.17 28.95
CA ASN H 337 -13.39 22.13 29.70
C ASN H 337 -13.44 22.82 31.06
N MET H 338 -14.66 23.02 31.53
CA MET H 338 -15.00 23.44 32.88
C MET H 338 -14.41 22.52 33.95
N ASP H 339 -13.96 23.10 35.04
CA ASP H 339 -13.58 22.30 36.18
C ASP H 339 -14.81 22.11 37.03
N PRO H 340 -15.26 20.85 37.19
CA PRO H 340 -16.52 20.66 37.89
C PRO H 340 -16.47 21.13 39.34
N TYR H 341 -15.31 21.07 39.96
CA TYR H 341 -15.16 21.52 41.31
C TYR H 341 -15.50 22.98 41.46
N VAL H 342 -14.98 23.79 40.55
CA VAL H 342 -15.19 25.24 40.51
C VAL H 342 -16.63 25.58 40.18
N VAL H 343 -17.14 25.05 39.08
CA VAL H 343 -18.51 25.34 38.66
C VAL H 343 -19.57 24.81 39.62
N THR H 344 -19.35 23.61 40.11
CA THR H 344 -20.30 22.96 40.99
C THR H 344 -20.50 23.72 42.32
N SER H 345 -19.42 24.21 42.92
CA SER H 345 -19.49 24.90 44.19
C SER H 345 -19.93 26.33 44.03
N MET H 346 -19.41 27.00 43.00
CA MET H 346 -19.73 28.39 42.72
C MET H 346 -21.22 28.62 42.41
N ILE H 347 -21.93 27.58 41.95
CA ILE H 347 -23.39 27.65 41.74
C ILE H 347 -24.11 27.57 43.09
N ALA H 348 -23.59 26.73 43.98
CA ALA H 348 -24.14 26.56 45.33
C ALA H 348 -23.86 27.81 46.12
N GLU H 349 -22.78 28.49 45.79
CA GLU H 349 -22.38 29.68 46.50
C GLU H 349 -23.21 30.87 46.08
N THR H 350 -23.29 31.15 44.79
CA THR H 350 -24.10 32.24 44.27
C THR H 350 -25.57 32.01 44.50
N THR H 351 -25.96 30.80 44.90
CA THR H 351 -27.37 30.41 45.02
C THR H 351 -27.90 30.34 46.44
N ILE H 352 -27.04 29.95 47.37
CA ILE H 352 -27.42 29.81 48.77
C ILE H 352 -26.80 30.89 49.68
N VAL H 353 -25.48 30.91 49.80
CA VAL H 353 -24.78 31.82 50.71
C VAL H 353 -25.02 33.29 50.37
N TRP H 354 -24.68 33.72 49.14
CA TRP H 354 -24.68 35.14 48.74
C TRP H 354 -26.05 35.75 48.63
N LYS H 355 -26.17 37.06 48.87
CA LYS H 355 -27.44 37.82 48.75
C LYS H 355 -27.24 39.21 48.12
N CYS I 3 -18.44 -7.60 19.51
CA CYS I 3 -19.10 -7.05 18.26
C CYS I 3 -19.82 -8.09 17.38
N LEU I 4 -19.29 -8.43 16.20
CA LEU I 4 -20.09 -9.12 15.17
C LEU I 4 -20.23 -10.64 15.29
N THR I 5 -19.17 -11.35 15.64
CA THR I 5 -19.27 -12.80 15.88
C THR I 5 -19.94 -13.15 17.21
N ASP I 6 -20.12 -12.15 18.07
CA ASP I 6 -20.85 -12.31 19.33
C ASP I 6 -22.34 -12.51 19.09
N LEU I 7 -22.82 -11.93 18.00
CA LEU I 7 -24.21 -11.97 17.65
C LEU I 7 -24.48 -13.20 16.83
N VAL I 8 -23.54 -13.55 15.95
CA VAL I 8 -23.69 -14.70 15.05
C VAL I 8 -23.73 -15.97 15.90
N ASN I 9 -23.01 -15.93 17.03
CA ASN I 9 -22.89 -17.08 17.90
C ASN I 9 -23.71 -17.06 19.18
N LEU I 10 -24.70 -16.17 19.25
CA LEU I 10 -25.63 -16.10 20.37
C LEU I 10 -26.31 -17.44 20.61
N ASN I 11 -26.44 -17.79 21.89
CA ASN I 11 -27.19 -18.97 22.25
C ASN I 11 -28.67 -18.64 22.46
N LEU I 12 -29.52 -19.13 21.57
CA LEU I 12 -30.93 -18.82 21.67
C LEU I 12 -31.64 -19.67 22.72
N SER I 13 -31.04 -20.81 23.06
CA SER I 13 -31.55 -21.73 24.10
C SER I 13 -31.81 -21.08 25.46
N ASP I 14 -31.04 -20.05 25.76
CA ASP I 14 -31.21 -19.29 27.00
C ASP I 14 -32.47 -18.40 26.97
N THR I 15 -33.01 -18.14 25.78
CA THR I 15 -34.02 -17.10 25.62
C THR I 15 -35.40 -17.56 25.15
N THR I 16 -35.48 -18.34 24.07
CA THR I 16 -36.74 -19.05 23.73
C THR I 16 -36.54 -20.50 23.28
N GLU I 17 -37.66 -21.14 22.97
CA GLU I 17 -37.66 -22.52 22.50
C GLU I 17 -37.54 -22.55 20.99
N LYS I 18 -37.80 -21.42 20.35
CA LYS I 18 -37.82 -21.30 18.89
C LYS I 18 -36.55 -21.81 18.19
N ILE I 19 -36.75 -22.23 16.94
CA ILE I 19 -35.72 -22.92 16.17
C ILE I 19 -35.58 -22.30 14.80
N ILE I 20 -34.40 -22.36 14.23
CA ILE I 20 -34.20 -21.91 12.86
C ILE I 20 -33.95 -23.10 11.98
N ALA I 21 -34.83 -23.25 11.00
CA ALA I 21 -34.64 -24.27 9.99
C ALA I 21 -34.23 -23.61 8.66
N GLU I 22 -33.12 -24.12 8.11
CA GLU I 22 -32.54 -23.67 6.85
C GLU I 22 -32.87 -24.69 5.78
N TYR I 23 -33.88 -24.39 4.96
CA TYR I 23 -34.34 -25.27 3.90
C TYR I 23 -33.43 -25.21 2.70
N ILE I 24 -32.76 -26.31 2.39
CA ILE I 24 -31.84 -26.37 1.25
C ILE I 24 -32.49 -27.03 0.04
N TRP I 25 -32.33 -26.45 -1.16
CA TRP I 25 -32.69 -27.19 -2.37
C TRP I 25 -31.72 -27.05 -3.53
N ILE I 26 -32.01 -27.77 -4.60
CA ILE I 26 -31.21 -27.71 -5.81
C ILE I 26 -31.94 -26.90 -6.86
N GLY I 27 -31.22 -26.03 -7.55
CA GLY I 27 -31.86 -25.08 -8.45
C GLY I 27 -31.87 -25.44 -9.91
N GLY I 28 -32.14 -24.44 -10.72
CA GLY I 28 -32.43 -24.63 -12.11
C GLY I 28 -31.35 -25.28 -12.94
N SER I 29 -30.10 -25.00 -12.64
CA SER I 29 -29.00 -25.61 -13.40
C SER I 29 -28.78 -27.09 -13.02
N GLY I 30 -29.37 -27.54 -11.91
CA GLY I 30 -29.16 -28.89 -11.40
C GLY I 30 -27.82 -29.02 -10.68
N MET I 31 -27.10 -27.90 -10.59
CA MET I 31 -25.78 -27.90 -10.00
C MET I 31 -25.59 -26.76 -8.98
N ASP I 32 -26.65 -25.99 -8.78
CA ASP I 32 -26.59 -24.81 -7.92
C ASP I 32 -27.44 -24.97 -6.66
N LEU I 33 -26.78 -25.00 -5.51
CA LEU I 33 -27.51 -25.06 -4.26
C LEU I 33 -28.09 -23.72 -3.85
N ARG I 34 -29.31 -23.76 -3.30
CA ARG I 34 -30.00 -22.58 -2.78
C ARG I 34 -30.59 -22.87 -1.42
N SER I 35 -30.65 -21.87 -0.54
CA SER I 35 -31.29 -22.03 0.77
C SER I 35 -31.95 -20.74 1.25
N LYS I 36 -32.91 -20.90 2.15
CA LYS I 36 -33.47 -19.82 2.93
C LYS I 36 -33.92 -20.38 4.27
N ALA I 37 -34.19 -19.51 5.25
CA ALA I 37 -34.47 -19.92 6.62
C ALA I 37 -35.76 -19.42 7.22
N ARG I 38 -36.37 -20.26 8.05
CA ARG I 38 -37.61 -19.89 8.71
C ARG I 38 -37.51 -20.21 10.18
N THR I 39 -38.34 -19.54 10.98
CA THR I 39 -38.45 -19.81 12.42
C THR I 39 -39.54 -20.85 12.67
N LEU I 40 -39.23 -21.85 13.48
CA LEU I 40 -40.22 -22.88 13.79
C LEU I 40 -40.41 -22.89 15.29
N PRO I 41 -41.62 -23.29 15.77
CA PRO I 41 -41.98 -23.01 17.17
C PRO I 41 -41.21 -23.80 18.23
N GLY I 42 -40.70 -24.99 17.87
CA GLY I 42 -39.86 -25.78 18.77
C GLY I 42 -39.00 -26.72 17.95
N PRO I 43 -38.15 -27.54 18.64
CA PRO I 43 -37.23 -28.46 17.98
C PRO I 43 -38.01 -29.48 17.15
N VAL I 44 -37.36 -30.07 16.15
CA VAL I 44 -37.96 -31.14 15.39
C VAL I 44 -36.88 -32.18 15.04
N THR I 45 -37.26 -33.47 15.07
CA THR I 45 -36.34 -34.56 14.67
C THR I 45 -36.89 -35.37 13.49
N ASP I 46 -38.19 -35.30 13.26
CA ASP I 46 -38.76 -36.09 12.22
C ASP I 46 -39.13 -35.24 11.00
N PRO I 47 -38.51 -35.50 9.85
CA PRO I 47 -38.73 -34.84 8.59
C PRO I 47 -40.20 -34.61 8.23
N SER I 48 -41.06 -35.56 8.54
CA SER I 48 -42.47 -35.46 8.13
C SER I 48 -43.31 -34.68 9.12
N LYS I 49 -42.68 -34.13 10.16
CA LYS I 49 -43.36 -33.23 11.06
C LYS I 49 -42.97 -31.77 10.81
N LEU I 50 -42.15 -31.53 9.79
CA LEU I 50 -41.83 -30.17 9.30
C LEU I 50 -42.85 -29.76 8.26
N PRO I 51 -43.27 -28.48 8.28
CA PRO I 51 -44.15 -27.97 7.23
C PRO I 51 -43.48 -28.00 5.89
N LYS I 52 -44.26 -28.22 4.85
CA LYS I 52 -43.80 -27.99 3.48
C LYS I 52 -43.75 -26.47 3.26
N TRP I 53 -42.96 -26.03 2.29
CA TRP I 53 -42.75 -24.60 2.10
C TRP I 53 -42.70 -24.36 0.60
N ASN I 54 -42.58 -23.09 0.21
CA ASN I 54 -42.44 -22.71 -1.18
C ASN I 54 -41.30 -21.71 -1.36
N TYR I 55 -40.85 -21.53 -2.60
CA TYR I 55 -39.93 -20.46 -2.98
C TYR I 55 -40.28 -19.82 -4.31
N ASP I 56 -39.52 -18.81 -4.70
CA ASP I 56 -39.76 -18.14 -5.96
C ASP I 56 -39.06 -18.90 -7.03
N GLY I 57 -39.81 -19.79 -7.71
CA GLY I 57 -39.26 -20.56 -8.81
C GLY I 57 -38.77 -19.70 -9.95
N SER I 58 -39.33 -18.51 -10.12
CA SER I 58 -38.95 -17.62 -11.21
C SER I 58 -37.55 -17.04 -11.08
N SER I 59 -36.99 -17.05 -9.89
CA SER I 59 -35.63 -16.52 -9.65
C SER I 59 -34.51 -17.57 -9.59
N THR I 60 -34.88 -18.84 -9.84
CA THR I 60 -33.95 -19.96 -9.85
C THR I 60 -34.09 -20.70 -11.17
N GLY I 61 -34.84 -20.11 -12.08
CA GLY I 61 -35.07 -20.70 -13.42
C GLY I 61 -35.74 -22.07 -13.36
N GLN I 62 -36.85 -22.12 -12.62
CA GLN I 62 -37.59 -23.36 -12.43
C GLN I 62 -39.10 -23.16 -12.60
N ALA I 63 -39.55 -21.91 -12.78
CA ALA I 63 -40.95 -21.61 -13.07
C ALA I 63 -41.06 -20.21 -13.67
N PRO I 64 -42.10 -19.95 -14.50
CA PRO I 64 -42.44 -18.57 -14.95
C PRO I 64 -42.89 -17.61 -13.85
N GLY I 65 -42.88 -16.31 -14.15
CA GLY I 65 -43.26 -15.30 -13.18
C GLY I 65 -44.73 -15.34 -12.78
N GLU I 66 -45.59 -15.63 -13.76
CA GLU I 66 -47.04 -15.65 -13.55
C GLU I 66 -47.51 -16.91 -12.85
N ASP I 67 -46.71 -17.95 -12.85
CA ASP I 67 -47.01 -19.13 -12.06
C ASP I 67 -45.70 -19.51 -11.37
N SER I 68 -45.37 -18.77 -10.31
CA SER I 68 -44.00 -18.73 -9.77
C SER I 68 -43.73 -19.73 -8.66
N GLU I 69 -44.78 -20.21 -8.00
CA GLU I 69 -44.58 -21.01 -6.79
C GLU I 69 -44.03 -22.43 -7.08
N VAL I 70 -42.99 -22.81 -6.33
CA VAL I 70 -42.49 -24.20 -6.33
C VAL I 70 -42.42 -24.69 -4.91
N ILE I 71 -42.74 -25.97 -4.70
CA ILE I 71 -42.98 -26.48 -3.35
C ILE I 71 -41.82 -27.32 -2.82
N LEU I 72 -41.52 -27.15 -1.54
CA LEU I 72 -40.37 -27.78 -0.91
C LEU I 72 -40.80 -28.85 0.07
N TYR I 73 -40.34 -30.07 -0.17
CA TYR I 73 -40.69 -31.21 0.65
C TYR I 73 -39.49 -31.50 1.51
N PRO I 74 -39.64 -31.34 2.82
CA PRO I 74 -38.59 -31.73 3.74
C PRO I 74 -38.31 -33.24 3.65
N GLN I 75 -37.07 -33.61 3.36
CA GLN I 75 -36.70 -35.03 3.28
C GLN I 75 -35.70 -35.52 4.33
N ALA I 76 -34.69 -34.69 4.66
CA ALA I 76 -33.70 -35.06 5.68
C ALA I 76 -33.40 -33.90 6.62
N ILE I 77 -33.10 -34.20 7.88
CA ILE I 77 -32.76 -33.19 8.86
C ILE I 77 -31.34 -33.42 9.33
N PHE I 78 -30.55 -32.35 9.40
CA PHE I 78 -29.23 -32.38 10.01
C PHE I 78 -29.07 -31.17 10.94
N LYS I 79 -28.16 -31.26 11.91
CA LYS I 79 -27.90 -30.14 12.81
C LYS I 79 -27.11 -29.07 12.07
N ASP I 80 -27.49 -27.81 12.20
CA ASP I 80 -26.80 -26.69 11.54
C ASP I 80 -25.51 -26.36 12.28
N PRO I 81 -24.35 -26.59 11.64
CA PRO I 81 -23.08 -26.35 12.28
C PRO I 81 -22.75 -24.84 12.35
N PHE I 82 -23.47 -24.04 11.57
CA PHE I 82 -23.20 -22.62 11.58
C PHE I 82 -24.00 -21.97 12.67
N ARG I 83 -25.33 -22.15 12.65
CA ARG I 83 -26.22 -21.56 13.69
C ARG I 83 -26.18 -22.27 15.07
N ARG I 84 -25.76 -23.55 15.05
CA ARG I 84 -25.57 -24.38 16.24
C ARG I 84 -26.81 -24.43 17.12
N GLY I 85 -26.65 -24.79 18.40
CA GLY I 85 -27.79 -25.08 19.27
C GLY I 85 -28.76 -26.09 18.65
N ASN I 86 -30.05 -25.79 18.73
CA ASN I 86 -31.05 -26.71 18.20
C ASN I 86 -31.48 -26.47 16.76
N ASN I 87 -30.77 -25.57 16.08
CA ASN I 87 -31.12 -25.19 14.72
C ASN I 87 -30.68 -26.25 13.73
N ILE I 88 -31.43 -26.34 12.63
CA ILE I 88 -31.30 -27.46 11.69
C ILE I 88 -31.16 -27.01 10.22
N LEU I 89 -30.46 -27.83 9.45
CA LEU I 89 -30.48 -27.77 8.02
C LEU I 89 -31.49 -28.81 7.56
N VAL I 90 -32.29 -28.49 6.54
CA VAL I 90 -33.31 -29.41 6.02
C VAL I 90 -33.09 -29.62 4.52
N MET I 91 -32.74 -30.84 4.11
CA MET I 91 -32.56 -31.09 2.70
C MET I 91 -33.89 -31.29 1.99
N CYS I 92 -34.05 -30.73 0.79
CA CYS I 92 -35.38 -30.67 0.15
C CYS I 92 -35.54 -31.21 -1.27
N ASP I 93 -36.80 -31.42 -1.59
CA ASP I 93 -37.25 -32.03 -2.79
C ASP I 93 -38.12 -31.00 -3.53
N CYS I 94 -38.17 -31.03 -4.85
CA CYS I 94 -38.90 -29.96 -5.56
C CYS I 94 -40.13 -30.34 -6.40
N TYR I 95 -41.28 -29.74 -6.09
CA TYR I 95 -42.57 -30.14 -6.69
C TYR I 95 -43.38 -28.95 -7.16
N THR I 96 -44.22 -29.17 -8.18
CA THR I 96 -45.22 -28.18 -8.57
C THR I 96 -46.36 -28.17 -7.54
N PRO I 97 -47.18 -27.11 -7.54
CA PRO I 97 -48.24 -27.06 -6.57
C PRO I 97 -49.21 -28.19 -6.76
N ALA I 98 -49.25 -28.72 -7.99
CA ALA I 98 -50.06 -29.90 -8.35
C ALA I 98 -49.47 -31.22 -7.82
N GLY I 99 -48.26 -31.17 -7.25
CA GLY I 99 -47.64 -32.36 -6.69
C GLY I 99 -46.78 -33.17 -7.65
N GLU I 100 -46.50 -32.62 -8.83
CA GLU I 100 -45.55 -33.22 -9.75
C GLU I 100 -44.11 -32.86 -9.38
N PRO I 101 -43.18 -33.82 -9.47
CA PRO I 101 -41.79 -33.43 -9.35
C PRO I 101 -41.31 -32.70 -10.59
N ILE I 102 -40.76 -31.49 -10.42
CA ILE I 102 -40.23 -30.69 -11.52
C ILE I 102 -39.01 -31.36 -12.19
N PRO I 103 -38.80 -31.08 -13.50
CA PRO I 103 -37.78 -31.77 -14.31
C PRO I 103 -36.42 -31.93 -13.63
N THR I 104 -36.02 -30.95 -12.82
CA THR I 104 -34.70 -30.93 -12.16
C THR I 104 -34.62 -31.68 -10.83
N ASN I 105 -35.73 -32.28 -10.42
CA ASN I 105 -35.80 -33.08 -9.22
C ASN I 105 -35.45 -34.53 -9.50
N LYS I 106 -34.15 -34.82 -9.38
CA LYS I 106 -33.63 -36.16 -9.66
C LYS I 106 -33.74 -37.10 -8.46
N ARG I 107 -34.25 -36.60 -7.34
CA ARG I 107 -34.36 -37.41 -6.14
C ARG I 107 -35.57 -38.26 -6.22
N TYR I 108 -36.64 -37.73 -6.83
CA TYR I 108 -37.87 -38.47 -6.99
C TYR I 108 -37.62 -39.81 -7.67
N SER I 109 -37.04 -39.76 -8.87
CA SER I 109 -36.75 -40.95 -9.69
C SER I 109 -35.86 -41.93 -8.92
N ALA I 110 -34.85 -41.38 -8.24
CA ALA I 110 -33.89 -42.18 -7.46
C ALA I 110 -34.52 -42.78 -6.24
N ALA I 111 -35.50 -42.09 -5.66
CA ALA I 111 -36.22 -42.61 -4.52
C ALA I 111 -37.04 -43.84 -4.93
N LYS I 112 -37.74 -43.75 -6.06
CA LYS I 112 -38.50 -44.88 -6.62
C LYS I 112 -37.64 -46.14 -6.78
N ILE I 113 -36.43 -45.98 -7.28
CA ILE I 113 -35.53 -47.12 -7.48
C ILE I 113 -35.07 -47.78 -6.17
N PHE I 114 -34.82 -46.99 -5.14
CA PHE I 114 -34.39 -47.52 -3.86
C PHE I 114 -35.57 -47.99 -3.00
N SER I 115 -36.78 -47.63 -3.42
CA SER I 115 -37.99 -48.12 -2.77
C SER I 115 -38.27 -49.55 -3.28
N SER I 116 -38.36 -49.66 -4.62
CA SER I 116 -38.43 -50.94 -5.35
C SER I 116 -37.77 -52.14 -4.60
N PRO I 117 -38.57 -53.22 -4.34
CA PRO I 117 -38.26 -54.17 -3.27
C PRO I 117 -37.05 -55.07 -3.51
N GLU I 118 -36.75 -55.38 -4.77
CA GLU I 118 -35.59 -56.23 -5.05
C GLU I 118 -34.27 -55.47 -4.92
N VAL I 119 -34.37 -54.15 -4.95
CA VAL I 119 -33.22 -53.28 -4.74
C VAL I 119 -33.01 -53.12 -3.24
N ALA I 120 -34.07 -52.68 -2.56
CA ALA I 120 -34.06 -52.48 -1.09
C ALA I 120 -33.54 -53.71 -0.33
N ALA I 121 -33.90 -54.90 -0.83
CA ALA I 121 -33.50 -56.18 -0.28
C ALA I 121 -31.99 -56.44 -0.44
N GLU I 122 -31.45 -56.03 -1.59
CA GLU I 122 -30.02 -56.14 -1.86
C GLU I 122 -29.22 -55.11 -1.05
N GLU I 123 -29.94 -54.13 -0.49
CA GLU I 123 -29.41 -53.13 0.45
C GLU I 123 -28.07 -52.51 -0.01
N PRO I 124 -28.16 -51.59 -1.00
CA PRO I 124 -26.95 -51.07 -1.59
C PRO I 124 -26.25 -50.03 -0.71
N TRP I 125 -24.94 -49.97 -0.84
CA TRP I 125 -24.10 -49.14 -0.02
C TRP I 125 -23.25 -48.28 -0.93
N TYR I 126 -23.27 -46.97 -0.73
CA TYR I 126 -22.33 -46.17 -1.45
C TYR I 126 -21.42 -45.44 -0.52
N GLY I 127 -20.15 -45.42 -0.90
CA GLY I 127 -19.18 -44.44 -0.39
C GLY I 127 -18.72 -43.63 -1.59
N ILE I 128 -18.93 -42.31 -1.53
CA ILE I 128 -18.58 -41.45 -2.66
C ILE I 128 -17.47 -40.44 -2.30
N GLU I 129 -16.46 -40.33 -3.15
CA GLU I 129 -15.31 -39.50 -2.82
C GLU I 129 -15.37 -38.24 -3.63
N GLN I 130 -15.75 -37.15 -2.97
CA GLN I 130 -15.91 -35.86 -3.63
C GLN I 130 -14.53 -35.19 -3.70
N GLU I 131 -14.07 -34.89 -4.90
CA GLU I 131 -12.87 -34.05 -5.04
C GLU I 131 -13.39 -32.69 -5.46
N TYR I 132 -12.64 -31.61 -5.20
CA TYR I 132 -13.04 -30.23 -5.54
C TYR I 132 -11.81 -29.38 -5.49
N THR I 133 -11.83 -28.24 -6.17
CA THR I 133 -10.67 -27.33 -6.21
C THR I 133 -11.03 -25.96 -5.62
N LEU I 134 -10.10 -25.38 -4.86
CA LEU I 134 -10.33 -24.11 -4.22
C LEU I 134 -9.76 -22.98 -5.05
N LEU I 135 -10.51 -21.88 -5.21
CA LEU I 135 -10.06 -20.76 -6.04
C LEU I 135 -10.07 -19.44 -5.31
N GLN I 136 -9.17 -18.56 -5.72
CA GLN I 136 -9.18 -17.16 -5.27
C GLN I 136 -10.38 -16.41 -5.88
N LYS I 137 -11.05 -15.62 -5.05
CA LYS I 137 -12.23 -14.88 -5.47
C LYS I 137 -11.79 -13.86 -6.51
N ASP I 138 -12.58 -13.71 -7.58
CA ASP I 138 -12.35 -12.63 -8.58
C ASP I 138 -11.36 -12.99 -9.68
N THR I 139 -10.15 -13.42 -9.30
CA THR I 139 -9.18 -13.84 -10.29
C THR I 139 -9.46 -15.23 -10.76
N ASN I 140 -10.12 -16.04 -9.92
CA ASN I 140 -10.58 -17.39 -10.29
C ASN I 140 -9.45 -18.35 -10.60
N TRP I 141 -8.32 -18.07 -9.97
CA TRP I 141 -7.12 -18.89 -10.07
C TRP I 141 -6.95 -19.71 -8.77
N PRO I 142 -6.53 -20.98 -8.89
CA PRO I 142 -6.44 -21.91 -7.76
C PRO I 142 -5.80 -21.31 -6.54
N LEU I 143 -6.29 -21.68 -5.37
CA LEU I 143 -5.75 -21.17 -4.13
C LEU I 143 -4.27 -21.49 -3.96
N GLY I 144 -3.47 -20.52 -3.53
CA GLY I 144 -2.04 -20.76 -3.29
C GLY I 144 -1.13 -20.76 -4.51
N TRP I 145 -1.74 -20.67 -5.68
CA TRP I 145 -1.06 -20.44 -6.94
C TRP I 145 -0.81 -18.93 -7.12
N PRO I 146 0.35 -18.55 -7.65
CA PRO I 146 0.60 -17.14 -7.94
C PRO I 146 -0.17 -16.70 -9.19
N ILE I 147 -0.57 -15.43 -9.26
CA ILE I 147 -1.46 -14.99 -10.32
C ILE I 147 -0.73 -14.93 -11.64
N GLY I 148 -1.37 -15.49 -12.67
CA GLY I 148 -0.77 -15.70 -13.99
C GLY I 148 0.50 -16.50 -13.94
N GLY I 149 0.51 -17.58 -13.16
CA GLY I 149 1.69 -18.42 -12.96
C GLY I 149 1.33 -19.71 -12.25
N PHE I 150 2.30 -20.58 -12.08
CA PHE I 150 1.99 -21.87 -11.56
C PHE I 150 2.89 -22.12 -10.40
N PRO I 151 2.50 -23.06 -9.51
CA PRO I 151 3.45 -23.56 -8.50
C PRO I 151 4.34 -24.66 -9.10
N GLY I 152 5.23 -25.21 -8.29
CA GLY I 152 6.02 -26.37 -8.69
C GLY I 152 5.18 -27.50 -9.24
N PRO I 153 5.77 -28.39 -10.06
CA PRO I 153 4.93 -29.39 -10.73
C PRO I 153 4.40 -30.35 -9.70
N GLN I 154 3.30 -31.01 -10.03
CA GLN I 154 2.66 -31.99 -9.16
C GLN I 154 3.64 -33.01 -8.61
N GLY I 155 3.30 -33.54 -7.43
CA GLY I 155 4.17 -34.47 -6.75
C GLY I 155 4.20 -34.32 -5.24
N PRO I 156 4.65 -33.16 -4.73
CA PRO I 156 4.67 -33.00 -3.25
C PRO I 156 3.31 -32.72 -2.58
N TYR I 157 2.25 -32.62 -3.38
CA TYR I 157 1.00 -32.00 -2.93
C TYR I 157 0.03 -32.96 -2.27
N TYR I 158 -0.14 -34.11 -2.90
CA TYR I 158 -0.98 -35.22 -2.41
C TYR I 158 -0.66 -35.58 -0.97
N CYS I 159 -1.63 -35.38 -0.09
CA CYS I 159 -1.51 -35.67 1.35
C CYS I 159 -0.37 -34.97 2.04
N GLY I 160 0.07 -33.84 1.48
CA GLY I 160 1.25 -33.16 1.98
C GLY I 160 0.95 -32.32 3.18
N ILE I 161 2.03 -31.78 3.75
CA ILE I 161 1.93 -30.84 4.85
C ILE I 161 2.96 -29.74 4.68
N GLY I 162 2.63 -28.57 5.25
CA GLY I 162 3.50 -27.38 5.21
C GLY I 162 2.92 -26.20 4.45
N ALA I 163 3.43 -25.00 4.72
CA ALA I 163 2.95 -23.79 4.05
C ALA I 163 3.12 -23.72 2.49
N GLU I 164 4.16 -24.38 1.97
CA GLU I 164 4.41 -24.38 0.52
C GLU I 164 3.73 -25.50 -0.23
N LYS I 165 3.12 -26.42 0.51
CA LYS I 165 2.52 -27.59 -0.13
C LYS I 165 1.00 -27.65 0.03
N SER I 166 0.45 -27.00 1.05
CA SER I 166 -0.89 -27.37 1.51
C SER I 166 -1.82 -26.21 1.69
N PHE I 167 -2.59 -25.94 0.65
CA PHE I 167 -3.41 -24.71 0.61
C PHE I 167 -4.85 -24.86 1.08
N GLY I 168 -5.18 -24.21 2.21
CA GLY I 168 -6.56 -24.15 2.66
C GLY I 168 -7.03 -25.31 3.53
N ARG I 169 -6.12 -25.83 4.36
CA ARG I 169 -6.44 -26.94 5.28
C ARG I 169 -7.52 -26.49 6.22
N ASP I 170 -7.41 -25.22 6.61
CA ASP I 170 -8.39 -24.53 7.38
C ASP I 170 -9.80 -24.91 7.02
N ILE I 171 -10.10 -24.74 5.73
CA ILE I 171 -11.42 -24.97 5.18
C ILE I 171 -11.75 -26.45 5.36
N VAL I 172 -10.84 -27.30 4.94
CA VAL I 172 -11.06 -28.73 4.92
C VAL I 172 -11.37 -29.22 6.32
N ASP I 173 -10.43 -29.01 7.25
CA ASP I 173 -10.57 -29.46 8.65
C ASP I 173 -11.88 -28.98 9.26
N ALA I 174 -12.23 -27.72 9.00
CA ALA I 174 -13.47 -27.14 9.45
C ALA I 174 -14.69 -27.93 8.90
N HIS I 175 -14.63 -28.28 7.63
CA HIS I 175 -15.75 -28.95 6.97
C HIS I 175 -15.93 -30.33 7.54
N TYR I 176 -14.80 -30.98 7.77
CA TYR I 176 -14.80 -32.28 8.41
C TYR I 176 -15.62 -32.26 9.70
N LYS I 177 -15.20 -31.44 10.67
CA LYS I 177 -15.92 -31.35 11.95
C LYS I 177 -17.39 -30.97 11.72
N ALA I 178 -17.62 -29.93 10.92
CA ALA I 178 -18.96 -29.43 10.60
C ALA I 178 -19.87 -30.57 10.20
N CYS I 179 -19.43 -31.33 9.21
CA CYS I 179 -20.19 -32.48 8.73
C CYS I 179 -20.47 -33.52 9.81
N LEU I 180 -19.44 -33.91 10.55
CA LEU I 180 -19.63 -34.81 11.67
C LEU I 180 -20.67 -34.33 12.65
N TYR I 181 -20.57 -33.07 13.05
CA TYR I 181 -21.49 -32.46 14.01
C TYR I 181 -22.88 -32.49 13.44
N ALA I 182 -23.03 -32.11 12.16
CA ALA I 182 -24.31 -32.13 11.46
C ALA I 182 -24.97 -33.50 11.48
N GLY I 183 -24.16 -34.53 11.49
CA GLY I 183 -24.63 -35.91 11.43
C GLY I 183 -24.43 -36.56 10.06
N ILE I 184 -23.65 -35.95 9.17
CA ILE I 184 -23.37 -36.49 7.84
C ILE I 184 -22.41 -37.61 8.10
N ASN I 185 -22.65 -38.76 7.49
CA ASN I 185 -21.69 -39.84 7.63
C ASN I 185 -20.44 -39.59 6.77
N ILE I 186 -19.52 -38.77 7.29
CA ILE I 186 -18.31 -38.43 6.58
C ILE I 186 -17.23 -39.40 7.02
N SER I 187 -16.52 -39.98 6.06
CA SER I 187 -15.64 -41.08 6.41
C SER I 187 -14.15 -40.74 6.49
N GLY I 188 -13.79 -39.61 5.90
CA GLY I 188 -12.40 -39.22 5.77
C GLY I 188 -12.18 -38.10 4.77
N ILE I 189 -10.97 -37.55 4.82
CA ILE I 189 -10.56 -36.42 3.97
C ILE I 189 -9.15 -36.69 3.48
N ASN I 190 -8.68 -35.94 2.49
CA ASN I 190 -7.25 -35.98 2.12
C ASN I 190 -6.87 -34.86 1.14
N GLY I 191 -5.62 -34.38 1.24
CA GLY I 191 -5.09 -33.47 0.21
C GLY I 191 -4.99 -34.18 -1.14
N GLU I 192 -5.41 -33.53 -2.21
CA GLU I 192 -5.29 -34.19 -3.51
C GLU I 192 -4.04 -33.82 -4.30
N VAL I 193 -3.87 -34.44 -5.46
CA VAL I 193 -2.63 -34.37 -6.23
C VAL I 193 -2.28 -32.94 -6.69
N MET I 194 -3.29 -32.24 -7.17
CA MET I 194 -3.13 -30.90 -7.70
C MET I 194 -3.17 -29.89 -6.58
N PRO I 195 -2.13 -29.03 -6.48
CA PRO I 195 -2.08 -28.09 -5.36
C PRO I 195 -3.36 -27.26 -5.33
N GLY I 196 -4.04 -27.27 -4.20
CA GLY I 196 -5.29 -26.54 -4.08
C GLY I 196 -6.52 -27.40 -4.22
N GLN I 197 -6.30 -28.69 -4.45
CA GLN I 197 -7.38 -29.64 -4.65
C GLN I 197 -7.52 -30.57 -3.44
N TRP I 198 -8.74 -30.89 -3.06
CA TRP I 198 -9.02 -31.63 -1.83
C TRP I 198 -10.10 -32.69 -1.99
N GLU I 199 -10.26 -33.53 -0.99
CA GLU I 199 -11.20 -34.59 -1.09
C GLU I 199 -11.87 -34.81 0.27
N PHE I 200 -13.14 -35.23 0.23
CA PHE I 200 -13.77 -35.86 1.39
C PHE I 200 -14.62 -37.02 0.86
N GLN I 201 -14.79 -38.04 1.70
CA GLN I 201 -15.64 -39.16 1.33
C GLN I 201 -16.80 -39.23 2.29
N VAL I 202 -17.99 -39.29 1.72
CA VAL I 202 -19.19 -39.62 2.50
C VAL I 202 -19.38 -41.15 2.58
N GLY I 203 -19.01 -41.63 3.77
CA GLY I 203 -18.80 -43.06 4.16
C GLY I 203 -20.01 -43.95 3.88
N PRO I 204 -19.85 -45.30 4.04
CA PRO I 204 -20.82 -46.20 3.43
C PRO I 204 -22.25 -45.76 3.85
N SER I 205 -23.06 -45.30 2.90
CA SER I 205 -24.44 -44.87 3.20
C SER I 205 -25.43 -45.56 2.30
N VAL I 206 -26.61 -45.82 2.82
CA VAL I 206 -27.53 -46.72 2.13
C VAL I 206 -28.57 -46.02 1.24
N GLY I 207 -28.57 -46.37 -0.04
CA GLY I 207 -29.61 -45.91 -0.96
C GLY I 207 -29.78 -44.40 -1.00
N ILE I 208 -31.02 -43.93 -0.86
CA ILE I 208 -31.30 -42.53 -1.10
C ILE I 208 -30.45 -41.63 -0.21
N SER I 209 -30.21 -42.02 1.04
CA SER I 209 -29.50 -41.16 1.99
C SER I 209 -28.09 -40.80 1.55
N SER I 210 -27.50 -41.58 0.64
CA SER I 210 -26.21 -41.21 0.07
C SER I 210 -26.32 -39.89 -0.69
N GLY I 211 -27.13 -39.87 -1.74
CA GLY I 211 -27.44 -38.62 -2.45
C GLY I 211 -27.78 -37.46 -1.53
N ASP I 212 -28.63 -37.71 -0.53
CA ASP I 212 -29.00 -36.68 0.43
C ASP I 212 -27.79 -36.12 1.19
N GLN I 213 -26.94 -36.99 1.70
CA GLN I 213 -25.81 -36.55 2.47
C GLN I 213 -24.82 -35.80 1.63
N VAL I 214 -24.48 -36.35 0.46
CA VAL I 214 -23.52 -35.70 -0.43
C VAL I 214 -23.89 -34.26 -0.85
N TRP I 215 -25.18 -34.01 -1.12
CA TRP I 215 -25.65 -32.64 -1.39
C TRP I 215 -25.46 -31.74 -0.20
N VAL I 216 -25.90 -32.18 0.98
CA VAL I 216 -25.76 -31.40 2.21
C VAL I 216 -24.29 -31.19 2.60
N ALA I 217 -23.46 -32.13 2.20
CA ALA I 217 -22.07 -32.00 2.48
C ALA I 217 -21.55 -30.87 1.62
N ARG I 218 -22.03 -30.79 0.38
CA ARG I 218 -21.53 -29.81 -0.57
C ARG I 218 -21.98 -28.44 -0.18
N TYR I 219 -23.21 -28.37 0.34
CA TYR I 219 -23.76 -27.14 0.86
C TYR I 219 -22.87 -26.61 1.99
N ILE I 220 -22.56 -27.48 2.95
CA ILE I 220 -21.66 -27.12 4.05
C ILE I 220 -20.28 -26.66 3.57
N LEU I 221 -19.77 -27.28 2.50
CA LEU I 221 -18.45 -26.97 1.97
C LEU I 221 -18.44 -25.55 1.46
N GLU I 222 -19.40 -25.26 0.60
CA GLU I 222 -19.44 -23.95 -0.03
C GLU I 222 -19.77 -22.84 0.97
N ARG I 223 -20.64 -23.10 1.94
CA ARG I 223 -20.92 -22.12 2.98
C ARG I 223 -19.68 -21.80 3.76
N ILE I 224 -18.79 -22.79 3.90
CA ILE I 224 -17.55 -22.57 4.62
C ILE I 224 -16.62 -21.76 3.76
N THR I 225 -16.43 -22.15 2.51
CA THR I 225 -15.62 -21.30 1.65
C THR I 225 -16.11 -19.84 1.62
N GLU I 226 -17.44 -19.64 1.48
CA GLU I 226 -18.07 -18.33 1.61
C GLU I 226 -17.50 -17.56 2.81
N ILE I 227 -17.34 -18.22 3.95
CA ILE I 227 -16.80 -17.54 5.12
C ILE I 227 -15.35 -17.14 4.92
N ALA I 228 -14.60 -18.01 4.24
CA ALA I 228 -13.19 -17.80 4.02
C ALA I 228 -12.92 -16.84 2.88
N GLY I 229 -13.95 -16.48 2.11
CA GLY I 229 -13.76 -15.59 0.95
C GLY I 229 -12.97 -16.29 -0.14
N VAL I 230 -13.38 -17.51 -0.42
CA VAL I 230 -12.71 -18.38 -1.38
C VAL I 230 -13.81 -19.03 -2.22
N VAL I 231 -13.50 -19.37 -3.47
CA VAL I 231 -14.50 -20.00 -4.35
C VAL I 231 -14.24 -21.47 -4.51
N VAL I 232 -15.29 -22.28 -4.59
CA VAL I 232 -15.16 -23.71 -4.95
C VAL I 232 -15.57 -23.97 -6.38
N THR I 233 -14.91 -24.88 -7.09
CA THR I 233 -15.52 -25.46 -8.29
C THR I 233 -15.55 -26.96 -8.20
N PHE I 234 -16.65 -27.50 -8.71
CA PHE I 234 -16.78 -28.91 -8.89
C PHE I 234 -16.45 -29.25 -10.33
N ASP I 235 -15.86 -28.30 -11.06
CA ASP I 235 -15.52 -28.51 -12.46
C ASP I 235 -14.47 -29.60 -12.64
N PRO I 236 -14.78 -30.62 -13.48
CA PRO I 236 -14.00 -31.85 -13.61
C PRO I 236 -12.56 -31.65 -14.02
N LYS I 237 -12.27 -30.56 -14.72
CA LYS I 237 -10.89 -30.26 -15.08
C LYS I 237 -10.75 -28.76 -15.12
N PRO I 238 -10.43 -28.11 -13.98
CA PRO I 238 -10.49 -26.66 -13.84
C PRO I 238 -9.27 -25.93 -14.46
N ILE I 239 -8.11 -26.56 -14.44
CA ILE I 239 -6.98 -26.01 -15.13
C ILE I 239 -6.56 -27.01 -16.20
N PRO I 240 -6.39 -26.52 -17.46
CA PRO I 240 -5.92 -27.35 -18.56
C PRO I 240 -4.45 -27.71 -18.39
N GLY I 241 -4.03 -28.79 -19.05
CA GLY I 241 -2.62 -29.14 -19.08
C GLY I 241 -2.25 -30.26 -18.13
N ASP I 242 -1.06 -30.13 -17.54
CA ASP I 242 -0.45 -31.17 -16.70
C ASP I 242 -0.80 -30.96 -15.23
N TRP I 243 -2.11 -30.99 -14.96
CA TRP I 243 -2.69 -30.93 -13.60
C TRP I 243 -3.92 -31.83 -13.51
N ASN I 244 -4.07 -32.51 -12.37
CA ASN I 244 -5.20 -33.42 -12.15
C ASN I 244 -6.59 -32.77 -12.28
N GLY I 245 -7.52 -33.53 -12.84
CA GLY I 245 -8.92 -33.13 -12.81
C GLY I 245 -9.52 -33.61 -11.49
N ALA I 246 -10.83 -33.44 -11.36
CA ALA I 246 -11.51 -33.85 -10.15
C ALA I 246 -12.68 -34.74 -10.47
N GLY I 247 -12.74 -35.86 -9.76
CA GLY I 247 -13.82 -36.82 -9.93
C GLY I 247 -14.60 -37.07 -8.67
N ALA I 248 -15.76 -37.69 -8.84
CA ALA I 248 -16.60 -38.14 -7.71
C ALA I 248 -16.69 -39.67 -7.67
N HIS I 249 -15.53 -40.33 -7.50
CA HIS I 249 -15.47 -41.79 -7.46
C HIS I 249 -16.62 -42.31 -6.59
N THR I 250 -17.40 -43.22 -7.15
CA THR I 250 -18.40 -43.92 -6.37
C THR I 250 -17.98 -45.35 -6.06
N ASN I 251 -17.84 -45.64 -4.77
CA ASN I 251 -17.64 -47.02 -4.33
C ASN I 251 -19.00 -47.62 -4.00
N TYR I 252 -19.15 -48.93 -4.23
CA TYR I 252 -20.45 -49.59 -4.28
C TYR I 252 -20.37 -51.04 -3.83
N SER I 253 -21.40 -51.47 -3.11
CA SER I 253 -21.55 -52.87 -2.70
C SER I 253 -23.02 -53.22 -2.38
N THR I 254 -23.40 -54.46 -2.64
CA THR I 254 -24.71 -55.01 -2.27
C THR I 254 -24.56 -56.12 -1.22
N GLU I 255 -25.66 -56.43 -0.53
CA GLU I 255 -25.70 -57.53 0.47
C GLU I 255 -24.88 -58.73 0.05
N SER I 256 -25.18 -59.23 -1.15
CA SER I 256 -24.51 -60.40 -1.72
C SER I 256 -23.01 -60.20 -2.02
N MET I 257 -22.60 -58.94 -2.26
CA MET I 257 -21.20 -58.64 -2.60
C MET I 257 -20.24 -58.60 -1.42
N ARG I 258 -20.76 -58.32 -0.24
CA ARG I 258 -19.94 -58.26 0.97
C ARG I 258 -20.04 -59.54 1.83
N LYS I 259 -20.93 -60.44 1.41
CA LYS I 259 -21.04 -61.82 1.96
C LYS I 259 -20.05 -62.77 1.25
N GLU I 260 -19.99 -64.03 1.69
CA GLU I 260 -19.03 -65.01 1.12
C GLU I 260 -19.15 -65.17 -0.38
N GLY I 261 -17.99 -65.22 -1.05
CA GLY I 261 -17.91 -65.28 -2.50
C GLY I 261 -18.73 -64.20 -3.18
N GLY I 262 -18.55 -62.97 -2.72
CA GLY I 262 -19.15 -61.80 -3.35
C GLY I 262 -18.33 -61.32 -4.55
N TYR I 263 -17.06 -61.70 -4.57
CA TYR I 263 -16.15 -61.31 -5.64
C TYR I 263 -16.62 -61.78 -7.00
N GLU I 264 -17.47 -62.80 -7.03
CA GLU I 264 -18.07 -63.28 -8.29
C GLU I 264 -19.21 -62.35 -8.72
N VAL I 265 -19.96 -61.85 -7.73
CA VAL I 265 -21.08 -60.95 -7.98
C VAL I 265 -20.55 -59.60 -8.40
N ILE I 266 -19.35 -59.30 -7.91
CA ILE I 266 -18.63 -58.08 -8.31
C ILE I 266 -18.25 -58.11 -9.82
N LYS I 267 -17.55 -59.15 -10.24
CA LYS I 267 -17.22 -59.33 -11.65
C LYS I 267 -18.49 -59.29 -12.51
N ALA I 268 -19.53 -59.97 -12.03
CA ALA I 268 -20.80 -60.02 -12.72
C ALA I 268 -21.38 -58.64 -12.94
N ALA I 269 -21.27 -57.80 -11.88
CA ALA I 269 -21.71 -56.39 -11.88
C ALA I 269 -20.90 -55.51 -12.85
N ILE I 270 -19.58 -55.57 -12.70
CA ILE I 270 -18.64 -54.91 -13.61
C ILE I 270 -18.99 -55.20 -15.06
N GLU I 271 -19.26 -56.48 -15.34
CA GLU I 271 -19.62 -56.96 -16.67
C GLU I 271 -20.83 -56.21 -17.26
N LYS I 272 -21.87 -56.07 -16.45
CA LYS I 272 -23.08 -55.33 -16.83
C LYS I 272 -22.76 -53.85 -17.10
N LEU I 273 -21.90 -53.28 -16.26
CA LEU I 273 -21.51 -51.89 -16.35
C LEU I 273 -20.77 -51.57 -17.64
N LYS I 274 -19.94 -52.53 -18.11
CA LYS I 274 -19.22 -52.39 -19.37
C LYS I 274 -20.17 -52.23 -20.53
N LEU I 275 -21.28 -52.95 -20.50
CA LEU I 275 -22.26 -52.91 -21.59
C LEU I 275 -22.95 -51.55 -21.67
N ARG I 276 -23.11 -50.89 -20.52
CA ARG I 276 -23.86 -49.65 -20.45
C ARG I 276 -22.97 -48.45 -20.18
N HIS I 277 -21.67 -48.63 -20.41
CA HIS I 277 -20.71 -47.55 -20.29
C HIS I 277 -21.14 -46.33 -21.10
N LYS I 278 -21.48 -46.54 -22.36
CA LYS I 278 -21.97 -45.46 -23.20
C LYS I 278 -23.00 -44.55 -22.49
N GLU I 279 -24.08 -45.13 -21.96
CA GLU I 279 -25.22 -44.34 -21.43
C GLU I 279 -25.02 -43.89 -20.00
N HIS I 280 -24.00 -44.46 -19.32
CA HIS I 280 -23.55 -43.99 -17.99
C HIS I 280 -22.70 -42.72 -18.08
N ILE I 281 -21.68 -42.74 -18.94
CA ILE I 281 -20.92 -41.53 -19.31
C ILE I 281 -21.82 -40.32 -19.61
N ALA I 282 -22.95 -40.57 -20.25
CA ALA I 282 -23.90 -39.53 -20.57
C ALA I 282 -24.54 -38.83 -19.36
N ALA I 283 -24.57 -39.51 -18.21
CA ALA I 283 -25.16 -38.92 -17.02
C ALA I 283 -24.12 -38.65 -15.95
N TYR I 284 -22.87 -39.04 -16.20
CA TYR I 284 -21.79 -38.88 -15.20
C TYR I 284 -21.23 -37.46 -15.05
N GLY I 285 -21.98 -36.48 -15.54
CA GLY I 285 -21.62 -35.09 -15.39
C GLY I 285 -20.99 -34.49 -16.61
N GLU I 286 -21.34 -33.24 -16.87
CA GLU I 286 -20.89 -32.53 -18.06
C GLU I 286 -19.50 -31.88 -17.90
N GLY I 287 -18.78 -31.81 -19.03
CA GLY I 287 -17.40 -31.39 -19.05
C GLY I 287 -16.46 -32.59 -18.96
N ASN I 288 -16.99 -33.79 -18.68
CA ASN I 288 -16.14 -34.96 -18.38
C ASN I 288 -15.12 -35.30 -19.47
N GLU I 289 -15.41 -34.90 -20.70
CA GLU I 289 -14.49 -35.16 -21.81
C GLU I 289 -13.12 -34.56 -21.53
N ARG I 290 -13.09 -33.46 -20.80
CA ARG I 290 -11.84 -32.75 -20.53
C ARG I 290 -11.05 -33.42 -19.43
N ARG I 291 -11.70 -34.26 -18.62
CA ARG I 291 -11.04 -34.95 -17.51
C ARG I 291 -10.52 -36.31 -17.88
N LEU I 292 -11.43 -37.16 -18.38
CA LEU I 292 -11.16 -38.56 -18.70
C LEU I 292 -10.33 -38.70 -19.96
N THR I 293 -9.01 -38.72 -19.80
CA THR I 293 -8.11 -38.64 -20.92
C THR I 293 -7.19 -39.84 -20.94
N GLY I 294 -7.27 -40.65 -19.89
CA GLY I 294 -6.37 -41.79 -19.77
C GLY I 294 -5.12 -41.45 -18.99
N ARG I 295 -4.74 -40.17 -19.01
CA ARG I 295 -3.67 -39.64 -18.13
C ARG I 295 -4.24 -39.12 -16.81
N HIS I 296 -3.36 -38.82 -15.85
CA HIS I 296 -3.74 -38.27 -14.56
C HIS I 296 -4.70 -39.12 -13.72
N GLU I 297 -4.49 -40.44 -13.75
CA GLU I 297 -5.23 -41.40 -12.95
C GLU I 297 -6.70 -41.45 -13.35
N THR I 298 -6.94 -41.41 -14.66
CA THR I 298 -8.30 -41.62 -15.22
C THR I 298 -8.20 -42.62 -16.36
N ALA I 299 -9.33 -43.19 -16.75
CA ALA I 299 -9.39 -44.00 -17.95
C ALA I 299 -10.00 -43.18 -19.09
N ASP I 300 -9.56 -43.41 -20.33
CA ASP I 300 -10.10 -42.72 -21.50
C ASP I 300 -11.64 -42.85 -21.60
N ILE I 301 -12.33 -41.76 -21.98
CA ILE I 301 -13.80 -41.72 -22.01
C ILE I 301 -14.37 -42.82 -22.89
N ASN I 302 -13.67 -43.13 -23.97
CA ASN I 302 -14.19 -44.03 -25.01
C ASN I 302 -14.00 -45.52 -24.77
N THR I 303 -12.94 -45.88 -24.04
CA THR I 303 -12.76 -47.26 -23.60
C THR I 303 -13.38 -47.50 -22.21
N PHE I 304 -13.81 -48.73 -21.97
CA PHE I 304 -14.10 -49.17 -20.63
C PHE I 304 -13.01 -50.14 -20.19
N SER I 305 -12.52 -50.03 -18.96
CA SER I 305 -11.55 -51.01 -18.40
C SER I 305 -11.76 -51.26 -16.91
N TRP I 306 -11.06 -52.27 -16.38
CA TRP I 306 -11.03 -52.52 -14.93
C TRP I 306 -9.83 -53.39 -14.52
N GLY I 307 -9.23 -53.06 -13.40
CA GLY I 307 -8.08 -53.80 -12.94
C GLY I 307 -8.15 -53.95 -11.43
N VAL I 308 -7.06 -54.44 -10.82
CA VAL I 308 -7.09 -54.58 -9.37
C VAL I 308 -6.58 -53.31 -8.66
N ALA I 309 -5.28 -53.08 -8.61
CA ALA I 309 -4.80 -51.88 -7.93
C ALA I 309 -4.68 -50.74 -8.94
N ASN I 310 -5.44 -50.83 -10.03
CA ASN I 310 -5.21 -49.96 -11.19
C ASN I 310 -6.02 -48.66 -11.19
N ARG I 311 -5.32 -47.55 -10.92
CA ARG I 311 -5.87 -46.19 -10.99
C ARG I 311 -5.99 -45.64 -12.43
N GLY I 312 -5.32 -46.27 -13.40
CA GLY I 312 -5.57 -45.99 -14.82
C GLY I 312 -6.88 -46.56 -15.40
N ALA I 313 -7.58 -47.39 -14.62
CA ALA I 313 -8.78 -48.11 -15.07
C ALA I 313 -10.12 -47.38 -14.88
N SER I 314 -11.16 -47.84 -15.55
CA SER I 314 -12.47 -47.21 -15.41
C SER I 314 -13.14 -47.64 -14.10
N VAL I 315 -12.89 -48.88 -13.71
CA VAL I 315 -13.34 -49.42 -12.44
C VAL I 315 -12.14 -50.07 -11.77
N ARG I 316 -12.08 -49.99 -10.44
CA ARG I 316 -10.96 -50.53 -9.70
C ARG I 316 -11.52 -51.36 -8.56
N VAL I 317 -10.91 -52.50 -8.29
CA VAL I 317 -11.29 -53.33 -7.15
C VAL I 317 -10.10 -53.50 -6.22
N GLY I 318 -10.19 -52.95 -5.02
CA GLY I 318 -9.07 -52.97 -4.06
C GLY I 318 -8.33 -54.29 -3.92
N ARG I 319 -7.03 -54.21 -3.65
CA ARG I 319 -6.21 -55.36 -3.26
C ARG I 319 -6.88 -56.15 -2.16
N GLU I 320 -7.33 -55.41 -1.14
CA GLU I 320 -8.02 -55.96 0.05
C GLU I 320 -9.33 -56.77 -0.22
N THR I 321 -10.24 -56.23 -1.02
CA THR I 321 -11.47 -56.97 -1.29
C THR I 321 -11.28 -58.11 -2.30
N GLU I 322 -10.15 -58.12 -3.02
CA GLU I 322 -9.80 -59.24 -3.94
C GLU I 322 -9.33 -60.45 -3.13
N GLN I 323 -8.36 -60.18 -2.25
CA GLN I 323 -7.76 -61.14 -1.36
C GLN I 323 -8.77 -61.69 -0.35
N ASN I 324 -9.86 -60.97 -0.10
CA ASN I 324 -10.88 -61.44 0.83
C ASN I 324 -12.09 -62.12 0.17
N GLY I 325 -12.08 -62.19 -1.16
CA GLY I 325 -13.19 -62.76 -1.94
C GLY I 325 -14.53 -62.06 -1.74
N LYS I 326 -14.50 -60.94 -1.00
CA LYS I 326 -15.69 -60.13 -0.72
C LYS I 326 -15.33 -58.66 -0.48
N GLY I 327 -16.19 -57.75 -0.96
CA GLY I 327 -15.96 -56.33 -0.75
C GLY I 327 -16.83 -55.36 -1.54
N TYR I 328 -16.18 -54.33 -2.09
CA TYR I 328 -16.83 -53.28 -2.91
C TYR I 328 -15.91 -52.96 -4.10
N PHE I 329 -16.48 -52.34 -5.14
CA PHE I 329 -15.66 -51.82 -6.21
C PHE I 329 -15.86 -50.31 -6.36
N GLU I 330 -14.95 -49.66 -7.11
CA GLU I 330 -14.87 -48.21 -7.24
C GLU I 330 -15.09 -47.82 -8.69
N ASP I 331 -16.24 -47.23 -8.99
CA ASP I 331 -16.46 -46.62 -10.30
C ASP I 331 -15.83 -45.23 -10.36
N ARG I 332 -14.70 -45.12 -11.08
CA ARG I 332 -13.91 -43.86 -11.10
C ARG I 332 -14.37 -42.87 -12.17
N ARG I 333 -15.40 -43.26 -12.92
CA ARG I 333 -15.86 -42.50 -14.09
C ARG I 333 -16.62 -41.18 -13.77
N PRO I 334 -17.43 -41.15 -12.70
CA PRO I 334 -18.21 -39.93 -12.48
C PRO I 334 -17.35 -38.69 -12.18
N ALA I 335 -17.66 -37.56 -12.83
CA ALA I 335 -16.93 -36.31 -12.56
C ALA I 335 -17.38 -35.66 -11.26
N SER I 336 -16.57 -34.75 -10.74
CA SER I 336 -16.86 -34.09 -9.46
C SER I 336 -18.22 -33.40 -9.40
N ASN I 337 -18.73 -32.98 -10.56
CA ASN I 337 -20.03 -32.29 -10.70
C ASN I 337 -21.22 -33.21 -11.02
N MET I 338 -21.01 -34.49 -10.74
CA MET I 338 -22.01 -35.54 -10.73
C MET I 338 -23.18 -35.24 -9.79
N ASP I 339 -24.39 -35.53 -10.23
CA ASP I 339 -25.51 -35.52 -9.31
C ASP I 339 -25.56 -36.88 -8.63
N PRO I 340 -25.33 -36.93 -7.32
CA PRO I 340 -25.27 -38.24 -6.68
C PRO I 340 -26.58 -39.01 -6.79
N TYR I 341 -27.72 -38.32 -6.74
CA TYR I 341 -29.01 -38.99 -6.99
C TYR I 341 -29.02 -39.81 -8.29
N VAL I 342 -28.57 -39.20 -9.38
CA VAL I 342 -28.56 -39.81 -10.70
C VAL I 342 -27.57 -40.96 -10.71
N VAL I 343 -26.31 -40.70 -10.37
CA VAL I 343 -25.27 -41.73 -10.40
C VAL I 343 -25.54 -42.87 -9.42
N THR I 344 -26.05 -42.52 -8.25
CA THR I 344 -26.22 -43.48 -7.19
C THR I 344 -27.30 -44.50 -7.53
N SER I 345 -28.41 -44.03 -8.09
CA SER I 345 -29.51 -44.94 -8.42
C SER I 345 -29.22 -45.74 -9.70
N MET I 346 -28.68 -45.06 -10.72
CA MET I 346 -28.35 -45.67 -12.01
C MET I 346 -27.30 -46.79 -11.93
N ILE I 347 -26.49 -46.81 -10.88
CA ILE I 347 -25.58 -47.92 -10.67
C ILE I 347 -26.40 -49.09 -10.10
N ALA I 348 -27.35 -48.79 -9.22
CA ALA I 348 -28.20 -49.82 -8.63
C ALA I 348 -29.12 -50.40 -9.70
N GLU I 349 -29.46 -49.58 -10.68
CA GLU I 349 -30.35 -50.00 -11.71
C GLU I 349 -29.64 -50.88 -12.73
N THR I 350 -28.50 -50.43 -13.24
CA THR I 350 -27.70 -51.22 -14.20
C THR I 350 -27.12 -52.47 -13.56
N THR I 351 -27.16 -52.55 -12.24
CA THR I 351 -26.53 -53.65 -11.50
C THR I 351 -27.48 -54.73 -10.98
N ILE I 352 -28.69 -54.33 -10.59
CA ILE I 352 -29.68 -55.24 -10.06
C ILE I 352 -30.80 -55.48 -11.08
N VAL I 353 -31.63 -54.46 -11.35
CA VAL I 353 -32.85 -54.62 -12.18
C VAL I 353 -32.63 -55.08 -13.63
N TRP I 354 -31.79 -54.39 -14.37
CA TRP I 354 -31.57 -54.66 -15.81
C TRP I 354 -30.80 -55.98 -16.08
N LYS I 355 -31.16 -56.65 -17.20
CA LYS I 355 -30.46 -57.87 -17.71
C LYS I 355 -30.15 -57.88 -19.24
N CYS J 3 -8.79 -5.90 25.79
CA CYS J 3 -8.94 -4.41 25.50
C CYS J 3 -10.40 -3.90 25.29
N LEU J 4 -10.80 -3.59 24.05
CA LEU J 4 -12.05 -2.83 23.79
C LEU J 4 -13.38 -3.58 23.77
N THR J 5 -13.39 -4.79 23.23
CA THR J 5 -14.60 -5.60 23.27
C THR J 5 -14.82 -6.26 24.63
N ASP J 6 -13.82 -6.17 25.49
CA ASP J 6 -13.92 -6.68 26.85
C ASP J 6 -14.78 -5.77 27.68
N LEU J 7 -14.77 -4.48 27.34
CA LEU J 7 -15.51 -3.49 28.06
C LEU J 7 -16.93 -3.41 27.53
N VAL J 8 -17.08 -3.48 26.21
CA VAL J 8 -18.38 -3.41 25.57
C VAL J 8 -19.23 -4.57 26.06
N ASN J 9 -18.59 -5.69 26.36
CA ASN J 9 -19.31 -6.89 26.74
C ASN J 9 -19.31 -7.24 28.23
N LEU J 10 -18.92 -6.28 29.06
CA LEU J 10 -18.94 -6.45 30.51
C LEU J 10 -20.29 -6.90 31.01
N ASN J 11 -20.30 -7.83 31.95
CA ASN J 11 -21.52 -8.18 32.61
C ASN J 11 -21.76 -7.28 33.81
N LEU J 12 -22.79 -6.46 33.73
CA LEU J 12 -23.15 -5.56 34.81
C LEU J 12 -23.90 -6.23 35.95
N SER J 13 -24.51 -7.38 35.66
CA SER J 13 -25.25 -8.21 36.63
C SER J 13 -24.43 -8.61 37.86
N ASP J 14 -23.12 -8.77 37.67
CA ASP J 14 -22.17 -9.13 38.73
C ASP J 14 -21.90 -7.96 39.66
N THR J 15 -22.25 -6.74 39.23
CA THR J 15 -21.84 -5.52 39.94
C THR J 15 -22.98 -4.62 40.48
N THR J 16 -24.01 -4.33 39.69
CA THR J 16 -25.24 -3.72 40.26
C THR J 16 -26.51 -4.26 39.64
N GLU J 17 -27.63 -3.76 40.13
CA GLU J 17 -28.94 -4.11 39.64
C GLU J 17 -29.32 -3.21 38.47
N LYS J 18 -28.63 -2.08 38.35
CA LYS J 18 -28.99 -1.02 37.40
C LYS J 18 -29.14 -1.54 35.97
N ILE J 19 -29.87 -0.79 35.16
CA ILE J 19 -30.23 -1.21 33.84
C ILE J 19 -29.97 -0.09 32.86
N ILE J 20 -29.66 -0.47 31.62
CA ILE J 20 -29.60 0.51 30.55
C ILE J 20 -30.78 0.37 29.57
N ALA J 21 -31.54 1.45 29.45
CA ALA J 21 -32.62 1.52 28.51
C ALA J 21 -32.23 2.45 27.36
N GLU J 22 -32.35 1.93 26.14
CA GLU J 22 -32.08 2.65 24.90
C GLU J 22 -33.39 3.05 24.22
N TYR J 23 -33.79 4.32 24.38
CA TYR J 23 -35.06 4.82 23.90
C TYR J 23 -34.96 5.14 22.43
N ILE J 24 -35.74 4.44 21.63
CA ILE J 24 -35.70 4.59 20.18
C ILE J 24 -36.88 5.42 19.73
N TRP J 25 -36.67 6.35 18.80
CA TRP J 25 -37.79 7.02 18.12
C TRP J 25 -37.58 7.29 16.65
N ILE J 26 -38.63 7.78 15.98
CA ILE J 26 -38.55 8.13 14.58
C ILE J 26 -38.49 9.63 14.47
N GLY J 27 -37.58 10.10 13.63
CA GLY J 27 -37.27 11.52 13.52
C GLY J 27 -37.97 12.29 12.42
N GLY J 28 -37.48 13.50 12.19
CA GLY J 28 -38.17 14.48 11.35
C GLY J 28 -38.51 14.09 9.94
N SER J 29 -37.63 13.34 9.29
CA SER J 29 -37.90 12.86 7.93
C SER J 29 -38.97 11.75 7.89
N GLY J 30 -39.26 11.10 9.03
CA GLY J 30 -40.22 9.99 9.11
C GLY J 30 -39.62 8.67 8.64
N MET J 31 -38.33 8.71 8.32
CA MET J 31 -37.59 7.57 7.83
C MET J 31 -36.22 7.43 8.51
N ASP J 32 -35.96 8.29 9.49
CA ASP J 32 -34.70 8.26 10.21
C ASP J 32 -34.84 7.83 11.67
N LEU J 33 -34.25 6.71 12.03
CA LEU J 33 -34.26 6.28 13.41
C LEU J 33 -33.20 7.01 14.26
N ARG J 34 -33.56 7.35 15.51
CA ARG J 34 -32.69 8.00 16.49
C ARG J 34 -32.86 7.34 17.84
N SER J 35 -31.80 7.29 18.61
CA SER J 35 -31.86 6.69 19.93
C SER J 35 -30.87 7.35 20.90
N LYS J 36 -31.19 7.32 22.20
CA LYS J 36 -30.25 7.65 23.24
C LYS J 36 -30.57 6.78 24.45
N ALA J 37 -29.65 6.65 25.41
CA ALA J 37 -29.78 5.71 26.52
C ALA J 37 -29.74 6.34 27.91
N ARG J 38 -30.52 5.76 28.83
CA ARG J 38 -30.54 6.21 30.20
C ARG J 38 -30.35 5.04 31.15
N THR J 39 -29.87 5.32 32.37
CA THR J 39 -29.73 4.32 33.44
C THR J 39 -31.01 4.28 34.28
N LEU J 40 -31.54 3.09 34.49
CA LEU J 40 -32.78 2.91 35.27
C LEU J 40 -32.44 2.06 36.45
N PRO J 41 -33.15 2.25 37.58
CA PRO J 41 -32.65 1.69 38.86
C PRO J 41 -32.72 0.18 38.98
N GLY J 42 -33.66 -0.46 38.30
CA GLY J 42 -33.74 -1.93 38.20
C GLY J 42 -34.40 -2.39 36.90
N PRO J 43 -34.55 -3.72 36.70
CA PRO J 43 -35.18 -4.29 35.49
C PRO J 43 -36.61 -3.83 35.33
N VAL J 44 -37.10 -3.81 34.09
CA VAL J 44 -38.50 -3.48 33.86
C VAL J 44 -39.05 -4.35 32.74
N THR J 45 -40.31 -4.83 32.89
CA THR J 45 -40.97 -5.62 31.85
C THR J 45 -42.24 -4.98 31.33
N ASP J 46 -42.79 -4.03 32.08
CA ASP J 46 -43.98 -3.37 31.63
C ASP J 46 -43.74 -1.96 31.11
N PRO J 47 -43.99 -1.73 29.82
CA PRO J 47 -43.84 -0.43 29.17
C PRO J 47 -44.36 0.76 29.99
N SER J 48 -45.46 0.57 30.71
CA SER J 48 -46.10 1.69 31.41
C SER J 48 -45.50 1.93 32.79
N LYS J 49 -44.48 1.15 33.13
CA LYS J 49 -43.74 1.42 34.37
C LYS J 49 -42.38 2.09 34.09
N LEU J 50 -42.14 2.45 32.83
CA LEU J 50 -40.96 3.18 32.46
C LEU J 50 -41.32 4.64 32.47
N PRO J 51 -40.39 5.53 32.88
CA PRO J 51 -40.59 6.97 32.80
C PRO J 51 -40.69 7.48 31.39
N LYS J 52 -41.50 8.50 31.16
CA LYS J 52 -41.50 9.21 29.90
C LYS J 52 -40.24 10.03 29.90
N TRP J 53 -39.78 10.47 28.74
CA TRP J 53 -38.52 11.17 28.63
C TRP J 53 -38.67 12.26 27.57
N ASN J 54 -37.64 13.05 27.33
CA ASN J 54 -37.65 14.04 26.28
C ASN J 54 -36.36 13.94 25.43
N TYR J 55 -36.37 14.61 24.28
CA TYR J 55 -35.14 14.86 23.50
C TYR J 55 -35.10 16.24 22.87
N ASP J 56 -34.03 16.54 22.16
CA ASP J 56 -33.92 17.85 21.54
C ASP J 56 -34.58 17.80 20.19
N GLY J 57 -35.85 18.18 20.14
CA GLY J 57 -36.59 18.23 18.89
C GLY J 57 -35.99 19.14 17.82
N SER J 58 -35.23 20.15 18.22
CA SER J 58 -34.62 21.10 17.28
C SER J 58 -33.45 20.51 16.48
N SER J 59 -32.89 19.38 16.93
CA SER J 59 -31.80 18.68 16.21
C SER J 59 -32.24 17.47 15.36
N THR J 60 -33.54 17.21 15.35
CA THR J 60 -34.12 16.16 14.53
C THR J 60 -35.20 16.74 13.61
N GLY J 61 -35.26 18.06 13.52
CA GLY J 61 -36.24 18.76 12.68
C GLY J 61 -37.69 18.48 13.07
N GLN J 62 -37.97 18.55 14.37
CA GLN J 62 -39.30 18.25 14.88
C GLN J 62 -39.84 19.32 15.84
N ALA J 63 -38.99 20.28 16.22
CA ALA J 63 -39.38 21.48 17.02
C ALA J 63 -38.37 22.63 16.86
N PRO J 64 -38.82 23.89 17.02
CA PRO J 64 -37.92 25.04 17.04
C PRO J 64 -36.99 25.05 18.23
N GLY J 65 -35.94 25.84 18.13
CA GLY J 65 -34.94 25.96 19.18
C GLY J 65 -35.51 26.52 20.46
N GLU J 66 -36.39 27.51 20.36
CA GLU J 66 -36.94 28.22 21.54
C GLU J 66 -38.01 27.43 22.26
N ASP J 67 -38.60 26.47 21.57
CA ASP J 67 -39.52 25.55 22.18
C ASP J 67 -39.08 24.17 21.71
N SER J 68 -38.03 23.65 22.36
CA SER J 68 -37.27 22.53 21.79
C SER J 68 -37.70 21.15 22.29
N GLU J 69 -38.42 21.08 23.40
CA GLU J 69 -38.70 19.79 24.01
C GLU J 69 -39.79 18.97 23.30
N VAL J 70 -39.46 17.72 22.97
CA VAL J 70 -40.44 16.73 22.48
C VAL J 70 -40.41 15.51 23.42
N ILE J 71 -41.59 14.95 23.68
CA ILE J 71 -41.74 13.97 24.75
C ILE J 71 -41.83 12.54 24.23
N LEU J 72 -41.19 11.60 24.93
CA LEU J 72 -41.11 10.22 24.51
C LEU J 72 -41.97 9.32 25.39
N TYR J 73 -42.90 8.61 24.77
CA TYR J 73 -43.79 7.69 25.46
C TYR J 73 -43.30 6.30 25.17
N PRO J 74 -42.94 5.56 26.22
CA PRO J 74 -42.52 4.17 26.06
C PRO J 74 -43.72 3.33 25.63
N GLN J 75 -43.58 2.62 24.51
CA GLN J 75 -44.67 1.77 24.00
C GLN J 75 -44.39 0.27 23.96
N ALA J 76 -43.16 -0.11 23.60
CA ALA J 76 -42.77 -1.52 23.59
C ALA J 76 -41.38 -1.76 24.15
N ILE J 77 -41.21 -2.87 24.86
CA ILE J 77 -39.91 -3.22 25.40
C ILE J 77 -39.36 -4.46 24.71
N PHE J 78 -38.08 -4.43 24.34
CA PHE J 78 -37.38 -5.60 23.82
C PHE J 78 -36.04 -5.72 24.52
N LYS J 79 -35.46 -6.92 24.55
CA LYS J 79 -34.14 -7.07 25.14
C LYS J 79 -33.09 -6.53 24.17
N ASP J 80 -32.10 -5.79 24.68
CA ASP J 80 -31.03 -5.23 23.87
C ASP J 80 -29.97 -6.29 23.53
N PRO J 81 -29.85 -6.66 22.25
CA PRO J 81 -28.93 -7.69 21.83
C PRO J 81 -27.50 -7.19 21.78
N PHE J 82 -27.31 -5.89 21.87
CA PHE J 82 -25.96 -5.37 21.83
C PHE J 82 -25.40 -5.27 23.24
N ARG J 83 -26.16 -4.64 24.15
CA ARG J 83 -25.71 -4.49 25.53
C ARG J 83 -25.91 -5.75 26.39
N ARG J 84 -26.83 -6.61 25.94
CA ARG J 84 -27.14 -7.88 26.58
C ARG J 84 -27.45 -7.80 28.09
N GLY J 85 -27.36 -8.90 28.82
CA GLY J 85 -27.87 -8.94 30.20
C GLY J 85 -29.31 -8.44 30.34
N ASN J 86 -29.57 -7.55 31.30
CA ASN J 86 -30.95 -7.12 31.52
C ASN J 86 -31.33 -5.85 30.84
N ASN J 87 -30.46 -5.36 29.99
CA ASN J 87 -30.65 -4.09 29.30
C ASN J 87 -31.65 -4.16 28.16
N ILE J 88 -32.32 -3.05 27.87
CA ILE J 88 -33.49 -3.08 27.02
C ILE J 88 -33.47 -2.03 25.93
N LEU J 89 -34.14 -2.31 24.82
CA LEU J 89 -34.47 -1.32 23.83
C LEU J 89 -35.92 -0.95 24.09
N VAL J 90 -36.26 0.34 23.95
CA VAL J 90 -37.63 0.80 24.19
C VAL J 90 -38.12 1.54 22.98
N MET J 91 -39.16 1.04 22.34
CA MET J 91 -39.71 1.71 21.17
C MET J 91 -40.63 2.86 21.59
N CYS J 92 -40.51 4.01 20.94
CA CYS J 92 -41.22 5.21 21.40
C CYS J 92 -42.14 5.96 20.42
N ASP J 93 -42.94 6.84 21.02
CA ASP J 93 -44.01 7.54 20.40
C ASP J 93 -43.72 9.01 20.64
N CYS J 94 -44.09 9.89 19.73
CA CYS J 94 -43.67 11.27 19.92
C CYS J 94 -44.76 12.33 20.11
N TYR J 95 -44.64 13.10 21.20
CA TYR J 95 -45.66 14.05 21.62
C TYR J 95 -45.10 15.43 22.00
N THR J 96 -45.91 16.49 21.83
CA THR J 96 -45.60 17.83 22.38
C THR J 96 -45.78 17.80 23.90
N PRO J 97 -45.22 18.78 24.60
CA PRO J 97 -45.38 18.79 26.06
C PRO J 97 -46.85 18.95 26.47
N ALA J 98 -47.66 19.48 25.54
CA ALA J 98 -49.12 19.61 25.71
C ALA J 98 -49.86 18.28 25.54
N GLY J 99 -49.17 17.24 25.08
CA GLY J 99 -49.80 15.93 24.91
C GLY J 99 -50.39 15.68 23.53
N GLU J 100 -50.08 16.55 22.58
CA GLU J 100 -50.42 16.34 21.18
C GLU J 100 -49.42 15.41 20.46
N PRO J 101 -49.90 14.46 19.64
CA PRO J 101 -48.93 13.77 18.80
C PRO J 101 -48.44 14.67 17.68
N ILE J 102 -47.12 14.79 17.57
CA ILE J 102 -46.50 15.59 16.51
C ILE J 102 -46.75 15.02 15.12
N PRO J 103 -46.76 15.88 14.08
CA PRO J 103 -47.16 15.48 12.73
C PRO J 103 -46.52 14.18 12.24
N THR J 104 -45.30 13.90 12.69
CA THR J 104 -44.53 12.73 12.21
C THR J 104 -44.77 11.46 13.02
N ASN J 105 -45.68 11.53 13.98
CA ASN J 105 -46.07 10.37 14.77
C ASN J 105 -47.23 9.61 14.13
N LYS J 106 -46.91 8.63 13.29
CA LYS J 106 -47.93 7.90 12.58
C LYS J 106 -48.45 6.74 13.42
N ARG J 107 -47.89 6.54 14.60
CA ARG J 107 -48.31 5.44 15.45
C ARG J 107 -49.61 5.77 16.15
N TYR J 108 -49.77 7.04 16.54
CA TYR J 108 -50.99 7.49 17.19
C TYR J 108 -52.21 7.14 16.37
N SER J 109 -52.28 7.65 15.15
CA SER J 109 -53.40 7.37 14.23
C SER J 109 -53.64 5.90 14.05
N ALA J 110 -52.56 5.12 13.89
CA ALA J 110 -52.64 3.68 13.65
C ALA J 110 -53.11 2.95 14.89
N ALA J 111 -52.77 3.50 16.05
CA ALA J 111 -53.18 2.91 17.32
C ALA J 111 -54.68 3.01 17.48
N LYS J 112 -55.22 4.19 17.17
CA LYS J 112 -56.66 4.42 17.18
C LYS J 112 -57.44 3.39 16.33
N ILE J 113 -56.94 3.08 15.13
CA ILE J 113 -57.62 2.18 14.21
C ILE J 113 -57.58 0.75 14.71
N PHE J 114 -56.50 0.35 15.35
CA PHE J 114 -56.43 -1.01 15.90
C PHE J 114 -57.08 -1.14 17.27
N SER J 115 -57.43 0.00 17.86
CA SER J 115 -58.21 0.09 19.11
C SER J 115 -59.71 -0.08 18.83
N SER J 116 -60.23 0.76 17.93
CA SER J 116 -61.55 0.62 17.31
C SER J 116 -62.08 -0.83 17.25
N PRO J 117 -63.28 -1.06 17.86
CA PRO J 117 -63.68 -2.41 18.28
C PRO J 117 -63.96 -3.41 17.16
N GLU J 118 -64.49 -2.93 16.02
CA GLU J 118 -64.81 -3.82 14.90
C GLU J 118 -63.58 -4.25 14.10
N VAL J 119 -62.47 -3.54 14.32
CA VAL J 119 -61.18 -3.95 13.81
C VAL J 119 -60.56 -4.95 14.77
N ALA J 120 -60.47 -4.58 16.04
CA ALA J 120 -59.86 -5.44 17.03
C ALA J 120 -60.46 -6.85 17.06
N ALA J 121 -61.77 -6.91 16.80
CA ALA J 121 -62.54 -8.17 16.80
C ALA J 121 -62.19 -9.04 15.60
N GLU J 122 -61.96 -8.41 14.46
CA GLU J 122 -61.50 -9.09 13.25
C GLU J 122 -60.09 -9.61 13.41
N GLU J 123 -59.38 -9.06 14.40
CA GLU J 123 -58.03 -9.48 14.81
C GLU J 123 -57.05 -9.63 13.61
N PRO J 124 -56.57 -8.50 13.05
CA PRO J 124 -55.77 -8.55 11.86
C PRO J 124 -54.34 -8.98 12.13
N TRP J 125 -53.77 -9.66 11.14
CA TRP J 125 -52.46 -10.27 11.21
C TRP J 125 -51.62 -9.78 10.08
N TYR J 126 -50.45 -9.24 10.38
CA TYR J 126 -49.54 -8.87 9.32
C TYR J 126 -48.26 -9.62 9.40
N GLY J 127 -47.79 -10.08 8.25
CA GLY J 127 -46.41 -10.52 8.10
C GLY J 127 -45.85 -9.63 7.02
N ILE J 128 -44.77 -8.92 7.34
CA ILE J 128 -44.20 -7.98 6.37
C ILE J 128 -42.76 -8.37 5.98
N GLU J 129 -42.48 -8.33 4.70
CA GLU J 129 -41.20 -8.79 4.19
C GLU J 129 -40.38 -7.59 3.81
N GLN J 130 -39.41 -7.27 4.66
CA GLN J 130 -38.53 -6.12 4.47
C GLN J 130 -37.40 -6.51 3.56
N GLU J 131 -37.30 -5.87 2.41
CA GLU J 131 -36.11 -6.04 1.58
C GLU J 131 -35.24 -4.83 1.82
N TYR J 132 -33.94 -4.93 1.58
CA TYR J 132 -32.99 -3.82 1.77
C TYR J 132 -31.72 -4.13 0.99
N THR J 133 -30.89 -3.11 0.76
CA THR J 133 -29.66 -3.29 -0.03
C THR J 133 -28.47 -2.78 0.76
N LEU J 134 -27.35 -3.50 0.72
CA LEU J 134 -26.21 -3.16 1.52
C LEU J 134 -25.21 -2.43 0.67
N LEU J 135 -24.62 -1.36 1.20
CA LEU J 135 -23.71 -0.49 0.42
C LEU J 135 -22.37 -0.27 1.09
N GLN J 136 -21.33 -0.07 0.28
CA GLN J 136 -20.00 0.28 0.77
C GLN J 136 -20.04 1.70 1.28
N LYS J 137 -19.44 1.94 2.42
CA LYS J 137 -19.41 3.26 3.01
C LYS J 137 -18.62 4.18 2.10
N ASP J 138 -19.12 5.41 1.93
CA ASP J 138 -18.39 6.46 1.20
C ASP J 138 -18.60 6.41 -0.33
N THR J 139 -18.33 5.28 -0.96
CA THR J 139 -18.54 5.16 -2.41
C THR J 139 -20.00 4.98 -2.72
N ASN J 140 -20.75 4.48 -1.75
CA ASN J 140 -22.19 4.25 -1.85
C ASN J 140 -22.66 3.30 -2.92
N TRP J 141 -21.79 2.35 -3.27
CA TRP J 141 -22.02 1.35 -4.29
C TRP J 141 -22.31 0.06 -3.55
N PRO J 142 -23.21 -0.79 -4.08
CA PRO J 142 -23.64 -2.05 -3.46
C PRO J 142 -22.50 -2.95 -3.00
N LEU J 143 -22.69 -3.57 -1.84
CA LEU J 143 -21.71 -4.48 -1.27
C LEU J 143 -21.35 -5.64 -2.20
N GLY J 144 -20.06 -5.91 -2.36
CA GLY J 144 -19.64 -6.99 -3.25
C GLY J 144 -19.57 -6.69 -4.74
N TRP J 145 -20.07 -5.51 -5.13
CA TRP J 145 -19.89 -4.98 -6.46
C TRP J 145 -18.52 -4.27 -6.59
N PRO J 146 -17.86 -4.39 -7.75
CA PRO J 146 -16.63 -3.65 -7.98
C PRO J 146 -16.92 -2.18 -8.27
N ILE J 147 -16.01 -1.29 -7.89
CA ILE J 147 -16.30 0.13 -7.92
C ILE J 147 -16.30 0.59 -9.34
N GLY J 148 -17.34 1.33 -9.70
CA GLY J 148 -17.60 1.75 -11.09
C GLY J 148 -17.70 0.57 -12.02
N GLY J 149 -18.49 -0.43 -11.63
CA GLY J 149 -18.67 -1.64 -12.42
C GLY J 149 -19.76 -2.49 -11.83
N PHE J 150 -20.08 -3.58 -12.49
CA PHE J 150 -21.16 -4.42 -12.05
C PHE J 150 -20.72 -5.84 -11.92
N PRO J 151 -21.42 -6.63 -11.08
CA PRO J 151 -21.16 -8.07 -11.07
C PRO J 151 -21.91 -8.72 -12.23
N GLY J 152 -21.76 -10.04 -12.34
CA GLY J 152 -22.51 -10.86 -13.29
C GLY J 152 -23.98 -10.53 -13.23
N PRO J 153 -24.71 -10.79 -14.32
CA PRO J 153 -26.11 -10.39 -14.33
C PRO J 153 -26.91 -11.23 -13.35
N GLN J 154 -28.04 -10.70 -12.92
CA GLN J 154 -28.93 -11.35 -11.99
C GLN J 154 -29.24 -12.76 -12.37
N GLY J 155 -29.49 -13.59 -11.36
CA GLY J 155 -29.75 -15.00 -11.62
C GLY J 155 -29.19 -15.97 -10.61
N PRO J 156 -27.84 -15.97 -10.36
CA PRO J 156 -27.27 -16.86 -9.31
C PRO J 156 -27.43 -16.39 -7.86
N TYR J 157 -27.95 -15.18 -7.66
CA TYR J 157 -27.85 -14.48 -6.37
C TYR J 157 -28.95 -14.81 -5.38
N TYR J 158 -30.19 -14.85 -5.85
CA TYR J 158 -31.36 -15.22 -5.04
C TYR J 158 -31.14 -16.51 -4.27
N CYS J 159 -31.14 -16.43 -2.94
CA CYS J 159 -30.93 -17.58 -2.03
C CYS J 159 -29.67 -18.37 -2.28
N GLY J 160 -28.66 -17.71 -2.82
CA GLY J 160 -27.46 -18.41 -3.22
C GLY J 160 -26.50 -18.59 -2.08
N ILE J 161 -25.43 -19.32 -2.36
CA ILE J 161 -24.32 -19.49 -1.44
C ILE J 161 -22.99 -19.42 -2.18
N GLY J 162 -21.96 -18.95 -1.50
CA GLY J 162 -20.62 -18.93 -2.05
C GLY J 162 -20.04 -17.53 -1.99
N ALA J 163 -18.72 -17.44 -1.91
CA ALA J 163 -18.09 -16.11 -1.87
C ALA J 163 -18.40 -15.21 -3.07
N GLU J 164 -18.64 -15.78 -4.25
CA GLU J 164 -18.90 -14.98 -5.41
C GLU J 164 -20.35 -14.58 -5.55
N LYS J 165 -21.23 -15.17 -4.74
CA LYS J 165 -22.68 -14.96 -4.95
C LYS J 165 -23.37 -14.26 -3.77
N SER J 166 -22.74 -14.28 -2.61
CA SER J 166 -23.48 -14.01 -1.41
C SER J 166 -22.79 -13.03 -0.47
N PHE J 167 -23.17 -11.76 -0.61
CA PHE J 167 -22.45 -10.66 0.03
C PHE J 167 -23.07 -10.21 1.33
N GLY J 168 -22.36 -10.46 2.43
CA GLY J 168 -22.74 -9.95 3.74
C GLY J 168 -23.68 -10.80 4.54
N ARG J 169 -23.57 -12.12 4.39
CA ARG J 169 -24.40 -13.04 5.18
C ARG J 169 -24.20 -12.77 6.68
N ASP J 170 -22.96 -12.44 7.01
CA ASP J 170 -22.55 -12.04 8.34
C ASP J 170 -23.55 -11.17 9.03
N ILE J 171 -23.89 -10.09 8.36
CA ILE J 171 -24.81 -9.08 8.85
C ILE J 171 -26.17 -9.71 9.03
N VAL J 172 -26.65 -10.37 7.97
CA VAL J 172 -27.99 -10.95 7.92
C VAL J 172 -28.18 -11.95 9.03
N ASP J 173 -27.30 -12.95 9.13
CA ASP J 173 -27.34 -14.03 10.16
C ASP J 173 -27.29 -13.45 11.59
N ALA J 174 -26.43 -12.46 11.81
CA ALA J 174 -26.36 -11.73 13.06
C ALA J 174 -27.68 -11.06 13.45
N HIS J 175 -28.25 -10.36 12.50
CA HIS J 175 -29.53 -9.68 12.71
C HIS J 175 -30.60 -10.68 13.10
N TYR J 176 -30.69 -11.80 12.38
CA TYR J 176 -31.67 -12.83 12.65
C TYR J 176 -31.62 -13.19 14.15
N LYS J 177 -30.46 -13.60 14.67
CA LYS J 177 -30.37 -14.03 16.06
C LYS J 177 -30.66 -12.88 16.97
N ALA J 178 -30.07 -11.72 16.66
CA ALA J 178 -30.29 -10.54 17.44
C ALA J 178 -31.77 -10.34 17.68
N CYS J 179 -32.55 -10.28 16.59
CA CYS J 179 -34.01 -10.06 16.61
C CYS J 179 -34.75 -11.07 17.45
N LEU J 180 -34.53 -12.36 17.22
CA LEU J 180 -35.03 -13.45 18.07
C LEU J 180 -34.75 -13.30 19.58
N TYR J 181 -33.50 -12.97 19.89
CA TYR J 181 -33.08 -12.75 21.25
C TYR J 181 -33.86 -11.59 21.82
N ALA J 182 -33.91 -10.50 21.05
CA ALA J 182 -34.65 -9.30 21.44
C ALA J 182 -36.13 -9.58 21.74
N GLY J 183 -36.68 -10.59 21.08
CA GLY J 183 -38.09 -10.90 21.18
C GLY J 183 -38.95 -10.39 20.04
N ILE J 184 -38.34 -9.93 18.95
CA ILE J 184 -39.04 -9.58 17.70
C ILE J 184 -39.52 -10.87 17.07
N ASN J 185 -40.78 -10.94 16.67
CA ASN J 185 -41.24 -12.13 15.99
C ASN J 185 -40.76 -12.16 14.55
N ILE J 186 -39.54 -12.62 14.35
CA ILE J 186 -38.97 -12.68 13.01
C ILE J 186 -39.27 -14.07 12.49
N SER J 187 -39.72 -14.18 11.25
CA SER J 187 -40.21 -15.47 10.79
C SER J 187 -39.26 -16.17 9.81
N GLY J 188 -38.37 -15.40 9.20
CA GLY J 188 -37.45 -15.92 8.20
C GLY J 188 -36.58 -14.84 7.55
N ILE J 189 -35.56 -15.29 6.82
CA ILE J 189 -34.63 -14.44 6.06
C ILE J 189 -34.37 -15.07 4.69
N ASN J 190 -33.77 -14.34 3.78
CA ASN J 190 -33.36 -14.92 2.51
C ASN J 190 -32.54 -13.96 1.69
N GLY J 191 -31.54 -14.48 0.97
CA GLY J 191 -30.85 -13.70 -0.07
C GLY J 191 -31.78 -13.25 -1.20
N GLU J 192 -31.73 -11.97 -1.58
CA GLU J 192 -32.61 -11.54 -2.64
C GLU J 192 -31.96 -11.59 -4.02
N VAL J 193 -32.72 -11.19 -5.04
CA VAL J 193 -32.34 -11.41 -6.43
C VAL J 193 -31.12 -10.63 -6.83
N MET J 194 -31.05 -9.40 -6.36
CA MET J 194 -29.97 -8.47 -6.69
C MET J 194 -28.79 -8.68 -5.76
N PRO J 195 -27.60 -8.91 -6.32
CA PRO J 195 -26.46 -9.18 -5.48
C PRO J 195 -26.31 -8.07 -4.50
N GLY J 196 -26.28 -8.43 -3.22
CA GLY J 196 -26.13 -7.46 -2.15
C GLY J 196 -27.44 -7.09 -1.50
N GLN J 197 -28.52 -7.72 -1.94
CA GLN J 197 -29.86 -7.41 -1.47
C GLN J 197 -30.38 -8.59 -0.65
N TRP J 198 -31.09 -8.27 0.43
CA TRP J 198 -31.50 -9.26 1.40
C TRP J 198 -32.88 -8.99 1.93
N GLU J 199 -33.39 -9.97 2.66
CA GLU J 199 -34.74 -9.92 3.14
C GLU J 199 -34.82 -10.47 4.55
N PHE J 200 -35.73 -9.93 5.36
CA PHE J 200 -36.23 -10.63 6.55
C PHE J 200 -37.72 -10.39 6.67
N GLN J 201 -38.41 -11.32 7.34
CA GLN J 201 -39.86 -11.18 7.47
C GLN J 201 -40.18 -11.15 8.92
N VAL J 202 -40.95 -10.14 9.31
CA VAL J 202 -41.51 -10.06 10.67
C VAL J 202 -42.87 -10.76 10.67
N GLY J 203 -42.80 -12.02 11.19
CA GLY J 203 -43.82 -13.09 11.15
C GLY J 203 -45.15 -12.68 11.72
N PRO J 204 -46.17 -13.53 11.62
CA PRO J 204 -47.54 -13.01 11.77
C PRO J 204 -47.71 -12.22 13.11
N SER J 205 -47.88 -10.90 13.03
CA SER J 205 -48.02 -10.07 14.24
C SER J 205 -49.28 -9.21 14.20
N VAL J 206 -49.88 -9.00 15.37
CA VAL J 206 -51.25 -8.50 15.42
C VAL J 206 -51.33 -6.99 15.62
N GLY J 207 -51.94 -6.32 14.66
CA GLY J 207 -52.21 -4.88 14.78
C GLY J 207 -51.00 -4.01 15.01
N ILE J 208 -51.12 -3.15 16.01
CA ILE J 208 -50.09 -2.17 16.28
C ILE J 208 -48.69 -2.82 16.38
N SER J 209 -48.59 -3.93 17.11
CA SER J 209 -47.29 -4.56 17.37
C SER J 209 -46.51 -4.95 16.11
N SER J 210 -47.19 -5.02 14.97
CA SER J 210 -46.47 -5.22 13.69
C SER J 210 -45.60 -3.99 13.37
N GLY J 211 -46.21 -2.81 13.27
CA GLY J 211 -45.45 -1.59 13.08
C GLY J 211 -44.32 -1.45 14.09
N ASP J 212 -44.62 -1.71 15.36
CA ASP J 212 -43.64 -1.61 16.43
C ASP J 212 -42.45 -2.51 16.23
N GLN J 213 -42.69 -3.78 15.91
CA GLN J 213 -41.61 -4.73 15.66
C GLN J 213 -40.79 -4.41 14.43
N VAL J 214 -41.44 -4.09 13.33
CA VAL J 214 -40.72 -3.74 12.11
C VAL J 214 -39.75 -2.58 12.27
N TRP J 215 -40.14 -1.52 13.01
CA TRP J 215 -39.23 -0.42 13.25
C TRP J 215 -38.02 -0.86 14.09
N VAL J 216 -38.26 -1.53 15.20
CA VAL J 216 -37.18 -2.01 16.06
C VAL J 216 -36.29 -3.00 15.33
N ALA J 217 -36.88 -3.76 14.38
CA ALA J 217 -36.12 -4.68 13.56
C ALA J 217 -35.16 -3.87 12.72
N ARG J 218 -35.65 -2.77 12.16
CA ARG J 218 -34.82 -1.92 11.28
C ARG J 218 -33.75 -1.24 12.07
N TYR J 219 -34.06 -0.96 13.33
CA TYR J 219 -33.11 -0.29 14.17
C TYR J 219 -31.96 -1.26 14.37
N ILE J 220 -32.28 -2.50 14.73
CA ILE J 220 -31.26 -3.52 14.96
C ILE J 220 -30.42 -3.78 13.72
N LEU J 221 -31.05 -3.74 12.54
CA LEU J 221 -30.35 -3.96 11.26
C LEU J 221 -29.27 -2.92 11.05
N GLU J 222 -29.66 -1.67 11.18
CA GLU J 222 -28.74 -0.59 10.90
C GLU J 222 -27.64 -0.52 11.93
N ARG J 223 -27.96 -0.80 13.19
CA ARG J 223 -26.97 -0.81 14.28
C ARG J 223 -25.94 -1.90 14.00
N ILE J 224 -26.37 -2.99 13.38
CA ILE J 224 -25.45 -4.06 13.01
C ILE J 224 -24.59 -3.66 11.84
N THR J 225 -25.17 -3.10 10.78
CA THR J 225 -24.35 -2.59 9.69
C THR J 225 -23.34 -1.58 10.23
N GLU J 226 -23.77 -0.63 11.07
CA GLU J 226 -22.87 0.33 11.73
C GLU J 226 -21.59 -0.37 12.23
N ILE J 227 -21.76 -1.53 12.87
CA ILE J 227 -20.63 -2.29 13.42
C ILE J 227 -19.71 -2.76 12.29
N ALA J 228 -20.33 -3.21 11.22
CA ALA J 228 -19.62 -3.78 10.10
C ALA J 228 -19.03 -2.70 9.21
N GLY J 229 -19.35 -1.44 9.45
CA GLY J 229 -18.86 -0.36 8.58
C GLY J 229 -19.43 -0.48 7.19
N VAL J 230 -20.73 -0.72 7.14
CA VAL J 230 -21.47 -0.91 5.91
C VAL J 230 -22.73 -0.01 5.97
N VAL J 231 -23.19 0.48 4.81
CA VAL J 231 -24.42 1.32 4.80
C VAL J 231 -25.64 0.53 4.31
N VAL J 232 -26.81 0.80 4.90
CA VAL J 232 -28.09 0.27 4.43
C VAL J 232 -28.90 1.34 3.69
N THR J 233 -29.60 0.97 2.61
CA THR J 233 -30.72 1.81 2.11
C THR J 233 -31.96 1.03 2.02
N PHE J 234 -33.03 1.72 2.38
CA PHE J 234 -34.33 1.21 2.18
C PHE J 234 -34.93 1.78 0.90
N ASP J 235 -34.09 2.45 0.09
CA ASP J 235 -34.52 3.04 -1.18
C ASP J 235 -35.05 2.00 -2.15
N PRO J 236 -36.27 2.20 -2.64
CA PRO J 236 -37.01 1.22 -3.42
C PRO J 236 -36.32 0.73 -4.70
N LYS J 237 -35.42 1.52 -5.24
CA LYS J 237 -34.72 1.13 -6.44
C LYS J 237 -33.39 1.85 -6.42
N PRO J 238 -32.37 1.24 -5.77
CA PRO J 238 -31.12 1.92 -5.45
C PRO J 238 -30.19 1.99 -6.65
N ILE J 239 -30.28 1.01 -7.54
CA ILE J 239 -29.48 1.03 -8.75
C ILE J 239 -30.43 0.99 -9.90
N PRO J 240 -30.29 1.93 -10.86
CA PRO J 240 -31.12 1.97 -12.05
C PRO J 240 -30.73 0.86 -13.04
N GLY J 241 -31.64 0.55 -13.97
CA GLY J 241 -31.35 -0.44 -15.00
C GLY J 241 -31.89 -1.84 -14.67
N ASP J 242 -31.14 -2.85 -15.09
CA ASP J 242 -31.57 -4.25 -15.01
C ASP J 242 -31.17 -4.95 -13.69
N TRP J 243 -31.71 -4.41 -12.60
CA TRP J 243 -31.50 -4.91 -11.23
C TRP J 243 -32.77 -4.66 -10.41
N ASN J 244 -33.13 -5.64 -9.60
CA ASN J 244 -34.31 -5.57 -8.74
C ASN J 244 -34.37 -4.35 -7.79
N GLY J 245 -35.59 -3.86 -7.59
CA GLY J 245 -35.86 -2.86 -6.58
C GLY J 245 -36.16 -3.59 -5.30
N ALA J 246 -36.52 -2.84 -4.27
CA ALA J 246 -36.78 -3.42 -2.95
C ALA J 246 -38.12 -2.98 -2.43
N GLY J 247 -38.94 -3.96 -2.09
CA GLY J 247 -40.27 -3.70 -1.54
C GLY J 247 -40.45 -4.16 -0.12
N ALA J 248 -41.55 -3.73 0.49
CA ALA J 248 -41.91 -4.22 1.80
C ALA J 248 -43.25 -4.91 1.71
N HIS J 249 -43.28 -6.05 1.02
CA HIS J 249 -44.54 -6.80 0.83
C HIS J 249 -45.23 -6.94 2.18
N THR J 250 -46.50 -6.59 2.21
CA THR J 250 -47.28 -6.83 3.38
C THR J 250 -48.26 -7.95 3.15
N ASN J 251 -48.13 -9.03 3.92
CA ASN J 251 -49.11 -10.12 3.91
C ASN J 251 -50.13 -9.83 5.02
N TYR J 252 -51.38 -10.23 4.80
CA TYR J 252 -52.49 -9.82 5.63
C TYR J 252 -53.57 -10.87 5.74
N SER J 253 -54.19 -10.98 6.90
CA SER J 253 -55.36 -11.83 7.09
C SER J 253 -56.20 -11.35 8.29
N THR J 254 -57.51 -11.61 8.25
CA THR J 254 -58.41 -11.35 9.37
C THR J 254 -59.00 -12.66 9.90
N GLU J 255 -59.50 -12.63 11.13
CA GLU J 255 -60.17 -13.78 11.73
C GLU J 255 -61.01 -14.56 10.69
N SER J 256 -61.92 -13.85 10.02
CA SER J 256 -62.81 -14.45 9.04
C SER J 256 -62.09 -14.99 7.81
N MET J 257 -60.89 -14.50 7.53
CA MET J 257 -60.15 -14.90 6.35
C MET J 257 -59.41 -16.21 6.52
N ARG J 258 -59.04 -16.52 7.75
CA ARG J 258 -58.32 -17.77 8.00
C ARG J 258 -59.23 -18.93 8.51
N LYS J 259 -60.51 -18.60 8.75
CA LYS J 259 -61.57 -19.57 9.05
C LYS J 259 -62.17 -20.14 7.74
N GLU J 260 -63.11 -21.08 7.86
CA GLU J 260 -63.73 -21.74 6.69
C GLU J 260 -64.34 -20.76 5.68
N GLY J 261 -64.08 -21.03 4.40
CA GLY J 261 -64.48 -20.13 3.31
C GLY J 261 -64.08 -18.67 3.55
N GLY J 262 -62.82 -18.46 3.90
CA GLY J 262 -62.22 -17.14 4.00
C GLY J 262 -61.79 -16.61 2.64
N TYR J 263 -61.61 -17.53 1.68
CA TYR J 263 -61.19 -17.16 0.32
C TYR J 263 -62.19 -16.25 -0.39
N GLU J 264 -63.44 -16.24 0.08
CA GLU J 264 -64.43 -15.31 -0.44
C GLU J 264 -64.25 -13.93 0.14
N VAL J 265 -63.85 -13.88 1.42
CA VAL J 265 -63.60 -12.61 2.14
C VAL J 265 -62.32 -11.98 1.63
N ILE J 266 -61.39 -12.83 1.19
CA ILE J 266 -60.17 -12.38 0.54
C ILE J 266 -60.46 -11.62 -0.79
N LYS J 267 -61.18 -12.26 -1.70
CA LYS J 267 -61.56 -11.63 -2.95
C LYS J 267 -62.28 -10.30 -2.72
N ALA J 268 -63.18 -10.34 -1.74
CA ALA J 268 -63.96 -9.17 -1.34
C ALA J 268 -63.05 -8.04 -0.89
N ALA J 269 -62.01 -8.41 -0.14
CA ALA J 269 -61.01 -7.47 0.36
C ALA J 269 -60.19 -6.91 -0.79
N ILE J 270 -59.68 -7.80 -1.63
CA ILE J 270 -58.92 -7.42 -2.83
C ILE J 270 -59.71 -6.41 -3.64
N GLU J 271 -61.00 -6.73 -3.81
CA GLU J 271 -61.93 -5.86 -4.54
C GLU J 271 -61.94 -4.41 -4.04
N LYS J 272 -62.04 -4.24 -2.72
CA LYS J 272 -62.02 -2.94 -2.09
C LYS J 272 -60.69 -2.25 -2.33
N LEU J 273 -59.62 -3.04 -2.32
CA LEU J 273 -58.28 -2.51 -2.44
C LEU J 273 -58.03 -1.93 -3.81
N LYS J 274 -58.65 -2.54 -4.82
CA LYS J 274 -58.54 -2.06 -6.20
C LYS J 274 -59.10 -0.66 -6.33
N LEU J 275 -60.19 -0.39 -5.62
CA LEU J 275 -60.89 0.91 -5.71
C LEU J 275 -60.06 2.03 -5.10
N ARG J 276 -59.23 1.69 -4.12
CA ARG J 276 -58.44 2.69 -3.40
C ARG J 276 -56.93 2.61 -3.72
N HIS J 277 -56.61 1.84 -4.75
CA HIS J 277 -55.24 1.75 -5.26
C HIS J 277 -54.61 3.13 -5.33
N LYS J 278 -55.27 4.06 -6.01
CA LYS J 278 -54.76 5.43 -6.17
C LYS J 278 -54.21 6.03 -4.86
N GLU J 279 -55.01 5.96 -3.79
CA GLU J 279 -54.69 6.66 -2.56
C GLU J 279 -53.80 5.83 -1.64
N HIS J 280 -53.70 4.54 -1.92
CA HIS J 280 -52.77 3.65 -1.23
C HIS J 280 -51.36 3.87 -1.79
N ILE J 281 -51.20 3.88 -3.11
CA ILE J 281 -49.92 4.20 -3.75
C ILE J 281 -49.33 5.49 -3.18
N ALA J 282 -50.18 6.47 -2.88
CA ALA J 282 -49.75 7.77 -2.34
C ALA J 282 -49.04 7.68 -0.97
N ALA J 283 -49.35 6.64 -0.18
CA ALA J 283 -48.76 6.45 1.16
C ALA J 283 -47.80 5.27 1.22
N TYR J 284 -47.70 4.50 0.13
CA TYR J 284 -46.83 3.32 0.09
C TYR J 284 -45.32 3.62 -0.05
N GLY J 285 -44.91 4.82 0.35
CA GLY J 285 -43.50 5.23 0.36
C GLY J 285 -43.04 5.96 -0.89
N GLU J 286 -42.19 6.96 -0.70
CA GLU J 286 -41.73 7.79 -1.81
C GLU J 286 -40.56 7.20 -2.60
N GLY J 287 -40.52 7.55 -3.88
CA GLY J 287 -39.59 6.97 -4.82
C GLY J 287 -40.16 5.76 -5.54
N ASN J 288 -41.37 5.32 -5.16
CA ASN J 288 -41.91 4.07 -5.65
C ASN J 288 -42.08 4.02 -7.16
N GLU J 289 -42.21 5.18 -7.81
CA GLU J 289 -42.37 5.26 -9.26
C GLU J 289 -41.20 4.59 -9.96
N ARG J 290 -40.04 4.62 -9.33
CA ARG J 290 -38.84 4.10 -9.93
C ARG J 290 -38.80 2.59 -9.80
N ARG J 291 -39.58 2.03 -8.86
CA ARG J 291 -39.57 0.59 -8.61
C ARG J 291 -40.62 -0.14 -9.39
N LEU J 292 -41.86 0.29 -9.21
CA LEU J 292 -43.01 -0.39 -9.80
C LEU J 292 -43.11 -0.07 -11.28
N THR J 293 -42.53 -0.94 -12.09
CA THR J 293 -42.43 -0.69 -13.49
C THR J 293 -43.09 -1.81 -14.27
N GLY J 294 -43.52 -2.85 -13.58
CA GLY J 294 -44.12 -4.02 -14.24
C GLY J 294 -43.09 -5.09 -14.55
N ARG J 295 -41.83 -4.70 -14.65
CA ARG J 295 -40.71 -5.63 -14.76
C ARG J 295 -40.13 -5.90 -13.37
N HIS J 296 -39.26 -6.92 -13.26
CA HIS J 296 -38.53 -7.23 -12.03
C HIS J 296 -39.43 -7.67 -10.87
N GLU J 297 -40.46 -8.45 -11.21
CA GLU J 297 -41.40 -8.96 -10.22
C GLU J 297 -42.16 -7.85 -9.47
N THR J 298 -42.63 -6.86 -10.21
CA THR J 298 -43.50 -5.82 -9.68
C THR J 298 -44.64 -5.61 -10.68
N ALA J 299 -45.70 -4.94 -10.23
CA ALA J 299 -46.78 -4.52 -11.13
C ALA J 299 -46.66 -3.02 -11.39
N ASP J 300 -46.97 -2.60 -12.62
CA ASP J 300 -46.93 -1.18 -12.98
C ASP J 300 -47.72 -0.33 -11.98
N ILE J 301 -47.20 0.85 -11.61
CA ILE J 301 -47.80 1.74 -10.59
C ILE J 301 -49.23 2.11 -10.95
N ASN J 302 -49.49 2.28 -12.24
CA ASN J 302 -50.76 2.80 -12.75
C ASN J 302 -51.89 1.78 -12.88
N THR J 303 -51.57 0.52 -13.13
CA THR J 303 -52.58 -0.52 -13.13
C THR J 303 -52.63 -1.21 -11.77
N PHE J 304 -53.82 -1.69 -11.40
CA PHE J 304 -53.98 -2.64 -10.30
C PHE J 304 -54.27 -4.05 -10.86
N SER J 305 -53.59 -5.07 -10.35
CA SER J 305 -53.89 -6.45 -10.73
C SER J 305 -53.76 -7.41 -9.55
N TRP J 306 -54.22 -8.65 -9.77
CA TRP J 306 -54.01 -9.74 -8.83
C TRP J 306 -54.12 -11.12 -9.51
N GLY J 307 -53.27 -12.05 -9.09
CA GLY J 307 -53.28 -13.40 -9.63
C GLY J 307 -53.04 -14.43 -8.55
N VAL J 308 -52.84 -15.67 -8.94
CA VAL J 308 -52.60 -16.69 -7.93
C VAL J 308 -51.11 -16.86 -7.64
N ALA J 309 -50.34 -17.50 -8.50
CA ALA J 309 -48.92 -17.59 -8.18
C ALA J 309 -48.12 -16.45 -8.86
N ASN J 310 -48.82 -15.36 -9.15
CA ASN J 310 -48.27 -14.30 -9.99
C ASN J 310 -47.48 -13.22 -9.27
N ARG J 311 -46.17 -13.25 -9.46
CA ARG J 311 -45.28 -12.21 -8.95
C ARG J 311 -45.26 -10.93 -9.80
N GLY J 312 -45.82 -10.99 -11.00
CA GLY J 312 -46.03 -9.78 -11.79
C GLY J 312 -47.23 -8.94 -11.39
N ALA J 313 -48.00 -9.41 -10.41
CA ALA J 313 -49.25 -8.74 -9.98
C ALA J 313 -49.11 -7.76 -8.78
N SER J 314 -50.16 -6.96 -8.56
CA SER J 314 -50.18 -5.96 -7.51
C SER J 314 -50.49 -6.63 -6.21
N VAL J 315 -51.34 -7.66 -6.25
CA VAL J 315 -51.60 -8.49 -5.07
C VAL J 315 -51.42 -9.92 -5.51
N ARG J 316 -50.96 -10.79 -4.62
CA ARG J 316 -50.77 -12.20 -4.94
C ARG J 316 -51.39 -13.06 -3.84
N VAL J 317 -52.07 -14.14 -4.24
CA VAL J 317 -52.64 -15.09 -3.28
C VAL J 317 -52.04 -16.48 -3.44
N GLY J 318 -51.27 -16.92 -2.45
CA GLY J 318 -50.52 -18.18 -2.57
C GLY J 318 -51.32 -19.36 -3.08
N ARG J 319 -50.62 -20.25 -3.80
CA ARG J 319 -51.18 -21.52 -4.24
C ARG J 319 -51.85 -22.23 -3.07
N GLU J 320 -51.15 -22.28 -1.95
CA GLU J 320 -51.57 -22.97 -0.74
C GLU J 320 -52.87 -22.45 -0.13
N THR J 321 -53.02 -21.14 -0.05
CA THR J 321 -54.23 -20.57 0.55
C THR J 321 -55.42 -20.58 -0.43
N GLU J 322 -55.15 -20.77 -1.73
CA GLU J 322 -56.26 -20.94 -2.71
C GLU J 322 -56.88 -22.34 -2.60
N GLN J 323 -56.00 -23.33 -2.63
CA GLN J 323 -56.33 -24.73 -2.54
C GLN J 323 -56.99 -25.07 -1.20
N ASN J 324 -56.72 -24.27 -0.17
CA ASN J 324 -57.28 -24.49 1.16
C ASN J 324 -58.56 -23.70 1.47
N GLY J 325 -58.97 -22.87 0.53
CA GLY J 325 -60.14 -22.00 0.69
C GLY J 325 -60.04 -21.02 1.84
N LYS J 326 -58.90 -21.00 2.50
CA LYS J 326 -58.59 -20.10 3.62
C LYS J 326 -57.09 -19.74 3.73
N GLY J 327 -56.79 -18.46 3.97
CA GLY J 327 -55.41 -18.03 4.22
C GLY J 327 -55.16 -16.54 4.34
N TYR J 328 -54.18 -16.04 3.60
CA TYR J 328 -53.80 -14.64 3.60
C TYR J 328 -53.47 -14.18 2.18
N PHE J 329 -53.40 -12.88 1.95
CA PHE J 329 -52.91 -12.43 0.67
C PHE J 329 -51.75 -11.48 0.86
N GLU J 330 -51.04 -11.19 -0.24
CA GLU J 330 -49.78 -10.45 -0.19
C GLU J 330 -49.90 -9.17 -1.02
N ASP J 331 -49.94 -8.00 -0.38
CA ASP J 331 -49.93 -6.74 -1.11
C ASP J 331 -48.50 -6.39 -1.46
N ARG J 332 -48.12 -6.55 -2.72
CA ARG J 332 -46.73 -6.36 -3.12
C ARG J 332 -46.37 -4.93 -3.45
N ARG J 333 -47.31 -4.02 -3.30
CA ARG J 333 -47.12 -2.63 -3.71
C ARG J 333 -46.20 -1.78 -2.80
N PRO J 334 -46.25 -1.94 -1.46
CA PRO J 334 -45.45 -1.03 -0.61
C PRO J 334 -43.94 -1.14 -0.87
N ALA J 335 -43.28 0.00 -1.01
CA ALA J 335 -41.82 0.06 -1.16
C ALA J 335 -41.07 -0.20 0.15
N SER J 336 -39.81 -0.60 0.03
CA SER J 336 -39.00 -0.89 1.19
C SER J 336 -38.96 0.20 2.27
N ASN J 337 -39.16 1.45 1.88
CA ASN J 337 -39.14 2.61 2.78
C ASN J 337 -40.52 3.03 3.30
N MET J 338 -41.45 2.09 3.19
CA MET J 338 -42.79 2.18 3.78
C MET J 338 -42.74 2.38 5.29
N ASP J 339 -43.64 3.20 5.80
CA ASP J 339 -43.83 3.25 7.23
C ASP J 339 -44.83 2.18 7.58
N PRO J 340 -44.43 1.17 8.38
CA PRO J 340 -45.37 0.08 8.64
C PRO J 340 -46.62 0.52 9.39
N TYR J 341 -46.52 1.54 10.23
CA TYR J 341 -47.68 2.10 10.90
C TYR J 341 -48.77 2.54 9.92
N VAL J 342 -48.35 3.27 8.89
CA VAL J 342 -49.25 3.82 7.90
C VAL J 342 -49.85 2.70 7.06
N VAL J 343 -48.99 1.88 6.44
CA VAL J 343 -49.43 0.78 5.56
C VAL J 343 -50.28 -0.28 6.29
N THR J 344 -49.82 -0.68 7.47
CA THR J 344 -50.48 -1.70 8.24
C THR J 344 -51.90 -1.28 8.65
N SER J 345 -52.10 -0.06 9.13
CA SER J 345 -53.43 0.36 9.55
C SER J 345 -54.35 0.66 8.36
N MET J 346 -53.81 1.35 7.35
CA MET J 346 -54.55 1.71 6.13
C MET J 346 -55.07 0.49 5.33
N ILE J 347 -54.48 -0.68 5.55
CA ILE J 347 -54.98 -1.90 4.91
C ILE J 347 -56.15 -2.38 5.75
N ALA J 348 -56.06 -2.28 7.07
CA ALA J 348 -57.16 -2.69 7.93
C ALA J 348 -58.34 -1.74 7.77
N GLU J 349 -58.05 -0.50 7.39
CA GLU J 349 -59.06 0.51 7.24
C GLU J 349 -59.81 0.34 5.93
N THR J 350 -59.09 0.29 4.80
CA THR J 350 -59.70 0.06 3.49
C THR J 350 -60.35 -1.32 3.38
N THR J 351 -60.10 -2.19 4.35
CA THR J 351 -60.57 -3.57 4.29
C THR J 351 -61.73 -3.91 5.22
N ILE J 352 -61.77 -3.27 6.39
CA ILE J 352 -62.84 -3.51 7.35
C ILE J 352 -63.81 -2.33 7.42
N VAL J 353 -63.35 -1.15 7.87
CA VAL J 353 -64.24 0.00 8.12
C VAL J 353 -64.96 0.58 6.87
N TRP J 354 -64.21 0.93 5.84
CA TRP J 354 -64.73 1.63 4.65
C TRP J 354 -65.62 0.74 3.79
N LYS J 355 -66.65 1.34 3.16
CA LYS J 355 -67.58 0.68 2.17
C LYS J 355 -67.89 1.50 0.87
MN MN K . 22.49 -17.62 -31.39
MN MN L . 24.59 -21.21 -31.17
MN MN M . 21.20 -19.20 -28.19
PG ANP N . 21.80 -20.06 -31.32
O1G ANP N . 21.74 -21.56 -31.39
O2G ANP N . 22.49 -19.53 -30.04
O3G ANP N . 20.38 -19.50 -31.30
PB ANP N . 23.23 -19.64 -33.92
O1B ANP N . 23.81 -20.99 -33.91
O2B ANP N . 22.11 -19.45 -34.85
N3B ANP N . 22.84 -19.32 -32.45
PA ANP N . 24.45 -17.02 -34.15
O1A ANP N . 23.55 -16.04 -34.91
O2A ANP N . 24.13 -16.82 -32.74
O3A ANP N . 24.23 -18.57 -34.59
O5' ANP N . 25.86 -16.23 -34.48
C5' ANP N . 27.29 -16.76 -34.60
C4' ANP N . 28.02 -15.70 -34.90
O4' ANP N . 29.42 -15.79 -35.19
C3' ANP N . 27.67 -14.22 -35.24
O3' ANP N . 28.36 -13.22 -34.61
C2' ANP N . 28.05 -14.60 -36.73
O2' ANP N . 28.57 -13.20 -37.12
C1' ANP N . 29.30 -15.42 -36.55
N9 ANP N . 30.11 -15.75 -37.55
C8 ANP N . 29.95 -15.43 -38.89
N7 ANP N . 30.82 -15.83 -39.72
C5 ANP N . 31.67 -16.46 -38.90
C6 ANP N . 32.85 -17.08 -39.27
N6 ANP N . 33.41 -17.20 -40.49
N1 ANP N . 33.56 -17.68 -38.24
C2 ANP N . 33.06 -17.62 -36.92
N3 ANP N . 31.95 -17.04 -36.47
C4 ANP N . 31.27 -16.45 -37.56
MN MN O . -14.59 -1.06 -39.92
MN MN P . -16.68 -4.41 -41.71
MN MN Q . -15.33 -3.26 -36.72
PG ANP R . -16.80 -2.48 -39.48
O1G ANP R . -17.82 -3.52 -39.63
O2G ANP R . -15.47 -2.94 -38.88
O3G ANP R . -17.42 -1.41 -38.65
PB ANP R . -16.62 -1.35 -42.37
O1B ANP R . -16.94 -2.41 -43.37
O2B ANP R . -17.69 -0.46 -42.00
N3B ANP R . -16.16 -2.02 -40.99
PA ANP R . -14.03 -0.13 -43.03
O1A ANP R . -13.62 1.33 -42.84
O2A ANP R . -13.60 -0.99 -41.93
O3A ANP R . -15.65 -0.23 -43.05
O5' ANP R . -13.04 -0.29 -44.34
C5' ANP R . -12.84 -1.38 -45.43
C4' ANP R . -11.63 -1.19 -45.98
O4' ANP R . -11.16 -1.90 -47.14
C3' ANP R . -10.57 -0.06 -45.82
O3' ANP R . -9.23 -0.35 -45.81
C2' ANP R . -11.20 0.52 -47.15
O2' ANP R . -9.94 1.33 -47.52
C1' ANP R . -11.27 -0.74 -47.97
N9 ANP R . -11.46 -0.67 -49.28
C8 ANP R . -11.63 0.54 -49.96
N7 ANP R . -11.78 0.50 -51.23
C5 ANP R . -11.70 -0.83 -51.48
C6 ANP R . -11.80 -1.45 -52.71
N6 ANP R . -11.97 -0.87 -53.92
N1 ANP R . -11.71 -2.87 -52.73
C2 ANP R . -11.51 -3.56 -51.52
N3 ANP R . -11.40 -3.04 -50.29
C4 ANP R . -11.51 -1.61 -50.31
MN MN S . -18.28 33.69 -17.86
MN MN T . -22.50 34.45 -18.17
MN MN U . -19.57 31.09 -15.61
OXT MSL V . 22.00 -24.11 -23.02
C MSL V . 22.13 -23.57 -24.16
O MSL V . 23.28 -23.42 -24.64
CA MSL V . 20.89 -23.07 -24.95
N MSL V . 20.49 -21.72 -24.57
CB MSL V . 20.95 -23.18 -26.49
CG MSL V . 19.84 -22.31 -27.15
SD MSL V . 20.01 -22.08 -28.80
OE MSL V . 20.17 -23.40 -29.39
NE MSL V . 21.19 -21.15 -29.01
CE MSL V . 18.68 -21.36 -29.50
OXT MSL W . -18.30 -9.43 -34.42
C MSL W . -17.68 -8.54 -35.13
O MSL W . -16.83 -8.93 -35.97
CA MSL W . -17.93 -6.99 -35.01
N MSL W . -16.99 -6.29 -34.13
CB MSL W . -17.99 -6.21 -36.34
CG MSL W . -19.20 -5.29 -36.56
SD MSL W . -18.65 -3.73 -36.77
OE MSL W . -19.23 -2.91 -37.82
NE MSL W . -17.15 -3.73 -36.89
CE MSL W . -18.96 -2.92 -35.34
OXT MSL X . -25.49 28.19 -12.41
C MSL X . -24.71 28.69 -13.27
O MSL X . -25.08 28.63 -14.49
CA MSL X . -23.39 29.39 -12.87
N MSL X . -22.18 28.54 -12.76
CB MSL X . -23.07 30.63 -13.73
CG MSL X . -22.98 31.92 -12.90
SD MSL X . -21.48 32.66 -13.00
OE MSL X . -21.70 34.07 -13.18
NE MSL X . -20.76 31.96 -14.12
CE MSL X . -20.54 32.66 -11.62
OXT MSL Y . 39.64 4.59 5.64
C MSL Y . 39.87 4.94 4.46
O MSL Y . 40.33 6.07 4.18
CA MSL Y . 39.53 3.97 3.38
N MSL Y . 38.09 4.12 3.10
CB MSL Y . 40.43 4.14 2.14
CG MSL Y . 40.26 3.00 1.12
SD MSL Y . 41.26 3.18 -0.20
OE MSL Y . 42.61 2.87 0.14
NE MSL Y . 41.12 4.64 -0.60
CE MSL Y . 40.92 2.12 -1.44
OXT MSL Z . 9.57 37.19 11.31
C MSL Z . 10.74 37.67 11.25
O MSL Z . 10.97 38.89 11.46
CA MSL Z . 11.93 36.79 10.90
N MSL Z . 11.59 35.51 10.25
CB MSL Z . 12.94 37.58 10.06
CG MSL Z . 14.34 37.56 10.70
SD MSL Z . 15.58 37.17 9.63
OE MSL Z . 16.60 38.16 9.84
NE MSL Z . 15.05 37.24 8.21
CE MSL Z . 16.29 35.67 9.86
OXT MSL AA . 17.43 10.77 34.61
C MSL AA . 16.61 10.12 35.31
O MSL AA . 17.01 9.18 36.05
CA MSL AA . 15.13 10.50 35.27
N MSL AA . 14.33 9.72 34.32
CB MSL AA . 14.45 10.42 36.65
CG MSL AA . 13.03 11.04 36.59
SD MSL AA . 12.23 10.84 38.05
OE MSL AA . 12.79 11.72 39.06
NE MSL AA . 12.29 9.37 38.41
CE MSL AA . 10.64 11.29 37.91
OXT MSL BA . 25.62 -27.58 13.39
C MSL BA . 25.29 -28.00 14.53
O MSL BA . 25.05 -29.24 14.69
CA MSL BA . 25.20 -27.00 15.70
N MSL BA . 24.04 -26.06 15.57
CB MSL BA . 25.21 -27.66 17.11
CG MSL BA . 26.00 -26.90 18.20
SD MSL BA . 25.03 -26.30 19.43
OE MSL BA . 25.54 -26.45 20.76
NE MSL BA . 23.71 -27.01 19.23
CE MSL BA . 24.82 -24.66 19.45
OXT MSL CA . -9.23 -37.29 -11.92
C MSL CA . -9.37 -37.94 -10.82
O MSL CA . -10.40 -38.65 -10.62
CA MSL CA . -8.25 -37.92 -9.76
N MSL CA . -8.22 -36.72 -8.91
CB MSL CA . -8.20 -39.17 -8.87
CG MSL CA . -6.83 -39.30 -8.20
SD MSL CA . -6.89 -40.26 -6.85
OE MSL CA . -6.66 -41.61 -7.24
NE MSL CA . -8.28 -40.12 -6.28
CE MSL CA . -5.70 -39.86 -5.73
OXT MSL DA . -39.09 -5.37 -6.14
C MSL DA . -39.49 -6.37 -5.51
O MSL DA . -40.56 -6.31 -4.86
CA MSL DA . -38.69 -7.68 -5.53
N MSL DA . -37.48 -7.55 -4.72
CB MSL DA . -39.55 -8.89 -5.13
CG MSL DA . -38.98 -10.24 -5.55
SD MSL DA . -39.40 -11.51 -4.53
OE MSL DA . -40.61 -12.16 -4.96
NE MSL DA . -39.40 -10.99 -3.12
CE MSL DA . -38.25 -12.71 -4.60
OXT MSL EA . -22.62 23.52 22.78
C MSL EA . -23.70 23.02 23.25
O MSL EA . -24.13 23.46 24.38
CA MSL EA . -24.51 21.97 22.43
N MSL EA . -23.75 20.72 22.21
CB MSL EA . -26.02 21.76 22.81
CG MSL EA . -26.63 20.45 22.30
SD MSL EA . -27.87 19.90 23.30
OE MSL EA . -28.65 21.09 23.45
NE MSL EA . -27.43 19.24 24.61
CE MSL EA . -28.70 18.70 22.53
PG ANP FA . -20.54 34.15 -16.01
O1G ANP FA . -21.85 34.38 -15.43
O2G ANP FA . -20.64 32.78 -16.77
O3G ANP FA . -19.42 34.14 -14.97
PB ANP FA . -20.12 36.39 -18.19
O1B ANP FA . -21.47 36.98 -18.20
O2B ANP FA . -18.98 37.24 -17.81
N3B ANP FA . -20.12 35.03 -17.40
PA ANP FA . -18.16 35.95 -20.22
O1A ANP FA . -17.23 37.08 -19.65
O2A ANP FA . -17.59 34.70 -19.73
O3A ANP FA . -19.69 36.09 -19.70
O5' ANP FA . -18.02 36.14 -21.90
C5' ANP FA . -19.13 36.30 -22.98
C4' ANP FA . -18.67 36.09 -24.23
O4' ANP FA . -19.48 36.27 -25.44
C3' ANP FA . -17.29 35.89 -24.90
O3' ANP FA . -17.11 35.12 -26.03
C2' ANP FA . -17.45 37.44 -25.14
O2' ANP FA . -16.32 37.57 -26.18
C1' ANP FA . -18.79 37.42 -25.85
N9 ANP FA . -19.19 38.37 -26.69
C8 ANP FA . -18.47 39.51 -26.99
N7 ANP FA . -18.97 40.36 -27.80
C5 ANP FA . -20.14 39.77 -28.12
C6 ANP FA . -21.13 40.26 -29.00
N6 ANP FA . -21.15 41.38 -29.75
N1 ANP FA . -22.30 39.48 -29.18
C2 ANP FA . -22.39 38.27 -28.46
N3 ANP FA . -21.49 37.72 -27.59
C4 ANP FA . -20.33 38.54 -27.45
MN MN GA . 41.61 7.25 -4.19
MN MN HA . 44.41 7.34 -1.25
MN MN IA . 39.73 5.76 -1.48
PG ANP JA . 42.60 5.07 -2.81
O1G ANP JA . 43.53 4.54 -1.85
O2G ANP JA . 41.78 6.22 -2.15
O3G ANP JA . 41.74 3.94 -3.29
PB ANP JA . 44.71 6.62 -4.45
O1B ANP JA . 45.54 6.36 -3.23
O2B ANP JA . 45.29 6.06 -5.74
N3B ANP JA . 43.29 5.91 -4.13
PA ANP JA . 43.78 8.96 -5.99
O1A ANP JA . 43.95 8.18 -7.33
O2A ANP JA . 42.31 8.96 -5.68
O3A ANP JA . 44.76 8.27 -4.79
O5' ANP JA . 44.33 10.44 -6.53
C5' ANP JA . 45.35 11.42 -5.95
C4' ANP JA . 45.20 12.56 -6.61
O4' ANP JA . 46.07 13.69 -6.40
C3' ANP JA . 44.42 13.04 -7.86
O3' ANP JA . 43.90 14.32 -7.87
C2' ANP JA . 45.80 12.77 -8.58
O2' ANP JA . 45.53 13.58 -9.86
C1' ANP JA . 46.72 13.55 -7.64
N9 ANP JA . 47.94 13.99 -7.90
C8 ANP JA . 48.68 13.85 -9.05
N7 ANP JA . 49.85 14.36 -9.10
C5 ANP JA . 49.94 14.92 -7.88
C6 ANP JA . 51.02 15.63 -7.31
N6 ANP JA . 52.23 15.97 -7.85
N1 ANP JA . 50.86 16.10 -5.99
C2 ANP JA . 49.65 15.83 -5.32
N3 ANP JA . 48.56 15.17 -5.76
C4 ANP JA . 48.78 14.71 -7.09
MN MN KA . 16.37 39.10 4.06
MN MN LA . 15.37 41.81 6.70
MN MN MA . 14.36 36.93 6.29
PG ANP NA . 16.74 39.01 6.66
O1G ANP NA . 15.41 39.51 7.14
O2G ANP NA . 16.65 37.85 5.59
O3G ANP NA . 17.41 38.31 7.80
PB ANP NA . 18.18 41.46 5.22
O1B ANP NA . 18.18 42.32 6.43
O2B ANP NA . 19.48 41.53 4.52
N3B ANP NA . 17.84 39.93 5.69
PA ANP NA . 17.49 41.58 2.36
O1A ANP NA . 18.97 41.31 2.05
O2A ANP NA . 16.85 40.25 2.06
O3A ANP NA . 17.18 42.02 3.98
O5' ANP NA . 17.24 42.66 1.12
C5' ANP NA . 16.63 44.05 1.18
C4' ANP NA . 16.43 44.44 -0.08
O4' ANP NA . 15.97 45.78 -0.42
C3' ANP NA . 16.82 43.91 -1.49
O3' ANP NA . 16.04 44.17 -2.59
C2' ANP NA . 18.03 44.90 -1.21
O2' ANP NA . 18.51 44.93 -2.67
C1' ANP NA . 17.23 46.17 -0.90
N9 ANP NA . 17.67 47.41 -1.08
C8 ANP NA . 18.94 47.79 -1.52
N7 ANP NA . 19.19 49.02 -1.63
C5 ANP NA . 18.01 49.57 -1.24
C6 ANP NA . 17.68 50.91 -1.15
N6 ANP NA . 18.44 52.01 -1.44
N1 ANP NA . 16.39 51.22 -0.71
C2 ANP NA . 15.53 50.16 -0.37
N3 ANP NA . 15.74 48.84 -0.42
C4 ANP NA . 17.05 48.60 -0.88
MN MN OA . 21.05 -29.07 22.49
MN MN PA . 24.17 -31.36 21.33
MN MN QA . 21.80 -27.13 19.49
PG ANP RA . 23.73 -28.35 21.98
O1G ANP RA . 25.12 -28.61 21.51
O2G ANP RA . 22.60 -29.10 20.90
O3G ANP RA . 23.29 -26.79 22.06
PB ANP RA . 23.42 -30.43 24.25
O1B ANP RA . 24.67 -31.08 23.76
O2B ANP RA . 23.42 -29.98 25.67
N3B ANP RA . 23.16 -29.17 23.33
PA ANP RA . 20.67 -31.47 24.82
O1A ANP RA . 20.68 -31.65 26.40
O2A ANP RA . 19.90 -30.19 24.58
O3A ANP RA . 22.20 -31.58 24.11
O5' ANP RA . 19.75 -32.82 24.49
C5' ANP RA . 20.15 -34.31 24.58
C4' ANP RA . 19.21 -35.04 25.16
O4' ANP RA . 19.51 -36.42 25.35
C3' ANP RA . 17.87 -34.82 25.92
O3' ANP RA . 16.77 -35.63 25.69
C2' ANP RA . 18.71 -35.16 27.21
O2' ANP RA . 17.60 -35.28 28.27
C1' ANP RA . 19.29 -36.49 26.75
N9 ANP RA . 19.58 -37.57 27.50
C8 ANP RA . 19.43 -37.71 28.88
N7 ANP RA . 19.76 -38.82 29.43
C5 ANP RA . 20.19 -39.51 28.36
C6 ANP RA . 20.68 -40.80 28.34
N6 ANP RA . 20.84 -41.67 29.38
N1 ANP RA . 21.07 -41.31 27.10
C2 ANP RA . 20.95 -40.51 25.96
N3 ANP RA . 20.49 -39.27 25.87
C4 ANP RA . 20.10 -38.79 27.16
MN MN SA . 9.82 6.47 40.80
MN MN TA . 13.53 7.87 42.32
MN MN UA . 11.39 7.62 37.69
PG ANP VA . 11.03 8.82 40.77
O1G ANP VA . 12.00 9.90 41.00
O2G ANP VA . 11.65 7.60 40.02
O3G ANP VA . 9.91 9.43 39.96
PB ANP VA . 10.44 7.86 43.66
O1B ANP VA . 11.34 8.89 44.21
O2B ANP VA . 9.09 7.98 44.13
N3B ANP VA . 10.51 7.89 42.09
PA ANP VA . 9.73 5.12 43.82
O1A ANP VA . 8.26 5.36 44.13
O2A ANP VA . 9.75 4.95 42.37
O3A ANP VA . 10.64 6.40 44.23
O5' ANP VA . 9.96 3.69 44.64
C5' ANP VA . 11.05 3.32 45.63
C4' ANP VA . 10.68 2.15 46.14
O4' ANP VA . 11.48 1.53 47.19
C3' ANP VA . 9.43 1.23 46.01
O3' ANP VA . 9.58 -0.11 45.68
C2' ANP VA . 9.09 1.55 47.53
O2' ANP VA . 8.26 0.28 47.85
C1' ANP VA . 10.47 1.48 48.18
N9 ANP VA . 10.71 1.40 49.50
C8 ANP VA . 9.80 1.38 50.53
N7 ANP VA . 10.22 1.29 51.74
C5 ANP VA . 11.54 1.23 51.54
C6 ANP VA . 12.51 1.11 52.52
N6 ANP VA . 12.41 1.03 53.87
N1 ANP VA . 13.82 1.07 52.05
C2 ANP VA . 14.05 1.14 50.66
N3 ANP VA . 13.19 1.24 49.65
C4 ANP VA . 11.90 1.29 50.18
MN MN WA . -28.20 15.84 27.42
MN MN XA . -28.45 20.27 28.35
MN MN YA . -25.87 17.84 24.58
PG ANP ZA . -28.65 18.13 26.13
O1G ANP ZA . -29.16 19.48 25.87
O2G ANP ZA . -27.12 17.85 26.12
O3G ANP ZA . -29.23 17.33 25.07
PB ANP ZA . -30.43 17.63 28.63
O1B ANP ZA . -31.01 19.00 28.79
O2B ANP ZA . -31.33 16.57 28.19
N3B ANP ZA . -29.10 17.58 27.70
PA ANP ZA . -29.67 15.46 30.28
O1A ANP ZA . -30.44 14.32 29.55
O2A ANP ZA . -28.34 15.65 29.62
O3A ANP ZA . -30.45 16.85 30.01
O5' ANP ZA . -29.48 15.03 31.89
C5' ANP ZA . -29.40 15.99 33.12
C4' ANP ZA . -29.00 15.25 34.12
O4' ANP ZA . -28.92 15.68 35.49
C3' ANP ZA . -28.82 13.76 34.31
O3' ANP ZA . -27.85 13.31 35.15
C2' ANP ZA . -30.29 13.92 34.90
O2' ANP ZA . -30.08 12.71 35.82
C1' ANP ZA . -30.11 15.07 35.85
N9 ANP ZA . -30.91 15.38 36.88
C8 ANP ZA . -32.15 14.83 37.25
N7 ANP ZA . -32.75 15.33 38.27
C5 ANP ZA . -31.88 16.31 38.65
C6 ANP ZA . -31.95 17.25 39.72
N6 ANP ZA . -32.84 17.49 40.71
N1 ANP ZA . -30.92 18.13 39.85
C2 ANP ZA . -29.86 18.04 38.92
N3 ANP ZA . -29.67 17.23 37.89
C4 ANP ZA . -30.75 16.35 37.80
MN MN AB . -9.88 -41.10 -2.06
MN MN BB . -10.91 -43.34 -5.53
MN MN CB . -8.85 -38.83 -4.71
PG ANP DB . -8.64 -42.10 -4.32
O1G ANP DB . -8.57 -42.71 -5.67
O2G ANP DB . -9.59 -40.87 -4.34
O3G ANP DB . -7.25 -41.66 -3.87
PB ANP DB . -9.90 -44.35 -2.64
O1B ANP DB . -10.14 -45.21 -3.85
O2B ANP DB . -8.76 -44.66 -1.74
N3B ANP DB . -9.59 -42.88 -3.14
PA ANP DB . -11.47 -43.87 -0.23
O1A ANP DB . -10.88 -44.48 1.07
O2A ANP DB . -10.91 -42.52 -0.32
O3A ANP DB . -11.09 -44.64 -1.60
O5' ANP DB . -13.09 -43.91 0.07
C5' ANP DB . -14.19 -44.78 -0.50
C4' ANP DB . -15.08 -44.88 0.49
O4' ANP DB . -16.27 -45.69 0.38
C3' ANP DB . -15.12 -44.49 1.99
O3' ANP DB . -16.27 -43.87 2.46
C2' ANP DB . -14.87 -46.05 2.28
O2' ANP DB . -15.16 -46.11 3.79
C1' ANP DB . -15.98 -46.64 1.40
N9 ANP DB . -16.60 -47.81 1.50
C8 ANP DB . -16.38 -48.81 2.42
N7 ANP DB . -17.09 -49.86 2.36
C5 ANP DB . -17.87 -49.59 1.31
C6 ANP DB . -18.86 -50.40 0.78
N6 ANP DB . -19.25 -51.64 1.17
N1 ANP DB . -19.57 -49.91 -0.33
C2 ANP DB . -19.23 -48.63 -0.82
N3 ANP DB . -18.30 -47.78 -0.37
C4 ANP DB . -17.62 -48.34 0.74
MN MN EB . -40.40 -13.38 0.94
MN MN FB . -43.63 -11.43 -1.16
MN MN GB . -38.48 -10.88 -1.49
PG ANP HB . -41.04 -12.74 -1.77
O1G ANP HB . -41.83 -12.46 -2.97
O2G ANP HB . -40.53 -11.48 -1.04
O3G ANP HB . -39.86 -13.58 -2.25
PB ANP HB . -43.26 -14.45 -0.22
O1B ANP HB . -44.50 -13.79 -0.71
O2B ANP HB . -42.94 -15.79 -0.72
N3B ANP HB . -42.02 -13.39 -0.44
PA ANP HB . -42.54 -14.69 2.55
O1A ANP HB . -41.79 -15.99 2.92
O2A ANP HB . -41.47 -13.76 2.14
O3A ANP HB . -43.54 -14.91 1.29
O5' ANP HB . -43.24 -14.42 4.06
C5' ANP HB . -44.59 -13.76 4.46
C4' ANP HB . -44.83 -13.76 5.79
O4' ANP HB . -46.08 -13.27 6.33
C3' ANP HB . -44.22 -14.38 7.06
O3' ANP HB . -44.14 -13.67 8.24
C2' ANP HB . -45.39 -15.44 6.85
O2' ANP HB . -45.37 -16.18 8.20
C1' ANP HB . -46.58 -14.51 6.81
N9 ANP HB . -47.81 -14.85 7.15
C8 ANP HB . -48.21 -16.12 7.55
N7 ANP HB . -49.44 -16.34 7.83
C5 ANP HB . -49.96 -15.12 7.63
C6 ANP HB . -51.30 -14.76 7.79
N6 ANP HB . -52.36 -15.51 8.20
N1 ANP HB . -51.60 -13.40 7.51
C2 ANP HB . -50.56 -12.54 7.09
N3 ANP HB . -49.26 -12.80 6.90
C4 ANP HB . -48.99 -14.16 7.20
#